data_4KWF
#
_entry.id   4KWF
#
_cell.length_a   102.293
_cell.length_b   177.092
_cell.length_c   102.551
_cell.angle_alpha   90.000
_cell.angle_beta   94.390
_cell.angle_gamma   90.000
#
_symmetry.space_group_name_H-M   'P 1 21 1'
#
loop_
_entity.id
_entity.type
_entity.pdbx_description
1 polymer 'Aldehyde dehydrogenase, mitochondrial'
2 non-polymer 1-benzyl-1H-indole-2,3-dione
3 non-polymer 'SODIUM ION'
4 non-polymer 1,2-ETHANEDIOL
5 non-polymer GUANIDINE
6 water water
#
_entity_poly.entity_id   1
_entity_poly.type   'polypeptide(L)'
_entity_poly.pdbx_seq_one_letter_code
;AVPAPNQQPEVFCNQIFINNEWHDAVSRKTFPTVNPSTGEVICQVAEGDKEDVDKAVKAARAAFQLGSPWRRMDASHRGR
LLNRLADLIERDRTYLAALETLDNGKPYVISYLVDLDMVLKCLRYYAGWADKYHGKTIPIDGDFFSYTRHEPVGVCGQII
PWNFPLLMQAWKLGPALATGNVVVMKVAEQTPLTALYVANLIKEAGFPPGVVNIVPGFGPTAGAAIASHEDVDKVAFTGS
TEIGRVIQVAAGSSNLKRVTLELGGKSPNIIMSDADMDWAVEQAHFALFFNQGQCCCAGSRTFVQEDIYDEFVERSVARA
KSRVVGNPFDSKTEQGPQVDETQFKKILGYINTGKQEGAKLLCGGGIAADRGYFIQPTVFGDVQDGMTIAKEEIFGPVMQ
ILKFKTIEEVVGRANNSTYGLAAAVFTKDLDKANYLSQALQAGTVWVNCYDVFGAQSPFGGYKMSGSGRELGEYGLQAYT
EVKTVTVKVPQKNS
;
_entity_poly.pdbx_strand_id   A,B,C,D,E,F,G,H
#
# COMPACT_ATOMS: atom_id res chain seq x y z
N ALA A 1 54.68 14.31 -27.88
CA ALA A 1 53.24 14.45 -28.27
C ALA A 1 53.02 14.56 -29.78
N VAL A 2 54.10 14.71 -30.56
CA VAL A 2 54.01 14.83 -32.02
C VAL A 2 55.13 14.02 -32.69
N PRO A 3 54.76 12.99 -33.46
CA PRO A 3 55.78 12.14 -34.08
C PRO A 3 56.64 12.89 -35.08
N ALA A 4 57.67 12.22 -35.60
CA ALA A 4 58.54 12.79 -36.63
C ALA A 4 57.89 12.69 -38.02
N PRO A 5 58.18 13.67 -38.90
CA PRO A 5 57.77 13.65 -40.30
C PRO A 5 58.83 13.19 -41.28
N ASN A 6 58.40 12.49 -42.33
CA ASN A 6 59.25 12.34 -43.50
C ASN A 6 59.16 13.61 -44.34
N GLN A 7 60.31 14.26 -44.56
CA GLN A 7 60.32 15.59 -45.18
C GLN A 7 60.42 15.54 -46.71
N GLN A 8 60.51 14.34 -47.27
CA GLN A 8 60.50 14.14 -48.73
C GLN A 8 59.67 12.88 -49.07
N PRO A 9 58.35 12.94 -48.83
CA PRO A 9 57.48 11.77 -49.00
C PRO A 9 57.28 11.35 -50.46
N GLU A 10 56.98 10.08 -50.66
CA GLU A 10 56.78 9.51 -52.00
C GLU A 10 55.37 9.84 -52.48
N VAL A 11 55.26 10.42 -53.67
CA VAL A 11 53.96 10.72 -54.26
C VAL A 11 53.50 9.51 -55.05
N PHE A 12 52.32 8.98 -54.68
CA PHE A 12 51.79 7.75 -55.28
C PHE A 12 50.70 7.96 -56.32
N CYS A 13 49.93 9.05 -56.20
CA CYS A 13 48.79 9.28 -57.06
C CYS A 13 48.80 10.68 -57.65
N ASN A 14 48.59 10.77 -58.96
CA ASN A 14 48.68 12.05 -59.66
C ASN A 14 47.82 12.06 -60.92
N GLN A 15 46.68 11.40 -60.84
CA GLN A 15 45.83 11.14 -61.99
C GLN A 15 44.36 11.43 -61.70
N ILE A 16 43.52 11.20 -62.70
CA ILE A 16 42.09 11.33 -62.55
C ILE A 16 41.60 9.97 -62.06
N PHE A 17 40.80 9.99 -60.98
CA PHE A 17 40.33 8.78 -60.31
C PHE A 17 38.88 8.59 -60.71
N ILE A 18 38.55 7.45 -61.32
CA ILE A 18 37.20 7.15 -61.78
C ILE A 18 36.97 5.63 -61.72
N ASN A 19 35.78 5.23 -61.27
CA ASN A 19 35.45 3.82 -61.02
C ASN A 19 36.54 3.08 -60.26
N ASN A 20 37.11 3.77 -59.27
CA ASN A 20 38.19 3.21 -58.44
C ASN A 20 39.48 2.84 -59.21
N GLU A 21 39.64 3.34 -60.43
CA GLU A 21 40.89 3.17 -61.18
C GLU A 21 41.51 4.52 -61.56
N TRP A 22 42.73 4.49 -62.10
CA TRP A 22 43.48 5.71 -62.45
C TRP A 22 43.49 5.97 -63.94
N HIS A 23 43.27 7.22 -64.33
CA HIS A 23 43.18 7.65 -65.74
C HIS A 23 44.09 8.85 -66.03
N ASP A 24 44.76 8.84 -67.18
CA ASP A 24 45.35 10.07 -67.71
C ASP A 24 44.29 10.83 -68.49
N ALA A 25 44.47 12.13 -68.59
CA ALA A 25 43.49 12.96 -69.29
C ALA A 25 43.28 12.52 -70.75
N VAL A 26 42.09 12.78 -71.28
CA VAL A 26 41.79 12.56 -72.70
C VAL A 26 42.88 13.27 -73.53
N SER A 27 42.99 14.58 -73.34
CA SER A 27 44.01 15.42 -74.01
C SER A 27 45.47 15.07 -73.67
N ARG A 28 45.69 14.32 -72.59
CA ARG A 28 47.04 13.96 -72.11
C ARG A 28 47.82 15.11 -71.47
N LYS A 29 47.23 16.32 -71.43
CA LYS A 29 47.88 17.50 -70.84
C LYS A 29 48.07 17.32 -69.37
N THR A 30 49.14 17.90 -68.85
CA THR A 30 49.47 17.79 -67.44
C THR A 30 49.89 19.15 -66.89
N PHE A 31 50.02 19.23 -65.58
CA PHE A 31 50.53 20.44 -64.94
C PHE A 31 51.41 20.07 -63.74
N PRO A 32 52.45 20.88 -63.48
CA PRO A 32 53.31 20.62 -62.35
C PRO A 32 52.66 21.17 -61.08
N THR A 33 52.96 20.56 -59.93
CA THR A 33 52.50 21.11 -58.66
C THR A 33 53.70 21.37 -57.78
N VAL A 34 53.72 22.57 -57.20
CA VAL A 34 54.92 23.15 -56.65
C VAL A 34 54.90 23.11 -55.12
N ASN A 35 56.09 23.12 -54.52
CA ASN A 35 56.32 23.14 -53.08
C ASN A 35 56.65 24.58 -52.65
N PRO A 36 55.70 25.26 -51.97
CA PRO A 36 55.84 26.70 -51.66
C PRO A 36 57.01 27.12 -50.75
N SER A 37 57.58 26.19 -50.00
CA SER A 37 58.76 26.45 -49.18
C SER A 37 60.05 26.71 -49.97
N THR A 38 60.26 25.97 -51.06
CA THR A 38 61.42 26.14 -51.92
C THR A 38 61.09 26.73 -53.29
N GLY A 39 59.82 26.66 -53.69
CA GLY A 39 59.40 27.07 -55.03
C GLY A 39 59.64 26.02 -56.11
N GLU A 40 60.15 24.85 -55.72
CA GLU A 40 60.52 23.79 -56.64
C GLU A 40 59.31 22.90 -57.00
N VAL A 41 59.39 22.18 -58.12
CA VAL A 41 58.29 21.32 -58.55
C VAL A 41 58.33 19.97 -57.83
N ILE A 42 57.15 19.51 -57.39
CA ILE A 42 57.02 18.26 -56.62
C ILE A 42 56.77 17.09 -57.56
N CYS A 43 55.89 17.30 -58.53
CA CYS A 43 55.61 16.32 -59.57
C CYS A 43 54.61 16.88 -60.58
N GLN A 44 54.33 16.07 -61.61
CA GLN A 44 53.34 16.39 -62.62
C GLN A 44 52.00 15.77 -62.22
N VAL A 45 50.92 16.45 -62.59
CA VAL A 45 49.56 16.04 -62.26
C VAL A 45 48.65 16.08 -63.48
N ALA A 46 47.76 15.09 -63.60
CA ALA A 46 46.86 14.97 -64.75
C ALA A 46 45.87 16.14 -64.86
N GLU A 47 45.94 16.87 -65.97
CA GLU A 47 45.10 18.03 -66.16
C GLU A 47 43.77 17.61 -66.78
N GLY A 48 42.74 17.49 -65.95
CA GLY A 48 41.40 17.08 -66.41
C GLY A 48 40.67 18.22 -67.09
N ASP A 49 40.00 17.91 -68.20
CA ASP A 49 39.37 18.91 -69.06
C ASP A 49 37.85 18.70 -69.10
N LYS A 50 37.19 19.40 -70.02
CA LYS A 50 35.78 19.25 -70.27
C LYS A 50 35.37 17.79 -70.35
N GLU A 51 36.01 17.03 -71.23
CA GLU A 51 35.56 15.66 -71.42
C GLU A 51 35.99 14.67 -70.35
N ASP A 52 36.95 15.03 -69.49
CA ASP A 52 37.28 14.16 -68.34
C ASP A 52 36.25 14.33 -67.20
N VAL A 53 35.69 15.52 -67.08
CA VAL A 53 34.54 15.75 -66.21
C VAL A 53 33.31 14.97 -66.69
N ASP A 54 33.07 14.96 -68.00
CA ASP A 54 31.97 14.16 -68.59
C ASP A 54 32.13 12.67 -68.31
N LYS A 55 33.37 12.19 -68.22
CA LYS A 55 33.62 10.79 -67.90
C LYS A 55 33.27 10.53 -66.44
N ALA A 56 33.78 11.39 -65.56
CA ALA A 56 33.61 11.23 -64.13
C ALA A 56 32.13 11.14 -63.76
N VAL A 57 31.32 11.93 -64.43
CA VAL A 57 29.88 11.99 -64.17
C VAL A 57 29.13 10.70 -64.54
N LYS A 58 29.59 9.98 -65.57
CA LYS A 58 28.84 8.81 -66.05
C LYS A 58 29.11 7.59 -65.14
N ALA A 59 30.35 7.48 -64.68
CA ALA A 59 30.70 6.51 -63.65
C ALA A 59 29.99 6.79 -62.33
N ALA A 60 29.57 8.05 -62.14
CA ALA A 60 28.89 8.49 -60.93
C ALA A 60 27.39 8.29 -61.07
N ARG A 61 26.85 8.70 -62.21
CA ARG A 61 25.45 8.43 -62.56
C ARG A 61 25.12 6.94 -62.49
N ALA A 62 26.11 6.08 -62.75
CA ALA A 62 25.97 4.62 -62.69
C ALA A 62 26.15 4.06 -61.28
N ALA A 63 26.89 4.76 -60.45
CA ALA A 63 26.97 4.38 -59.03
C ALA A 63 25.63 4.69 -58.35
N PHE A 64 24.88 5.64 -58.90
CA PHE A 64 23.65 6.10 -58.29
C PHE A 64 22.40 5.42 -58.87
N GLN A 65 22.60 4.36 -59.64
CA GLN A 65 21.46 3.71 -60.30
C GLN A 65 20.56 3.00 -59.31
N LEU A 66 19.25 3.17 -59.48
CA LEU A 66 18.31 2.42 -58.66
C LEU A 66 18.66 0.94 -58.84
N GLY A 67 18.95 0.27 -57.73
CA GLY A 67 19.37 -1.13 -57.78
C GLY A 67 20.86 -1.30 -57.60
N SER A 68 21.64 -0.25 -57.87
CA SER A 68 23.09 -0.31 -57.67
C SER A 68 23.40 -0.66 -56.23
N PRO A 69 24.56 -1.30 -55.97
CA PRO A 69 24.97 -1.64 -54.60
C PRO A 69 25.13 -0.45 -53.63
N TRP A 70 25.16 0.78 -54.14
CA TRP A 70 25.25 1.97 -53.29
C TRP A 70 23.86 2.46 -52.94
N ARG A 71 22.96 2.53 -53.93
CA ARG A 71 21.56 2.90 -53.69
C ARG A 71 20.85 1.90 -52.78
N ARG A 72 21.31 0.65 -52.79
CA ARG A 72 20.66 -0.45 -52.06
C ARG A 72 21.17 -0.62 -50.63
N MET A 73 22.43 -0.31 -50.41
CA MET A 73 23.10 -0.61 -49.14
C MET A 73 22.48 0.10 -47.90
N ASP A 74 22.62 -0.58 -46.77
CA ASP A 74 22.05 -0.11 -45.52
C ASP A 74 22.68 1.21 -45.07
N ALA A 75 21.85 2.12 -44.56
CA ALA A 75 22.33 3.44 -44.18
C ALA A 75 23.42 3.35 -43.11
N SER A 76 23.29 2.38 -42.21
CA SER A 76 24.27 2.18 -41.14
C SER A 76 25.56 1.54 -41.65
N HIS A 77 25.52 0.98 -42.87
CA HIS A 77 26.73 0.43 -43.45
C HIS A 77 27.54 1.53 -44.12
N ARG A 78 26.84 2.46 -44.78
CA ARG A 78 27.46 3.67 -45.29
C ARG A 78 28.24 4.37 -44.19
N GLY A 79 27.71 4.26 -42.97
CA GLY A 79 28.43 4.66 -41.78
C GLY A 79 29.69 3.83 -41.62
N ARG A 80 29.53 2.51 -41.63
CA ARG A 80 30.66 1.59 -41.45
C ARG A 80 31.76 1.89 -42.45
N LEU A 81 31.40 2.27 -43.67
CA LEU A 81 32.38 2.62 -44.70
C LEU A 81 33.04 3.98 -44.46
N LEU A 82 32.29 4.93 -43.92
CA LEU A 82 32.88 6.20 -43.47
C LEU A 82 33.89 5.98 -42.33
N ASN A 83 33.48 5.27 -41.29
CA ASN A 83 34.40 4.90 -40.19
C ASN A 83 35.67 4.18 -40.64
N ARG A 84 35.52 3.25 -41.59
CA ARG A 84 36.65 2.53 -42.16
C ARG A 84 37.66 3.50 -42.78
N LEU A 85 37.15 4.46 -43.53
CA LEU A 85 37.98 5.47 -44.21
C LEU A 85 38.75 6.36 -43.22
N ALA A 86 38.22 6.53 -42.02
CA ALA A 86 38.86 7.32 -40.97
C ALA A 86 39.86 6.50 -40.20
N ASP A 87 39.58 5.21 -40.04
CA ASP A 87 40.55 4.26 -39.48
C ASP A 87 41.84 4.27 -40.31
N LEU A 88 41.71 4.24 -41.63
CA LEU A 88 42.87 4.19 -42.54
C LEU A 88 43.61 5.53 -42.65
N ILE A 89 42.86 6.64 -42.57
CA ILE A 89 43.49 7.94 -42.50
C ILE A 89 44.27 8.06 -41.19
N GLU A 90 43.72 7.54 -40.10
CA GLU A 90 44.41 7.53 -38.81
C GLU A 90 45.69 6.70 -38.91
N ARG A 91 45.62 5.61 -39.66
CA ARG A 91 46.78 4.75 -39.88
C ARG A 91 47.90 5.54 -40.56
N ASP A 92 47.56 6.22 -41.65
CA ASP A 92 48.52 6.97 -42.44
C ASP A 92 48.59 8.45 -42.03
N ARG A 93 48.44 8.72 -40.74
CA ARG A 93 48.37 10.09 -40.23
C ARG A 93 49.62 10.89 -40.61
N THR A 94 50.75 10.40 -40.16
CA THR A 94 52.06 11.01 -40.44
C THR A 94 52.27 11.33 -41.91
N TYR A 95 52.06 10.35 -42.79
CA TYR A 95 52.27 10.55 -44.23
C TYR A 95 51.32 11.62 -44.82
N LEU A 96 50.10 11.64 -44.32
CA LEU A 96 49.11 12.61 -44.79
C LEU A 96 49.36 13.98 -44.22
N ALA A 97 49.78 14.06 -42.95
CA ALA A 97 50.21 15.35 -42.41
C ALA A 97 51.43 15.86 -43.15
N ALA A 98 52.34 14.98 -43.54
CA ALA A 98 53.57 15.40 -44.21
C ALA A 98 53.27 15.88 -45.62
N LEU A 99 52.50 15.09 -46.34
CA LEU A 99 52.13 15.42 -47.71
C LEU A 99 51.38 16.74 -47.83
N GLU A 100 50.51 17.04 -46.86
CA GLU A 100 49.78 18.31 -46.83
C GLU A 100 50.75 19.47 -46.67
N THR A 101 51.71 19.32 -45.77
CA THR A 101 52.76 20.32 -45.56
C THR A 101 53.66 20.52 -46.78
N LEU A 102 53.92 19.44 -47.52
CA LEU A 102 54.82 19.51 -48.69
C LEU A 102 54.18 20.28 -49.84
N ASP A 103 52.89 20.11 -50.01
CA ASP A 103 52.17 20.74 -51.13
C ASP A 103 51.49 22.04 -50.72
N ASN A 104 51.12 22.17 -49.45
CA ASN A 104 50.36 23.34 -48.99
C ASN A 104 51.23 24.32 -48.24
N GLY A 105 52.15 23.81 -47.42
CA GLY A 105 53.13 24.65 -46.73
C GLY A 105 52.84 24.99 -45.29
N LYS A 106 51.74 24.48 -44.73
CA LYS A 106 51.41 24.77 -43.34
C LYS A 106 52.37 24.02 -42.41
N PRO A 107 52.59 24.55 -41.19
CA PRO A 107 53.54 23.87 -40.31
C PRO A 107 53.11 22.44 -40.08
N TYR A 108 54.09 21.56 -39.92
CA TYR A 108 53.82 20.14 -39.82
C TYR A 108 53.10 19.83 -38.52
N VAL A 109 53.45 20.54 -37.46
CA VAL A 109 52.81 20.37 -36.15
C VAL A 109 51.29 20.64 -36.21
N ILE A 110 50.87 21.53 -37.12
CA ILE A 110 49.47 21.91 -37.23
C ILE A 110 48.73 20.92 -38.14
N SER A 111 49.39 20.51 -39.21
CA SER A 111 48.86 19.48 -40.10
C SER A 111 48.42 18.23 -39.33
N TYR A 112 49.24 17.83 -38.35
CA TYR A 112 49.03 16.59 -37.61
C TYR A 112 48.04 16.79 -36.46
N LEU A 113 48.23 17.87 -35.71
CA LEU A 113 47.40 18.10 -34.55
C LEU A 113 46.07 18.73 -34.89
N VAL A 114 46.03 19.61 -35.91
CA VAL A 114 44.82 20.36 -36.26
C VAL A 114 44.09 19.76 -37.47
N ASP A 115 44.66 19.86 -38.68
CA ASP A 115 43.98 19.35 -39.89
C ASP A 115 43.45 17.92 -39.71
N LEU A 116 44.38 16.98 -39.56
CA LEU A 116 44.05 15.57 -39.65
C LEU A 116 43.22 15.11 -38.48
N ASP A 117 43.37 15.77 -37.34
CA ASP A 117 42.52 15.48 -36.21
C ASP A 117 41.07 15.87 -36.57
N MET A 118 40.88 17.08 -37.06
CA MET A 118 39.56 17.54 -37.49
C MET A 118 39.04 16.81 -38.73
N VAL A 119 39.95 16.19 -39.50
CA VAL A 119 39.58 15.24 -40.56
C VAL A 119 38.94 14.01 -39.94
N LEU A 120 39.58 13.49 -38.89
CA LEU A 120 39.12 12.31 -38.19
C LEU A 120 37.78 12.51 -37.47
N LYS A 121 37.64 13.61 -36.72
CA LYS A 121 36.40 13.88 -35.96
C LYS A 121 35.22 14.18 -36.88
N CYS A 122 35.51 14.80 -38.02
CA CYS A 122 34.46 15.12 -38.97
C CYS A 122 33.89 13.87 -39.61
N LEU A 123 34.77 13.07 -40.21
CA LEU A 123 34.41 11.80 -40.85
C LEU A 123 33.72 10.87 -39.87
N ARG A 124 34.17 10.83 -38.62
CA ARG A 124 33.57 9.96 -37.61
C ARG A 124 32.26 10.53 -37.06
N TYR A 125 32.08 11.84 -37.19
CA TYR A 125 30.85 12.47 -36.82
C TYR A 125 29.77 12.17 -37.86
N TYR A 126 30.13 12.16 -39.15
CA TYR A 126 29.12 11.88 -40.20
C TYR A 126 28.81 10.39 -40.36
N ALA A 127 29.81 9.53 -40.19
CA ALA A 127 29.57 8.09 -40.09
C ALA A 127 28.38 7.76 -39.20
N GLY A 128 28.36 8.37 -38.01
CA GLY A 128 27.29 8.15 -37.02
C GLY A 128 25.95 8.79 -37.31
N TRP A 129 25.91 9.72 -38.27
CA TRP A 129 24.67 10.30 -38.78
C TRP A 129 24.02 9.47 -39.87
N ALA A 130 24.79 8.54 -40.43
CA ALA A 130 24.40 7.82 -41.63
C ALA A 130 22.99 7.25 -41.49
N ASP A 131 22.69 6.78 -40.29
CA ASP A 131 21.43 6.11 -40.01
C ASP A 131 20.62 6.85 -38.95
N LYS A 132 20.59 8.18 -39.01
CA LYS A 132 19.95 8.97 -37.94
C LYS A 132 19.20 10.21 -38.40
N TYR A 133 19.23 10.50 -39.69
CA TYR A 133 18.50 11.64 -40.25
C TYR A 133 17.12 11.14 -40.67
N HIS A 134 16.10 11.54 -39.93
CA HIS A 134 14.77 11.01 -40.07
C HIS A 134 13.90 11.91 -40.96
N GLY A 135 12.98 11.28 -41.70
CA GLY A 135 11.88 11.99 -42.33
C GLY A 135 10.75 12.02 -41.31
N LYS A 136 9.59 12.52 -41.71
CA LYS A 136 8.48 12.78 -40.80
C LYS A 136 7.21 12.02 -41.17
N THR A 137 6.41 11.65 -40.17
CA THR A 137 5.01 11.27 -40.37
C THR A 137 4.10 12.44 -39.94
N ILE A 138 3.27 12.92 -40.86
CA ILE A 138 2.60 14.21 -40.79
C ILE A 138 1.08 14.04 -40.73
N PRO A 139 0.45 14.57 -39.65
CA PRO A 139 -0.98 14.40 -39.38
C PRO A 139 -1.84 15.35 -40.21
N ILE A 140 -1.90 15.09 -41.51
CA ILE A 140 -2.63 15.92 -42.45
C ILE A 140 -4.14 15.84 -42.20
N ASP A 141 -4.90 16.72 -42.82
CA ASP A 141 -6.35 16.66 -42.74
C ASP A 141 -6.87 15.60 -43.69
N GLY A 142 -8.02 15.03 -43.32
CA GLY A 142 -8.68 14.01 -44.12
C GLY A 142 -8.19 12.61 -43.87
N ASP A 143 -8.74 11.67 -44.64
CA ASP A 143 -8.45 10.26 -44.50
C ASP A 143 -7.23 9.92 -45.35
N PHE A 144 -6.10 10.44 -44.89
CA PHE A 144 -4.83 10.23 -45.54
C PHE A 144 -3.76 9.97 -44.51
N PHE A 145 -2.67 9.38 -44.97
CA PHE A 145 -1.48 9.21 -44.18
C PHE A 145 -0.39 9.76 -45.07
N SER A 146 0.38 10.68 -44.51
CA SER A 146 1.40 11.35 -45.25
C SER A 146 2.68 11.39 -44.43
N TYR A 147 3.78 11.20 -45.15
CA TYR A 147 5.10 11.08 -44.59
C TYR A 147 6.14 11.50 -45.62
N THR A 148 7.34 11.79 -45.14
CA THR A 148 8.40 12.34 -45.96
C THR A 148 9.60 11.40 -45.97
N ARG A 149 10.31 11.39 -47.09
CA ARG A 149 11.55 10.65 -47.25
C ARG A 149 12.62 11.65 -47.56
N HIS A 150 13.69 11.61 -46.77
CA HIS A 150 14.90 12.36 -47.02
C HIS A 150 15.84 11.54 -47.91
N GLU A 151 15.66 11.66 -49.23
CA GLU A 151 16.45 10.92 -50.22
C GLU A 151 17.71 11.71 -50.65
N PRO A 152 18.71 11.01 -51.21
CA PRO A 152 19.91 11.69 -51.69
C PRO A 152 19.62 12.53 -52.94
N VAL A 153 20.14 13.75 -52.98
CA VAL A 153 19.93 14.64 -54.13
C VAL A 153 20.56 14.05 -55.40
N GLY A 154 21.67 13.32 -55.24
CA GLY A 154 22.23 12.51 -56.31
C GLY A 154 23.71 12.76 -56.58
N VAL A 155 24.02 13.10 -57.84
CA VAL A 155 25.40 13.32 -58.29
C VAL A 155 25.84 14.73 -57.90
N CYS A 156 26.74 14.82 -56.93
CA CYS A 156 27.15 16.10 -56.38
C CYS A 156 28.54 16.53 -56.85
N GLY A 157 28.58 17.63 -57.58
CA GLY A 157 29.84 18.26 -57.95
C GLY A 157 30.37 19.03 -56.76
N GLN A 158 31.58 18.69 -56.33
CA GLN A 158 32.22 19.40 -55.25
C GLN A 158 33.53 20.01 -55.73
N ILE A 159 33.61 21.33 -55.63
CA ILE A 159 34.83 22.08 -55.93
C ILE A 159 35.44 22.57 -54.63
N ILE A 160 36.62 22.08 -54.27
CA ILE A 160 37.25 22.49 -53.01
C ILE A 160 38.56 23.29 -53.19
N PRO A 161 38.91 24.15 -52.21
CA PRO A 161 40.04 25.07 -52.28
C PRO A 161 41.33 24.50 -51.71
N TRP A 162 42.37 25.34 -51.71
CA TRP A 162 43.75 24.92 -51.39
C TRP A 162 44.19 25.14 -49.94
N ASN A 163 43.46 25.95 -49.16
CA ASN A 163 43.91 26.28 -47.81
C ASN A 163 43.83 25.12 -46.81
N PHE A 164 42.70 24.44 -46.77
CA PHE A 164 42.55 23.24 -45.93
C PHE A 164 42.15 22.06 -46.83
N PRO A 165 43.10 21.55 -47.62
CA PRO A 165 42.69 20.62 -48.68
C PRO A 165 42.13 19.28 -48.19
N LEU A 166 42.52 18.83 -47.01
CA LEU A 166 42.02 17.58 -46.44
C LEU A 166 40.75 17.79 -45.63
N LEU A 167 40.77 18.85 -44.85
CA LEU A 167 39.66 19.21 -44.01
C LEU A 167 38.48 19.65 -44.89
N MET A 168 38.70 20.45 -45.94
CA MET A 168 37.61 20.78 -46.85
C MET A 168 37.07 19.52 -47.51
N GLN A 169 37.97 18.63 -47.92
CA GLN A 169 37.59 17.38 -48.58
C GLN A 169 36.62 16.60 -47.72
N ALA A 170 36.96 16.48 -46.44
CA ALA A 170 36.18 15.68 -45.53
C ALA A 170 34.86 16.37 -45.17
N TRP A 171 34.91 17.69 -44.95
CA TRP A 171 33.69 18.51 -44.79
C TRP A 171 32.70 18.33 -45.95
N LYS A 172 33.21 18.00 -47.14
CA LYS A 172 32.32 17.84 -48.29
C LYS A 172 31.87 16.40 -48.42
N LEU A 173 32.81 15.46 -48.29
CA LEU A 173 32.52 14.03 -48.35
C LEU A 173 31.74 13.53 -47.12
N GLY A 174 31.95 14.20 -46.00
CA GLY A 174 31.28 13.83 -44.76
C GLY A 174 29.82 13.58 -45.04
N PRO A 175 29.06 14.66 -45.28
CA PRO A 175 27.61 14.61 -45.45
C PRO A 175 27.11 14.00 -46.74
N ALA A 176 27.86 14.19 -47.83
CA ALA A 176 27.38 13.73 -49.13
C ALA A 176 27.20 12.22 -49.08
N LEU A 177 28.23 11.52 -48.61
CA LEU A 177 28.25 10.06 -48.58
C LEU A 177 27.43 9.51 -47.43
N ALA A 178 27.48 10.15 -46.26
CA ALA A 178 26.54 9.80 -45.18
C ALA A 178 25.13 9.71 -45.69
N THR A 179 24.71 10.63 -46.55
CA THR A 179 23.33 10.67 -47.00
C THR A 179 23.08 9.91 -48.30
N GLY A 180 24.07 9.19 -48.81
CA GLY A 180 23.89 8.30 -49.97
C GLY A 180 24.13 8.91 -51.33
N ASN A 181 24.73 10.11 -51.41
CA ASN A 181 24.99 10.73 -52.71
C ASN A 181 26.22 10.11 -53.36
N VAL A 182 26.57 10.63 -54.53
CA VAL A 182 27.87 10.32 -55.12
C VAL A 182 28.52 11.57 -55.64
N VAL A 183 29.84 11.59 -55.66
CA VAL A 183 30.55 12.86 -55.79
C VAL A 183 31.60 12.93 -56.90
N VAL A 184 31.40 13.92 -57.78
CA VAL A 184 32.45 14.37 -58.68
C VAL A 184 33.21 15.53 -58.04
N MET A 185 34.43 15.26 -57.62
CA MET A 185 35.24 16.23 -56.89
C MET A 185 36.33 16.86 -57.76
N LYS A 186 36.41 18.19 -57.77
CA LYS A 186 37.51 18.89 -58.42
C LYS A 186 38.43 19.47 -57.36
N VAL A 187 39.65 18.95 -57.28
CA VAL A 187 40.66 19.46 -56.35
C VAL A 187 41.33 20.72 -56.90
N ALA A 188 41.85 21.56 -56.01
CA ALA A 188 42.53 22.80 -56.43
C ALA A 188 43.86 22.48 -57.09
N GLU A 189 44.15 23.14 -58.21
CA GLU A 189 45.42 22.92 -58.91
C GLU A 189 46.61 23.05 -57.96
N GLN A 190 46.50 23.99 -57.02
CA GLN A 190 47.55 24.30 -56.06
C GLN A 190 47.93 23.11 -55.20
N THR A 191 46.94 22.51 -54.55
CA THR A 191 47.12 21.36 -53.65
C THR A 191 46.24 20.18 -54.03
N PRO A 192 46.67 19.38 -55.03
CA PRO A 192 45.80 18.28 -55.46
C PRO A 192 46.28 16.90 -55.01
N LEU A 193 47.33 16.82 -54.19
CA LEU A 193 47.94 15.53 -53.87
C LEU A 193 47.19 14.78 -52.78
N THR A 194 47.26 15.28 -51.55
CA THR A 194 46.62 14.65 -50.40
C THR A 194 45.25 14.04 -50.76
N ALA A 195 44.45 14.77 -51.52
CA ALA A 195 43.10 14.39 -51.92
C ALA A 195 43.06 13.13 -52.79
N LEU A 196 43.97 13.08 -53.76
CA LEU A 196 44.05 11.94 -54.69
C LEU A 196 44.51 10.69 -53.97
N TYR A 197 45.33 10.85 -52.94
CA TYR A 197 45.79 9.69 -52.18
C TYR A 197 44.67 9.12 -51.30
N VAL A 198 43.85 10.00 -50.74
CA VAL A 198 42.71 9.56 -49.95
C VAL A 198 41.74 8.80 -50.88
N ALA A 199 41.73 9.17 -52.16
CA ALA A 199 41.00 8.42 -53.19
C ALA A 199 41.43 6.94 -53.28
N ASN A 200 42.71 6.66 -53.00
CA ASN A 200 43.18 5.28 -52.83
C ASN A 200 42.64 4.67 -51.57
N LEU A 201 42.51 5.47 -50.53
CA LEU A 201 41.97 4.99 -49.28
C LEU A 201 40.46 4.78 -49.39
N ILE A 202 39.81 5.55 -50.29
CA ILE A 202 38.38 5.40 -50.57
C ILE A 202 38.14 4.09 -51.31
N LYS A 203 39.12 3.67 -52.10
CA LYS A 203 39.09 2.37 -52.75
C LYS A 203 39.16 1.27 -51.68
N GLU A 204 40.22 1.32 -50.87
CA GLU A 204 40.51 0.32 -49.84
C GLU A 204 39.48 0.24 -48.69
N ALA A 205 38.77 1.35 -48.47
CA ALA A 205 37.70 1.37 -47.49
C ALA A 205 36.56 0.44 -47.92
N GLY A 206 36.36 0.33 -49.23
CA GLY A 206 35.33 -0.52 -49.79
C GLY A 206 34.21 0.22 -50.51
N PHE A 207 34.43 1.48 -50.87
CA PHE A 207 33.37 2.23 -51.54
C PHE A 207 33.17 1.71 -52.96
N PRO A 208 31.90 1.42 -53.35
CA PRO A 208 31.57 1.00 -54.70
C PRO A 208 32.17 1.87 -55.82
N PRO A 209 32.40 1.27 -57.01
CA PRO A 209 32.88 1.96 -58.21
C PRO A 209 32.08 3.20 -58.61
N GLY A 210 32.75 4.34 -58.59
CA GLY A 210 32.14 5.60 -59.02
C GLY A 210 31.36 6.34 -57.94
N VAL A 211 31.52 5.96 -56.68
CA VAL A 211 30.85 6.68 -55.59
C VAL A 211 31.57 8.02 -55.46
N VAL A 212 32.88 7.93 -55.53
CA VAL A 212 33.75 9.08 -55.50
C VAL A 212 34.62 9.11 -56.76
N ASN A 213 34.53 10.19 -57.52
CA ASN A 213 35.44 10.48 -58.62
C ASN A 213 36.13 11.83 -58.39
N ILE A 214 37.45 11.88 -58.57
CA ILE A 214 38.21 13.11 -58.33
C ILE A 214 38.93 13.56 -59.59
N VAL A 215 38.61 14.75 -60.04
CA VAL A 215 39.15 15.29 -61.29
C VAL A 215 40.05 16.50 -61.02
N PRO A 216 41.38 16.31 -61.03
CA PRO A 216 42.29 17.47 -61.07
C PRO A 216 42.16 18.29 -62.35
N GLY A 217 42.56 19.55 -62.30
CA GLY A 217 42.42 20.46 -63.44
C GLY A 217 42.32 21.91 -62.99
N PHE A 218 42.00 22.80 -63.94
CA PHE A 218 41.89 24.23 -63.66
C PHE A 218 40.44 24.64 -63.45
N GLY A 219 40.25 25.79 -62.80
CA GLY A 219 38.91 26.32 -62.54
C GLY A 219 38.13 26.53 -63.83
N PRO A 220 38.67 27.36 -64.74
CA PRO A 220 37.95 27.70 -65.98
C PRO A 220 37.64 26.52 -66.92
N THR A 221 38.27 25.36 -66.72
CA THR A 221 38.00 24.17 -67.55
C THR A 221 37.20 23.10 -66.77
N ALA A 222 37.82 22.51 -65.75
CA ALA A 222 37.18 21.46 -64.96
C ALA A 222 36.09 22.03 -64.05
N GLY A 223 36.45 23.05 -63.29
CA GLY A 223 35.50 23.71 -62.41
C GLY A 223 34.24 24.05 -63.16
N ALA A 224 34.38 24.89 -64.18
CA ALA A 224 33.25 25.38 -64.97
C ALA A 224 32.52 24.27 -65.74
N ALA A 225 33.18 23.16 -66.02
CA ALA A 225 32.55 22.01 -66.66
C ALA A 225 31.52 21.37 -65.73
N ILE A 226 31.88 21.22 -64.46
CA ILE A 226 31.00 20.58 -63.50
C ILE A 226 29.80 21.48 -63.25
N ALA A 227 30.05 22.78 -63.14
CA ALA A 227 29.00 23.75 -62.87
C ALA A 227 28.00 23.85 -64.01
N SER A 228 28.44 23.53 -65.22
CA SER A 228 27.58 23.61 -66.40
C SER A 228 26.89 22.29 -66.72
N HIS A 229 27.45 21.19 -66.24
CA HIS A 229 27.07 19.85 -66.68
C HIS A 229 25.59 19.55 -66.49
N GLU A 230 24.94 19.15 -67.58
CA GLU A 230 23.47 19.02 -67.63
C GLU A 230 22.91 17.86 -66.77
N ASP A 231 23.77 16.94 -66.31
CA ASP A 231 23.35 15.79 -65.49
C ASP A 231 24.00 15.77 -64.08
N VAL A 232 24.48 16.92 -63.63
CA VAL A 232 25.01 17.06 -62.28
C VAL A 232 23.90 17.69 -61.44
N ASP A 233 23.54 17.05 -60.33
CA ASP A 233 22.34 17.45 -59.59
C ASP A 233 22.61 18.57 -58.59
N LYS A 234 23.85 18.69 -58.11
CA LYS A 234 24.18 19.75 -57.16
C LYS A 234 25.68 20.06 -57.21
N VAL A 235 26.01 21.33 -56.99
CA VAL A 235 27.41 21.78 -57.01
C VAL A 235 27.73 22.72 -55.84
N ALA A 236 28.75 22.35 -55.05
CA ALA A 236 29.15 23.07 -53.84
C ALA A 236 30.53 23.66 -54.06
N PHE A 237 30.63 24.99 -53.93
CA PHE A 237 31.88 25.70 -54.18
C PHE A 237 32.29 26.52 -52.97
N THR A 238 33.53 26.34 -52.54
CA THR A 238 34.14 27.19 -51.52
C THR A 238 35.36 27.87 -52.13
N GLY A 239 35.48 29.17 -51.95
CA GLY A 239 36.54 29.96 -52.57
C GLY A 239 36.08 31.39 -52.80
N SER A 240 36.92 32.19 -53.44
CA SER A 240 36.70 33.65 -53.57
C SER A 240 35.29 34.02 -54.05
N THR A 241 34.80 35.17 -53.58
CA THR A 241 33.48 35.68 -53.96
C THR A 241 33.39 35.98 -55.47
N GLU A 242 34.48 36.51 -56.03
CA GLU A 242 34.61 36.68 -57.49
C GLU A 242 34.18 35.42 -58.25
N ILE A 243 34.82 34.30 -57.92
CA ILE A 243 34.64 33.04 -58.65
C ILE A 243 33.29 32.38 -58.36
N GLY A 244 32.73 32.65 -57.18
CA GLY A 244 31.37 32.19 -56.84
C GLY A 244 30.29 32.74 -57.74
N ARG A 245 30.51 33.95 -58.28
CA ARG A 245 29.55 34.57 -59.22
C ARG A 245 29.46 33.82 -60.55
N VAL A 246 30.57 33.21 -60.98
CA VAL A 246 30.59 32.39 -62.19
C VAL A 246 29.91 31.03 -61.95
N ILE A 247 30.02 30.52 -60.73
CA ILE A 247 29.44 29.22 -60.35
C ILE A 247 27.91 29.29 -60.26
N GLN A 248 27.36 30.40 -59.75
CA GLN A 248 25.91 30.56 -59.63
C GLN A 248 25.25 31.01 -60.94
N VAL A 249 26.05 31.56 -61.86
CA VAL A 249 25.58 31.93 -63.20
C VAL A 249 25.51 30.71 -64.13
N ALA A 250 26.52 29.84 -64.07
CA ALA A 250 26.52 28.61 -64.85
C ALA A 250 25.43 27.64 -64.38
N ALA A 251 25.19 27.59 -63.07
CA ALA A 251 24.18 26.71 -62.48
C ALA A 251 22.75 27.12 -62.83
N GLY A 252 22.57 28.38 -63.22
CA GLY A 252 21.28 28.87 -63.74
C GLY A 252 21.14 28.66 -65.23
N SER A 253 22.26 28.76 -65.94
CA SER A 253 22.34 28.50 -67.38
C SER A 253 22.76 27.05 -67.66
N SER A 254 22.08 26.10 -67.01
CA SER A 254 22.33 24.68 -67.22
C SER A 254 21.06 23.84 -66.98
N ASN A 255 20.89 23.30 -65.78
CA ASN A 255 19.83 22.34 -65.49
C ASN A 255 19.10 22.58 -64.16
N LEU A 256 19.12 23.81 -63.66
CA LEU A 256 18.55 24.13 -62.36
C LEU A 256 19.01 23.14 -61.28
N LYS A 257 20.33 22.98 -61.21
CA LYS A 257 20.99 22.21 -60.16
C LYS A 257 21.04 23.08 -58.90
N ARG A 258 20.88 22.46 -57.74
CA ARG A 258 20.98 23.19 -56.48
C ARG A 258 22.39 23.78 -56.30
N VAL A 259 22.46 24.86 -55.54
CA VAL A 259 23.72 25.56 -55.28
C VAL A 259 23.94 25.72 -53.77
N THR A 260 25.20 25.61 -53.35
CA THR A 260 25.66 26.10 -52.05
C THR A 260 27.00 26.80 -52.28
N LEU A 261 27.33 27.74 -51.40
CA LEU A 261 28.57 28.53 -51.54
C LEU A 261 29.16 28.90 -50.17
N GLU A 262 30.49 28.88 -50.08
CA GLU A 262 31.21 29.37 -48.91
C GLU A 262 32.36 30.27 -49.38
N LEU A 263 32.11 31.57 -49.39
CA LEU A 263 33.04 32.57 -49.91
C LEU A 263 33.84 33.22 -48.77
N GLY A 264 34.63 34.23 -49.08
CA GLY A 264 35.52 34.84 -48.09
C GLY A 264 34.79 35.63 -47.01
N GLY A 265 35.57 36.40 -46.25
CA GLY A 265 35.02 37.32 -45.25
C GLY A 265 35.99 38.42 -44.88
N LYS A 266 35.48 39.49 -44.27
CA LYS A 266 36.35 40.49 -43.62
C LYS A 266 35.94 40.57 -42.15
N SER A 267 36.05 39.42 -41.49
CA SER A 267 35.44 39.12 -40.19
C SER A 267 36.00 39.98 -39.04
N PRO A 268 35.13 40.71 -38.34
CA PRO A 268 35.59 41.55 -37.27
C PRO A 268 35.84 40.78 -35.96
N ASN A 269 36.94 41.07 -35.30
CA ASN A 269 37.28 40.62 -33.96
C ASN A 269 37.17 41.83 -33.04
N ILE A 270 36.15 41.85 -32.17
CA ILE A 270 35.80 43.04 -31.39
C ILE A 270 36.21 42.90 -29.92
N ILE A 271 37.17 43.72 -29.47
CA ILE A 271 37.68 43.68 -28.08
C ILE A 271 37.16 44.85 -27.24
N MET A 272 36.24 44.56 -26.31
CA MET A 272 35.75 45.57 -25.36
C MET A 272 36.78 45.78 -24.26
N SER A 273 36.67 46.90 -23.54
CA SER A 273 37.70 47.31 -22.60
C SER A 273 37.88 46.31 -21.45
N ASP A 274 36.80 45.64 -21.05
CA ASP A 274 36.85 44.68 -19.94
C ASP A 274 37.40 43.30 -20.30
N ALA A 275 37.83 43.09 -21.55
CA ALA A 275 38.33 41.78 -21.95
C ALA A 275 39.52 41.40 -21.11
N ASP A 276 39.85 40.12 -21.09
CA ASP A 276 41.10 39.68 -20.49
C ASP A 276 42.19 40.02 -21.49
N MET A 277 42.93 41.10 -21.22
CA MET A 277 43.95 41.63 -22.12
C MET A 277 44.85 40.53 -22.72
N ASP A 278 45.33 39.64 -21.86
CA ASP A 278 46.32 38.63 -22.25
C ASP A 278 45.70 37.55 -23.12
N TRP A 279 44.49 37.14 -22.78
CA TRP A 279 43.74 36.17 -23.55
C TRP A 279 43.37 36.75 -24.92
N ALA A 280 42.85 37.97 -24.92
CA ALA A 280 42.39 38.63 -26.15
C ALA A 280 43.52 38.90 -27.16
N VAL A 281 44.74 39.06 -26.65
CA VAL A 281 45.91 39.36 -27.50
C VAL A 281 46.45 38.09 -28.16
N GLU A 282 46.56 37.00 -27.40
CA GLU A 282 46.98 35.74 -28.01
C GLU A 282 45.91 35.21 -28.99
N GLN A 283 44.64 35.53 -28.73
CA GLN A 283 43.51 35.05 -29.55
C GLN A 283 43.26 35.89 -30.81
N ALA A 284 43.43 37.21 -30.71
CA ALA A 284 43.34 38.09 -31.86
C ALA A 284 44.47 37.83 -32.85
N HIS A 285 45.65 37.55 -32.32
CA HIS A 285 46.82 37.18 -33.11
C HIS A 285 46.56 35.85 -33.84
N PHE A 286 46.18 34.81 -33.11
CA PHE A 286 45.79 33.52 -33.69
C PHE A 286 44.65 33.63 -34.71
N ALA A 287 43.62 34.41 -34.38
CA ALA A 287 42.48 34.66 -35.24
C ALA A 287 42.85 35.19 -36.63
N LEU A 288 43.98 35.90 -36.74
CA LEU A 288 44.42 36.42 -38.03
C LEU A 288 45.57 35.69 -38.66
N PHE A 289 46.56 35.33 -37.87
CA PHE A 289 47.75 34.66 -38.42
C PHE A 289 47.58 33.17 -38.68
N PHE A 290 46.47 32.55 -38.25
CA PHE A 290 46.34 31.11 -38.36
C PHE A 290 46.39 30.65 -39.82
N ASN A 291 47.09 29.54 -40.06
CA ASN A 291 47.27 28.99 -41.39
C ASN A 291 47.77 30.02 -42.41
N GLN A 292 48.82 30.74 -42.01
CA GLN A 292 49.44 31.79 -42.81
C GLN A 292 48.45 32.89 -43.20
N GLY A 293 47.37 33.02 -42.44
CA GLY A 293 46.30 33.96 -42.77
C GLY A 293 45.36 33.54 -43.90
N GLN A 294 45.48 32.30 -44.37
CA GLN A 294 44.69 31.83 -45.50
C GLN A 294 43.44 31.12 -44.98
N CYS A 295 42.59 31.93 -44.36
CA CYS A 295 41.45 31.46 -43.61
C CYS A 295 40.24 32.28 -44.04
N CYS A 296 39.25 31.62 -44.64
CA CYS A 296 37.98 32.28 -45.00
C CYS A 296 37.40 33.14 -43.87
N CYS A 297 37.52 32.71 -42.63
CA CYS A 297 37.04 33.52 -41.52
C CYS A 297 38.19 33.97 -40.63
N ALA A 298 39.29 34.35 -41.27
CA ALA A 298 40.39 35.04 -40.58
C ALA A 298 39.88 36.35 -40.02
N GLY A 299 40.30 36.66 -38.80
CA GLY A 299 39.89 37.89 -38.13
C GLY A 299 40.74 39.05 -38.62
N SER A 300 40.34 39.61 -39.76
CA SER A 300 41.14 40.60 -40.48
C SER A 300 40.85 42.06 -40.14
N ARG A 301 39.78 42.30 -39.39
CA ARG A 301 39.49 43.59 -38.79
C ARG A 301 39.45 43.41 -37.27
N THR A 302 40.52 43.82 -36.60
CA THR A 302 40.59 43.71 -35.16
C THR A 302 40.15 45.04 -34.57
N PHE A 303 38.88 45.13 -34.21
CA PHE A 303 38.33 46.34 -33.61
C PHE A 303 38.64 46.33 -32.11
N VAL A 304 39.40 47.33 -31.64
CA VAL A 304 39.76 47.45 -30.23
C VAL A 304 39.23 48.75 -29.65
N GLN A 305 38.75 48.71 -28.41
CA GLN A 305 38.13 49.89 -27.77
C GLN A 305 39.22 50.84 -27.27
N GLU A 306 38.95 52.14 -27.31
CA GLU A 306 39.99 53.18 -27.12
C GLU A 306 40.71 53.12 -25.76
N ASP A 307 39.95 52.98 -24.68
CA ASP A 307 40.51 52.90 -23.33
C ASP A 307 41.68 51.92 -23.26
N ILE A 308 41.69 50.90 -24.14
CA ILE A 308 42.74 49.87 -24.12
C ILE A 308 43.57 49.75 -25.42
N TYR A 309 43.22 50.53 -26.43
CA TYR A 309 43.86 50.45 -27.76
C TYR A 309 45.39 50.36 -27.70
N ASP A 310 46.02 51.35 -27.08
CA ASP A 310 47.49 51.42 -27.01
C ASP A 310 48.20 50.19 -26.40
N GLU A 311 47.70 49.67 -25.29
CA GLU A 311 48.32 48.47 -24.70
C GLU A 311 48.17 47.27 -25.61
N PHE A 312 46.97 47.15 -26.19
CA PHE A 312 46.65 46.05 -27.09
C PHE A 312 47.61 46.05 -28.29
N VAL A 313 47.79 47.22 -28.92
CA VAL A 313 48.68 47.35 -30.08
C VAL A 313 50.10 46.92 -29.75
N GLU A 314 50.67 47.58 -28.74
CA GLU A 314 52.04 47.30 -28.30
C GLU A 314 52.25 45.80 -28.07
N ARG A 315 51.26 45.13 -27.52
CA ARG A 315 51.35 43.70 -27.25
C ARG A 315 51.25 42.88 -28.53
N SER A 316 50.30 43.25 -29.39
CA SER A 316 50.10 42.58 -30.68
C SER A 316 51.39 42.64 -31.51
N VAL A 317 51.98 43.83 -31.55
CA VAL A 317 53.25 44.05 -32.27
C VAL A 317 54.35 43.15 -31.73
N ALA A 318 54.51 43.12 -30.41
CA ALA A 318 55.50 42.28 -29.77
C ALA A 318 55.26 40.80 -30.11
N ARG A 319 54.02 40.35 -29.96
CA ARG A 319 53.66 38.99 -30.34
C ARG A 319 53.97 38.75 -31.84
N ALA A 320 53.65 39.72 -32.70
CA ALA A 320 53.90 39.59 -34.14
C ALA A 320 55.38 39.45 -34.53
N LYS A 321 56.25 40.25 -33.94
CA LYS A 321 57.69 40.17 -34.24
C LYS A 321 58.32 38.89 -33.72
N SER A 322 57.70 38.25 -32.73
CA SER A 322 58.26 37.05 -32.12
C SER A 322 57.70 35.77 -32.73
N ARG A 323 56.89 35.91 -33.78
CA ARG A 323 56.37 34.75 -34.49
C ARG A 323 57.44 34.22 -35.43
N VAL A 324 57.74 32.94 -35.32
CA VAL A 324 58.82 32.37 -36.08
C VAL A 324 58.35 31.92 -37.45
N VAL A 325 58.95 32.51 -38.48
CA VAL A 325 58.75 32.11 -39.87
C VAL A 325 59.92 31.24 -40.29
N GLY A 326 59.63 30.09 -40.90
CA GLY A 326 60.67 29.14 -41.27
C GLY A 326 60.17 27.84 -41.89
N ASN A 327 61.09 26.88 -42.04
CA ASN A 327 60.82 25.55 -42.59
C ASN A 327 59.62 24.86 -41.91
N PRO A 328 58.51 24.68 -42.64
CA PRO A 328 57.29 24.20 -42.00
C PRO A 328 57.45 22.85 -41.32
N PHE A 329 58.39 22.03 -41.80
CA PHE A 329 58.68 20.75 -41.13
C PHE A 329 59.46 20.88 -39.83
N ASP A 330 60.11 22.02 -39.59
CA ASP A 330 60.85 22.23 -38.35
C ASP A 330 59.87 22.48 -37.19
N SER A 331 60.07 21.73 -36.11
CA SER A 331 59.16 21.75 -34.96
C SER A 331 58.85 23.16 -34.43
N LYS A 332 59.84 24.04 -34.47
CA LYS A 332 59.70 25.41 -33.94
C LYS A 332 58.97 26.39 -34.86
N THR A 333 58.74 26.02 -36.11
CA THR A 333 58.10 26.95 -37.07
C THR A 333 56.61 27.23 -36.77
N GLU A 334 56.27 28.49 -36.48
CA GLU A 334 54.89 28.91 -36.23
C GLU A 334 54.19 29.38 -37.50
N GLN A 335 54.96 29.74 -38.53
CA GLN A 335 54.40 30.22 -39.78
C GLN A 335 55.23 29.78 -40.97
N GLY A 336 54.61 29.04 -41.88
CA GLY A 336 55.26 28.56 -43.09
C GLY A 336 54.97 29.52 -44.24
N PRO A 337 55.27 29.10 -45.48
CA PRO A 337 55.11 29.96 -46.63
C PRO A 337 53.65 30.09 -47.06
N GLN A 338 53.32 31.15 -47.81
CA GLN A 338 52.03 31.25 -48.51
C GLN A 338 51.94 30.14 -49.55
N VAL A 339 50.83 30.05 -50.28
CA VAL A 339 50.54 28.79 -50.99
C VAL A 339 51.20 28.68 -52.37
N ASP A 340 51.14 29.76 -53.15
CA ASP A 340 51.81 29.80 -54.45
C ASP A 340 52.43 31.19 -54.72
N GLU A 341 53.03 31.33 -55.90
CA GLU A 341 53.54 32.60 -56.41
C GLU A 341 52.44 33.67 -56.42
N THR A 342 51.27 33.28 -56.92
CA THR A 342 50.16 34.19 -57.11
C THR A 342 49.66 34.83 -55.81
N GLN A 343 49.62 34.06 -54.73
CA GLN A 343 49.22 34.59 -53.44
C GLN A 343 50.32 35.49 -52.86
N PHE A 344 51.56 35.02 -52.92
CA PHE A 344 52.74 35.82 -52.53
C PHE A 344 52.69 37.27 -53.03
N LYS A 345 52.54 37.44 -54.34
CA LYS A 345 52.50 38.77 -54.96
C LYS A 345 51.25 39.55 -54.58
N LYS A 346 50.11 38.87 -54.56
CA LYS A 346 48.84 39.51 -54.19
C LYS A 346 48.92 40.18 -52.81
N ILE A 347 49.53 39.48 -51.86
CA ILE A 347 49.68 39.97 -50.49
C ILE A 347 50.61 41.21 -50.43
N LEU A 348 51.79 41.08 -51.02
CA LEU A 348 52.76 42.18 -51.09
C LEU A 348 52.12 43.44 -51.64
N GLY A 349 51.27 43.25 -52.65
CA GLY A 349 50.46 44.32 -53.23
C GLY A 349 49.46 44.94 -52.26
N TYR A 350 48.79 44.12 -51.45
CA TYR A 350 47.91 44.69 -50.41
C TYR A 350 48.73 45.49 -49.39
N ILE A 351 49.85 44.92 -48.95
CA ILE A 351 50.74 45.58 -47.98
C ILE A 351 51.08 46.97 -48.51
N ASN A 352 51.53 46.99 -49.77
CA ASN A 352 51.73 48.20 -50.58
C ASN A 352 50.61 49.25 -50.49
N THR A 353 49.36 48.81 -50.66
CA THR A 353 48.23 49.76 -50.61
C THR A 353 47.88 50.17 -49.17
N GLY A 354 48.10 49.28 -48.21
CA GLY A 354 48.05 49.65 -46.79
C GLY A 354 48.98 50.82 -46.49
N LYS A 355 50.20 50.77 -47.05
CA LYS A 355 51.15 51.86 -46.92
C LYS A 355 50.71 53.10 -47.68
N GLN A 356 50.24 52.93 -48.93
CA GLN A 356 49.81 54.05 -49.77
C GLN A 356 48.69 54.89 -49.14
N GLU A 357 47.74 54.23 -48.47
CA GLU A 357 46.52 54.90 -48.01
C GLU A 357 46.63 55.46 -46.57
N GLY A 358 47.82 55.39 -45.99
CA GLY A 358 48.10 56.05 -44.72
C GLY A 358 47.92 55.22 -43.47
N ALA A 359 47.84 53.89 -43.60
CA ALA A 359 47.83 53.03 -42.43
C ALA A 359 49.24 52.95 -41.85
N LYS A 360 49.34 52.72 -40.54
CA LYS A 360 50.64 52.70 -39.87
C LYS A 360 51.27 51.31 -39.87
N LEU A 361 52.28 51.12 -40.70
CA LEU A 361 53.02 49.86 -40.68
C LEU A 361 53.80 49.83 -39.37
N LEU A 362 53.55 48.81 -38.55
CA LEU A 362 54.13 48.72 -37.20
C LEU A 362 55.13 47.59 -37.03
N CYS A 363 55.12 46.62 -37.94
CA CYS A 363 56.16 45.60 -38.02
C CYS A 363 55.95 44.85 -39.32
N GLY A 364 56.96 44.12 -39.75
CA GLY A 364 56.90 43.32 -40.98
C GLY A 364 56.92 44.14 -42.26
N GLY A 365 55.93 43.92 -43.12
CA GLY A 365 55.84 44.61 -44.42
C GLY A 365 56.62 43.98 -45.56
N GLY A 366 57.40 42.95 -45.29
CA GLY A 366 58.41 42.49 -46.25
C GLY A 366 58.39 41.02 -46.62
N ILE A 367 59.34 40.65 -47.46
CA ILE A 367 59.63 39.29 -47.87
C ILE A 367 60.49 38.68 -46.78
N ALA A 368 60.17 37.47 -46.33
CA ALA A 368 60.76 36.91 -45.10
C ALA A 368 61.86 35.88 -45.29
N ALA A 369 62.22 35.60 -46.53
CA ALA A 369 63.36 34.72 -46.81
C ALA A 369 63.79 34.87 -48.28
N ASP A 370 64.90 34.25 -48.64
CA ASP A 370 65.39 34.29 -50.03
C ASP A 370 64.64 33.31 -50.90
N ARG A 371 64.33 32.14 -50.34
CA ARG A 371 63.68 31.07 -51.09
C ARG A 371 62.29 30.78 -50.53
N GLY A 372 61.32 30.62 -51.44
CA GLY A 372 59.95 30.24 -51.08
C GLY A 372 58.99 31.40 -51.17
N TYR A 373 57.83 31.28 -50.51
CA TYR A 373 56.84 32.35 -50.51
C TYR A 373 56.50 32.86 -49.11
N PHE A 374 57.53 33.03 -48.26
CA PHE A 374 57.34 33.42 -46.86
C PHE A 374 57.23 34.93 -46.78
N ILE A 375 56.19 35.41 -46.10
CA ILE A 375 55.96 36.83 -45.87
C ILE A 375 56.06 37.09 -44.38
N GLN A 376 56.67 38.20 -44.00
CA GLN A 376 56.81 38.55 -42.58
C GLN A 376 55.45 38.85 -41.96
N PRO A 377 55.25 38.49 -40.69
CA PRO A 377 54.04 38.88 -39.98
C PRO A 377 53.93 40.40 -39.94
N THR A 378 52.83 40.93 -40.45
CA THR A 378 52.69 42.35 -40.61
C THR A 378 51.48 42.85 -39.85
N VAL A 379 51.64 43.97 -39.17
CA VAL A 379 50.54 44.61 -38.43
C VAL A 379 50.41 46.08 -38.83
N PHE A 380 49.20 46.45 -39.21
CA PHE A 380 48.86 47.82 -39.47
C PHE A 380 47.96 48.33 -38.35
N GLY A 381 48.24 49.54 -37.89
CA GLY A 381 47.45 50.22 -36.85
C GLY A 381 46.85 51.50 -37.40
N ASP A 382 45.94 52.11 -36.64
CA ASP A 382 45.18 53.28 -37.08
C ASP A 382 44.44 53.07 -38.41
N VAL A 383 43.83 51.90 -38.57
CA VAL A 383 43.14 51.61 -39.81
C VAL A 383 41.77 52.26 -39.78
N GLN A 384 41.35 52.80 -40.93
CA GLN A 384 40.02 53.39 -41.08
C GLN A 384 39.16 52.51 -41.95
N ASP A 385 37.84 52.63 -41.79
CA ASP A 385 36.88 51.80 -42.52
C ASP A 385 37.05 51.93 -44.06
N GLY A 386 37.36 53.14 -44.53
CA GLY A 386 37.49 53.41 -45.96
C GLY A 386 38.73 52.87 -46.67
N MET A 387 39.71 52.38 -45.92
CA MET A 387 40.92 51.85 -46.54
C MET A 387 40.73 50.47 -47.19
N THR A 388 41.27 50.32 -48.39
CA THR A 388 41.36 49.03 -49.10
C THR A 388 41.76 47.82 -48.25
N ILE A 389 42.67 47.98 -47.31
CA ILE A 389 43.01 46.87 -46.40
C ILE A 389 41.91 46.51 -45.38
N ALA A 390 40.87 47.35 -45.25
CA ALA A 390 39.75 47.11 -44.34
C ALA A 390 38.46 46.71 -45.05
N LYS A 391 38.54 46.51 -46.37
CA LYS A 391 37.41 46.02 -47.16
C LYS A 391 37.70 44.69 -47.89
N GLU A 392 38.96 44.38 -48.17
CA GLU A 392 39.27 43.24 -49.04
C GLU A 392 40.05 42.14 -48.35
N GLU A 393 39.66 40.89 -48.62
CA GLU A 393 40.26 39.74 -47.97
C GLU A 393 41.61 39.53 -48.59
N ILE A 394 42.64 39.72 -47.76
CA ILE A 394 44.01 39.59 -48.18
C ILE A 394 44.34 38.11 -48.22
N PHE A 395 43.96 37.38 -47.16
CA PHE A 395 44.25 35.96 -47.10
C PHE A 395 45.76 35.73 -46.85
N GLY A 396 46.34 36.54 -45.98
CA GLY A 396 47.75 36.41 -45.59
C GLY A 396 48.04 36.98 -44.21
N PRO A 397 49.30 36.94 -43.78
CA PRO A 397 49.65 37.36 -42.41
C PRO A 397 49.67 38.89 -42.19
N VAL A 398 48.53 39.55 -42.44
CA VAL A 398 48.42 41.00 -42.34
C VAL A 398 47.27 41.43 -41.43
N MET A 399 47.62 41.92 -40.24
CA MET A 399 46.65 42.31 -39.20
C MET A 399 46.28 43.79 -39.31
N GLN A 400 44.99 44.12 -39.24
CA GLN A 400 44.51 45.52 -39.22
C GLN A 400 43.81 45.88 -37.91
N ILE A 401 44.34 46.89 -37.22
CA ILE A 401 43.80 47.25 -35.91
C ILE A 401 43.07 48.57 -35.97
N LEU A 402 41.77 48.55 -35.64
CA LEU A 402 40.91 49.72 -35.63
C LEU A 402 40.40 50.06 -34.23
N LYS A 403 40.19 51.36 -34.01
CA LYS A 403 39.82 51.91 -32.71
C LYS A 403 38.34 52.21 -32.76
N PHE A 404 37.61 51.92 -31.68
CA PHE A 404 36.20 52.37 -31.58
C PHE A 404 35.86 52.99 -30.23
N LYS A 405 34.82 53.81 -30.23
CA LYS A 405 34.32 54.41 -29.01
C LYS A 405 33.24 53.55 -28.36
N THR A 406 32.02 53.53 -28.93
CA THR A 406 30.89 52.85 -28.32
C THR A 406 30.48 51.52 -29.00
N ILE A 407 29.67 50.75 -28.28
CA ILE A 407 29.18 49.45 -28.75
C ILE A 407 28.16 49.62 -29.89
N GLU A 408 27.36 50.68 -29.84
CA GLU A 408 26.45 51.00 -30.93
C GLU A 408 27.22 51.46 -32.20
N GLU A 409 28.39 52.05 -32.01
CA GLU A 409 29.28 52.39 -33.11
C GLU A 409 29.89 51.15 -33.75
N VAL A 410 30.50 50.30 -32.93
CA VAL A 410 31.27 49.15 -33.46
C VAL A 410 30.39 48.11 -34.15
N VAL A 411 29.14 47.99 -33.72
CA VAL A 411 28.16 47.13 -34.37
C VAL A 411 27.81 47.61 -35.79
N GLY A 412 27.60 48.90 -35.96
CA GLY A 412 27.35 49.48 -37.29
C GLY A 412 28.53 49.31 -38.21
N ARG A 413 29.73 49.50 -37.67
CA ARG A 413 30.94 49.42 -38.46
C ARG A 413 31.31 47.96 -38.81
N ALA A 414 31.33 47.11 -37.80
CA ALA A 414 31.54 45.66 -37.99
C ALA A 414 30.59 45.08 -39.04
N ASN A 415 29.31 45.40 -38.92
CA ASN A 415 28.27 44.93 -39.84
C ASN A 415 28.32 45.63 -41.20
N ASN A 416 29.23 46.59 -41.37
CA ASN A 416 29.38 47.32 -42.64
C ASN A 416 30.37 46.63 -43.56
N SER A 417 29.95 45.51 -44.12
CA SER A 417 30.74 44.72 -45.06
C SER A 417 29.80 44.06 -46.07
N THR A 418 30.36 43.64 -47.20
CA THR A 418 29.67 42.76 -48.13
C THR A 418 29.69 41.29 -47.60
N TYR A 419 30.58 41.03 -46.64
CA TYR A 419 30.76 39.68 -46.06
C TYR A 419 30.17 39.54 -44.65
N GLY A 420 29.96 38.29 -44.24
CA GLY A 420 29.52 38.00 -42.89
C GLY A 420 29.65 36.53 -42.56
N LEU A 421 30.83 35.98 -42.74
CA LEU A 421 31.05 34.58 -42.45
C LEU A 421 31.10 34.38 -40.94
N ALA A 422 31.87 35.22 -40.26
CA ALA A 422 32.16 35.06 -38.86
C ALA A 422 32.44 36.40 -38.19
N ALA A 423 32.40 36.39 -36.85
CA ALA A 423 32.76 37.52 -36.01
C ALA A 423 33.08 37.02 -34.59
N ALA A 424 33.64 37.88 -33.76
CA ALA A 424 33.94 37.53 -32.38
C ALA A 424 33.89 38.74 -31.44
N VAL A 425 33.53 38.46 -30.21
CA VAL A 425 33.39 39.43 -29.17
C VAL A 425 34.27 38.98 -28.02
N PHE A 426 35.03 39.92 -27.47
CA PHE A 426 35.81 39.67 -26.25
C PHE A 426 35.36 40.61 -25.17
N THR A 427 34.85 40.04 -24.07
CA THR A 427 34.27 40.81 -22.97
C THR A 427 33.94 39.88 -21.79
N LYS A 428 33.99 40.41 -20.57
CA LYS A 428 33.71 39.60 -19.39
C LYS A 428 32.27 39.78 -18.97
N ASP A 429 31.59 40.71 -19.64
CA ASP A 429 30.31 41.22 -19.24
C ASP A 429 29.15 40.60 -20.02
N LEU A 430 28.14 40.09 -19.30
CA LEU A 430 27.09 39.23 -19.87
C LEU A 430 26.12 39.95 -20.82
N ASP A 431 25.64 41.13 -20.42
CA ASP A 431 24.80 41.93 -21.31
C ASP A 431 25.59 42.26 -22.60
N LYS A 432 26.87 42.65 -22.46
CA LYS A 432 27.67 43.01 -23.63
C LYS A 432 27.77 41.86 -24.63
N ALA A 433 28.24 40.71 -24.14
CA ALA A 433 28.34 39.52 -24.98
C ALA A 433 27.02 39.17 -25.65
N ASN A 434 25.91 39.25 -24.91
CA ASN A 434 24.59 38.95 -25.46
C ASN A 434 24.05 39.96 -26.50
N TYR A 435 24.22 41.25 -26.24
CA TYR A 435 23.87 42.29 -27.18
C TYR A 435 24.65 42.09 -28.51
N LEU A 436 25.94 41.91 -28.40
CA LEU A 436 26.78 41.78 -29.58
C LEU A 436 26.55 40.45 -30.32
N SER A 437 26.42 39.36 -29.58
CA SER A 437 26.18 38.06 -30.20
C SER A 437 24.89 38.06 -31.04
N GLN A 438 23.92 38.86 -30.63
CA GLN A 438 22.67 39.01 -31.35
C GLN A 438 22.79 40.04 -32.48
N ALA A 439 23.32 41.22 -32.17
CA ALA A 439 23.37 42.32 -33.16
C ALA A 439 24.30 42.10 -34.36
N LEU A 440 25.36 41.31 -34.21
CA LEU A 440 26.33 41.11 -35.28
C LEU A 440 25.79 40.24 -36.42
N GLN A 441 26.07 40.61 -37.67
CA GLN A 441 25.59 39.87 -38.86
C GLN A 441 26.64 38.86 -39.33
N ALA A 442 26.63 37.67 -38.72
CA ALA A 442 27.63 36.65 -39.05
C ALA A 442 27.15 35.23 -38.86
N GLY A 443 27.61 34.35 -39.74
CA GLY A 443 27.22 32.96 -39.71
C GLY A 443 27.61 32.28 -38.41
N THR A 444 28.74 32.70 -37.86
CA THR A 444 29.22 32.22 -36.57
C THR A 444 29.77 33.37 -35.74
N VAL A 445 29.30 33.51 -34.50
CA VAL A 445 29.92 34.45 -33.55
C VAL A 445 30.67 33.67 -32.47
N TRP A 446 31.88 34.10 -32.14
CA TRP A 446 32.64 33.47 -31.05
C TRP A 446 32.78 34.45 -29.88
N VAL A 447 32.63 33.95 -28.66
CA VAL A 447 32.67 34.83 -27.49
C VAL A 447 33.79 34.34 -26.64
N ASN A 448 34.83 35.17 -26.53
CA ASN A 448 36.06 34.87 -25.79
C ASN A 448 36.82 33.69 -26.38
N CYS A 449 36.69 33.53 -27.70
CA CYS A 449 37.51 32.59 -28.45
C CYS A 449 37.55 32.96 -29.93
N TYR A 450 38.26 32.13 -30.70
CA TYR A 450 38.24 32.24 -32.15
C TYR A 450 38.48 30.86 -32.79
N ASP A 451 38.02 30.72 -34.03
CA ASP A 451 38.19 29.48 -34.83
C ASP A 451 37.89 28.20 -34.04
N VAL A 452 36.96 28.31 -33.09
CA VAL A 452 36.48 27.15 -32.39
C VAL A 452 35.44 26.51 -33.30
N PHE A 453 35.88 25.51 -34.04
CA PHE A 453 34.98 24.68 -34.80
C PHE A 453 34.98 23.35 -34.09
N GLY A 454 33.81 22.73 -34.11
CA GLY A 454 33.68 21.31 -33.87
C GLY A 454 32.89 20.81 -35.05
N ALA A 455 33.00 19.52 -35.34
CA ALA A 455 32.22 18.90 -36.40
C ALA A 455 30.72 19.05 -36.13
N GLN A 456 30.39 19.36 -34.88
CA GLN A 456 29.02 19.42 -34.38
C GLN A 456 28.36 20.78 -34.64
N SER A 457 29.15 21.85 -34.58
CA SER A 457 28.64 23.22 -34.75
C SER A 457 28.56 23.58 -36.23
N PRO A 458 27.40 24.08 -36.69
CA PRO A 458 27.27 24.38 -38.13
C PRO A 458 28.08 25.60 -38.52
N PHE A 459 28.47 25.66 -39.79
CA PHE A 459 29.28 26.77 -40.28
C PHE A 459 28.92 27.20 -41.71
N GLY A 460 28.70 28.50 -41.86
CA GLY A 460 28.39 29.11 -43.16
C GLY A 460 28.43 30.62 -43.03
N GLY A 461 27.81 31.31 -43.97
CA GLY A 461 27.87 32.77 -44.01
C GLY A 461 26.56 33.46 -44.29
N TYR A 462 26.54 34.77 -44.02
CA TYR A 462 25.47 35.67 -44.41
C TYR A 462 25.91 36.40 -45.68
N LYS A 463 25.03 37.22 -46.25
CA LYS A 463 25.38 38.19 -47.31
C LYS A 463 26.09 37.53 -48.51
N MET A 464 27.23 38.07 -48.94
CA MET A 464 28.01 37.48 -50.05
C MET A 464 29.21 36.65 -49.54
N SER A 465 29.11 36.13 -48.33
CA SER A 465 30.07 35.13 -47.84
C SER A 465 29.59 33.73 -48.20
N GLY A 466 28.34 33.61 -48.64
CA GLY A 466 27.82 32.35 -49.15
C GLY A 466 26.41 32.04 -48.68
N SER A 467 25.97 30.81 -48.97
CA SER A 467 24.66 30.36 -48.56
C SER A 467 24.67 28.87 -48.21
N GLY A 468 23.88 28.49 -47.23
CA GLY A 468 23.86 27.11 -46.75
C GLY A 468 24.92 26.92 -45.69
N ARG A 469 24.92 25.76 -45.06
CA ARG A 469 25.76 25.49 -43.90
C ARG A 469 26.56 24.18 -44.01
N GLU A 470 27.79 24.21 -43.52
CA GLU A 470 28.67 23.04 -43.43
C GLU A 470 28.90 22.64 -41.96
N LEU A 471 29.15 21.36 -41.73
CA LEU A 471 29.24 20.79 -40.38
C LEU A 471 27.88 20.67 -39.66
N GLY A 472 27.88 19.87 -38.61
CA GLY A 472 26.67 19.60 -37.84
C GLY A 472 25.61 18.88 -38.64
N GLU A 473 24.39 18.97 -38.12
CA GLU A 473 23.21 18.38 -38.76
C GLU A 473 22.78 19.18 -40.00
N TYR A 474 23.06 20.48 -40.03
CA TYR A 474 22.57 21.36 -41.11
C TYR A 474 23.21 21.00 -42.45
N GLY A 475 24.51 20.66 -42.40
CA GLY A 475 25.22 20.11 -43.53
C GLY A 475 24.47 19.04 -44.32
N LEU A 476 23.55 18.33 -43.65
CA LEU A 476 22.77 17.26 -44.29
C LEU A 476 21.63 17.74 -45.19
N GLN A 477 21.07 18.92 -44.91
CA GLN A 477 19.90 19.42 -45.66
C GLN A 477 20.20 19.60 -47.15
N ALA A 478 21.29 20.32 -47.46
CA ALA A 478 21.62 20.59 -48.85
C ALA A 478 22.08 19.35 -49.65
N TYR A 479 22.32 18.23 -48.96
CA TYR A 479 22.63 16.96 -49.63
C TYR A 479 21.45 15.99 -49.62
N THR A 480 20.31 16.49 -49.18
CA THR A 480 19.09 15.71 -49.13
C THR A 480 18.00 16.34 -50.00
N GLU A 481 17.22 15.50 -50.66
CA GLU A 481 15.98 15.92 -51.29
C GLU A 481 14.81 15.36 -50.47
N VAL A 482 13.73 16.14 -50.37
CA VAL A 482 12.55 15.73 -49.62
C VAL A 482 11.47 15.19 -50.56
N LYS A 483 11.06 13.93 -50.40
CA LYS A 483 9.89 13.42 -51.14
C LYS A 483 8.70 13.17 -50.21
N THR A 484 7.54 13.73 -50.52
CA THR A 484 6.34 13.42 -49.76
C THR A 484 5.48 12.32 -50.38
N VAL A 485 5.06 11.37 -49.55
CA VAL A 485 4.09 10.36 -49.97
C VAL A 485 2.78 10.55 -49.21
N THR A 486 1.67 10.64 -49.94
CA THR A 486 0.36 10.85 -49.31
C THR A 486 -0.67 9.77 -49.72
N VAL A 487 -1.01 8.90 -48.78
CA VAL A 487 -1.80 7.69 -49.03
C VAL A 487 -3.22 7.81 -48.48
N LYS A 488 -4.21 7.59 -49.34
CA LYS A 488 -5.61 7.50 -48.92
C LYS A 488 -5.76 6.33 -47.98
N VAL A 489 -6.44 6.52 -46.86
CA VAL A 489 -6.64 5.41 -45.94
C VAL A 489 -8.11 5.32 -45.61
N PRO A 490 -8.54 4.16 -45.08
CA PRO A 490 -9.96 4.02 -44.79
C PRO A 490 -10.54 5.08 -43.85
N GLN A 491 -9.96 5.23 -42.66
CA GLN A 491 -10.49 6.19 -41.68
C GLN A 491 -9.38 6.65 -40.72
N LYS A 492 -9.02 7.93 -40.80
CA LYS A 492 -7.94 8.52 -40.00
C LYS A 492 -8.35 8.66 -38.55
N ASN A 493 -7.65 7.97 -37.66
CA ASN A 493 -7.82 8.14 -36.23
C ASN A 493 -6.52 8.68 -35.63
N SER A 494 -6.66 9.63 -34.70
CA SER A 494 -5.53 10.23 -34.00
C SER A 494 -4.76 9.18 -33.23
N ALA B 1 -23.98 23.71 -49.47
CA ALA B 1 -24.31 25.09 -48.96
C ALA B 1 -23.12 26.03 -49.12
N VAL B 2 -23.28 27.04 -49.98
CA VAL B 2 -22.24 28.03 -50.27
C VAL B 2 -22.88 29.42 -50.45
N PRO B 3 -22.53 30.39 -49.58
CA PRO B 3 -23.16 31.72 -49.60
C PRO B 3 -23.30 32.39 -50.97
N ALA B 4 -24.30 33.25 -51.10
CA ALA B 4 -24.70 33.82 -52.39
C ALA B 4 -23.63 34.77 -52.96
N PRO B 5 -23.17 34.51 -54.20
CA PRO B 5 -22.13 35.37 -54.78
C PRO B 5 -22.57 36.80 -55.09
N ASN B 6 -21.59 37.64 -55.39
CA ASN B 6 -21.81 38.93 -56.04
C ASN B 6 -21.15 38.80 -57.41
N GLN B 7 -21.96 38.55 -58.44
CA GLN B 7 -21.44 38.23 -59.77
C GLN B 7 -20.55 39.33 -60.35
N GLN B 8 -20.73 40.56 -59.89
CA GLN B 8 -19.87 41.68 -60.27
C GLN B 8 -19.44 42.44 -59.02
N PRO B 9 -18.44 41.89 -58.30
CA PRO B 9 -18.04 42.45 -57.02
C PRO B 9 -17.38 43.82 -57.15
N GLU B 10 -17.52 44.64 -56.12
CA GLU B 10 -16.90 45.96 -56.12
C GLU B 10 -15.38 45.82 -56.08
N VAL B 11 -14.65 46.84 -56.51
CA VAL B 11 -13.18 46.85 -56.40
C VAL B 11 -12.71 48.12 -55.68
N PHE B 12 -11.78 47.93 -54.75
CA PHE B 12 -11.32 49.00 -53.86
C PHE B 12 -9.85 49.33 -54.06
N CYS B 13 -9.02 48.30 -54.25
CA CYS B 13 -7.58 48.45 -54.26
C CYS B 13 -6.97 48.04 -55.60
N ASN B 14 -6.27 48.98 -56.23
CA ASN B 14 -5.58 48.75 -57.51
C ASN B 14 -4.17 49.37 -57.58
N GLN B 15 -3.72 49.98 -56.49
CA GLN B 15 -2.48 50.75 -56.47
C GLN B 15 -1.34 49.96 -55.82
N ILE B 16 -0.17 50.59 -55.72
CA ILE B 16 0.99 49.97 -55.09
C ILE B 16 0.91 50.16 -53.57
N PHE B 17 1.09 49.06 -52.84
CA PHE B 17 0.98 49.07 -51.39
C PHE B 17 2.38 49.14 -50.79
N ILE B 18 2.70 50.28 -50.19
CA ILE B 18 3.98 50.50 -49.53
C ILE B 18 3.77 51.24 -48.21
N ASN B 19 4.52 50.83 -47.18
CA ASN B 19 4.43 51.41 -45.85
C ASN B 19 2.97 51.54 -45.35
N ASN B 20 2.18 50.49 -45.58
CA ASN B 20 0.78 50.44 -45.15
C ASN B 20 -0.10 51.53 -45.78
N GLU B 21 0.28 51.93 -46.99
CA GLU B 21 -0.42 53.00 -47.71
C GLU B 21 -0.34 52.76 -49.22
N TRP B 22 -1.22 53.45 -49.95
CA TRP B 22 -1.36 53.22 -51.39
C TRP B 22 -0.69 54.33 -52.21
N HIS B 23 -0.17 53.96 -53.38
CA HIS B 23 0.60 54.86 -54.24
C HIS B 23 0.37 54.48 -55.69
N ASP B 24 0.29 55.46 -56.59
CA ASP B 24 0.43 55.17 -58.02
C ASP B 24 1.93 55.11 -58.35
N ALA B 25 2.26 54.52 -59.51
CA ALA B 25 3.66 54.35 -59.94
C ALA B 25 4.40 55.69 -60.09
N VAL B 26 5.70 55.61 -60.39
CA VAL B 26 6.49 56.81 -60.65
C VAL B 26 6.02 57.41 -61.98
N SER B 27 6.07 56.58 -63.02
CA SER B 27 5.60 56.98 -64.34
C SER B 27 4.08 57.15 -64.42
N ARG B 28 3.39 56.86 -63.31
CA ARG B 28 1.92 57.03 -63.18
C ARG B 28 1.12 56.22 -64.21
N LYS B 29 1.78 55.31 -64.91
CA LYS B 29 1.14 54.45 -65.89
C LYS B 29 0.22 53.43 -65.22
N THR B 30 -0.62 52.78 -66.00
CA THR B 30 -1.43 51.66 -65.52
C THR B 30 -1.46 50.56 -66.59
N PHE B 31 -2.34 49.57 -66.40
CA PHE B 31 -2.55 48.49 -67.37
C PHE B 31 -3.93 47.85 -67.16
N PRO B 32 -4.35 46.93 -68.07
CA PRO B 32 -5.64 46.27 -67.92
C PRO B 32 -5.59 44.83 -67.41
N THR B 33 -6.58 44.46 -66.60
CA THR B 33 -6.79 43.08 -66.15
C THR B 33 -8.21 42.62 -66.54
N VAL B 34 -8.27 41.46 -67.19
CA VAL B 34 -9.46 41.07 -67.95
C VAL B 34 -10.34 40.07 -67.21
N ASN B 35 -11.65 40.20 -67.37
CA ASN B 35 -12.63 39.21 -66.91
C ASN B 35 -12.72 38.09 -67.94
N PRO B 36 -11.86 37.07 -67.82
CA PRO B 36 -11.67 36.20 -68.99
C PRO B 36 -12.85 35.30 -69.34
N SER B 37 -13.96 35.43 -68.61
CA SER B 37 -15.19 34.69 -68.93
C SER B 37 -16.05 35.45 -69.94
N THR B 38 -15.83 36.77 -70.01
CA THR B 38 -16.38 37.60 -71.07
C THR B 38 -15.23 38.07 -71.96
N GLY B 39 -14.28 38.78 -71.35
CA GLY B 39 -13.17 39.41 -72.05
C GLY B 39 -13.12 40.92 -71.92
N GLU B 40 -13.99 41.51 -71.10
CA GLU B 40 -14.06 42.97 -70.93
C GLU B 40 -13.16 43.44 -69.79
N VAL B 41 -12.32 44.43 -70.09
CA VAL B 41 -11.38 44.97 -69.12
C VAL B 41 -12.13 45.36 -67.83
N ILE B 42 -11.84 44.64 -66.75
CA ILE B 42 -12.44 44.89 -65.44
C ILE B 42 -12.06 46.29 -64.96
N CYS B 43 -10.76 46.57 -64.84
CA CYS B 43 -10.26 47.84 -64.32
C CYS B 43 -8.79 48.11 -64.67
N GLN B 44 -8.30 49.30 -64.30
CA GLN B 44 -6.91 49.68 -64.51
C GLN B 44 -6.08 49.53 -63.22
N VAL B 45 -4.81 49.16 -63.40
CA VAL B 45 -3.92 48.83 -62.28
C VAL B 45 -2.54 49.47 -62.50
N ALA B 46 -2.06 50.22 -61.51
CA ALA B 46 -0.78 50.92 -61.61
C ALA B 46 0.33 50.01 -62.13
N GLU B 47 0.96 50.41 -63.25
CA GLU B 47 2.03 49.64 -63.87
C GLU B 47 3.32 49.93 -63.13
N GLY B 48 3.81 48.94 -62.39
CA GLY B 48 5.02 49.10 -61.60
C GLY B 48 6.28 48.87 -62.41
N ASP B 49 7.29 49.71 -62.15
CA ASP B 49 8.64 49.51 -62.71
C ASP B 49 9.70 49.58 -61.61
N LYS B 50 10.88 49.08 -61.94
CA LYS B 50 12.11 49.17 -61.13
C LYS B 50 12.09 50.17 -59.98
N GLU B 51 11.83 51.44 -60.26
CA GLU B 51 11.95 52.49 -59.25
C GLU B 51 10.93 52.41 -58.11
N ASP B 52 9.76 51.82 -58.38
CA ASP B 52 8.76 51.60 -57.34
C ASP B 52 9.10 50.35 -56.51
N VAL B 53 9.84 49.43 -57.13
CA VAL B 53 10.37 48.26 -56.46
C VAL B 53 11.49 48.70 -55.53
N ASP B 54 12.22 49.74 -55.91
CA ASP B 54 13.31 50.27 -55.08
C ASP B 54 12.79 51.10 -53.90
N LYS B 55 11.54 51.56 -53.97
CA LYS B 55 10.89 52.26 -52.83
C LYS B 55 10.33 51.26 -51.82
N ALA B 56 9.75 50.18 -52.32
CA ALA B 56 9.26 49.07 -51.50
C ALA B 56 10.39 48.40 -50.70
N VAL B 57 11.50 48.17 -51.39
CA VAL B 57 12.70 47.57 -50.81
C VAL B 57 13.28 48.40 -49.69
N LYS B 58 13.37 49.72 -49.89
CA LYS B 58 13.82 50.67 -48.85
C LYS B 58 12.87 50.67 -47.66
N ALA B 59 11.57 50.55 -47.97
CA ALA B 59 10.53 50.52 -46.94
C ALA B 59 10.62 49.25 -46.09
N ALA B 60 10.95 48.13 -46.75
CA ALA B 60 11.16 46.85 -46.11
C ALA B 60 12.42 46.83 -45.26
N ARG B 61 13.50 47.36 -45.81
CA ARG B 61 14.79 47.43 -45.08
C ARG B 61 14.64 48.20 -43.78
N ALA B 62 13.90 49.29 -43.80
CA ALA B 62 13.67 50.10 -42.60
C ALA B 62 12.85 49.30 -41.59
N ALA B 63 11.87 48.53 -42.09
CA ALA B 63 11.05 47.68 -41.25
C ALA B 63 11.84 46.53 -40.65
N PHE B 64 12.88 46.08 -41.35
CA PHE B 64 13.75 45.01 -40.88
C PHE B 64 14.92 45.48 -39.99
N GLN B 65 15.00 46.78 -39.72
CA GLN B 65 16.08 47.32 -38.87
C GLN B 65 16.00 46.82 -37.44
N LEU B 66 17.16 46.48 -36.90
CA LEU B 66 17.26 46.08 -35.50
C LEU B 66 16.59 47.14 -34.65
N GLY B 67 15.72 46.73 -33.73
CA GLY B 67 15.06 47.68 -32.82
C GLY B 67 13.67 48.14 -33.26
N SER B 68 13.31 47.86 -34.51
CA SER B 68 12.00 48.22 -35.07
C SER B 68 10.87 47.40 -34.46
N PRO B 69 9.62 47.89 -34.56
CA PRO B 69 8.44 47.18 -34.06
C PRO B 69 8.34 45.71 -34.50
N TRP B 70 8.58 45.43 -35.77
CA TRP B 70 8.56 44.05 -36.28
C TRP B 70 9.64 43.19 -35.63
N ARG B 71 10.87 43.67 -35.56
CA ARG B 71 12.00 42.85 -35.10
C ARG B 71 11.98 42.61 -33.59
N ARG B 72 11.27 43.45 -32.85
CA ARG B 72 11.19 43.32 -31.40
C ARG B 72 9.95 42.57 -30.92
N MET B 73 8.98 42.38 -31.82
CA MET B 73 7.79 41.62 -31.46
C MET B 73 8.11 40.21 -30.98
N ASP B 74 7.43 39.80 -29.91
CA ASP B 74 7.41 38.42 -29.47
C ASP B 74 6.98 37.52 -30.61
N ALA B 75 7.74 36.46 -30.85
CA ALA B 75 7.42 35.49 -31.91
C ALA B 75 5.96 35.05 -31.85
N SER B 76 5.41 34.97 -30.65
CA SER B 76 4.01 34.63 -30.46
C SER B 76 3.07 35.69 -31.02
N HIS B 77 3.47 36.95 -30.96
CA HIS B 77 2.62 38.02 -31.48
C HIS B 77 2.44 37.94 -33.01
N ARG B 78 3.54 37.71 -33.74
CA ARG B 78 3.46 37.45 -35.19
C ARG B 78 2.44 36.37 -35.50
N GLY B 79 2.40 35.34 -34.67
CA GLY B 79 1.39 34.30 -34.76
C GLY B 79 0.01 34.89 -34.54
N ARG B 80 -0.13 35.69 -33.49
CA ARG B 80 -1.39 36.39 -33.24
C ARG B 80 -1.79 37.20 -34.47
N LEU B 81 -0.85 37.90 -35.09
CA LEU B 81 -1.16 38.75 -36.28
C LEU B 81 -1.58 37.95 -37.52
N LEU B 82 -0.95 36.79 -37.76
CA LEU B 82 -1.39 35.90 -38.85
C LEU B 82 -2.78 35.33 -38.60
N ASN B 83 -3.09 34.98 -37.35
CA ASN B 83 -4.44 34.53 -37.03
C ASN B 83 -5.47 35.63 -37.15
N ARG B 84 -5.08 36.83 -36.73
CA ARG B 84 -5.92 38.00 -36.94
C ARG B 84 -6.23 38.16 -38.42
N LEU B 85 -5.19 38.17 -39.24
CA LEU B 85 -5.35 38.27 -40.69
C LEU B 85 -6.29 37.23 -41.25
N ALA B 86 -6.18 35.99 -40.78
CA ALA B 86 -7.04 34.90 -41.25
C ALA B 86 -8.48 35.14 -40.87
N ASP B 87 -8.71 35.77 -39.72
CA ASP B 87 -10.08 36.09 -39.27
C ASP B 87 -10.73 37.19 -40.12
N LEU B 88 -9.89 38.07 -40.66
CA LEU B 88 -10.35 39.16 -41.52
C LEU B 88 -10.69 38.64 -42.91
N ILE B 89 -9.85 37.74 -43.40
CA ILE B 89 -10.09 37.07 -44.67
C ILE B 89 -11.36 36.21 -44.58
N GLU B 90 -11.59 35.58 -43.44
CA GLU B 90 -12.74 34.68 -43.27
C GLU B 90 -14.05 35.46 -43.24
N ARG B 91 -14.06 36.59 -42.55
CA ARG B 91 -15.20 37.52 -42.56
C ARG B 91 -15.54 38.02 -43.97
N ASP B 92 -14.53 38.15 -44.84
CA ASP B 92 -14.69 38.60 -46.23
C ASP B 92 -14.61 37.45 -47.24
N ARG B 93 -14.91 36.24 -46.79
CA ARG B 93 -14.69 35.04 -47.60
C ARG B 93 -15.55 35.05 -48.85
N THR B 94 -16.84 35.36 -48.67
CA THR B 94 -17.80 35.50 -49.78
C THR B 94 -17.26 36.40 -50.90
N TYR B 95 -16.85 37.61 -50.54
CA TYR B 95 -16.44 38.63 -51.53
C TYR B 95 -15.09 38.35 -52.21
N LEU B 96 -14.12 37.84 -51.46
CA LEU B 96 -12.79 37.57 -52.03
C LEU B 96 -12.86 36.48 -53.07
N ALA B 97 -13.65 35.44 -52.79
CA ALA B 97 -13.92 34.37 -53.75
C ALA B 97 -14.49 34.93 -55.05
N ALA B 98 -15.44 35.85 -54.94
CA ALA B 98 -16.08 36.45 -56.12
C ALA B 98 -15.09 37.25 -56.97
N LEU B 99 -14.26 38.05 -56.29
CA LEU B 99 -13.23 38.83 -56.95
C LEU B 99 -12.21 37.93 -57.64
N GLU B 100 -11.91 36.80 -57.01
CA GLU B 100 -10.93 35.85 -57.54
C GLU B 100 -11.43 35.20 -58.83
N THR B 101 -12.68 34.73 -58.77
CA THR B 101 -13.35 34.13 -59.93
C THR B 101 -13.42 35.13 -61.10
N LEU B 102 -13.78 36.37 -60.78
CA LEU B 102 -13.86 37.44 -61.77
C LEU B 102 -12.59 37.54 -62.62
N ASP B 103 -11.45 37.67 -61.96
CA ASP B 103 -10.20 37.98 -62.64
C ASP B 103 -9.43 36.74 -63.11
N ASN B 104 -9.88 35.56 -62.69
CA ASN B 104 -9.14 34.32 -62.88
C ASN B 104 -9.80 33.31 -63.81
N GLY B 105 -11.13 33.21 -63.71
CA GLY B 105 -11.90 32.24 -64.48
C GLY B 105 -12.56 31.13 -63.66
N LYS B 106 -11.94 30.77 -62.53
CA LYS B 106 -12.36 29.58 -61.77
C LYS B 106 -13.77 29.67 -61.16
N PRO B 107 -14.47 28.53 -61.04
CA PRO B 107 -15.83 28.53 -60.50
C PRO B 107 -15.93 29.02 -59.06
N TYR B 108 -17.01 29.75 -58.77
CA TYR B 108 -17.26 30.34 -57.44
C TYR B 108 -17.27 29.29 -56.33
N VAL B 109 -17.83 28.12 -56.64
CA VAL B 109 -17.90 26.98 -55.73
C VAL B 109 -16.52 26.34 -55.47
N ILE B 110 -15.51 26.73 -56.26
CA ILE B 110 -14.14 26.35 -55.94
C ILE B 110 -13.41 27.50 -55.24
N SER B 111 -13.57 28.71 -55.76
CA SER B 111 -12.99 29.88 -55.09
C SER B 111 -13.31 29.92 -53.59
N TYR B 112 -14.56 29.62 -53.24
CA TYR B 112 -15.04 29.70 -51.85
C TYR B 112 -14.70 28.45 -51.03
N LEU B 113 -15.06 27.27 -51.52
CA LEU B 113 -14.95 26.05 -50.72
C LEU B 113 -13.54 25.48 -50.64
N VAL B 114 -12.71 25.78 -51.65
CA VAL B 114 -11.40 25.14 -51.75
C VAL B 114 -10.28 26.15 -51.64
N ASP B 115 -10.17 27.05 -52.62
CA ASP B 115 -9.06 28.01 -52.64
C ASP B 115 -9.00 28.78 -51.32
N LEU B 116 -10.13 29.34 -50.90
CA LEU B 116 -10.17 30.13 -49.68
C LEU B 116 -10.08 29.27 -48.41
N ASP B 117 -10.56 28.04 -48.49
CA ASP B 117 -10.39 27.10 -47.40
C ASP B 117 -8.91 26.89 -47.15
N MET B 118 -8.17 26.72 -48.25
CA MET B 118 -6.77 26.42 -48.20
C MET B 118 -5.95 27.64 -47.79
N VAL B 119 -6.38 28.82 -48.21
CA VAL B 119 -5.76 30.04 -47.74
C VAL B 119 -5.80 30.07 -46.21
N LEU B 120 -6.98 29.87 -45.63
CA LEU B 120 -7.17 29.94 -44.18
C LEU B 120 -6.34 28.91 -43.40
N LYS B 121 -6.38 27.66 -43.83
CA LYS B 121 -5.62 26.59 -43.15
C LYS B 121 -4.13 26.85 -43.16
N CYS B 122 -3.64 27.40 -44.27
CA CYS B 122 -2.21 27.69 -44.43
C CYS B 122 -1.74 28.79 -43.46
N LEU B 123 -2.47 29.91 -43.43
CA LEU B 123 -2.13 31.02 -42.55
C LEU B 123 -2.21 30.62 -41.09
N ARG B 124 -3.25 29.88 -40.73
CA ARG B 124 -3.42 29.40 -39.36
C ARG B 124 -2.36 28.39 -38.95
N TYR B 125 -2.04 27.44 -39.83
CA TYR B 125 -0.96 26.49 -39.58
C TYR B 125 0.35 27.23 -39.33
N TYR B 126 0.70 28.15 -40.23
CA TYR B 126 1.94 28.93 -40.05
C TYR B 126 1.95 29.83 -38.80
N ALA B 127 0.81 30.43 -38.46
CA ALA B 127 0.70 31.21 -37.22
C ALA B 127 1.14 30.37 -36.03
N GLY B 128 0.81 29.07 -36.08
CA GLY B 128 1.24 28.10 -35.07
C GLY B 128 2.75 27.83 -35.00
N TRP B 129 3.45 28.04 -36.14
CA TRP B 129 4.88 27.78 -36.24
C TRP B 129 5.70 28.96 -35.76
N ALA B 130 5.03 30.11 -35.67
CA ALA B 130 5.69 31.38 -35.40
C ALA B 130 6.62 31.32 -34.19
N ASP B 131 6.22 30.61 -33.13
CA ASP B 131 7.09 30.49 -31.95
C ASP B 131 7.49 29.05 -31.58
N LYS B 132 7.70 28.22 -32.59
CA LYS B 132 8.03 26.82 -32.34
C LYS B 132 9.20 26.31 -33.16
N TYR B 133 9.70 27.13 -34.05
CA TYR B 133 10.87 26.79 -34.83
C TYR B 133 12.11 27.00 -33.97
N HIS B 134 12.63 25.92 -33.41
CA HIS B 134 13.71 25.97 -32.46
C HIS B 134 15.09 25.87 -33.12
N GLY B 135 16.08 26.57 -32.55
CA GLY B 135 17.49 26.28 -32.83
C GLY B 135 18.02 25.21 -31.90
N LYS B 136 19.33 24.98 -31.92
CA LYS B 136 19.93 23.87 -31.20
C LYS B 136 20.97 24.32 -30.20
N THR B 137 21.07 23.61 -29.06
CA THR B 137 22.27 23.58 -28.24
C THR B 137 23.08 22.36 -28.60
N ILE B 138 24.39 22.53 -28.72
CA ILE B 138 25.22 21.54 -29.35
C ILE B 138 26.34 21.10 -28.42
N PRO B 139 26.49 19.77 -28.24
CA PRO B 139 27.51 19.18 -27.37
C PRO B 139 28.90 19.11 -28.01
N ILE B 140 29.47 20.29 -28.29
CA ILE B 140 30.81 20.41 -28.89
C ILE B 140 31.96 19.99 -27.95
N ASP B 141 33.08 19.57 -28.55
CA ASP B 141 34.32 19.22 -27.83
C ASP B 141 34.96 20.44 -27.14
N GLY B 142 35.62 20.24 -26.00
CA GLY B 142 36.27 21.33 -25.28
C GLY B 142 35.31 22.07 -24.37
N ASP B 143 35.80 23.16 -23.77
CA ASP B 143 35.05 23.90 -22.75
C ASP B 143 34.33 25.09 -23.38
N PHE B 144 33.39 24.77 -24.24
CA PHE B 144 32.60 25.74 -24.96
C PHE B 144 31.15 25.31 -24.91
N PHE B 145 30.29 26.30 -24.95
CA PHE B 145 28.87 26.12 -25.09
C PHE B 145 28.53 26.75 -26.41
N SER B 146 27.98 25.95 -27.32
CA SER B 146 27.70 26.37 -28.68
C SER B 146 26.23 26.18 -28.92
N TYR B 147 25.60 27.19 -29.53
CA TYR B 147 24.18 27.14 -29.80
C TYR B 147 23.81 27.90 -31.08
N THR B 148 22.76 27.45 -31.77
CA THR B 148 22.33 28.11 -33.00
C THR B 148 21.09 28.98 -32.79
N ARG B 149 21.08 30.12 -33.47
CA ARG B 149 19.93 31.02 -33.53
C ARG B 149 19.31 30.92 -34.92
N HIS B 150 18.00 30.83 -34.97
CA HIS B 150 17.28 30.74 -36.22
C HIS B 150 16.74 32.10 -36.55
N GLU B 151 17.50 32.84 -37.35
CA GLU B 151 17.22 34.25 -37.60
C GLU B 151 16.51 34.46 -38.94
N PRO B 152 15.73 35.55 -39.04
CA PRO B 152 15.14 35.93 -40.31
C PRO B 152 16.19 36.13 -41.38
N VAL B 153 15.97 35.55 -42.55
CA VAL B 153 16.88 35.71 -43.69
C VAL B 153 16.93 37.18 -44.18
N GLY B 154 15.80 37.88 -44.15
CA GLY B 154 15.80 39.34 -44.32
C GLY B 154 14.69 39.90 -45.21
N VAL B 155 15.08 40.69 -46.20
CA VAL B 155 14.12 41.23 -47.18
C VAL B 155 13.94 40.17 -48.27
N CYS B 156 12.75 39.62 -48.38
CA CYS B 156 12.48 38.56 -49.35
C CYS B 156 11.59 39.13 -50.43
N GLY B 157 12.06 39.02 -51.66
CA GLY B 157 11.26 39.39 -52.82
C GLY B 157 10.43 38.20 -53.22
N GLN B 158 9.11 38.39 -53.34
CA GLN B 158 8.19 37.28 -53.60
C GLN B 158 7.31 37.51 -54.84
N ILE B 159 7.60 36.76 -55.90
CA ILE B 159 6.83 36.83 -57.14
C ILE B 159 5.93 35.60 -57.24
N ILE B 160 4.62 35.83 -57.36
CA ILE B 160 3.64 34.74 -57.43
C ILE B 160 2.83 34.78 -58.73
N PRO B 161 2.37 33.61 -59.22
CA PRO B 161 1.69 33.54 -60.52
C PRO B 161 0.17 33.80 -60.44
N TRP B 162 -0.53 33.52 -61.54
CA TRP B 162 -1.97 33.83 -61.67
C TRP B 162 -2.88 32.59 -61.50
N ASN B 163 -2.32 31.39 -61.64
CA ASN B 163 -3.12 30.15 -61.62
C ASN B 163 -3.87 29.78 -60.33
N PHE B 164 -3.33 30.22 -59.18
CA PHE B 164 -4.02 30.08 -57.90
C PHE B 164 -3.66 31.34 -57.12
N PRO B 165 -4.20 32.49 -57.54
CA PRO B 165 -3.70 33.75 -57.00
C PRO B 165 -3.61 33.79 -55.47
N LEU B 166 -4.75 33.82 -54.79
CA LEU B 166 -4.79 34.03 -53.35
C LEU B 166 -4.00 33.01 -52.55
N LEU B 167 -4.10 31.74 -52.96
CA LEU B 167 -3.44 30.65 -52.27
C LEU B 167 -1.93 30.84 -52.30
N MET B 168 -1.42 31.23 -53.47
CA MET B 168 0.02 31.38 -53.68
C MET B 168 0.55 32.57 -52.91
N GLN B 169 -0.28 33.59 -52.73
CA GLN B 169 0.06 34.67 -51.82
C GLN B 169 0.20 34.07 -50.39
N ALA B 170 -0.79 33.24 -50.02
CA ALA B 170 -0.80 32.58 -48.71
C ALA B 170 0.42 31.70 -48.43
N TRP B 171 0.83 30.90 -49.41
CA TRP B 171 2.02 30.05 -49.26
C TRP B 171 3.33 30.83 -49.07
N LYS B 172 3.37 32.09 -49.49
CA LYS B 172 4.59 32.90 -49.36
C LYS B 172 4.62 33.73 -48.07
N LEU B 173 3.52 34.41 -47.76
CA LEU B 173 3.45 35.26 -46.55
C LEU B 173 3.48 34.43 -45.27
N GLY B 174 2.79 33.30 -45.27
CA GLY B 174 2.70 32.43 -44.10
C GLY B 174 4.05 32.13 -43.49
N PRO B 175 4.91 31.37 -44.22
CA PRO B 175 6.24 31.02 -43.74
C PRO B 175 7.17 32.23 -43.53
N ALA B 176 7.18 33.12 -44.50
CA ALA B 176 8.04 34.30 -44.43
C ALA B 176 7.71 35.18 -43.21
N LEU B 177 6.44 35.36 -42.88
CA LEU B 177 6.08 36.26 -41.78
C LEU B 177 6.17 35.60 -40.42
N ALA B 178 5.86 34.30 -40.37
CA ALA B 178 6.02 33.51 -39.16
C ALA B 178 7.47 33.54 -38.66
N THR B 179 8.43 33.51 -39.60
CA THR B 179 9.84 33.56 -39.24
C THR B 179 10.41 34.98 -39.21
N GLY B 180 9.53 35.99 -39.25
CA GLY B 180 9.92 37.36 -38.92
C GLY B 180 10.58 38.16 -40.02
N ASN B 181 10.44 37.73 -41.28
CA ASN B 181 11.00 38.46 -42.43
C ASN B 181 10.14 39.64 -42.87
N VAL B 182 10.63 40.35 -43.90
CA VAL B 182 9.84 41.38 -44.57
C VAL B 182 9.72 41.08 -46.06
N VAL B 183 8.56 41.41 -46.62
CA VAL B 183 8.17 40.99 -47.97
C VAL B 183 8.11 42.15 -49.00
N VAL B 184 8.70 41.91 -50.18
CA VAL B 184 8.46 42.71 -51.39
C VAL B 184 7.85 41.81 -52.45
N MET B 185 6.58 42.05 -52.75
CA MET B 185 5.76 41.09 -53.50
C MET B 185 5.34 41.59 -54.90
N LYS B 186 5.54 40.75 -55.92
CA LYS B 186 5.13 41.06 -57.29
C LYS B 186 3.98 40.15 -57.68
N VAL B 187 2.77 40.71 -57.67
CA VAL B 187 1.59 39.97 -58.07
C VAL B 187 1.47 39.93 -59.60
N ALA B 188 0.65 39.01 -60.10
CA ALA B 188 0.53 38.81 -61.53
C ALA B 188 -0.28 39.95 -62.14
N GLU B 189 0.13 40.40 -63.32
CA GLU B 189 -0.58 41.47 -64.07
C GLU B 189 -1.99 41.03 -64.45
N GLN B 190 -2.15 39.74 -64.76
CA GLN B 190 -3.44 39.14 -65.07
C GLN B 190 -4.40 39.13 -63.86
N THR B 191 -3.87 38.93 -62.65
CA THR B 191 -4.69 38.69 -61.44
C THR B 191 -4.22 39.48 -60.20
N PRO B 192 -3.98 40.80 -60.35
CA PRO B 192 -3.44 41.55 -59.24
C PRO B 192 -4.49 41.96 -58.21
N LEU B 193 -5.76 41.67 -58.47
CA LEU B 193 -6.84 42.26 -57.69
C LEU B 193 -6.97 41.69 -56.28
N THR B 194 -7.18 40.38 -56.16
CA THR B 194 -7.30 39.75 -54.84
C THR B 194 -6.08 40.04 -53.99
N ALA B 195 -4.90 39.73 -54.52
CA ALA B 195 -3.67 39.86 -53.77
C ALA B 195 -3.41 41.28 -53.25
N LEU B 196 -4.03 42.27 -53.89
CA LEU B 196 -3.98 43.66 -53.41
C LEU B 196 -5.04 43.96 -52.36
N TYR B 197 -6.17 43.24 -52.37
CA TYR B 197 -7.18 43.43 -51.32
C TYR B 197 -6.67 42.98 -49.94
N VAL B 198 -5.89 41.91 -49.94
CA VAL B 198 -5.41 41.31 -48.69
C VAL B 198 -4.48 42.27 -47.95
N ALA B 199 -3.77 43.12 -48.69
CA ALA B 199 -2.85 44.10 -48.08
C ALA B 199 -3.58 45.10 -47.20
N ASN B 200 -4.81 45.42 -47.60
CA ASN B 200 -5.65 46.34 -46.84
C ASN B 200 -6.00 45.70 -45.51
N LEU B 201 -6.28 44.40 -45.54
CA LEU B 201 -6.52 43.63 -44.32
C LEU B 201 -5.24 43.54 -43.48
N ILE B 202 -4.11 43.36 -44.13
CA ILE B 202 -2.83 43.32 -43.43
C ILE B 202 -2.66 44.60 -42.63
N LYS B 203 -3.02 45.74 -43.20
CA LYS B 203 -2.98 47.01 -42.47
C LYS B 203 -3.93 46.94 -41.29
N GLU B 204 -5.18 46.56 -41.55
CA GLU B 204 -6.18 46.48 -40.48
C GLU B 204 -5.72 45.57 -39.34
N ALA B 205 -5.23 44.37 -39.68
CA ALA B 205 -4.75 43.41 -38.66
C ALA B 205 -3.77 44.08 -37.71
N GLY B 206 -2.96 45.00 -38.24
CA GLY B 206 -2.04 45.79 -37.42
C GLY B 206 -0.57 45.55 -37.68
N PHE B 207 -0.25 44.79 -38.73
CA PHE B 207 1.13 44.55 -39.11
C PHE B 207 1.84 45.88 -39.27
N PRO B 208 3.01 46.07 -38.62
CA PRO B 208 3.68 47.33 -38.82
C PRO B 208 3.93 47.65 -40.30
N PRO B 209 4.15 48.95 -40.62
CA PRO B 209 4.36 49.41 -42.00
C PRO B 209 5.67 48.90 -42.62
N GLY B 210 5.58 48.40 -43.86
CA GLY B 210 6.72 47.93 -44.62
C GLY B 210 7.07 46.47 -44.38
N VAL B 211 6.30 45.79 -43.53
CA VAL B 211 6.54 44.38 -43.29
C VAL B 211 6.18 43.64 -44.57
N VAL B 212 4.99 43.94 -45.10
CA VAL B 212 4.59 43.46 -46.40
C VAL B 212 4.46 44.64 -47.35
N ASN B 213 4.96 44.46 -48.56
CA ASN B 213 4.85 45.46 -49.61
C ASN B 213 4.54 44.77 -50.92
N ILE B 214 3.63 45.34 -51.70
CA ILE B 214 3.13 44.68 -52.90
C ILE B 214 3.20 45.62 -54.12
N VAL B 215 3.76 45.11 -55.21
CA VAL B 215 3.97 45.91 -56.42
C VAL B 215 3.43 45.18 -57.68
N PRO B 216 2.23 45.57 -58.15
CA PRO B 216 1.81 45.02 -59.44
C PRO B 216 2.68 45.58 -60.56
N GLY B 217 3.04 44.75 -61.53
CA GLY B 217 3.87 45.16 -62.65
C GLY B 217 4.03 44.08 -63.71
N PHE B 218 5.18 44.10 -64.40
CA PHE B 218 5.43 43.20 -65.54
C PHE B 218 6.54 42.18 -65.27
N GLY B 219 6.47 41.05 -65.97
CA GLY B 219 7.48 39.99 -65.89
C GLY B 219 8.86 40.44 -66.33
N PRO B 220 8.94 41.13 -67.48
CA PRO B 220 10.21 41.70 -67.96
C PRO B 220 10.78 42.86 -67.11
N THR B 221 9.91 43.53 -66.34
CA THR B 221 10.29 44.72 -65.59
C THR B 221 10.34 44.47 -64.09
N ALA B 222 9.16 44.33 -63.47
CA ALA B 222 9.05 44.19 -62.03
C ALA B 222 9.76 42.92 -61.55
N GLY B 223 9.49 41.82 -62.26
CA GLY B 223 10.09 40.53 -61.94
C GLY B 223 11.58 40.63 -61.72
N ALA B 224 12.28 41.09 -62.76
CA ALA B 224 13.73 41.17 -62.75
C ALA B 224 14.28 42.36 -61.94
N ALA B 225 13.43 43.35 -61.64
CA ALA B 225 13.83 44.45 -60.76
C ALA B 225 14.03 43.92 -59.34
N ILE B 226 13.05 43.16 -58.85
CA ILE B 226 13.17 42.51 -57.56
C ILE B 226 14.37 41.58 -57.56
N ALA B 227 14.51 40.81 -58.64
CA ALA B 227 15.54 39.77 -58.70
C ALA B 227 16.95 40.34 -58.65
N SER B 228 17.11 41.62 -59.03
CA SER B 228 18.43 42.24 -59.18
C SER B 228 18.80 43.31 -58.14
N HIS B 229 17.95 43.53 -57.15
CA HIS B 229 18.22 44.61 -56.20
C HIS B 229 19.38 44.21 -55.30
N GLU B 230 20.29 45.16 -55.08
CA GLU B 230 21.43 44.96 -54.18
C GLU B 230 21.07 44.90 -52.67
N ASP B 231 19.78 44.94 -52.32
CA ASP B 231 19.35 45.02 -50.92
C ASP B 231 18.23 44.04 -50.61
N VAL B 232 18.05 43.08 -51.51
CA VAL B 232 17.06 42.01 -51.37
C VAL B 232 17.87 40.79 -51.00
N ASP B 233 17.65 40.28 -49.79
CA ASP B 233 18.47 39.18 -49.26
C ASP B 233 18.12 37.87 -49.97
N LYS B 234 16.89 37.79 -50.47
CA LYS B 234 16.33 36.52 -50.95
C LYS B 234 15.14 36.76 -51.89
N VAL B 235 14.99 35.85 -52.85
CA VAL B 235 13.91 35.94 -53.83
C VAL B 235 13.35 34.56 -54.11
N ALA B 236 12.03 34.45 -54.11
CA ALA B 236 11.35 33.20 -54.39
C ALA B 236 10.48 33.38 -55.61
N PHE B 237 10.78 32.61 -56.66
CA PHE B 237 10.01 32.64 -57.88
C PHE B 237 9.03 31.49 -57.89
N THR B 238 7.89 31.71 -58.56
CA THR B 238 6.93 30.66 -58.85
C THR B 238 6.39 30.91 -60.25
N GLY B 239 6.63 29.96 -61.17
CA GLY B 239 6.16 30.12 -62.55
C GLY B 239 6.58 28.98 -63.46
N SER B 240 7.40 29.28 -64.48
CA SER B 240 7.87 28.28 -65.45
C SER B 240 9.37 28.34 -65.62
N THR B 241 9.94 27.28 -66.22
CA THR B 241 11.40 27.08 -66.33
C THR B 241 12.12 28.24 -67.02
N GLU B 242 11.63 28.59 -68.21
CA GLU B 242 12.17 29.70 -68.98
C GLU B 242 12.32 30.95 -68.13
N ILE B 243 11.24 31.29 -67.42
CA ILE B 243 11.18 32.49 -66.59
C ILE B 243 12.00 32.30 -65.30
N GLY B 244 12.09 31.07 -64.81
CA GLY B 244 12.80 30.74 -63.58
C GLY B 244 14.32 30.72 -63.67
N ARG B 245 14.85 30.41 -64.84
CA ARG B 245 16.32 30.38 -65.05
C ARG B 245 16.92 31.77 -65.27
N VAL B 246 16.06 32.77 -65.49
CA VAL B 246 16.48 34.19 -65.52
C VAL B 246 16.70 34.69 -64.08
N ILE B 247 15.81 34.27 -63.18
CA ILE B 247 15.87 34.63 -61.76
C ILE B 247 17.17 34.13 -61.12
N GLN B 248 17.62 32.93 -61.46
CA GLN B 248 18.86 32.40 -60.87
C GLN B 248 20.10 33.18 -61.32
N VAL B 249 20.08 33.68 -62.56
CA VAL B 249 21.22 34.42 -63.13
C VAL B 249 21.32 35.84 -62.56
N ALA B 250 20.18 36.55 -62.54
CA ALA B 250 20.13 37.95 -62.10
C ALA B 250 20.42 38.12 -60.60
N ALA B 251 20.09 37.09 -59.80
CA ALA B 251 20.38 37.07 -58.37
C ALA B 251 21.88 36.95 -58.11
N GLY B 252 22.53 36.04 -58.82
CA GLY B 252 23.99 35.93 -58.79
C GLY B 252 24.66 37.18 -59.34
N SER B 253 24.09 37.73 -60.41
CA SER B 253 24.59 38.97 -61.01
C SER B 253 24.51 40.17 -60.07
N SER B 254 23.63 40.11 -59.07
CA SER B 254 23.43 41.23 -58.13
C SER B 254 24.25 41.06 -56.84
N ASN B 255 23.70 40.38 -55.84
CA ASN B 255 24.36 40.27 -54.52
C ASN B 255 24.30 38.86 -53.91
N LEU B 256 24.24 37.84 -54.77
CA LEU B 256 24.22 36.43 -54.34
C LEU B 256 23.08 36.09 -53.38
N LYS B 257 21.90 36.64 -53.63
CA LYS B 257 20.72 36.41 -52.80
C LYS B 257 20.25 34.95 -52.83
N ARG B 258 19.57 34.52 -51.77
CA ARG B 258 19.01 33.16 -51.70
C ARG B 258 17.84 33.02 -52.70
N VAL B 259 17.78 31.87 -53.38
CA VAL B 259 16.72 31.61 -54.34
C VAL B 259 16.00 30.28 -54.05
N THR B 260 14.67 30.35 -53.85
CA THR B 260 13.81 29.17 -53.91
C THR B 260 12.87 29.31 -55.11
N LEU B 261 12.46 28.18 -55.66
CA LEU B 261 11.66 28.16 -56.88
C LEU B 261 10.53 27.14 -56.82
N GLU B 262 9.47 27.43 -57.57
CA GLU B 262 8.38 26.50 -57.86
C GLU B 262 8.09 26.62 -59.36
N LEU B 263 8.34 25.56 -60.13
CA LEU B 263 8.18 25.59 -61.60
C LEU B 263 7.24 24.50 -62.13
N GLY B 264 7.03 24.48 -63.45
CA GLY B 264 6.11 23.53 -64.10
C GLY B 264 6.58 22.08 -64.06
N GLY B 265 5.75 21.19 -64.59
CA GLY B 265 6.07 19.76 -64.66
C GLY B 265 5.20 18.98 -65.64
N LYS B 266 5.54 17.72 -65.89
CA LYS B 266 4.71 16.85 -66.74
C LYS B 266 4.30 15.61 -65.96
N SER B 267 3.62 15.85 -64.84
CA SER B 267 3.39 14.88 -63.76
C SER B 267 2.68 13.60 -64.21
N PRO B 268 3.30 12.42 -63.99
CA PRO B 268 2.73 11.18 -64.48
C PRO B 268 1.75 10.49 -63.52
N ASN B 269 0.52 10.30 -63.98
CA ASN B 269 -0.53 9.69 -63.17
C ASN B 269 -0.75 8.24 -63.53
N ILE B 270 0.03 7.35 -62.92
CA ILE B 270 0.07 5.94 -63.25
C ILE B 270 -1.09 5.13 -62.64
N ILE B 271 -2.08 4.76 -63.47
CA ILE B 271 -3.17 3.88 -63.06
C ILE B 271 -2.85 2.38 -63.28
N MET B 272 -2.68 1.63 -62.19
CA MET B 272 -2.38 0.19 -62.25
C MET B 272 -3.65 -0.64 -62.51
N SER B 273 -3.47 -1.93 -62.67
CA SER B 273 -4.53 -2.83 -63.14
C SER B 273 -5.44 -3.28 -62.01
N ASP B 274 -4.85 -3.83 -60.96
CA ASP B 274 -5.59 -4.34 -59.82
C ASP B 274 -6.28 -3.25 -58.99
N ALA B 275 -6.35 -2.03 -59.55
CA ALA B 275 -6.92 -0.89 -58.86
C ALA B 275 -8.42 -0.83 -59.04
N ASP B 276 -9.06 0.04 -58.26
CA ASP B 276 -10.48 0.33 -58.47
C ASP B 276 -10.61 1.20 -59.71
N MET B 277 -11.74 1.08 -60.40
CA MET B 277 -11.95 1.76 -61.66
C MET B 277 -12.79 3.02 -61.49
N ASP B 278 -13.90 2.92 -60.74
CA ASP B 278 -14.75 4.09 -60.47
C ASP B 278 -13.93 5.24 -59.88
N TRP B 279 -13.12 4.92 -58.87
CA TRP B 279 -12.31 5.90 -58.14
C TRP B 279 -11.15 6.43 -58.98
N ALA B 280 -10.44 5.52 -59.66
CA ALA B 280 -9.30 5.88 -60.51
C ALA B 280 -9.71 6.80 -61.64
N VAL B 281 -10.81 6.48 -62.31
CA VAL B 281 -11.34 7.27 -63.42
C VAL B 281 -11.69 8.67 -62.95
N GLU B 282 -12.44 8.74 -61.86
CA GLU B 282 -12.89 10.02 -61.33
C GLU B 282 -11.71 10.87 -60.88
N GLN B 283 -10.74 10.22 -60.25
CA GLN B 283 -9.58 10.94 -59.71
C GLN B 283 -8.59 11.32 -60.81
N ALA B 284 -8.27 10.39 -61.69
CA ALA B 284 -7.46 10.71 -62.87
C ALA B 284 -8.09 11.87 -63.65
N HIS B 285 -9.41 11.93 -63.66
CA HIS B 285 -10.14 13.06 -64.26
C HIS B 285 -10.05 14.34 -63.41
N PHE B 286 -9.86 14.17 -62.10
CA PHE B 286 -9.64 15.31 -61.21
C PHE B 286 -8.22 15.88 -61.39
N ALA B 287 -7.26 14.97 -61.50
CA ALA B 287 -5.83 15.31 -61.58
C ALA B 287 -5.45 16.37 -62.61
N LEU B 288 -6.24 16.48 -63.68
CA LEU B 288 -5.91 17.40 -64.77
C LEU B 288 -6.87 18.57 -64.95
N PHE B 289 -8.16 18.27 -65.03
CA PHE B 289 -9.14 19.30 -65.38
C PHE B 289 -9.33 20.39 -64.31
N PHE B 290 -8.88 20.13 -63.08
CA PHE B 290 -9.09 21.09 -61.98
C PHE B 290 -8.50 22.47 -62.27
N ASN B 291 -9.22 23.50 -61.84
CA ASN B 291 -8.83 24.88 -62.00
C ASN B 291 -8.61 25.26 -63.47
N GLN B 292 -9.52 24.82 -64.33
CA GLN B 292 -9.37 24.97 -65.79
C GLN B 292 -8.05 24.43 -66.31
N GLY B 293 -7.56 23.35 -65.72
CA GLY B 293 -6.28 22.76 -66.13
C GLY B 293 -5.03 23.61 -65.93
N GLN B 294 -5.17 24.74 -65.23
CA GLN B 294 -4.06 25.63 -64.98
C GLN B 294 -3.44 25.24 -63.65
N CYS B 295 -2.51 24.29 -63.70
CA CYS B 295 -2.14 23.52 -62.53
C CYS B 295 -0.75 22.88 -62.64
N CYS B 296 0.21 23.42 -61.89
CA CYS B 296 1.63 23.09 -62.05
C CYS B 296 1.94 21.60 -62.03
N CYS B 297 1.28 20.86 -61.13
CA CYS B 297 1.52 19.42 -61.02
C CYS B 297 0.34 18.61 -61.53
N ALA B 298 -0.39 19.18 -62.49
CA ALA B 298 -1.47 18.49 -63.17
C ALA B 298 -0.98 17.17 -63.78
N GLY B 299 -1.80 16.12 -63.66
CA GLY B 299 -1.45 14.79 -64.15
C GLY B 299 -1.74 14.60 -65.64
N SER B 300 -0.69 14.60 -66.46
CA SER B 300 -0.81 14.52 -67.93
C SER B 300 0.11 13.45 -68.57
N ARG B 301 0.44 12.38 -67.85
CA ARG B 301 1.15 11.24 -68.44
C ARG B 301 0.68 9.94 -67.81
N THR B 302 -0.49 9.49 -68.26
CA THR B 302 -1.29 8.46 -67.61
C THR B 302 -0.97 7.03 -68.09
N PHE B 303 -0.06 6.35 -67.40
CA PHE B 303 0.39 5.01 -67.81
C PHE B 303 -0.53 3.88 -67.33
N VAL B 304 -1.43 3.41 -68.20
CA VAL B 304 -2.34 2.31 -67.84
C VAL B 304 -1.74 0.94 -68.25
N GLN B 305 -1.98 -0.08 -67.42
CA GLN B 305 -1.52 -1.45 -67.70
C GLN B 305 -2.41 -2.04 -68.81
N GLU B 306 -1.82 -2.81 -69.72
CA GLU B 306 -2.55 -3.35 -70.88
C GLU B 306 -3.55 -4.49 -70.58
N ASP B 307 -3.81 -4.73 -69.30
CA ASP B 307 -4.92 -5.58 -68.88
C ASP B 307 -6.23 -4.80 -68.79
N ILE B 308 -6.19 -3.47 -68.88
CA ILE B 308 -7.39 -2.65 -68.61
C ILE B 308 -7.58 -1.39 -69.46
N TYR B 309 -6.54 -0.94 -70.17
CA TYR B 309 -6.57 0.30 -70.97
C TYR B 309 -7.92 0.51 -71.62
N ASP B 310 -8.32 -0.42 -72.47
CA ASP B 310 -9.54 -0.28 -73.25
C ASP B 310 -10.66 0.09 -72.29
N GLU B 311 -10.89 -0.79 -71.32
CA GLU B 311 -12.03 -0.66 -70.43
C GLU B 311 -11.89 0.58 -69.54
N PHE B 312 -10.65 0.91 -69.19
CA PHE B 312 -10.37 2.14 -68.46
C PHE B 312 -10.66 3.36 -69.34
N VAL B 313 -10.05 3.37 -70.51
CA VAL B 313 -10.17 4.48 -71.47
C VAL B 313 -11.64 4.72 -71.85
N GLU B 314 -12.42 3.65 -71.92
CA GLU B 314 -13.85 3.77 -72.23
C GLU B 314 -14.53 4.76 -71.28
N ARG B 315 -14.57 4.44 -69.99
CA ARG B 315 -15.20 5.32 -68.96
C ARG B 315 -14.56 6.71 -68.90
N SER B 316 -13.27 6.78 -69.24
CA SER B 316 -12.52 8.02 -69.14
C SER B 316 -13.05 9.12 -70.06
N VAL B 317 -13.54 8.75 -71.24
CA VAL B 317 -14.04 9.71 -72.24
C VAL B 317 -15.44 10.21 -71.91
N ALA B 318 -16.31 9.31 -71.47
CA ALA B 318 -17.67 9.69 -71.11
C ALA B 318 -17.65 10.84 -70.10
N ARG B 319 -17.05 10.60 -68.93
CA ARG B 319 -16.97 11.61 -67.87
C ARG B 319 -16.38 12.91 -68.41
N ALA B 320 -15.32 12.81 -69.19
CA ALA B 320 -14.70 13.99 -69.80
C ALA B 320 -15.68 14.69 -70.72
N LYS B 321 -16.32 13.92 -71.60
CA LYS B 321 -17.36 14.43 -72.50
C LYS B 321 -18.47 15.16 -71.74
N SER B 322 -18.90 14.56 -70.63
CA SER B 322 -20.01 15.08 -69.84
C SER B 322 -19.62 16.25 -68.91
N ARG B 323 -18.32 16.54 -68.79
CA ARG B 323 -17.85 17.62 -67.93
C ARG B 323 -18.34 18.97 -68.42
N VAL B 324 -19.08 19.68 -67.56
CA VAL B 324 -19.72 20.94 -67.92
C VAL B 324 -18.71 22.07 -68.05
N VAL B 325 -18.90 22.90 -69.08
CA VAL B 325 -18.23 24.19 -69.21
C VAL B 325 -19.31 25.25 -69.01
N GLY B 326 -18.92 26.47 -68.64
CA GLY B 326 -19.89 27.57 -68.58
C GLY B 326 -19.53 28.79 -67.75
N ASN B 327 -20.55 29.59 -67.44
CA ASN B 327 -20.37 30.77 -66.60
C ASN B 327 -19.79 30.36 -65.26
N PRO B 328 -18.73 31.03 -64.81
CA PRO B 328 -18.10 30.64 -63.55
C PRO B 328 -18.97 30.88 -62.30
N PHE B 329 -19.97 31.76 -62.39
CA PHE B 329 -20.89 32.00 -61.27
C PHE B 329 -22.19 31.19 -61.34
N ASP B 330 -22.16 30.03 -62.00
CA ASP B 330 -23.29 29.09 -61.98
C ASP B 330 -22.83 27.81 -61.30
N SER B 331 -23.54 27.39 -60.24
CA SER B 331 -23.07 26.31 -59.35
C SER B 331 -22.84 24.98 -60.05
N LYS B 332 -23.52 24.75 -61.17
CA LYS B 332 -23.33 23.52 -61.94
C LYS B 332 -22.08 23.56 -62.82
N THR B 333 -21.47 24.74 -62.94
CA THR B 333 -20.24 24.91 -63.72
C THR B 333 -18.99 24.34 -63.01
N GLU B 334 -18.46 23.25 -63.57
CA GLU B 334 -17.20 22.67 -63.11
C GLU B 334 -15.99 23.40 -63.70
N GLN B 335 -16.11 23.81 -64.95
CA GLN B 335 -14.99 24.39 -65.67
C GLN B 335 -15.27 25.82 -66.13
N GLY B 336 -14.30 26.71 -65.93
CA GLY B 336 -14.40 28.09 -66.40
C GLY B 336 -13.53 28.33 -67.61
N PRO B 337 -13.27 29.62 -67.91
CA PRO B 337 -12.40 30.01 -69.00
C PRO B 337 -10.93 30.03 -68.60
N GLN B 338 -10.06 30.11 -69.59
CA GLN B 338 -8.63 30.31 -69.37
C GLN B 338 -8.43 31.78 -69.10
N VAL B 339 -7.26 32.13 -68.56
CA VAL B 339 -7.06 33.44 -67.92
C VAL B 339 -6.71 34.54 -68.93
N ASP B 340 -5.95 34.18 -69.97
CA ASP B 340 -5.48 35.15 -70.97
C ASP B 340 -5.46 34.61 -72.40
N GLU B 341 -5.30 35.52 -73.35
CA GLU B 341 -5.30 35.22 -74.77
C GLU B 341 -4.13 34.31 -75.14
N THR B 342 -2.94 34.66 -74.66
CA THR B 342 -1.74 33.92 -74.97
C THR B 342 -1.98 32.42 -74.76
N GLN B 343 -2.44 32.06 -73.56
CA GLN B 343 -2.69 30.66 -73.21
C GLN B 343 -3.73 30.01 -74.13
N PHE B 344 -4.80 30.73 -74.43
CA PHE B 344 -5.90 30.23 -75.26
C PHE B 344 -5.43 29.67 -76.62
N LYS B 345 -4.86 30.52 -77.46
CA LYS B 345 -4.35 30.09 -78.77
C LYS B 345 -3.14 29.15 -78.64
N LYS B 346 -2.43 29.25 -77.52
CA LYS B 346 -1.30 28.37 -77.22
C LYS B 346 -1.80 26.97 -76.88
N ILE B 347 -2.87 26.88 -76.09
CA ILE B 347 -3.50 25.61 -75.78
C ILE B 347 -4.12 24.99 -77.05
N LEU B 348 -4.74 25.83 -77.89
CA LEU B 348 -5.17 25.37 -79.22
C LEU B 348 -3.95 24.99 -80.07
N GLY B 349 -2.89 25.77 -79.97
CA GLY B 349 -1.62 25.48 -80.65
C GLY B 349 -1.00 24.16 -80.23
N TYR B 350 -1.16 23.81 -78.95
CA TYR B 350 -0.73 22.50 -78.45
C TYR B 350 -1.59 21.35 -78.99
N ILE B 351 -2.89 21.57 -79.11
CA ILE B 351 -3.84 20.53 -79.56
C ILE B 351 -3.45 20.00 -80.94
N ASN B 352 -3.46 20.90 -81.93
CA ASN B 352 -3.05 20.59 -83.31
C ASN B 352 -1.84 19.67 -83.39
N THR B 353 -0.76 20.02 -82.69
CA THR B 353 0.51 19.32 -82.77
C THR B 353 0.42 17.84 -82.34
N GLY B 354 -0.62 17.49 -81.59
CA GLY B 354 -0.80 16.13 -81.11
C GLY B 354 -1.20 15.16 -82.21
N LYS B 355 -2.44 15.30 -82.69
CA LYS B 355 -3.02 14.43 -83.72
C LYS B 355 -2.14 14.32 -84.97
N GLN B 356 -1.50 15.42 -85.33
CA GLN B 356 -0.55 15.50 -86.43
C GLN B 356 0.32 14.25 -86.52
N GLU B 357 0.97 13.90 -85.41
CA GLU B 357 1.96 12.82 -85.39
C GLU B 357 1.45 11.53 -84.72
N GLY B 358 0.16 11.26 -84.85
CA GLY B 358 -0.44 10.00 -84.39
C GLY B 358 -1.09 10.08 -83.02
N ALA B 359 -2.17 10.85 -82.92
CA ALA B 359 -2.91 10.99 -81.65
C ALA B 359 -4.42 11.10 -81.91
N LYS B 360 -5.20 10.18 -81.33
CA LYS B 360 -6.63 10.12 -81.56
C LYS B 360 -7.40 11.08 -80.65
N LEU B 361 -8.08 12.06 -81.26
CA LEU B 361 -8.92 13.03 -80.56
C LEU B 361 -10.28 12.43 -80.22
N LEU B 362 -10.57 12.27 -78.93
CA LEU B 362 -11.75 11.52 -78.46
C LEU B 362 -12.95 12.39 -78.05
N CYS B 363 -12.75 13.69 -77.84
CA CYS B 363 -13.87 14.63 -77.64
C CYS B 363 -13.43 16.10 -77.59
N GLY B 364 -14.41 17.00 -77.46
CA GLY B 364 -14.14 18.45 -77.34
C GLY B 364 -13.54 19.03 -78.60
N GLY B 365 -12.21 18.99 -78.70
CA GLY B 365 -11.49 19.39 -79.90
C GLY B 365 -10.96 20.82 -79.88
N GLY B 366 -11.85 21.78 -79.62
CA GLY B 366 -11.50 23.20 -79.72
C GLY B 366 -12.40 24.13 -78.90
N ILE B 367 -12.83 25.22 -79.54
CA ILE B 367 -13.36 26.39 -78.83
C ILE B 367 -14.75 26.15 -78.25
N ALA B 368 -14.86 26.28 -76.93
CA ALA B 368 -16.10 26.00 -76.21
C ALA B 368 -17.17 27.06 -76.41
N ALA B 369 -16.76 28.32 -76.54
CA ALA B 369 -17.69 29.44 -76.49
C ALA B 369 -17.37 30.52 -77.52
N ASP B 370 -18.40 31.27 -77.90
CA ASP B 370 -18.23 32.42 -78.79
C ASP B 370 -17.53 33.55 -78.04
N ARG B 371 -18.00 33.82 -76.82
CA ARG B 371 -17.50 34.93 -76.00
C ARG B 371 -16.59 34.42 -74.89
N GLY B 372 -15.31 34.80 -74.97
CA GLY B 372 -14.33 34.48 -73.94
C GLY B 372 -13.14 33.70 -74.46
N TYR B 373 -12.29 33.23 -73.52
CA TYR B 373 -11.15 32.39 -73.85
C TYR B 373 -11.43 30.92 -73.51
N PHE B 374 -12.71 30.55 -73.57
CA PHE B 374 -13.15 29.23 -73.16
C PHE B 374 -12.58 28.15 -74.07
N ILE B 375 -12.52 26.94 -73.54
CA ILE B 375 -12.06 25.77 -74.28
C ILE B 375 -12.90 24.57 -73.87
N GLN B 376 -13.35 23.78 -74.84
CA GLN B 376 -13.99 22.51 -74.57
C GLN B 376 -12.91 21.54 -74.10
N PRO B 377 -13.28 20.66 -73.15
CA PRO B 377 -12.31 19.70 -72.64
C PRO B 377 -11.92 18.74 -73.74
N THR B 378 -10.67 18.85 -74.18
CA THR B 378 -10.08 18.00 -75.19
C THR B 378 -9.42 16.79 -74.53
N VAL B 379 -9.48 15.64 -75.18
CA VAL B 379 -8.83 14.42 -74.67
C VAL B 379 -8.17 13.63 -75.81
N PHE B 380 -6.95 13.15 -75.57
CA PHE B 380 -6.19 12.33 -76.52
C PHE B 380 -6.07 10.91 -76.03
N GLY B 381 -5.74 10.00 -76.94
CA GLY B 381 -5.44 8.60 -76.63
C GLY B 381 -4.25 8.13 -77.44
N ASP B 382 -3.94 6.83 -77.39
CA ASP B 382 -2.86 6.23 -78.21
C ASP B 382 -1.51 6.95 -78.13
N VAL B 383 -1.35 7.82 -77.14
CA VAL B 383 -0.19 8.69 -77.07
C VAL B 383 1.05 7.84 -76.78
N GLN B 384 2.15 8.17 -77.46
CA GLN B 384 3.46 7.55 -77.23
C GLN B 384 4.34 8.61 -76.57
N ASP B 385 5.58 8.26 -76.25
CA ASP B 385 6.44 9.13 -75.44
C ASP B 385 6.96 10.35 -76.17
N GLY B 386 7.53 10.14 -77.37
CA GLY B 386 8.30 11.19 -78.05
C GLY B 386 7.54 12.32 -78.75
N MET B 387 6.29 12.57 -78.34
CA MET B 387 5.43 13.56 -79.00
C MET B 387 5.40 14.87 -78.24
N THR B 388 4.94 15.94 -78.90
CA THR B 388 4.83 17.28 -78.31
C THR B 388 3.82 17.32 -77.15
N ILE B 389 2.74 16.57 -77.33
CA ILE B 389 1.68 16.47 -76.31
C ILE B 389 2.07 15.74 -75.02
N ALA B 390 3.07 14.85 -75.09
CA ALA B 390 3.54 14.10 -73.91
C ALA B 390 4.98 14.50 -73.51
N LYS B 391 5.29 15.79 -73.69
CA LYS B 391 6.60 16.34 -73.32
C LYS B 391 6.54 17.78 -72.81
N GLU B 392 5.61 18.58 -73.33
CA GLU B 392 5.55 19.99 -73.00
C GLU B 392 4.26 20.28 -72.26
N GLU B 393 4.37 21.06 -71.19
CA GLU B 393 3.24 21.31 -70.29
C GLU B 393 2.26 22.32 -70.88
N ILE B 394 1.05 21.85 -71.15
CA ILE B 394 0.01 22.61 -71.86
C ILE B 394 -0.63 23.71 -70.99
N PHE B 395 -0.74 23.47 -69.69
CA PHE B 395 -1.44 24.37 -68.75
C PHE B 395 -2.89 24.64 -69.15
N GLY B 396 -3.58 23.60 -69.63
CA GLY B 396 -4.98 23.72 -70.01
C GLY B 396 -5.70 22.38 -70.01
N PRO B 397 -7.02 22.41 -70.26
CA PRO B 397 -7.89 21.22 -70.19
C PRO B 397 -7.66 20.28 -71.37
N VAL B 398 -6.53 19.59 -71.35
CA VAL B 398 -6.12 18.73 -72.47
C VAL B 398 -5.42 17.47 -71.96
N MET B 399 -6.19 16.40 -71.82
CA MET B 399 -5.66 15.13 -71.28
C MET B 399 -4.87 14.34 -72.30
N GLN B 400 -3.81 13.69 -71.84
CA GLN B 400 -3.09 12.70 -72.62
C GLN B 400 -3.26 11.36 -71.90
N ILE B 401 -3.37 10.28 -72.67
CA ILE B 401 -3.44 8.92 -72.11
C ILE B 401 -2.41 8.05 -72.80
N LEU B 402 -1.50 7.46 -72.02
CA LEU B 402 -0.48 6.53 -72.51
C LEU B 402 -0.76 5.11 -72.02
N LYS B 403 0.13 4.19 -72.34
CA LYS B 403 -0.09 2.76 -72.08
C LYS B 403 1.23 2.04 -71.84
N PHE B 404 1.26 1.16 -70.83
CA PHE B 404 2.46 0.40 -70.48
C PHE B 404 2.12 -1.05 -70.21
N LYS B 405 3.15 -1.87 -70.00
CA LYS B 405 2.98 -3.29 -69.62
C LYS B 405 3.52 -3.58 -68.22
N THR B 406 4.84 -3.78 -68.10
CA THR B 406 5.42 -4.30 -66.86
C THR B 406 5.74 -3.17 -65.89
N ILE B 407 6.05 -3.53 -64.64
CA ILE B 407 6.21 -2.53 -63.58
C ILE B 407 7.59 -1.85 -63.67
N GLU B 408 8.64 -2.59 -64.02
CA GLU B 408 9.97 -2.00 -64.30
C GLU B 408 9.91 -1.04 -65.49
N GLU B 409 9.18 -1.43 -66.53
CA GLU B 409 9.02 -0.61 -67.73
C GLU B 409 8.58 0.80 -67.37
N VAL B 410 7.39 0.92 -66.79
CA VAL B 410 6.75 2.23 -66.56
C VAL B 410 7.61 3.19 -65.73
N VAL B 411 8.43 2.64 -64.84
CA VAL B 411 9.34 3.45 -64.02
C VAL B 411 10.25 4.29 -64.91
N GLY B 412 11.08 3.63 -65.71
CA GLY B 412 11.95 4.31 -66.66
C GLY B 412 11.21 5.30 -67.54
N ARG B 413 9.99 4.95 -67.95
CA ARG B 413 9.16 5.86 -68.74
C ARG B 413 8.74 7.06 -67.89
N ALA B 414 8.31 6.77 -66.67
CA ALA B 414 7.87 7.81 -65.75
C ALA B 414 9.02 8.73 -65.38
N ASN B 415 10.20 8.14 -65.20
CA ASN B 415 11.43 8.88 -64.97
C ASN B 415 12.13 9.29 -66.28
N ASN B 416 11.35 9.84 -67.21
CA ASN B 416 11.92 10.41 -68.46
C ASN B 416 11.16 11.67 -68.89
N SER B 417 11.02 12.59 -67.95
CA SER B 417 10.59 13.96 -68.21
C SER B 417 11.61 14.89 -67.57
N THR B 418 11.92 16.01 -68.23
CA THR B 418 12.85 17.00 -67.68
C THR B 418 12.17 17.82 -66.56
N TYR B 419 11.42 17.13 -65.72
CA TYR B 419 10.58 17.72 -64.69
C TYR B 419 10.41 16.67 -63.57
N GLY B 420 9.45 16.89 -62.65
CA GLY B 420 9.17 15.92 -61.59
C GLY B 420 8.63 16.57 -60.33
N LEU B 421 7.52 17.28 -60.48
CA LEU B 421 6.92 18.05 -59.39
C LEU B 421 5.99 17.19 -58.55
N ALA B 422 5.25 16.30 -59.20
CA ALA B 422 4.36 15.35 -58.52
C ALA B 422 4.12 14.09 -59.36
N ALA B 423 3.51 13.09 -58.73
CA ALA B 423 3.15 11.84 -59.39
C ALA B 423 2.05 11.14 -58.58
N ALA B 424 1.58 10.00 -59.09
CA ALA B 424 0.49 9.26 -58.46
C ALA B 424 0.44 7.80 -58.85
N VAL B 425 -0.24 7.01 -58.02
CA VAL B 425 -0.24 5.55 -58.11
C VAL B 425 -1.59 5.03 -57.62
N PHE B 426 -2.46 4.64 -58.54
CA PHE B 426 -3.74 4.03 -58.19
C PHE B 426 -3.62 2.53 -58.26
N THR B 427 -3.56 1.90 -57.08
CA THR B 427 -3.44 0.47 -56.94
C THR B 427 -4.17 0.00 -55.67
N LYS B 428 -4.40 -1.31 -55.59
CA LYS B 428 -4.93 -1.95 -54.39
C LYS B 428 -3.83 -2.57 -53.59
N ASP B 429 -2.73 -2.92 -54.26
CA ASP B 429 -1.73 -3.82 -53.67
C ASP B 429 -0.59 -3.05 -53.04
N LEU B 430 -0.32 -3.43 -51.80
CA LEU B 430 0.73 -2.90 -50.95
C LEU B 430 2.09 -2.78 -51.64
N ASP B 431 2.49 -3.82 -52.37
CA ASP B 431 3.84 -3.87 -52.95
C ASP B 431 4.00 -2.94 -54.12
N LYS B 432 3.01 -2.90 -54.99
CA LYS B 432 2.98 -1.96 -56.10
C LYS B 432 2.90 -0.51 -55.61
N ALA B 433 2.35 -0.33 -54.41
CA ALA B 433 2.30 0.99 -53.80
C ALA B 433 3.69 1.39 -53.34
N ASN B 434 4.30 0.53 -52.54
CA ASN B 434 5.59 0.81 -51.92
C ASN B 434 6.72 0.86 -52.90
N TYR B 435 6.59 0.11 -54.00
CA TYR B 435 7.63 0.10 -55.00
C TYR B 435 7.57 1.42 -55.74
N LEU B 436 6.45 1.67 -56.42
CA LEU B 436 6.29 2.86 -57.25
C LEU B 436 6.52 4.20 -56.54
N SER B 437 6.09 4.32 -55.28
CA SER B 437 6.37 5.54 -54.51
C SER B 437 7.87 5.66 -54.15
N GLN B 438 8.57 4.53 -54.13
CA GLN B 438 9.95 4.43 -53.66
C GLN B 438 10.97 4.66 -54.78
N ALA B 439 10.50 4.67 -56.03
CA ALA B 439 11.39 4.73 -57.18
C ALA B 439 10.96 5.76 -58.23
N LEU B 440 9.76 6.32 -58.11
CA LEU B 440 9.39 7.47 -58.95
C LEU B 440 10.15 8.71 -58.48
N GLN B 441 10.65 9.52 -59.42
CA GLN B 441 11.36 10.73 -59.08
C GLN B 441 10.37 11.87 -59.08
N ALA B 442 9.96 12.29 -57.90
CA ALA B 442 8.94 13.33 -57.79
C ALA B 442 8.87 13.89 -56.37
N GLY B 443 8.51 15.16 -56.23
CA GLY B 443 8.45 15.82 -54.93
C GLY B 443 7.33 15.27 -54.07
N THR B 444 6.16 15.09 -54.67
CA THR B 444 5.07 14.46 -53.98
C THR B 444 4.60 13.23 -54.78
N VAL B 445 4.35 12.15 -54.07
CA VAL B 445 3.76 10.98 -54.66
C VAL B 445 2.44 10.63 -53.97
N TRP B 446 1.34 11.02 -54.58
CA TRP B 446 0.01 10.74 -54.09
C TRP B 446 -0.37 9.29 -54.41
N VAL B 447 -0.87 8.55 -53.42
CA VAL B 447 -1.34 7.19 -53.62
C VAL B 447 -2.87 7.13 -53.48
N ASN B 448 -3.53 6.59 -54.50
CA ASN B 448 -4.99 6.50 -54.59
C ASN B 448 -5.72 7.82 -54.40
N CYS B 449 -5.01 8.92 -54.61
CA CYS B 449 -5.61 10.23 -54.54
C CYS B 449 -4.81 11.16 -55.41
N TYR B 450 -5.21 12.42 -55.49
CA TYR B 450 -4.48 13.41 -56.26
C TYR B 450 -4.79 14.81 -55.75
N ASP B 451 -3.82 15.72 -55.94
CA ASP B 451 -3.93 17.12 -55.49
C ASP B 451 -4.36 17.20 -54.04
N VAL B 452 -3.87 16.29 -53.21
CA VAL B 452 -4.07 16.35 -51.77
C VAL B 452 -2.93 17.15 -51.18
N PHE B 453 -3.23 18.38 -50.77
CA PHE B 453 -2.26 19.22 -50.10
C PHE B 453 -2.80 19.42 -48.72
N GLY B 454 -1.99 19.11 -47.72
CA GLY B 454 -2.25 19.60 -46.39
C GLY B 454 -1.37 20.79 -46.22
N ALA B 455 -1.80 21.76 -45.41
CA ALA B 455 -0.94 22.87 -45.01
C ALA B 455 0.34 22.33 -44.31
N GLN B 456 0.24 21.10 -43.77
CA GLN B 456 1.34 20.46 -43.01
C GLN B 456 2.44 19.82 -43.87
N SER B 457 2.09 19.35 -45.06
CA SER B 457 3.00 18.52 -45.87
C SER B 457 3.79 19.33 -46.90
N PRO B 458 5.15 19.23 -46.87
CA PRO B 458 5.97 20.05 -47.77
C PRO B 458 5.67 19.84 -49.25
N PHE B 459 5.97 20.86 -50.07
CA PHE B 459 5.55 20.86 -51.47
C PHE B 459 6.49 21.65 -52.37
N GLY B 460 7.21 20.92 -53.23
CA GLY B 460 8.18 21.49 -54.18
C GLY B 460 8.82 20.37 -54.99
N GLY B 461 9.52 20.72 -56.07
CA GLY B 461 9.87 19.75 -57.12
C GLY B 461 11.29 19.23 -57.19
N TYR B 462 11.45 18.11 -57.90
CA TYR B 462 12.76 17.50 -58.18
C TYR B 462 13.41 18.13 -59.41
N LYS B 463 14.74 18.21 -59.37
CA LYS B 463 15.57 18.68 -60.50
C LYS B 463 15.21 20.11 -60.95
N MET B 464 14.58 20.24 -62.13
CA MET B 464 14.31 21.55 -62.74
C MET B 464 13.00 22.18 -62.26
N SER B 465 12.18 21.40 -61.55
CA SER B 465 10.86 21.87 -61.13
C SER B 465 10.94 22.87 -59.96
N GLY B 466 12.02 22.79 -59.16
CA GLY B 466 12.24 23.79 -58.09
C GLY B 466 13.31 23.43 -57.07
N SER B 467 13.73 24.45 -56.31
CA SER B 467 14.63 24.25 -55.17
C SER B 467 13.88 24.59 -53.87
N GLY B 468 14.12 23.79 -52.84
CA GLY B 468 13.35 23.90 -51.60
C GLY B 468 11.91 23.46 -51.75
N ARG B 469 11.21 23.39 -50.63
CA ARG B 469 9.81 22.97 -50.56
C ARG B 469 8.96 24.08 -49.94
N GLU B 470 7.66 24.08 -50.26
CA GLU B 470 6.68 24.99 -49.64
C GLU B 470 5.62 24.23 -48.86
N LEU B 471 5.27 24.77 -47.69
CA LEU B 471 4.47 24.09 -46.68
C LEU B 471 5.37 23.21 -45.79
N GLY B 472 4.81 22.74 -44.68
CA GLY B 472 5.54 21.95 -43.69
C GLY B 472 6.64 22.67 -42.91
N GLU B 473 7.35 21.90 -42.10
CA GLU B 473 8.52 22.39 -41.37
C GLU B 473 9.68 22.78 -42.31
N TYR B 474 9.59 22.35 -43.56
CA TYR B 474 10.66 22.59 -44.53
C TYR B 474 10.47 23.93 -45.24
N GLY B 475 9.25 24.45 -45.21
CA GLY B 475 8.97 25.80 -45.70
C GLY B 475 9.74 26.86 -44.92
N LEU B 476 10.05 26.58 -43.66
CA LEU B 476 10.67 27.58 -42.79
C LEU B 476 12.18 27.71 -43.02
N GLN B 477 12.79 26.70 -43.61
CA GLN B 477 14.25 26.70 -43.75
C GLN B 477 14.69 27.81 -44.69
N ALA B 478 14.01 27.89 -45.83
CA ALA B 478 14.30 28.89 -46.86
C ALA B 478 14.26 30.31 -46.32
N TYR B 479 13.39 30.53 -45.34
CA TYR B 479 13.17 31.85 -44.76
C TYR B 479 14.02 32.10 -43.51
N THR B 480 14.98 31.21 -43.26
CA THR B 480 15.73 31.24 -42.02
C THR B 480 17.24 31.32 -42.29
N GLU B 481 17.91 32.20 -41.53
CA GLU B 481 19.36 32.25 -41.46
C GLU B 481 19.86 31.63 -40.14
N VAL B 482 20.81 30.68 -40.22
CA VAL B 482 21.31 29.99 -39.06
C VAL B 482 22.61 30.61 -38.53
N LYS B 483 22.57 31.06 -37.29
CA LYS B 483 23.76 31.62 -36.66
C LYS B 483 24.19 30.76 -35.50
N THR B 484 25.49 30.50 -35.43
CA THR B 484 26.05 29.75 -34.38
C THR B 484 26.79 30.68 -33.43
N VAL B 485 26.52 30.55 -32.15
CA VAL B 485 27.32 31.23 -31.15
C VAL B 485 28.05 30.17 -30.36
N THR B 486 29.34 30.39 -30.16
CA THR B 486 30.19 29.47 -29.45
C THR B 486 30.94 30.22 -28.37
N VAL B 487 30.66 29.90 -27.10
CA VAL B 487 31.17 30.67 -25.97
C VAL B 487 32.19 29.86 -25.17
N LYS B 488 33.27 30.50 -24.77
CA LYS B 488 34.26 29.87 -23.92
C LYS B 488 33.68 29.80 -22.53
N VAL B 489 33.73 28.65 -21.89
CA VAL B 489 33.23 28.54 -20.51
C VAL B 489 34.34 28.07 -19.56
N PRO B 490 34.11 28.21 -18.24
CA PRO B 490 35.10 27.78 -17.25
C PRO B 490 35.48 26.29 -17.31
N GLN B 491 34.49 25.40 -17.27
CA GLN B 491 34.74 23.96 -17.25
C GLN B 491 33.54 23.14 -17.75
N LYS B 492 33.63 22.65 -18.99
CA LYS B 492 32.53 21.92 -19.63
C LYS B 492 32.26 20.57 -18.98
N ASN B 493 31.04 20.40 -18.47
CA ASN B 493 30.55 19.10 -18.00
C ASN B 493 29.39 18.64 -18.91
N SER B 494 28.81 17.49 -18.62
CA SER B 494 27.71 16.98 -19.44
C SER B 494 26.34 17.27 -18.82
N ALA C 1 29.59 -18.11 -42.76
CA ALA C 1 30.21 -17.06 -41.90
C ALA C 1 30.07 -17.42 -40.42
N VAL C 2 30.39 -18.66 -40.06
CA VAL C 2 30.24 -19.15 -38.67
C VAL C 2 31.39 -20.07 -38.23
N PRO C 3 32.27 -19.60 -37.31
CA PRO C 3 33.37 -20.40 -36.73
C PRO C 3 32.94 -21.58 -35.83
N ALA C 4 33.90 -22.22 -35.17
CA ALA C 4 33.66 -23.38 -34.30
C ALA C 4 33.90 -23.04 -32.82
N PRO C 5 33.08 -23.59 -31.91
CA PRO C 5 33.08 -23.15 -30.52
C PRO C 5 33.72 -24.10 -29.49
N ASN C 6 34.51 -23.55 -28.58
CA ASN C 6 34.92 -24.25 -27.36
C ASN C 6 33.73 -24.41 -26.40
N GLN C 7 33.24 -25.64 -26.27
CA GLN C 7 31.95 -25.93 -25.63
C GLN C 7 32.02 -26.15 -24.10
N GLN C 8 33.14 -25.78 -23.50
CA GLN C 8 33.23 -25.53 -22.05
C GLN C 8 34.31 -24.47 -21.89
N PRO C 9 34.07 -23.27 -22.44
CA PRO C 9 35.11 -22.29 -22.58
C PRO C 9 35.43 -21.61 -21.25
N GLU C 10 36.70 -21.32 -21.04
CA GLU C 10 37.20 -20.91 -19.73
C GLU C 10 36.46 -19.69 -19.18
N VAL C 11 35.92 -19.85 -17.97
CA VAL C 11 35.25 -18.75 -17.29
C VAL C 11 36.31 -17.92 -16.55
N PHE C 12 36.62 -16.76 -17.10
CA PHE C 12 37.55 -15.81 -16.46
C PHE C 12 36.83 -14.85 -15.50
N CYS C 13 35.50 -14.79 -15.61
CA CYS C 13 34.69 -13.74 -14.98
C CYS C 13 33.41 -14.28 -14.34
N ASN C 14 33.38 -14.30 -13.00
CA ASN C 14 32.20 -14.72 -12.26
C ASN C 14 31.98 -14.00 -10.92
N GLN C 15 32.52 -12.79 -10.80
CA GLN C 15 32.44 -12.02 -9.55
C GLN C 15 31.66 -10.71 -9.74
N ILE C 16 31.55 -9.91 -8.67
CA ILE C 16 30.99 -8.57 -8.74
C ILE C 16 32.00 -7.61 -9.42
N PHE C 17 31.47 -6.65 -10.19
CA PHE C 17 32.31 -5.76 -11.03
C PHE C 17 32.11 -4.32 -10.62
N ILE C 18 33.01 -3.82 -9.77
CA ILE C 18 32.96 -2.45 -9.31
C ILE C 18 34.33 -1.80 -9.53
N ASN C 19 34.30 -0.60 -10.12
CA ASN C 19 35.50 0.21 -10.38
C ASN C 19 36.52 -0.52 -11.25
N ASN C 20 36.02 -1.17 -12.30
CA ASN C 20 36.86 -1.95 -13.21
C ASN C 20 37.70 -2.99 -12.46
N GLU C 21 37.21 -3.47 -11.32
CA GLU C 21 37.88 -4.50 -10.56
C GLU C 21 36.86 -5.48 -9.97
N TRP C 22 37.34 -6.68 -9.63
CA TRP C 22 36.48 -7.78 -9.22
C TRP C 22 36.39 -7.93 -7.70
N HIS C 23 35.26 -8.48 -7.25
CA HIS C 23 34.99 -8.63 -5.82
C HIS C 23 34.16 -9.87 -5.50
N ASP C 24 34.33 -10.37 -4.27
CA ASP C 24 33.41 -11.32 -3.67
C ASP C 24 32.30 -10.52 -3.00
N ALA C 25 31.24 -11.20 -2.55
CA ALA C 25 30.17 -10.55 -1.79
C ALA C 25 30.65 -10.21 -0.39
N VAL C 26 30.06 -9.20 0.23
CA VAL C 26 30.41 -8.83 1.60
C VAL C 26 30.06 -9.98 2.56
N SER C 27 29.02 -10.73 2.21
CA SER C 27 28.63 -11.93 2.94
C SER C 27 29.53 -13.13 2.62
N ARG C 28 30.17 -13.11 1.46
CA ARG C 28 30.98 -14.23 0.94
C ARG C 28 30.13 -15.43 0.49
N LYS C 29 28.84 -15.22 0.25
CA LYS C 29 27.99 -16.27 -0.33
C LYS C 29 28.25 -16.39 -1.83
N THR C 30 27.78 -17.49 -2.40
CA THR C 30 27.84 -17.74 -3.85
C THR C 30 26.59 -18.51 -4.29
N PHE C 31 26.38 -18.63 -5.59
CA PHE C 31 25.31 -19.48 -6.11
C PHE C 31 25.75 -20.08 -7.45
N PRO C 32 25.13 -21.20 -7.87
CA PRO C 32 25.54 -21.85 -9.11
C PRO C 32 24.71 -21.39 -10.31
N THR C 33 25.31 -21.42 -11.50
CA THR C 33 24.58 -21.17 -12.74
C THR C 33 24.64 -22.42 -13.61
N VAL C 34 23.48 -22.83 -14.13
CA VAL C 34 23.32 -24.15 -14.74
C VAL C 34 23.32 -24.10 -16.26
N ASN C 35 23.82 -25.17 -16.87
CA ASN C 35 23.75 -25.40 -18.32
C ASN C 35 22.38 -26.03 -18.55
N PRO C 36 21.56 -25.46 -19.47
CA PRO C 36 20.23 -26.02 -19.77
C PRO C 36 20.21 -27.23 -20.71
N SER C 37 21.24 -27.38 -21.55
CA SER C 37 21.47 -28.64 -22.25
C SER C 37 21.69 -29.81 -21.30
N THR C 38 22.44 -29.63 -20.22
CA THR C 38 22.87 -30.76 -19.36
C THR C 38 22.32 -30.80 -17.93
N GLY C 39 22.16 -29.62 -17.31
CA GLY C 39 21.71 -29.53 -15.92
C GLY C 39 22.84 -29.49 -14.90
N GLU C 40 24.09 -29.54 -15.36
CA GLU C 40 25.24 -29.52 -14.46
C GLU C 40 25.63 -28.10 -14.11
N VAL C 41 26.34 -27.95 -13.01
CA VAL C 41 26.83 -26.65 -12.54
C VAL C 41 28.05 -26.19 -13.37
N ILE C 42 27.87 -25.10 -14.12
CA ILE C 42 28.94 -24.52 -14.94
C ILE C 42 30.00 -23.84 -14.05
N CYS C 43 29.56 -23.23 -12.96
CA CYS C 43 30.46 -22.56 -11.99
C CYS C 43 29.67 -21.88 -10.90
N GLN C 44 30.39 -21.35 -9.92
CA GLN C 44 29.82 -20.52 -8.88
C GLN C 44 29.95 -19.05 -9.31
N VAL C 45 29.04 -18.22 -8.79
CA VAL C 45 28.98 -16.78 -9.07
C VAL C 45 28.58 -16.08 -7.77
N ALA C 46 29.28 -15.00 -7.41
CA ALA C 46 29.05 -14.30 -6.14
C ALA C 46 27.62 -13.73 -5.98
N GLU C 47 27.11 -13.81 -4.77
CA GLU C 47 25.72 -13.49 -4.48
C GLU C 47 25.63 -12.15 -3.76
N GLY C 48 25.43 -11.08 -4.53
CA GLY C 48 25.33 -9.73 -3.96
C GLY C 48 24.03 -9.50 -3.21
N ASP C 49 23.98 -8.41 -2.45
CA ASP C 49 22.79 -8.03 -1.70
C ASP C 49 22.84 -6.54 -1.36
N LYS C 50 21.81 -6.08 -0.64
CA LYS C 50 21.71 -4.70 -0.17
C LYS C 50 23.06 -4.05 0.14
N GLU C 51 23.96 -4.80 0.78
CA GLU C 51 25.27 -4.30 1.16
C GLU C 51 26.17 -3.97 -0.03
N ASP C 52 26.20 -4.85 -1.02
CA ASP C 52 27.10 -4.69 -2.16
C ASP C 52 26.55 -3.62 -3.08
N VAL C 53 25.27 -3.76 -3.42
CA VAL C 53 24.58 -2.74 -4.20
C VAL C 53 24.91 -1.36 -3.64
N ASP C 54 24.76 -1.22 -2.32
CA ASP C 54 25.04 0.07 -1.67
C ASP C 54 26.49 0.55 -1.88
N LYS C 55 27.41 -0.38 -2.14
CA LYS C 55 28.78 -0.03 -2.51
C LYS C 55 28.91 0.31 -4.00
N ALA C 56 28.10 -0.33 -4.83
CA ALA C 56 28.09 -0.01 -6.26
C ALA C 56 27.59 1.42 -6.47
N VAL C 57 26.40 1.71 -5.96
CA VAL C 57 25.85 3.05 -6.08
C VAL C 57 26.90 4.11 -5.69
N LYS C 58 27.60 3.90 -4.57
CA LYS C 58 28.62 4.83 -4.09
C LYS C 58 29.83 4.97 -5.03
N ALA C 59 30.12 3.94 -5.83
CA ALA C 59 31.13 4.08 -6.88
C ALA C 59 30.51 4.81 -8.09
N ALA C 60 29.33 4.37 -8.50
CA ALA C 60 28.58 5.04 -9.58
C ALA C 60 28.41 6.53 -9.29
N ARG C 61 27.99 6.88 -8.06
CA ARG C 61 27.90 8.30 -7.68
C ARG C 61 29.20 9.08 -7.87
N ALA C 62 30.35 8.49 -7.50
CA ALA C 62 31.62 9.26 -7.50
C ALA C 62 32.18 9.46 -8.90
N ALA C 63 31.93 8.51 -9.79
CA ALA C 63 32.29 8.65 -11.20
C ALA C 63 31.37 9.67 -11.87
N PHE C 64 30.22 9.95 -11.26
CA PHE C 64 29.27 10.95 -11.79
C PHE C 64 29.44 12.32 -11.12
N GLN C 65 30.47 12.50 -10.30
CA GLN C 65 30.71 13.79 -9.63
C GLN C 65 31.12 14.88 -10.62
N LEU C 66 30.49 16.04 -10.50
CA LEU C 66 30.81 17.18 -11.36
C LEU C 66 32.32 17.41 -11.30
N GLY C 67 32.93 17.56 -12.46
CA GLY C 67 34.38 17.64 -12.57
C GLY C 67 35.15 16.31 -12.60
N SER C 68 34.45 15.17 -12.52
CA SER C 68 35.09 13.85 -12.70
C SER C 68 35.51 13.56 -14.15
N PRO C 69 36.34 12.53 -14.36
CA PRO C 69 36.74 12.16 -15.72
C PRO C 69 35.58 11.83 -16.69
N TRP C 70 34.58 11.10 -16.23
CA TRP C 70 33.43 10.74 -17.06
C TRP C 70 32.55 11.94 -17.40
N ARG C 71 32.35 12.83 -16.43
CA ARG C 71 31.56 14.05 -16.65
C ARG C 71 32.23 15.03 -17.60
N ARG C 72 33.51 15.32 -17.39
CA ARG C 72 34.25 16.30 -18.23
C ARG C 72 34.67 15.79 -19.62
N MET C 73 34.45 14.51 -19.88
CA MET C 73 34.90 13.87 -21.11
C MET C 73 34.07 14.40 -22.28
N ASP C 74 34.67 14.56 -23.44
CA ASP C 74 33.91 15.05 -24.61
C ASP C 74 32.78 14.08 -24.96
N ALA C 75 31.72 14.62 -25.52
CA ALA C 75 30.61 13.79 -25.96
C ALA C 75 31.05 12.87 -27.09
N SER C 76 31.92 13.37 -27.95
CA SER C 76 32.43 12.56 -29.04
C SER C 76 33.27 11.40 -28.50
N HIS C 77 33.87 11.58 -27.31
CA HIS C 77 34.74 10.55 -26.78
C HIS C 77 33.94 9.33 -26.27
N ARG C 78 32.81 9.60 -25.61
CA ARG C 78 31.91 8.54 -25.15
C ARG C 78 31.55 7.63 -26.33
N GLY C 79 31.39 8.25 -27.51
CA GLY C 79 31.15 7.54 -28.76
C GLY C 79 32.32 6.66 -29.15
N ARG C 80 33.54 7.17 -28.97
CA ARG C 80 34.77 6.40 -29.25
C ARG C 80 34.93 5.19 -28.31
N LEU C 81 34.55 5.37 -27.04
CA LEU C 81 34.59 4.25 -26.10
C LEU C 81 33.56 3.17 -26.44
N LEU C 82 32.38 3.58 -26.89
CA LEU C 82 31.35 2.64 -27.31
C LEU C 82 31.78 1.93 -28.60
N ASN C 83 32.31 2.68 -29.56
CA ASN C 83 32.75 2.09 -30.83
C ASN C 83 33.90 1.11 -30.64
N ARG C 84 34.79 1.44 -29.70
CA ARG C 84 35.88 0.54 -29.30
C ARG C 84 35.30 -0.76 -28.74
N LEU C 85 34.39 -0.62 -27.78
CA LEU C 85 33.75 -1.80 -27.19
C LEU C 85 33.18 -2.73 -28.28
N ALA C 86 32.39 -2.20 -29.19
CA ALA C 86 31.91 -2.97 -30.33
C ALA C 86 33.04 -3.74 -31.06
N ASP C 87 34.19 -3.10 -31.24
CA ASP C 87 35.36 -3.73 -31.85
C ASP C 87 35.97 -4.85 -31.02
N LEU C 88 35.89 -4.74 -29.70
CA LEU C 88 36.39 -5.78 -28.82
C LEU C 88 35.44 -6.98 -28.81
N ILE C 89 34.15 -6.72 -28.66
CA ILE C 89 33.15 -7.78 -28.70
C ILE C 89 33.22 -8.54 -30.03
N GLU C 90 33.55 -7.83 -31.11
CA GLU C 90 33.72 -8.49 -32.41
C GLU C 90 34.97 -9.39 -32.43
N ARG C 91 35.99 -9.06 -31.61
CA ARG C 91 37.22 -9.85 -31.47
C ARG C 91 37.06 -11.06 -30.55
N ASP C 92 36.08 -11.03 -29.65
CA ASP C 92 35.75 -12.19 -28.83
C ASP C 92 34.34 -12.68 -29.15
N ARG C 93 33.84 -12.32 -30.34
CA ARG C 93 32.50 -12.70 -30.81
C ARG C 93 32.30 -14.20 -30.82
N THR C 94 33.38 -14.95 -31.07
CA THR C 94 33.34 -16.41 -31.15
C THR C 94 33.28 -17.03 -29.76
N TYR C 95 34.10 -16.55 -28.84
CA TYR C 95 34.01 -16.97 -27.44
C TYR C 95 32.66 -16.56 -26.85
N LEU C 96 32.12 -15.42 -27.30
CA LEU C 96 30.84 -14.92 -26.79
C LEU C 96 29.63 -15.64 -27.39
N ALA C 97 29.66 -15.91 -28.69
CA ALA C 97 28.56 -16.65 -29.31
C ALA C 97 28.46 -18.08 -28.77
N ALA C 98 29.58 -18.62 -28.28
CA ALA C 98 29.62 -19.93 -27.66
C ALA C 98 29.14 -19.88 -26.21
N LEU C 99 29.77 -19.03 -25.40
CA LEU C 99 29.35 -18.84 -24.01
C LEU C 99 27.88 -18.36 -23.87
N GLU C 100 27.34 -17.71 -24.90
CA GLU C 100 25.90 -17.41 -24.95
C GLU C 100 25.10 -18.71 -25.15
N THR C 101 25.38 -19.42 -26.24
CA THR C 101 24.77 -20.72 -26.53
C THR C 101 24.89 -21.71 -25.36
N LEU C 102 25.99 -21.65 -24.61
CA LEU C 102 26.22 -22.57 -23.49
C LEU C 102 25.30 -22.36 -22.29
N ASP C 103 25.18 -21.12 -21.84
CA ASP C 103 24.53 -20.80 -20.56
C ASP C 103 23.03 -20.51 -20.72
N ASN C 104 22.64 -19.99 -21.89
CA ASN C 104 21.24 -19.67 -22.17
C ASN C 104 20.54 -20.85 -22.81
N GLY C 105 21.17 -21.39 -23.85
CA GLY C 105 20.67 -22.61 -24.51
C GLY C 105 20.44 -22.56 -26.01
N LYS C 106 20.30 -21.36 -26.59
CA LYS C 106 19.95 -21.24 -28.00
C LYS C 106 21.05 -21.76 -28.95
N PRO C 107 20.67 -22.10 -30.20
CA PRO C 107 21.60 -22.54 -31.25
C PRO C 107 22.76 -21.59 -31.59
N TYR C 108 23.99 -22.07 -31.37
CA TYR C 108 25.22 -21.35 -31.73
C TYR C 108 25.08 -20.54 -33.01
N VAL C 109 24.52 -21.14 -34.05
CA VAL C 109 24.32 -20.43 -35.31
C VAL C 109 23.50 -19.16 -35.12
N ILE C 110 22.35 -19.28 -34.46
CA ILE C 110 21.51 -18.12 -34.19
C ILE C 110 22.23 -17.13 -33.23
N SER C 111 22.99 -17.65 -32.29
CA SER C 111 23.72 -16.83 -31.33
C SER C 111 24.74 -15.92 -32.04
N TYR C 112 25.50 -16.50 -32.96
CA TYR C 112 26.60 -15.80 -33.63
C TYR C 112 26.10 -14.85 -34.71
N LEU C 113 25.20 -15.35 -35.57
CA LEU C 113 24.74 -14.59 -36.75
C LEU C 113 23.60 -13.61 -36.47
N VAL C 114 22.84 -13.84 -35.40
CA VAL C 114 21.74 -12.93 -35.03
C VAL C 114 22.12 -12.09 -33.80
N ASP C 115 22.23 -12.72 -32.64
CA ASP C 115 22.43 -11.99 -31.38
C ASP C 115 23.58 -11.00 -31.47
N LEU C 116 24.80 -11.50 -31.60
CA LEU C 116 25.97 -10.62 -31.54
C LEU C 116 26.05 -9.64 -32.69
N ASP C 117 25.48 -9.99 -33.85
CA ASP C 117 25.42 -9.07 -34.97
C ASP C 117 24.54 -7.86 -34.65
N MET C 118 23.42 -8.12 -33.98
CA MET C 118 22.55 -7.08 -33.47
C MET C 118 23.22 -6.32 -32.31
N VAL C 119 24.01 -7.01 -31.48
CA VAL C 119 24.70 -6.37 -30.35
C VAL C 119 25.74 -5.37 -30.87
N LEU C 120 26.43 -5.76 -31.93
CA LEU C 120 27.41 -4.86 -32.55
C LEU C 120 26.73 -3.71 -33.26
N LYS C 121 25.61 -4.00 -33.93
CA LYS C 121 24.84 -2.92 -34.57
C LYS C 121 24.24 -1.95 -33.54
N CYS C 122 23.87 -2.47 -32.37
CA CYS C 122 23.30 -1.68 -31.30
C CYS C 122 24.32 -0.70 -30.75
N LEU C 123 25.52 -1.21 -30.48
CA LEU C 123 26.56 -0.41 -29.84
C LEU C 123 27.13 0.65 -30.76
N ARG C 124 27.16 0.38 -32.06
CA ARG C 124 27.72 1.33 -33.03
C ARG C 124 26.71 2.40 -33.44
N TYR C 125 25.43 2.02 -33.40
CA TYR C 125 24.35 2.96 -33.57
C TYR C 125 24.39 4.05 -32.46
N TYR C 126 24.42 3.58 -31.22
CA TYR C 126 24.41 4.46 -30.04
C TYR C 126 25.72 5.23 -29.86
N ALA C 127 26.84 4.65 -30.29
CA ALA C 127 28.10 5.41 -30.42
C ALA C 127 27.85 6.75 -31.09
N GLY C 128 27.24 6.71 -32.27
CA GLY C 128 26.95 7.92 -33.04
C GLY C 128 26.03 8.95 -32.38
N TRP C 129 25.10 8.51 -31.51
CA TRP C 129 24.18 9.46 -30.84
C TRP C 129 24.89 10.33 -29.81
N ALA C 130 26.04 9.86 -29.34
CA ALA C 130 26.69 10.46 -28.19
C ALA C 130 26.82 11.98 -28.30
N ASP C 131 27.36 12.46 -29.43
CA ASP C 131 27.47 13.91 -29.68
C ASP C 131 26.38 14.46 -30.62
N LYS C 132 25.16 13.92 -30.54
CA LYS C 132 24.08 14.35 -31.45
C LYS C 132 22.70 14.58 -30.82
N TYR C 133 22.57 14.57 -29.48
CA TYR C 133 21.24 14.72 -28.88
C TYR C 133 20.95 16.15 -28.42
N HIS C 134 20.83 17.04 -29.39
CA HIS C 134 20.74 18.48 -29.14
C HIS C 134 19.63 18.91 -28.17
N GLY C 135 19.91 19.97 -27.42
CA GLY C 135 18.84 20.73 -26.78
C GLY C 135 18.37 21.74 -27.80
N LYS C 136 17.56 22.68 -27.33
CA LYS C 136 16.87 23.64 -28.16
C LYS C 136 17.15 25.08 -27.75
N THR C 137 16.99 26.04 -28.68
CA THR C 137 16.92 27.49 -28.33
C THR C 137 15.52 27.93 -28.64
N ILE C 138 14.91 28.65 -27.69
CA ILE C 138 13.47 28.85 -27.68
C ILE C 138 13.08 30.34 -27.75
N PRO C 139 12.25 30.73 -28.73
CA PRO C 139 11.90 32.15 -28.89
C PRO C 139 10.79 32.60 -27.93
N ILE C 140 11.08 32.60 -26.63
CA ILE C 140 10.16 33.05 -25.57
C ILE C 140 9.68 34.50 -25.74
N ASP C 141 8.55 34.84 -25.10
CA ASP C 141 8.08 36.24 -24.97
C ASP C 141 9.08 37.08 -24.21
N GLY C 142 9.08 38.39 -24.46
CA GLY C 142 9.92 39.34 -23.71
C GLY C 142 11.38 39.32 -24.09
N ASP C 143 12.17 40.14 -23.39
CA ASP C 143 13.60 40.30 -23.64
C ASP C 143 14.41 39.25 -22.90
N PHE C 144 14.25 38.01 -23.33
CA PHE C 144 14.98 36.90 -22.75
C PHE C 144 15.59 36.03 -23.85
N PHE C 145 16.59 35.25 -23.46
CA PHE C 145 17.20 34.24 -24.30
C PHE C 145 17.01 32.97 -23.49
N SER C 146 16.31 32.00 -24.07
CA SER C 146 15.95 30.78 -23.37
C SER C 146 16.40 29.58 -24.20
N TYR C 147 17.07 28.64 -23.55
CA TYR C 147 17.53 27.41 -24.18
C TYR C 147 17.41 26.24 -23.20
N THR C 148 17.56 25.01 -23.71
CA THR C 148 17.57 23.81 -22.88
C THR C 148 18.87 23.05 -23.03
N ARG C 149 19.23 22.33 -21.98
CA ARG C 149 20.34 21.37 -21.96
C ARG C 149 19.78 19.99 -21.67
N HIS C 150 20.17 19.01 -22.48
CA HIS C 150 19.82 17.61 -22.24
C HIS C 150 20.92 17.00 -21.37
N GLU C 151 20.65 16.82 -20.08
CA GLU C 151 21.69 16.38 -19.14
C GLU C 151 21.41 14.95 -18.72
N PRO C 152 22.44 14.19 -18.31
CA PRO C 152 22.18 12.83 -17.87
C PRO C 152 21.35 12.82 -16.59
N VAL C 153 20.58 11.77 -16.39
CA VAL C 153 19.73 11.64 -15.19
C VAL C 153 20.53 11.25 -13.94
N GLY C 154 21.63 10.52 -14.13
CA GLY C 154 22.49 10.14 -13.00
C GLY C 154 22.82 8.66 -12.93
N VAL C 155 22.69 8.09 -11.72
CA VAL C 155 22.96 6.68 -11.48
C VAL C 155 21.71 5.91 -11.87
N CYS C 156 21.86 4.97 -12.80
CA CYS C 156 20.72 4.23 -13.32
C CYS C 156 20.85 2.75 -13.00
N GLY C 157 19.96 2.27 -12.13
CA GLY C 157 19.89 0.86 -11.83
C GLY C 157 19.24 0.13 -12.98
N GLN C 158 19.94 -0.84 -13.55
CA GLN C 158 19.41 -1.57 -14.69
C GLN C 158 19.33 -3.05 -14.39
N ILE C 159 18.19 -3.65 -14.71
CA ILE C 159 17.93 -5.03 -14.37
C ILE C 159 17.50 -5.73 -15.65
N ILE C 160 18.21 -6.81 -16.02
CA ILE C 160 18.00 -7.44 -17.32
C ILE C 160 17.68 -8.96 -17.25
N PRO C 161 16.88 -9.46 -18.22
CA PRO C 161 16.35 -10.82 -18.17
C PRO C 161 17.30 -11.84 -18.81
N TRP C 162 16.87 -13.10 -18.83
CA TRP C 162 17.74 -14.23 -19.20
C TRP C 162 17.56 -14.72 -20.63
N ASN C 163 16.64 -14.12 -21.38
CA ASN C 163 16.31 -14.60 -22.72
C ASN C 163 17.20 -14.05 -23.85
N PHE C 164 17.77 -12.88 -23.64
CA PHE C 164 18.78 -12.34 -24.55
C PHE C 164 19.80 -11.57 -23.73
N PRO C 165 20.54 -12.26 -22.85
CA PRO C 165 21.36 -11.63 -21.79
C PRO C 165 22.54 -10.78 -22.25
N LEU C 166 23.00 -10.97 -23.49
CA LEU C 166 23.98 -10.05 -24.09
C LEU C 166 23.24 -8.87 -24.71
N LEU C 167 22.38 -9.17 -25.67
CA LEU C 167 21.63 -8.14 -26.38
C LEU C 167 20.88 -7.23 -25.40
N MET C 168 20.26 -7.81 -24.36
CA MET C 168 19.57 -7.01 -23.36
C MET C 168 20.54 -6.08 -22.67
N GLN C 169 21.74 -6.58 -22.39
CA GLN C 169 22.81 -5.79 -21.78
C GLN C 169 23.14 -4.59 -22.68
N ALA C 170 23.30 -4.85 -23.97
CA ALA C 170 23.65 -3.80 -24.93
C ALA C 170 22.53 -2.75 -25.14
N TRP C 171 21.27 -3.20 -25.17
CA TRP C 171 20.11 -2.32 -25.30
C TRP C 171 19.99 -1.30 -24.16
N LYS C 172 20.56 -1.65 -23.00
CA LYS C 172 20.51 -0.79 -21.82
C LYS C 172 21.73 0.11 -21.75
N LEU C 173 22.91 -0.48 -21.95
CA LEU C 173 24.17 0.25 -21.83
C LEU C 173 24.36 1.28 -22.95
N GLY C 174 23.91 0.92 -24.14
CA GLY C 174 24.01 1.82 -25.29
C GLY C 174 23.49 3.22 -24.97
N PRO C 175 22.18 3.34 -24.68
CA PRO C 175 21.58 4.65 -24.40
C PRO C 175 22.16 5.33 -23.18
N ALA C 176 22.31 4.56 -22.10
CA ALA C 176 22.74 5.10 -20.80
C ALA C 176 24.07 5.83 -20.84
N LEU C 177 25.05 5.25 -21.55
CA LEU C 177 26.39 5.80 -21.61
C LEU C 177 26.52 6.85 -22.70
N ALA C 178 25.77 6.71 -23.80
CA ALA C 178 25.85 7.68 -24.89
C ALA C 178 25.47 9.06 -24.41
N THR C 179 24.49 9.14 -23.52
CA THR C 179 24.10 10.39 -22.90
C THR C 179 24.75 10.55 -21.52
N GLY C 180 25.79 9.76 -21.27
CA GLY C 180 26.71 10.01 -20.17
C GLY C 180 26.20 9.76 -18.77
N ASN C 181 25.35 8.75 -18.59
CA ASN C 181 24.96 8.28 -17.26
C ASN C 181 25.93 7.21 -16.74
N VAL C 182 25.80 6.89 -15.46
CA VAL C 182 26.57 5.80 -14.84
C VAL C 182 25.58 4.71 -14.44
N VAL C 183 26.00 3.44 -14.56
CA VAL C 183 25.12 2.27 -14.46
C VAL C 183 25.43 1.36 -13.26
N VAL C 184 24.38 0.84 -12.63
CA VAL C 184 24.46 -0.22 -11.61
C VAL C 184 23.55 -1.39 -12.04
N MET C 185 24.12 -2.32 -12.79
CA MET C 185 23.37 -3.36 -13.47
C MET C 185 23.28 -4.65 -12.68
N LYS C 186 22.05 -5.12 -12.47
CA LYS C 186 21.79 -6.45 -11.93
C LYS C 186 21.51 -7.37 -13.11
N VAL C 187 22.23 -8.49 -13.19
CA VAL C 187 22.01 -9.43 -14.28
C VAL C 187 21.25 -10.67 -13.83
N ALA C 188 20.73 -11.40 -14.81
CA ALA C 188 19.95 -12.60 -14.53
C ALA C 188 20.83 -13.68 -13.89
N GLU C 189 20.29 -14.36 -12.89
CA GLU C 189 21.01 -15.41 -12.15
C GLU C 189 21.16 -16.69 -12.97
N GLN C 190 20.38 -16.81 -14.03
CA GLN C 190 20.43 -17.95 -14.92
C GLN C 190 21.38 -17.73 -16.10
N THR C 191 21.76 -16.48 -16.35
CA THR C 191 22.64 -16.18 -17.48
C THR C 191 23.62 -15.03 -17.19
N PRO C 192 24.28 -15.06 -16.00
CA PRO C 192 25.13 -13.94 -15.61
C PRO C 192 26.48 -13.85 -16.33
N LEU C 193 26.89 -14.95 -16.97
CA LEU C 193 28.28 -15.10 -17.40
C LEU C 193 28.69 -14.09 -18.44
N THR C 194 27.94 -14.08 -19.54
CA THR C 194 28.17 -13.16 -20.65
C THR C 194 28.33 -11.70 -20.21
N ALA C 195 27.33 -11.17 -19.52
CA ALA C 195 27.39 -9.81 -18.99
C ALA C 195 28.70 -9.52 -18.24
N LEU C 196 29.24 -10.52 -17.57
CA LEU C 196 30.48 -10.37 -16.78
C LEU C 196 31.75 -10.30 -17.64
N TYR C 197 31.80 -11.09 -18.72
CA TYR C 197 32.95 -11.02 -19.63
C TYR C 197 32.99 -9.69 -20.36
N VAL C 198 31.83 -9.22 -20.81
CA VAL C 198 31.72 -7.94 -21.52
C VAL C 198 32.20 -6.78 -20.66
N ALA C 199 32.02 -6.90 -19.35
CA ALA C 199 32.57 -5.91 -18.42
C ALA C 199 34.09 -5.80 -18.55
N ASN C 200 34.78 -6.92 -18.70
CA ASN C 200 36.25 -6.92 -18.83
C ASN C 200 36.68 -6.22 -20.10
N LEU C 201 35.82 -6.26 -21.11
CA LEU C 201 36.06 -5.54 -22.35
C LEU C 201 35.79 -4.06 -22.17
N ILE C 202 34.95 -3.74 -21.21
CA ILE C 202 34.61 -2.36 -20.89
C ILE C 202 35.83 -1.67 -20.28
N LYS C 203 36.44 -2.30 -19.29
CA LYS C 203 37.74 -1.85 -18.74
C LYS C 203 38.82 -1.74 -19.84
N GLU C 204 38.95 -2.80 -20.63
CA GLU C 204 39.94 -2.85 -21.71
C GLU C 204 39.69 -1.73 -22.74
N ALA C 205 38.41 -1.41 -22.98
CA ALA C 205 38.02 -0.31 -23.86
C ALA C 205 38.44 1.08 -23.35
N GLY C 206 38.51 1.25 -22.02
CA GLY C 206 39.03 2.48 -21.43
C GLY C 206 38.03 3.37 -20.71
N PHE C 207 36.84 2.85 -20.43
CA PHE C 207 35.82 3.57 -19.67
C PHE C 207 36.30 3.75 -18.23
N PRO C 208 36.17 4.98 -17.65
CA PRO C 208 36.65 5.21 -16.27
C PRO C 208 36.04 4.32 -15.18
N PRO C 209 36.74 4.18 -14.04
CA PRO C 209 36.21 3.38 -12.93
C PRO C 209 34.93 3.97 -12.37
N GLY C 210 33.99 3.12 -11.98
CA GLY C 210 32.73 3.55 -11.37
C GLY C 210 31.70 4.05 -12.37
N VAL C 211 31.91 3.80 -13.67
CA VAL C 211 30.97 4.26 -14.69
C VAL C 211 29.93 3.17 -14.92
N VAL C 212 30.37 1.98 -15.33
CA VAL C 212 29.50 0.82 -15.50
C VAL C 212 29.83 -0.24 -14.45
N ASN C 213 28.81 -0.66 -13.70
CA ASN C 213 28.97 -1.64 -12.61
C ASN C 213 27.94 -2.78 -12.72
N ILE C 214 28.29 -3.94 -12.15
CA ILE C 214 27.47 -5.16 -12.30
C ILE C 214 27.39 -5.98 -10.99
N VAL C 215 26.17 -6.30 -10.56
CA VAL C 215 25.96 -7.12 -9.36
C VAL C 215 25.06 -8.29 -9.67
N PRO C 216 25.67 -9.47 -9.96
CA PRO C 216 24.90 -10.67 -10.15
C PRO C 216 24.25 -11.09 -8.84
N GLY C 217 23.19 -11.89 -8.90
CA GLY C 217 22.51 -12.34 -7.69
C GLY C 217 21.03 -12.62 -7.86
N PHE C 218 20.28 -12.50 -6.76
CA PHE C 218 18.85 -12.79 -6.73
C PHE C 218 18.03 -11.51 -6.58
N GLY C 219 16.95 -11.43 -7.36
CA GLY C 219 16.08 -10.25 -7.42
C GLY C 219 15.45 -9.84 -6.10
N PRO C 220 14.88 -10.81 -5.37
CA PRO C 220 14.21 -10.52 -4.10
C PRO C 220 15.10 -9.94 -2.99
N THR C 221 16.30 -9.48 -3.35
CA THR C 221 17.26 -8.91 -2.40
C THR C 221 18.08 -7.80 -3.06
N ALA C 222 18.88 -8.18 -4.07
CA ALA C 222 19.72 -7.22 -4.80
C ALA C 222 18.87 -6.45 -5.81
N GLY C 223 18.06 -7.17 -6.57
CA GLY C 223 17.14 -6.57 -7.53
C GLY C 223 16.34 -5.46 -6.87
N ALA C 224 15.66 -5.80 -5.77
CA ALA C 224 14.85 -4.85 -5.02
C ALA C 224 15.68 -3.84 -4.24
N ALA C 225 16.96 -4.11 -4.04
CA ALA C 225 17.85 -3.13 -3.40
C ALA C 225 18.17 -1.97 -4.34
N ILE C 226 18.40 -2.29 -5.60
CA ILE C 226 18.54 -1.27 -6.65
C ILE C 226 17.25 -0.45 -6.72
N ALA C 227 16.11 -1.15 -6.66
CA ALA C 227 14.81 -0.52 -6.82
C ALA C 227 14.46 0.49 -5.72
N SER C 228 14.96 0.26 -4.51
CA SER C 228 14.59 1.09 -3.35
C SER C 228 15.72 1.99 -2.83
N HIS C 229 16.81 2.08 -3.59
CA HIS C 229 17.98 2.80 -3.11
C HIS C 229 17.74 4.31 -3.06
N GLU C 230 17.90 4.89 -1.87
CA GLU C 230 17.65 6.33 -1.68
C GLU C 230 18.40 7.23 -2.65
N ASP C 231 19.42 6.69 -3.34
CA ASP C 231 20.29 7.47 -4.22
C ASP C 231 20.43 6.92 -5.65
N VAL C 232 19.58 5.98 -6.04
CA VAL C 232 19.49 5.60 -7.45
C VAL C 232 18.51 6.55 -8.15
N ASP C 233 18.97 7.18 -9.21
CA ASP C 233 18.15 8.14 -9.94
C ASP C 233 17.08 7.48 -10.84
N LYS C 234 17.34 6.27 -11.33
CA LYS C 234 16.46 5.66 -12.32
C LYS C 234 16.61 4.13 -12.34
N VAL C 235 15.49 3.43 -12.45
CA VAL C 235 15.49 1.97 -12.51
C VAL C 235 14.76 1.47 -13.76
N ALA C 236 15.53 1.14 -14.79
CA ALA C 236 14.96 0.44 -15.93
C ALA C 236 14.85 -1.03 -15.55
N PHE C 237 13.66 -1.59 -15.72
CA PHE C 237 13.45 -3.02 -15.48
C PHE C 237 12.80 -3.71 -16.67
N THR C 238 13.43 -4.79 -17.13
CA THR C 238 12.82 -5.68 -18.11
C THR C 238 12.51 -7.03 -17.43
N GLY C 239 11.32 -7.57 -17.67
CA GLY C 239 10.95 -8.88 -17.16
C GLY C 239 9.45 -9.08 -17.10
N SER C 240 8.99 -9.82 -16.10
CA SER C 240 7.56 -10.08 -15.93
C SER C 240 6.82 -8.82 -15.50
N THR C 241 5.49 -8.89 -15.51
CA THR C 241 4.62 -7.78 -15.08
C THR C 241 4.62 -7.63 -13.56
N GLU C 242 4.45 -8.76 -12.86
CA GLU C 242 4.36 -8.78 -11.40
C GLU C 242 5.51 -8.01 -10.76
N ILE C 243 6.72 -8.24 -11.27
CA ILE C 243 7.90 -7.57 -10.76
C ILE C 243 7.85 -6.07 -11.08
N GLY C 244 7.39 -5.73 -12.29
CA GLY C 244 7.25 -4.34 -12.71
C GLY C 244 6.36 -3.51 -11.80
N ARG C 245 5.27 -4.12 -11.34
CA ARG C 245 4.37 -3.47 -10.39
C ARG C 245 5.10 -3.26 -9.05
N VAL C 246 5.83 -4.28 -8.59
CA VAL C 246 6.67 -4.16 -7.39
C VAL C 246 7.68 -3.01 -7.51
N ILE C 247 8.33 -2.91 -8.67
CA ILE C 247 9.30 -1.87 -8.95
C ILE C 247 8.70 -0.47 -8.84
N GLN C 248 7.57 -0.24 -9.52
CA GLN C 248 6.93 1.07 -9.58
C GLN C 248 6.40 1.53 -8.20
N VAL C 249 6.11 0.55 -7.34
CA VAL C 249 5.76 0.83 -5.95
C VAL C 249 7.00 1.22 -5.14
N ALA C 250 8.11 0.48 -5.34
CA ALA C 250 9.39 0.78 -4.64
C ALA C 250 9.95 2.18 -4.97
N ALA C 251 9.67 2.67 -6.18
CA ALA C 251 10.00 4.04 -6.59
C ALA C 251 9.13 5.07 -5.88
N GLY C 252 7.82 4.84 -5.88
CA GLY C 252 6.86 5.71 -5.20
C GLY C 252 7.12 5.87 -3.71
N SER C 253 7.44 4.77 -3.02
CA SER C 253 7.74 4.80 -1.58
C SER C 253 9.15 5.31 -1.22
N SER C 254 10.03 5.46 -2.22
CA SER C 254 11.39 6.00 -2.02
C SER C 254 11.61 7.32 -2.80
N ASN C 255 12.78 7.50 -3.43
CA ASN C 255 13.24 8.82 -3.87
C ASN C 255 12.62 9.42 -5.16
N LEU C 256 11.51 8.85 -5.64
CA LEU C 256 10.82 9.35 -6.84
C LEU C 256 11.71 9.31 -8.09
N LYS C 257 12.51 8.26 -8.16
CA LYS C 257 13.33 7.95 -9.33
C LYS C 257 12.45 7.71 -10.54
N ARG C 258 12.88 8.19 -11.71
CA ARG C 258 12.15 7.95 -12.96
C ARG C 258 12.12 6.45 -13.23
N VAL C 259 11.17 6.01 -14.05
CA VAL C 259 10.96 4.58 -14.32
C VAL C 259 10.48 4.28 -15.74
N THR C 260 11.25 3.47 -16.47
CA THR C 260 10.77 2.80 -17.68
C THR C 260 10.80 1.30 -17.43
N LEU C 261 9.86 0.58 -18.04
CA LEU C 261 9.75 -0.86 -17.89
C LEU C 261 9.40 -1.54 -19.20
N GLU C 262 10.08 -2.65 -19.49
CA GLU C 262 9.69 -3.52 -20.59
C GLU C 262 9.17 -4.81 -19.98
N LEU C 263 7.87 -5.08 -20.14
CA LEU C 263 7.21 -6.24 -19.52
C LEU C 263 6.74 -7.27 -20.55
N GLY C 264 5.69 -8.03 -20.22
CA GLY C 264 5.28 -9.20 -20.99
C GLY C 264 4.56 -8.95 -22.30
N GLY C 265 3.75 -9.90 -22.73
CA GLY C 265 3.03 -9.79 -23.99
C GLY C 265 2.28 -11.05 -24.37
N LYS C 266 1.22 -10.88 -25.16
CA LYS C 266 0.50 -12.01 -25.78
C LYS C 266 0.25 -11.69 -27.26
N SER C 267 1.34 -11.43 -27.99
CA SER C 267 1.31 -10.79 -29.30
C SER C 267 0.56 -11.59 -30.37
N PRO C 268 -0.35 -10.93 -31.12
CA PRO C 268 -1.12 -11.57 -32.20
C PRO C 268 -0.46 -11.47 -33.57
N ASN C 269 -0.40 -12.58 -34.27
CA ASN C 269 0.04 -12.60 -35.65
C ASN C 269 -1.18 -12.98 -36.51
N ILE C 270 -1.51 -12.11 -37.47
CA ILE C 270 -2.80 -12.15 -38.17
C ILE C 270 -2.68 -12.35 -39.70
N ILE C 271 -3.19 -13.49 -40.17
CA ILE C 271 -3.04 -13.89 -41.56
C ILE C 271 -4.34 -13.59 -42.32
N MET C 272 -4.30 -12.68 -43.27
CA MET C 272 -5.48 -12.43 -44.12
C MET C 272 -5.53 -13.42 -45.27
N SER C 273 -6.73 -13.59 -45.82
CA SER C 273 -6.98 -14.55 -46.88
C SER C 273 -6.10 -14.35 -48.11
N ASP C 274 -5.70 -13.09 -48.35
CA ASP C 274 -4.82 -12.75 -49.47
C ASP C 274 -3.40 -12.45 -48.99
N ALA C 275 -2.87 -13.30 -48.12
CA ALA C 275 -1.46 -13.20 -47.76
C ALA C 275 -0.68 -14.08 -48.74
N ASP C 276 0.65 -14.09 -48.64
CA ASP C 276 1.44 -15.08 -49.37
C ASP C 276 1.55 -16.32 -48.51
N MET C 277 0.90 -17.41 -48.94
CA MET C 277 0.75 -18.62 -48.12
C MET C 277 2.07 -19.14 -47.57
N ASP C 278 3.03 -19.43 -48.45
CA ASP C 278 4.33 -19.98 -48.03
C ASP C 278 5.12 -19.06 -47.10
N TRP C 279 5.30 -17.81 -47.53
CA TRP C 279 6.01 -16.82 -46.71
C TRP C 279 5.34 -16.75 -45.34
N ALA C 280 4.03 -16.48 -45.35
CA ALA C 280 3.25 -16.33 -44.13
C ALA C 280 3.43 -17.52 -43.20
N VAL C 281 3.41 -18.72 -43.77
CA VAL C 281 3.55 -19.94 -42.99
C VAL C 281 4.91 -20.00 -42.31
N GLU C 282 5.96 -19.70 -43.06
CA GLU C 282 7.34 -19.77 -42.55
C GLU C 282 7.62 -18.65 -41.52
N GLN C 283 7.03 -17.49 -41.75
CA GLN C 283 7.16 -16.37 -40.83
C GLN C 283 6.40 -16.61 -39.53
N ALA C 284 5.16 -17.05 -39.64
CA ALA C 284 4.39 -17.47 -38.46
C ALA C 284 5.18 -18.43 -37.58
N HIS C 285 5.91 -19.33 -38.21
CA HIS C 285 6.62 -20.37 -37.46
C HIS C 285 7.75 -19.77 -36.65
N PHE C 286 8.62 -19.04 -37.33
CA PHE C 286 9.69 -18.29 -36.68
C PHE C 286 9.13 -17.34 -35.61
N ALA C 287 8.01 -16.71 -35.91
CA ALA C 287 7.40 -15.71 -35.02
C ALA C 287 7.11 -16.24 -33.61
N LEU C 288 6.77 -17.53 -33.50
CA LEU C 288 6.56 -18.15 -32.19
C LEU C 288 7.75 -18.98 -31.73
N PHE C 289 8.33 -19.74 -32.65
CA PHE C 289 9.40 -20.66 -32.28
C PHE C 289 10.79 -20.03 -32.20
N PHE C 290 10.94 -18.75 -32.51
CA PHE C 290 12.24 -18.09 -32.32
C PHE C 290 12.61 -18.06 -30.82
N ASN C 291 13.89 -18.30 -30.57
CA ASN C 291 14.47 -18.41 -29.22
C ASN C 291 13.76 -19.37 -28.27
N GLN C 292 13.24 -20.45 -28.83
CA GLN C 292 12.54 -21.48 -28.09
C GLN C 292 11.27 -20.94 -27.43
N GLY C 293 10.66 -19.96 -28.10
CA GLY C 293 9.44 -19.29 -27.62
C GLY C 293 9.64 -18.33 -26.46
N GLN C 294 10.88 -17.89 -26.21
CA GLN C 294 11.17 -17.05 -25.04
C GLN C 294 11.44 -15.60 -25.44
N CYS C 295 10.62 -15.08 -26.35
CA CYS C 295 10.66 -13.69 -26.82
C CYS C 295 9.41 -12.98 -26.32
N CYS C 296 9.58 -11.72 -25.90
CA CYS C 296 8.47 -10.94 -25.33
C CYS C 296 7.35 -10.65 -26.29
N CYS C 297 7.69 -10.52 -27.57
CA CYS C 297 6.68 -10.35 -28.61
C CYS C 297 6.49 -11.61 -29.48
N ALA C 298 6.75 -12.78 -28.89
CA ALA C 298 6.44 -14.05 -29.54
C ALA C 298 4.99 -14.05 -30.02
N GLY C 299 4.79 -14.33 -31.30
CA GLY C 299 3.45 -14.35 -31.90
C GLY C 299 2.69 -15.57 -31.42
N SER C 300 2.29 -15.53 -30.14
CA SER C 300 1.72 -16.68 -29.46
C SER C 300 0.20 -16.73 -29.55
N ARG C 301 -0.35 -15.94 -30.47
CA ARG C 301 -1.72 -16.09 -30.89
C ARG C 301 -1.72 -15.97 -32.41
N THR C 302 -1.82 -17.11 -33.10
CA THR C 302 -1.87 -17.07 -34.56
C THR C 302 -3.31 -17.03 -35.03
N PHE C 303 -3.74 -15.88 -35.52
CA PHE C 303 -5.07 -15.74 -36.05
C PHE C 303 -5.01 -16.03 -37.55
N VAL C 304 -5.88 -16.92 -38.02
CA VAL C 304 -5.93 -17.28 -39.42
C VAL C 304 -7.34 -17.13 -39.93
N GLN C 305 -7.49 -16.47 -41.08
CA GLN C 305 -8.78 -16.25 -41.71
C GLN C 305 -9.35 -17.59 -42.19
N GLU C 306 -10.67 -17.72 -42.17
CA GLU C 306 -11.30 -19.05 -42.24
C GLU C 306 -11.16 -19.73 -43.60
N ASP C 307 -11.24 -18.97 -44.67
CA ASP C 307 -11.01 -19.52 -46.01
C ASP C 307 -9.69 -20.28 -46.16
N ILE C 308 -8.68 -19.94 -45.36
CA ILE C 308 -7.36 -20.57 -45.44
C ILE C 308 -6.92 -21.27 -44.15
N TYR C 309 -7.80 -21.34 -43.16
CA TYR C 309 -7.44 -21.92 -41.85
C TYR C 309 -6.86 -23.32 -42.00
N ASP C 310 -7.60 -24.21 -42.65
CA ASP C 310 -7.18 -25.59 -42.84
C ASP C 310 -5.84 -25.65 -43.57
N GLU C 311 -5.76 -24.99 -44.73
CA GLU C 311 -4.52 -24.97 -45.50
C GLU C 311 -3.34 -24.55 -44.64
N PHE C 312 -3.49 -23.45 -43.91
CA PHE C 312 -2.41 -22.90 -43.09
C PHE C 312 -2.00 -23.87 -41.99
N VAL C 313 -2.99 -24.43 -41.29
CA VAL C 313 -2.75 -25.25 -40.10
C VAL C 313 -1.90 -26.48 -40.41
N GLU C 314 -2.23 -27.22 -41.46
CA GLU C 314 -1.47 -28.43 -41.73
C GLU C 314 0.00 -28.09 -41.97
N ARG C 315 0.24 -27.15 -42.89
CA ARG C 315 1.61 -26.72 -43.21
C ARG C 315 2.37 -26.36 -41.95
N SER C 316 1.71 -25.64 -41.07
CA SER C 316 2.35 -25.19 -39.85
C SER C 316 2.66 -26.37 -38.93
N VAL C 317 1.78 -27.35 -38.92
CA VAL C 317 1.95 -28.55 -38.09
C VAL C 317 3.03 -29.44 -38.71
N ALA C 318 3.00 -29.54 -40.03
CA ALA C 318 4.08 -30.18 -40.78
C ALA C 318 5.41 -29.44 -40.56
N ARG C 319 5.40 -28.11 -40.71
CA ARG C 319 6.60 -27.32 -40.50
C ARG C 319 7.15 -27.49 -39.09
N ALA C 320 6.27 -27.64 -38.11
CA ALA C 320 6.67 -27.77 -36.71
C ALA C 320 7.30 -29.12 -36.38
N LYS C 321 6.81 -30.19 -37.01
CA LYS C 321 7.40 -31.52 -36.82
C LYS C 321 8.78 -31.62 -37.51
N SER C 322 8.91 -30.96 -38.66
CA SER C 322 10.19 -30.90 -39.37
C SER C 322 11.31 -30.20 -38.56
N ARG C 323 10.92 -29.28 -37.67
CA ARG C 323 11.86 -28.54 -36.81
C ARG C 323 12.73 -29.44 -35.90
N VAL C 324 14.02 -29.48 -36.19
CA VAL C 324 14.95 -30.30 -35.43
C VAL C 324 15.20 -29.70 -34.05
N VAL C 325 15.07 -30.54 -33.03
CA VAL C 325 15.42 -30.21 -31.66
C VAL C 325 16.64 -31.03 -31.22
N GLY C 326 17.66 -30.36 -30.72
CA GLY C 326 18.83 -31.07 -30.20
C GLY C 326 19.86 -30.19 -29.53
N ASN C 327 21.10 -30.66 -29.49
CA ASN C 327 22.19 -29.89 -28.93
C ASN C 327 22.28 -28.56 -29.70
N PRO C 328 22.40 -27.44 -28.96
CA PRO C 328 22.48 -26.16 -29.65
C PRO C 328 23.79 -25.98 -30.46
N PHE C 329 24.89 -26.56 -29.98
CA PHE C 329 26.17 -26.51 -30.73
C PHE C 329 26.16 -27.26 -32.07
N ASP C 330 25.17 -28.11 -32.29
CA ASP C 330 24.98 -28.77 -33.57
C ASP C 330 24.48 -27.71 -34.57
N SER C 331 24.43 -28.06 -35.85
CA SER C 331 23.99 -27.11 -36.88
C SER C 331 22.73 -27.55 -37.62
N LYS C 332 22.31 -28.80 -37.40
CA LYS C 332 21.00 -29.25 -37.83
C LYS C 332 19.96 -28.54 -36.96
N THR C 333 20.26 -28.42 -35.67
CA THR C 333 19.36 -27.83 -34.69
C THR C 333 18.81 -26.45 -35.08
N GLU C 334 17.49 -26.31 -35.00
CA GLU C 334 16.84 -25.02 -35.14
C GLU C 334 16.33 -24.54 -33.79
N GLN C 335 16.23 -25.45 -32.82
CA GLN C 335 15.67 -25.16 -31.51
C GLN C 335 16.40 -25.90 -30.42
N GLY C 336 16.84 -25.18 -29.39
CA GLY C 336 17.45 -25.77 -28.22
C GLY C 336 16.47 -25.90 -27.07
N PRO C 337 16.99 -26.07 -25.84
CA PRO C 337 16.14 -26.27 -24.70
C PRO C 337 15.69 -24.95 -24.09
N GLN C 338 14.81 -25.08 -23.10
CA GLN C 338 14.37 -23.95 -22.29
C GLN C 338 15.45 -23.62 -21.27
N VAL C 339 15.32 -22.47 -20.63
CA VAL C 339 16.41 -21.85 -19.86
C VAL C 339 16.74 -22.56 -18.57
N ASP C 340 15.71 -23.09 -17.91
CA ASP C 340 15.88 -23.82 -16.66
C ASP C 340 14.68 -24.75 -16.39
N GLU C 341 14.71 -25.43 -15.25
CA GLU C 341 13.66 -26.38 -14.86
C GLU C 341 12.36 -25.68 -14.42
N THR C 342 12.48 -24.50 -13.82
CA THR C 342 11.31 -23.74 -13.37
C THR C 342 10.37 -23.43 -14.55
N GLN C 343 10.94 -23.04 -15.69
CA GLN C 343 10.17 -22.82 -16.92
C GLN C 343 9.74 -24.13 -17.56
N PHE C 344 10.67 -25.10 -17.54
CA PHE C 344 10.43 -26.47 -18.01
C PHE C 344 9.05 -26.95 -17.55
N LYS C 345 8.84 -26.93 -16.23
CA LYS C 345 7.59 -27.43 -15.65
C LYS C 345 6.41 -26.49 -15.86
N LYS C 346 6.67 -25.19 -15.96
CA LYS C 346 5.62 -24.20 -16.21
C LYS C 346 4.95 -24.47 -17.55
N ILE C 347 5.79 -24.65 -18.58
CA ILE C 347 5.30 -24.88 -19.94
C ILE C 347 4.61 -26.25 -20.06
N LEU C 348 5.10 -27.23 -19.31
CA LEU C 348 4.51 -28.56 -19.30
C LEU C 348 3.11 -28.49 -18.70
N GLY C 349 3.02 -27.85 -17.53
CA GLY C 349 1.74 -27.55 -16.90
C GLY C 349 0.79 -26.76 -17.79
N TYR C 350 1.34 -25.91 -18.65
CA TYR C 350 0.52 -25.16 -19.62
C TYR C 350 -0.04 -26.06 -20.73
N ILE C 351 0.77 -27.00 -21.19
CA ILE C 351 0.36 -27.93 -22.24
C ILE C 351 -0.76 -28.88 -21.79
N ASN C 352 -0.70 -29.32 -20.53
CA ASN C 352 -1.78 -30.16 -19.97
C ASN C 352 -3.07 -29.36 -19.87
N THR C 353 -2.95 -28.16 -19.32
CA THR C 353 -4.05 -27.22 -19.16
C THR C 353 -4.74 -26.94 -20.50
N GLY C 354 -3.99 -27.05 -21.60
CA GLY C 354 -4.52 -26.91 -22.95
C GLY C 354 -5.41 -28.05 -23.39
N LYS C 355 -4.88 -29.27 -23.39
CA LYS C 355 -5.66 -30.45 -23.75
C LYS C 355 -6.90 -30.52 -22.86
N GLN C 356 -6.68 -30.44 -21.55
CA GLN C 356 -7.72 -30.45 -20.53
C GLN C 356 -8.88 -29.49 -20.82
N GLU C 357 -8.58 -28.34 -21.40
CA GLU C 357 -9.61 -27.36 -21.78
C GLU C 357 -10.19 -27.57 -23.19
N GLY C 358 -9.77 -28.63 -23.88
CA GLY C 358 -10.40 -28.99 -25.15
C GLY C 358 -9.79 -28.38 -26.41
N ALA C 359 -8.59 -27.84 -26.30
CA ALA C 359 -7.84 -27.42 -27.49
C ALA C 359 -7.31 -28.66 -28.19
N LYS C 360 -7.25 -28.62 -29.52
CA LYS C 360 -6.78 -29.77 -30.29
C LYS C 360 -5.26 -29.77 -30.36
N LEU C 361 -4.62 -30.56 -29.52
CA LEU C 361 -3.19 -30.78 -29.64
C LEU C 361 -2.94 -31.49 -30.97
N LEU C 362 -2.25 -30.82 -31.89
CA LEU C 362 -2.14 -31.27 -33.29
C LEU C 362 -0.77 -31.86 -33.63
N CYS C 363 0.17 -31.74 -32.70
CA CYS C 363 1.53 -32.25 -32.83
C CYS C 363 2.26 -31.80 -31.59
N GLY C 364 3.41 -32.41 -31.31
CA GLY C 364 4.11 -32.13 -30.08
C GLY C 364 3.36 -32.74 -28.93
N GLY C 365 3.72 -32.39 -27.72
CA GLY C 365 3.15 -33.07 -26.56
C GLY C 365 3.84 -32.65 -25.29
N GLY C 366 4.98 -33.26 -25.01
CA GLY C 366 5.74 -32.93 -23.80
C GLY C 366 7.22 -32.93 -24.04
N ILE C 367 7.93 -33.63 -23.16
CA ILE C 367 9.40 -33.69 -23.15
C ILE C 367 9.93 -34.25 -24.48
N ALA C 368 11.10 -33.74 -24.90
CA ALA C 368 11.72 -34.13 -26.16
C ALA C 368 13.10 -34.78 -25.98
N ALA C 369 13.56 -34.90 -24.73
CA ALA C 369 14.79 -35.63 -24.41
C ALA C 369 14.89 -35.93 -22.90
N ASP C 370 15.74 -36.89 -22.54
CA ASP C 370 15.83 -37.42 -21.16
C ASP C 370 16.92 -36.75 -20.33
N ARG C 371 17.64 -35.81 -20.94
CA ARG C 371 18.58 -34.95 -20.25
C ARG C 371 18.41 -33.53 -20.81
N GLY C 372 18.52 -32.54 -19.94
CA GLY C 372 18.29 -31.13 -20.33
C GLY C 372 16.84 -30.73 -20.19
N TYR C 373 16.47 -29.65 -20.85
CA TYR C 373 15.13 -29.07 -20.74
C TYR C 373 14.54 -28.91 -22.14
N PHE C 374 14.42 -30.04 -22.83
CA PHE C 374 14.04 -30.02 -24.22
C PHE C 374 12.58 -30.39 -24.43
N ILE C 375 11.87 -29.57 -25.18
CA ILE C 375 10.45 -29.74 -25.38
C ILE C 375 10.13 -29.77 -26.89
N GLN C 376 9.08 -30.50 -27.22
CA GLN C 376 8.67 -30.68 -28.61
C GLN C 376 8.01 -29.42 -29.15
N PRO C 377 8.31 -29.06 -30.41
CA PRO C 377 7.49 -28.05 -31.05
C PRO C 377 6.03 -28.52 -31.06
N THR C 378 5.12 -27.65 -30.61
CA THR C 378 3.76 -28.06 -30.30
C THR C 378 2.74 -27.09 -30.88
N VAL C 379 1.81 -27.60 -31.69
CA VAL C 379 0.72 -26.80 -32.25
C VAL C 379 -0.61 -27.20 -31.61
N PHE C 380 -1.33 -26.21 -31.08
CA PHE C 380 -2.73 -26.38 -30.69
C PHE C 380 -3.60 -25.74 -31.75
N GLY C 381 -4.70 -26.40 -32.08
CA GLY C 381 -5.64 -25.90 -33.09
C GLY C 381 -6.96 -25.49 -32.45
N ASP C 382 -7.82 -24.86 -33.24
CA ASP C 382 -9.17 -24.46 -32.82
C ASP C 382 -9.20 -23.82 -31.44
N VAL C 383 -8.32 -22.85 -31.24
CA VAL C 383 -8.12 -22.24 -29.93
C VAL C 383 -9.14 -21.12 -29.74
N GLN C 384 -9.51 -20.87 -28.47
CA GLN C 384 -10.55 -19.90 -28.09
C GLN C 384 -10.00 -18.87 -27.11
N ASP C 385 -10.60 -17.68 -27.10
CA ASP C 385 -10.10 -16.55 -26.29
C ASP C 385 -10.16 -16.78 -24.79
N GLY C 386 -11.20 -17.49 -24.33
CA GLY C 386 -11.41 -17.75 -22.92
C GLY C 386 -10.51 -18.84 -22.37
N MET C 387 -9.62 -19.37 -23.20
CA MET C 387 -8.73 -20.45 -22.80
C MET C 387 -7.43 -19.90 -22.24
N THR C 388 -6.97 -20.52 -21.15
CA THR C 388 -5.76 -20.08 -20.44
C THR C 388 -4.51 -19.98 -21.32
N ILE C 389 -4.43 -20.82 -22.36
CA ILE C 389 -3.28 -20.78 -23.26
C ILE C 389 -3.39 -19.68 -24.33
N ALA C 390 -4.51 -18.96 -24.34
CA ALA C 390 -4.68 -17.81 -25.24
C ALA C 390 -4.63 -16.48 -24.49
N LYS C 391 -4.56 -16.52 -23.16
CA LYS C 391 -4.54 -15.29 -22.35
C LYS C 391 -3.23 -15.07 -21.57
N GLU C 392 -2.63 -16.13 -21.03
CA GLU C 392 -1.42 -16.03 -20.20
C GLU C 392 -0.14 -16.32 -21.00
N GLU C 393 0.96 -15.66 -20.61
CA GLU C 393 2.24 -15.79 -21.29
C GLU C 393 2.92 -17.11 -20.92
N ILE C 394 3.00 -18.03 -21.89
CA ILE C 394 3.58 -19.36 -21.64
C ILE C 394 5.10 -19.30 -21.68
N PHE C 395 5.62 -18.55 -22.65
CA PHE C 395 7.05 -18.29 -22.77
C PHE C 395 7.79 -19.58 -23.20
N GLY C 396 7.24 -20.26 -24.22
CA GLY C 396 7.74 -21.57 -24.67
C GLY C 396 7.33 -21.97 -26.09
N PRO C 397 7.69 -23.21 -26.52
CA PRO C 397 7.51 -23.65 -27.92
C PRO C 397 6.14 -24.28 -28.17
N VAL C 398 5.11 -23.53 -27.81
CA VAL C 398 3.73 -23.95 -27.95
C VAL C 398 3.00 -22.93 -28.82
N MET C 399 2.51 -23.37 -29.97
CA MET C 399 1.77 -22.48 -30.84
C MET C 399 0.29 -22.42 -30.43
N GLN C 400 -0.44 -21.46 -30.99
CA GLN C 400 -1.90 -21.36 -30.83
C GLN C 400 -2.52 -20.82 -32.10
N ILE C 401 -3.37 -21.59 -32.77
CA ILE C 401 -4.02 -21.07 -33.98
C ILE C 401 -5.52 -20.89 -33.80
N LEU C 402 -6.01 -19.71 -34.18
CA LEU C 402 -7.39 -19.32 -33.98
C LEU C 402 -8.03 -18.86 -35.29
N LYS C 403 -9.30 -19.19 -35.41
CA LYS C 403 -10.05 -18.97 -36.62
C LYS C 403 -10.73 -17.64 -36.44
N PHE C 404 -10.66 -16.78 -37.46
CA PHE C 404 -11.53 -15.62 -37.51
C PHE C 404 -12.20 -15.58 -38.86
N LYS C 405 -13.13 -14.65 -39.00
CA LYS C 405 -13.89 -14.52 -40.24
C LYS C 405 -13.70 -13.14 -40.85
N THR C 406 -13.73 -12.10 -40.03
CA THR C 406 -13.67 -10.72 -40.51
C THR C 406 -12.50 -9.89 -39.95
N ILE C 407 -12.13 -8.85 -40.69
CA ILE C 407 -11.08 -7.94 -40.29
C ILE C 407 -11.52 -7.12 -39.08
N GLU C 408 -12.82 -6.84 -38.99
CA GLU C 408 -13.39 -6.09 -37.88
C GLU C 408 -13.38 -6.97 -36.62
N GLU C 409 -13.66 -8.25 -36.81
CA GLU C 409 -13.56 -9.26 -35.75
C GLU C 409 -12.18 -9.33 -35.11
N VAL C 410 -11.16 -9.54 -35.93
CA VAL C 410 -9.82 -9.83 -35.44
C VAL C 410 -9.17 -8.61 -34.78
N VAL C 411 -9.50 -7.43 -35.26
CA VAL C 411 -9.15 -6.20 -34.54
C VAL C 411 -9.55 -6.31 -33.06
N GLY C 412 -10.82 -6.53 -32.79
CA GLY C 412 -11.33 -6.60 -31.43
C GLY C 412 -10.76 -7.75 -30.61
N ARG C 413 -10.53 -8.88 -31.27
CA ARG C 413 -10.05 -10.04 -30.56
C ARG C 413 -8.57 -9.95 -30.26
N ALA C 414 -7.80 -9.38 -31.18
CA ALA C 414 -6.38 -9.13 -30.94
C ALA C 414 -6.12 -8.06 -29.86
N ASN C 415 -6.93 -7.00 -29.83
CA ASN C 415 -6.74 -5.95 -28.83
C ASN C 415 -7.22 -6.40 -27.44
N ASN C 416 -8.36 -7.07 -27.38
CA ASN C 416 -8.93 -7.48 -26.09
C ASN C 416 -7.96 -8.35 -25.32
N SER C 417 -7.15 -7.68 -24.51
CA SER C 417 -5.97 -8.25 -23.87
C SER C 417 -5.29 -7.13 -23.09
N THR C 418 -4.72 -7.46 -21.93
CA THR C 418 -4.08 -6.47 -21.04
C THR C 418 -2.63 -6.15 -21.41
N TYR C 419 -2.12 -6.80 -22.47
CA TYR C 419 -0.78 -6.55 -23.00
C TYR C 419 -0.89 -5.81 -24.33
N GLY C 420 0.25 -5.30 -24.79
CA GLY C 420 0.29 -4.54 -26.05
C GLY C 420 1.71 -4.27 -26.51
N LEU C 421 2.48 -5.32 -26.70
CA LEU C 421 3.88 -5.19 -27.06
C LEU C 421 4.05 -5.22 -28.56
N ALA C 422 3.49 -6.24 -29.20
CA ALA C 422 3.64 -6.36 -30.65
C ALA C 422 2.48 -7.07 -31.31
N ALA C 423 2.45 -6.98 -32.62
CA ALA C 423 1.46 -7.65 -33.43
C ALA C 423 2.00 -7.68 -34.85
N ALA C 424 1.44 -8.56 -35.67
CA ALA C 424 1.83 -8.62 -37.06
C ALA C 424 0.62 -8.91 -37.94
N VAL C 425 0.77 -8.51 -39.20
CA VAL C 425 -0.29 -8.47 -40.19
C VAL C 425 0.27 -9.02 -41.48
N PHE C 426 -0.43 -10.00 -42.06
CA PHE C 426 -0.03 -10.60 -43.32
C PHE C 426 -1.13 -10.47 -44.38
N THR C 427 -0.77 -9.83 -45.49
CA THR C 427 -1.77 -9.38 -46.46
C THR C 427 -1.10 -8.85 -47.72
N LYS C 428 -1.82 -8.94 -48.83
CA LYS C 428 -1.35 -8.31 -50.06
C LYS C 428 -2.04 -6.97 -50.28
N ASP C 429 -3.11 -6.70 -49.54
CA ASP C 429 -3.97 -5.54 -49.76
C ASP C 429 -3.36 -4.33 -49.05
N LEU C 430 -3.43 -3.15 -49.67
CA LEU C 430 -2.91 -1.90 -49.09
C LEU C 430 -3.84 -1.35 -48.00
N ASP C 431 -5.13 -1.29 -48.31
CA ASP C 431 -6.11 -0.72 -47.39
C ASP C 431 -6.21 -1.52 -46.09
N LYS C 432 -5.97 -2.83 -46.19
CA LYS C 432 -6.04 -3.71 -45.05
C LYS C 432 -4.85 -3.57 -44.12
N ALA C 433 -3.65 -3.45 -44.67
CA ALA C 433 -2.45 -3.26 -43.84
C ALA C 433 -2.57 -1.96 -43.07
N ASN C 434 -3.03 -0.93 -43.76
CA ASN C 434 -3.23 0.38 -43.15
C ASN C 434 -4.33 0.37 -42.11
N TYR C 435 -5.45 -0.26 -42.41
CA TYR C 435 -6.55 -0.33 -41.47
C TYR C 435 -6.10 -1.02 -40.18
N LEU C 436 -5.43 -2.16 -40.33
CA LEU C 436 -5.00 -2.95 -39.18
C LEU C 436 -3.86 -2.28 -38.42
N SER C 437 -2.83 -1.83 -39.12
CA SER C 437 -1.70 -1.18 -38.44
C SER C 437 -2.13 0.07 -37.69
N GLN C 438 -3.22 0.72 -38.11
CA GLN C 438 -3.75 1.82 -37.31
C GLN C 438 -4.47 1.33 -36.07
N ALA C 439 -5.27 0.27 -36.24
CA ALA C 439 -6.25 -0.14 -35.26
C ALA C 439 -5.71 -1.09 -34.19
N LEU C 440 -4.54 -1.68 -34.42
CA LEU C 440 -3.95 -2.57 -33.42
C LEU C 440 -3.28 -1.74 -32.32
N GLN C 441 -3.52 -2.14 -31.08
CA GLN C 441 -3.02 -1.45 -29.92
C GLN C 441 -1.74 -2.11 -29.48
N ALA C 442 -0.69 -1.90 -30.27
CA ALA C 442 0.58 -2.54 -30.05
C ALA C 442 1.68 -1.49 -30.20
N GLY C 443 2.77 -1.69 -29.46
CA GLY C 443 3.89 -0.77 -29.52
C GLY C 443 4.71 -0.91 -30.80
N THR C 444 4.59 -2.09 -31.41
CA THR C 444 5.20 -2.41 -32.71
C THR C 444 4.22 -3.26 -33.53
N VAL C 445 3.99 -2.87 -34.78
CA VAL C 445 3.22 -3.65 -35.72
C VAL C 445 4.07 -3.96 -36.96
N TRP C 446 4.35 -5.26 -37.19
CA TRP C 446 5.07 -5.75 -38.39
C TRP C 446 4.09 -6.09 -39.50
N VAL C 447 4.42 -5.69 -40.73
CA VAL C 447 3.57 -5.91 -41.91
C VAL C 447 4.31 -6.81 -42.91
N ASN C 448 3.73 -8.00 -43.18
CA ASN C 448 4.34 -9.08 -44.00
C ASN C 448 5.74 -9.45 -43.57
N CYS C 449 5.91 -9.55 -42.25
CA CYS C 449 7.15 -9.99 -41.58
C CYS C 449 6.87 -10.03 -40.09
N TYR C 450 7.87 -10.46 -39.32
CA TYR C 450 7.79 -10.51 -37.87
C TYR C 450 9.20 -10.35 -37.32
N ASP C 451 9.35 -9.91 -36.07
CA ASP C 451 10.64 -9.86 -35.38
C ASP C 451 11.74 -8.99 -36.05
N VAL C 452 11.34 -8.01 -36.84
CA VAL C 452 12.32 -7.17 -37.51
C VAL C 452 12.61 -5.97 -36.63
N PHE C 453 13.65 -6.10 -35.81
CA PHE C 453 14.14 -5.03 -34.98
C PHE C 453 15.31 -4.36 -35.67
N GLY C 454 15.89 -3.40 -34.95
CA GLY C 454 17.14 -2.79 -35.30
C GLY C 454 17.31 -1.72 -34.25
N ALA C 455 18.55 -1.37 -33.94
CA ALA C 455 18.81 -0.32 -32.97
C ALA C 455 18.05 0.98 -33.34
N GLN C 456 17.79 1.14 -34.64
CA GLN C 456 17.10 2.30 -35.20
C GLN C 456 15.63 2.45 -34.77
N SER C 457 14.81 1.42 -35.03
CA SER C 457 13.35 1.46 -34.79
C SER C 457 12.98 1.24 -33.31
N PRO C 458 12.25 2.20 -32.67
CA PRO C 458 11.96 2.09 -31.24
C PRO C 458 11.10 0.88 -30.85
N PHE C 459 11.22 0.48 -29.58
CA PHE C 459 10.52 -0.70 -29.04
C PHE C 459 9.99 -0.41 -27.64
N GLY C 460 8.76 -0.83 -27.37
CA GLY C 460 8.17 -0.71 -26.03
C GLY C 460 6.70 -1.05 -26.00
N GLY C 461 6.09 -0.93 -24.81
CA GLY C 461 4.74 -1.45 -24.57
C GLY C 461 3.60 -0.48 -24.32
N TYR C 462 2.50 -0.71 -25.02
CA TYR C 462 1.21 -0.11 -24.68
C TYR C 462 0.68 -0.72 -23.38
N LYS C 463 -0.34 -0.09 -22.83
CA LYS C 463 -1.10 -0.66 -21.70
C LYS C 463 -0.15 -1.13 -20.59
N MET C 464 -0.07 -2.46 -20.38
CA MET C 464 0.76 -3.05 -19.32
C MET C 464 1.91 -3.93 -19.83
N SER C 465 2.31 -3.74 -21.09
CA SER C 465 3.51 -4.39 -21.62
C SER C 465 4.75 -3.51 -21.44
N GLY C 466 4.54 -2.25 -21.06
CA GLY C 466 5.64 -1.37 -20.71
C GLY C 466 5.25 0.09 -20.53
N SER C 467 6.22 0.87 -20.10
CA SER C 467 6.14 2.33 -20.09
C SER C 467 7.47 2.83 -20.62
N GLY C 468 7.45 3.79 -21.54
CA GLY C 468 8.68 4.29 -22.14
C GLY C 468 9.27 3.36 -23.19
N ARG C 469 10.20 3.88 -23.97
CA ARG C 469 10.72 3.19 -25.15
C ARG C 469 12.22 2.90 -25.06
N GLU C 470 12.67 1.89 -25.79
CA GLU C 470 14.10 1.64 -26.02
C GLU C 470 14.39 1.65 -27.52
N LEU C 471 15.67 1.77 -27.87
CA LEU C 471 16.11 1.80 -29.27
C LEU C 471 15.69 3.10 -30.00
N GLY C 472 16.53 3.53 -30.93
CA GLY C 472 16.28 4.77 -31.70
C GLY C 472 16.61 6.03 -30.91
N GLU C 473 16.12 7.15 -31.40
CA GLU C 473 16.22 8.43 -30.68
C GLU C 473 15.37 8.43 -29.42
N TYR C 474 14.35 7.55 -29.37
CA TYR C 474 13.40 7.50 -28.26
C TYR C 474 14.03 6.96 -26.98
N GLY C 475 14.99 6.05 -27.12
CA GLY C 475 15.72 5.47 -25.98
C GLY C 475 16.42 6.52 -25.12
N LEU C 476 16.97 7.54 -25.77
CA LEU C 476 17.72 8.59 -25.08
C LEU C 476 16.85 9.46 -24.17
N GLN C 477 15.54 9.47 -24.40
CA GLN C 477 14.64 10.36 -23.68
C GLN C 477 14.60 10.03 -22.21
N ALA C 478 14.45 8.75 -21.90
CA ALA C 478 14.38 8.32 -20.51
C ALA C 478 15.67 8.54 -19.74
N TYR C 479 16.79 8.67 -20.44
CA TYR C 479 18.13 8.71 -19.80
C TYR C 479 18.66 10.14 -19.69
N THR C 480 17.79 11.10 -20.00
CA THR C 480 18.13 12.51 -20.04
C THR C 480 17.25 13.31 -19.06
N GLU C 481 17.87 14.26 -18.36
CA GLU C 481 17.16 15.25 -17.57
C GLU C 481 17.24 16.60 -18.31
N VAL C 482 16.09 17.17 -18.68
CA VAL C 482 16.04 18.45 -19.40
C VAL C 482 16.10 19.67 -18.46
N LYS C 483 17.04 20.58 -18.72
CA LYS C 483 17.21 21.82 -17.97
C LYS C 483 17.01 23.06 -18.87
N THR C 484 16.13 23.96 -18.45
CA THR C 484 15.89 25.27 -19.08
C THR C 484 16.68 26.40 -18.42
N VAL C 485 17.50 27.09 -19.20
CA VAL C 485 18.20 28.28 -18.76
C VAL C 485 17.52 29.45 -19.44
N THR C 486 17.07 30.44 -18.67
CA THR C 486 16.40 31.62 -19.19
C THR C 486 17.12 32.88 -18.67
N VAL C 487 17.61 33.67 -19.63
CA VAL C 487 18.53 34.76 -19.37
C VAL C 487 17.93 36.09 -19.79
N LYS C 488 17.98 37.09 -18.90
CA LYS C 488 17.55 38.45 -19.25
C LYS C 488 18.63 39.08 -20.10
N VAL C 489 18.25 39.51 -21.30
CA VAL C 489 19.17 40.13 -22.26
C VAL C 489 18.69 41.54 -22.58
N PRO C 490 19.60 42.43 -22.98
CA PRO C 490 19.29 43.84 -23.24
C PRO C 490 18.03 44.16 -24.04
N GLN C 491 17.88 43.54 -25.22
CA GLN C 491 16.78 43.82 -26.15
C GLN C 491 16.60 42.65 -27.15
N LYS C 492 15.47 41.98 -27.08
CA LYS C 492 15.22 40.82 -27.92
C LYS C 492 14.89 41.28 -29.33
N ASN C 493 15.66 40.77 -30.30
CA ASN C 493 15.40 40.99 -31.71
C ASN C 493 15.36 39.61 -32.38
N SER C 494 14.39 39.40 -33.26
CA SER C 494 14.20 38.11 -33.91
C SER C 494 15.46 37.58 -34.62
N ALA D 1 -4.08 49.04 -17.34
CA ALA D 1 -5.41 49.46 -16.79
C ALA D 1 -6.41 48.29 -16.78
N VAL D 2 -6.72 47.81 -15.59
CA VAL D 2 -7.66 46.70 -15.42
C VAL D 2 -9.06 47.27 -15.19
N PRO D 3 -10.09 46.65 -15.78
CA PRO D 3 -11.45 47.09 -15.48
C PRO D 3 -11.83 46.94 -14.00
N ALA D 4 -12.97 47.52 -13.62
CA ALA D 4 -13.43 47.47 -12.25
C ALA D 4 -14.03 46.10 -11.99
N PRO D 5 -13.54 45.40 -10.95
CA PRO D 5 -14.07 44.09 -10.60
C PRO D 5 -15.39 44.16 -9.85
N ASN D 6 -16.35 43.33 -10.23
CA ASN D 6 -17.47 42.99 -9.36
C ASN D 6 -16.95 42.20 -8.17
N GLN D 7 -16.97 42.79 -6.97
CA GLN D 7 -16.35 42.17 -5.78
C GLN D 7 -17.12 40.97 -5.24
N GLN D 8 -18.34 40.75 -5.72
CA GLN D 8 -19.12 39.58 -5.35
C GLN D 8 -19.74 38.97 -6.58
N PRO D 9 -18.91 38.35 -7.44
CA PRO D 9 -19.44 37.73 -8.65
C PRO D 9 -20.33 36.54 -8.32
N GLU D 10 -21.34 36.30 -9.15
CA GLU D 10 -22.26 35.17 -8.96
C GLU D 10 -21.63 33.87 -9.46
N VAL D 11 -21.99 32.77 -8.80
CA VAL D 11 -21.51 31.43 -9.16
C VAL D 11 -22.60 30.74 -9.95
N PHE D 12 -22.28 30.40 -11.20
CA PHE D 12 -23.21 29.70 -12.08
C PHE D 12 -22.92 28.20 -12.17
N CYS D 13 -21.71 27.78 -11.79
CA CYS D 13 -21.25 26.41 -12.00
C CYS D 13 -20.66 25.79 -10.72
N ASN D 14 -21.39 24.86 -10.13
CA ASN D 14 -20.97 24.28 -8.84
C ASN D 14 -21.23 22.77 -8.71
N GLN D 15 -21.27 22.09 -9.84
CA GLN D 15 -21.56 20.68 -9.90
C GLN D 15 -20.40 19.87 -10.52
N ILE D 16 -20.64 18.60 -10.78
CA ILE D 16 -19.75 17.70 -11.51
C ILE D 16 -20.00 17.79 -13.02
N PHE D 17 -18.91 17.85 -13.79
CA PHE D 17 -18.98 17.99 -15.25
C PHE D 17 -18.60 16.67 -15.90
N ILE D 18 -19.56 16.03 -16.57
CA ILE D 18 -19.32 14.78 -17.29
C ILE D 18 -20.11 14.80 -18.59
N ASN D 19 -19.47 14.50 -19.72
CA ASN D 19 -20.19 14.44 -21.02
C ASN D 19 -20.83 15.73 -21.45
N ASN D 20 -20.19 16.86 -21.18
CA ASN D 20 -20.74 18.19 -21.48
C ASN D 20 -22.06 18.50 -20.75
N GLU D 21 -22.42 17.70 -19.75
CA GLU D 21 -23.64 17.89 -18.96
C GLU D 21 -23.26 18.04 -17.49
N TRP D 22 -24.12 18.69 -16.71
CA TRP D 22 -23.90 18.96 -15.28
C TRP D 22 -24.70 18.02 -14.41
N HIS D 23 -24.07 17.52 -13.34
CA HIS D 23 -24.61 16.45 -12.48
C HIS D 23 -24.38 16.73 -11.01
N ASP D 24 -25.34 16.39 -10.17
CA ASP D 24 -25.05 16.23 -8.74
C ASP D 24 -24.28 14.93 -8.49
N ALA D 25 -23.53 14.88 -7.39
CA ALA D 25 -22.88 13.62 -6.96
C ALA D 25 -23.93 12.54 -6.80
N VAL D 26 -23.56 11.29 -7.07
CA VAL D 26 -24.47 10.14 -6.85
C VAL D 26 -25.06 10.16 -5.44
N SER D 27 -24.25 10.55 -4.46
CA SER D 27 -24.70 10.68 -3.07
C SER D 27 -25.35 12.03 -2.74
N ARG D 28 -25.38 12.94 -3.71
CA ARG D 28 -25.96 14.27 -3.58
C ARG D 28 -25.30 15.13 -2.49
N LYS D 29 -24.09 14.73 -2.08
CA LYS D 29 -23.32 15.47 -1.09
C LYS D 29 -22.73 16.74 -1.67
N THR D 30 -22.53 17.73 -0.80
CA THR D 30 -21.87 18.98 -1.16
C THR D 30 -20.89 19.40 -0.07
N PHE D 31 -19.93 20.24 -0.44
CA PHE D 31 -19.02 20.80 0.53
C PHE D 31 -18.93 22.30 0.27
N PRO D 32 -18.62 23.08 1.32
CA PRO D 32 -18.48 24.52 1.17
C PRO D 32 -17.08 24.97 0.82
N THR D 33 -17.00 25.87 -0.14
CA THR D 33 -15.77 26.58 -0.44
C THR D 33 -15.86 27.99 0.20
N VAL D 34 -14.73 28.44 0.73
CA VAL D 34 -14.64 29.61 1.62
C VAL D 34 -13.88 30.76 0.94
N ASN D 35 -14.18 31.98 1.35
CA ASN D 35 -13.42 33.18 0.95
C ASN D 35 -12.36 33.44 2.02
N PRO D 36 -11.06 33.27 1.69
CA PRO D 36 -10.00 33.41 2.69
C PRO D 36 -9.64 34.85 3.07
N SER D 37 -10.24 35.81 2.36
CA SER D 37 -10.20 37.21 2.76
C SER D 37 -11.15 37.47 3.92
N THR D 38 -12.30 36.81 3.92
CA THR D 38 -13.33 36.97 4.94
C THR D 38 -13.49 35.77 5.89
N GLY D 39 -13.27 34.55 5.40
CA GLY D 39 -13.51 33.35 6.18
C GLY D 39 -14.95 32.86 6.09
N GLU D 40 -15.71 33.45 5.17
CA GLU D 40 -17.11 33.10 4.98
C GLU D 40 -17.33 32.20 3.76
N VAL D 41 -18.44 31.47 3.77
CA VAL D 41 -18.79 30.54 2.71
C VAL D 41 -19.32 31.23 1.44
N ILE D 42 -18.69 30.95 0.30
CA ILE D 42 -19.15 31.46 -1.00
C ILE D 42 -20.35 30.66 -1.48
N CYS D 43 -20.21 29.34 -1.48
CA CYS D 43 -21.31 28.45 -1.87
C CYS D 43 -20.96 26.99 -1.62
N GLN D 44 -21.89 26.11 -1.96
CA GLN D 44 -21.71 24.67 -1.83
C GLN D 44 -21.40 24.02 -3.19
N VAL D 45 -20.44 23.10 -3.20
CA VAL D 45 -20.09 22.38 -4.43
C VAL D 45 -20.35 20.88 -4.30
N ALA D 46 -20.82 20.27 -5.38
CA ALA D 46 -21.00 18.82 -5.47
C ALA D 46 -19.72 18.07 -5.11
N GLU D 47 -19.83 17.08 -4.23
CA GLU D 47 -18.68 16.28 -3.77
C GLU D 47 -18.55 14.97 -4.55
N GLY D 48 -17.65 14.92 -5.51
CA GLY D 48 -17.43 13.70 -6.27
C GLY D 48 -16.67 12.71 -5.43
N ASP D 49 -17.06 11.44 -5.48
CA ASP D 49 -16.35 10.36 -4.82
C ASP D 49 -15.98 9.33 -5.89
N LYS D 50 -15.85 8.06 -5.50
CA LYS D 50 -15.49 6.99 -6.41
C LYS D 50 -16.51 6.75 -7.52
N GLU D 51 -17.80 6.71 -7.17
CA GLU D 51 -18.85 6.46 -8.18
C GLU D 51 -18.84 7.48 -9.31
N ASP D 52 -18.65 8.74 -8.94
CA ASP D 52 -18.66 9.84 -9.91
C ASP D 52 -17.41 9.80 -10.81
N VAL D 53 -16.26 9.50 -10.21
CA VAL D 53 -15.01 9.33 -10.97
C VAL D 53 -15.15 8.18 -11.96
N ASP D 54 -15.77 7.10 -11.54
CA ASP D 54 -15.95 5.95 -12.41
C ASP D 54 -16.88 6.33 -13.57
N LYS D 55 -17.96 7.04 -13.27
CA LYS D 55 -18.80 7.61 -14.34
C LYS D 55 -18.01 8.48 -15.32
N ALA D 56 -17.19 9.39 -14.80
CA ALA D 56 -16.43 10.28 -15.64
C ALA D 56 -15.44 9.54 -16.54
N VAL D 57 -14.73 8.57 -15.95
CA VAL D 57 -13.76 7.76 -16.67
C VAL D 57 -14.47 6.98 -17.78
N LYS D 58 -15.66 6.47 -17.50
CA LYS D 58 -16.43 5.76 -18.52
C LYS D 58 -16.80 6.67 -19.69
N ALA D 59 -17.29 7.87 -19.40
CA ALA D 59 -17.56 8.87 -20.43
C ALA D 59 -16.32 9.17 -21.27
N ALA D 60 -15.17 9.30 -20.59
CA ALA D 60 -13.92 9.63 -21.24
C ALA D 60 -13.43 8.53 -22.19
N ARG D 61 -13.49 7.29 -21.72
CA ARG D 61 -13.16 6.14 -22.51
C ARG D 61 -14.10 6.03 -23.72
N ALA D 62 -15.39 6.29 -23.53
CA ALA D 62 -16.34 6.31 -24.65
C ALA D 62 -15.98 7.34 -25.73
N ALA D 63 -15.39 8.46 -25.32
CA ALA D 63 -15.03 9.53 -26.24
C ALA D 63 -13.70 9.21 -26.95
N PHE D 64 -12.87 8.40 -26.32
CA PHE D 64 -11.63 8.00 -26.94
C PHE D 64 -11.78 6.88 -27.96
N GLN D 65 -12.97 6.31 -28.07
CA GLN D 65 -13.18 5.13 -28.92
C GLN D 65 -12.90 5.41 -30.39
N LEU D 66 -12.15 4.51 -30.99
CA LEU D 66 -11.83 4.54 -32.41
C LEU D 66 -13.09 4.83 -33.20
N GLY D 67 -13.08 5.92 -33.97
CA GLY D 67 -14.22 6.31 -34.78
C GLY D 67 -15.16 7.27 -34.06
N SER D 68 -14.77 7.73 -32.87
CA SER D 68 -15.53 8.76 -32.17
C SER D 68 -15.21 10.07 -32.84
N PRO D 69 -16.08 11.08 -32.67
CA PRO D 69 -15.74 12.41 -33.20
C PRO D 69 -14.37 12.94 -32.75
N TRP D 70 -14.03 12.78 -31.48
CA TRP D 70 -12.70 13.20 -30.99
C TRP D 70 -11.54 12.46 -31.69
N ARG D 71 -11.68 11.15 -31.92
CA ARG D 71 -10.59 10.41 -32.61
C ARG D 71 -10.53 10.60 -34.15
N ARG D 72 -11.65 10.96 -34.78
CA ARG D 72 -11.66 11.16 -36.23
C ARG D 72 -11.32 12.58 -36.63
N MET D 73 -11.52 13.51 -35.72
CA MET D 73 -11.30 14.93 -35.98
C MET D 73 -9.85 15.19 -36.40
N ASP D 74 -9.68 16.05 -37.40
CA ASP D 74 -8.37 16.42 -37.91
C ASP D 74 -7.58 17.17 -36.84
N ALA D 75 -6.27 17.03 -36.86
CA ALA D 75 -5.42 17.60 -35.81
C ALA D 75 -5.46 19.15 -35.82
N SER D 76 -5.49 19.75 -37.00
CA SER D 76 -5.72 21.19 -37.16
C SER D 76 -6.99 21.68 -36.45
N HIS D 77 -8.00 20.83 -36.41
CA HIS D 77 -9.28 21.17 -35.79
C HIS D 77 -9.22 21.14 -34.25
N ARG D 78 -8.52 20.14 -33.68
CA ARG D 78 -8.24 20.13 -32.23
C ARG D 78 -7.66 21.49 -31.83
N GLY D 79 -6.77 22.02 -32.69
CA GLY D 79 -6.20 23.36 -32.51
C GLY D 79 -7.18 24.53 -32.61
N ARG D 80 -8.17 24.45 -33.50
CA ARG D 80 -9.22 25.47 -33.61
C ARG D 80 -10.02 25.53 -32.32
N LEU D 81 -10.39 24.37 -31.81
CA LEU D 81 -11.14 24.30 -30.56
C LEU D 81 -10.40 24.97 -29.41
N LEU D 82 -9.08 24.80 -29.35
CA LEU D 82 -8.31 25.39 -28.24
C LEU D 82 -8.22 26.88 -28.38
N ASN D 83 -8.24 27.34 -29.63
CA ASN D 83 -8.22 28.77 -29.95
C ASN D 83 -9.58 29.41 -29.64
N ARG D 84 -10.63 28.73 -30.06
CA ARG D 84 -11.97 29.09 -29.63
C ARG D 84 -12.07 29.15 -28.08
N LEU D 85 -11.62 28.10 -27.39
CA LEU D 85 -11.62 28.08 -25.91
C LEU D 85 -10.87 29.25 -25.30
N ALA D 86 -9.73 29.59 -25.91
CA ALA D 86 -8.92 30.72 -25.50
C ALA D 86 -9.63 32.06 -25.68
N ASP D 87 -10.40 32.19 -26.77
CA ASP D 87 -11.15 33.42 -27.08
C ASP D 87 -12.36 33.59 -26.13
N LEU D 88 -12.95 32.47 -25.70
CA LEU D 88 -14.05 32.53 -24.73
C LEU D 88 -13.53 32.92 -23.35
N ILE D 89 -12.34 32.44 -22.99
CA ILE D 89 -11.72 32.81 -21.72
C ILE D 89 -11.35 34.30 -21.71
N GLU D 90 -10.92 34.81 -22.86
CA GLU D 90 -10.67 36.24 -23.00
C GLU D 90 -11.99 37.05 -22.95
N ARG D 91 -13.01 36.60 -23.68
CA ARG D 91 -14.32 37.24 -23.56
C ARG D 91 -14.76 37.37 -22.08
N ASP D 92 -14.61 36.30 -21.30
CA ASP D 92 -15.10 36.28 -19.92
C ASP D 92 -14.01 36.55 -18.92
N ARG D 93 -13.00 37.30 -19.33
CA ARG D 93 -11.77 37.46 -18.54
C ARG D 93 -11.94 38.21 -17.22
N THR D 94 -12.93 39.06 -17.16
CA THR D 94 -13.11 39.95 -16.04
C THR D 94 -13.78 39.19 -14.92
N TYR D 95 -14.79 38.41 -15.27
CA TYR D 95 -15.46 37.56 -14.32
C TYR D 95 -14.48 36.51 -13.71
N LEU D 96 -13.84 35.71 -14.57
CA LEU D 96 -12.90 34.67 -14.13
C LEU D 96 -11.84 35.18 -13.15
N ALA D 97 -11.23 36.29 -13.51
CA ALA D 97 -10.25 36.94 -12.67
C ALA D 97 -10.85 37.39 -11.33
N ALA D 98 -12.12 37.80 -11.35
CA ALA D 98 -12.83 38.11 -10.08
C ALA D 98 -13.14 36.85 -9.27
N LEU D 99 -13.53 35.79 -9.96
CA LEU D 99 -13.85 34.51 -9.32
C LEU D 99 -12.61 33.86 -8.73
N GLU D 100 -11.48 33.98 -9.42
CA GLU D 100 -10.22 33.41 -8.91
C GLU D 100 -9.80 34.07 -7.60
N THR D 101 -9.86 35.39 -7.59
CA THR D 101 -9.53 36.17 -6.41
C THR D 101 -10.48 35.84 -5.24
N LEU D 102 -11.76 35.65 -5.55
CA LEU D 102 -12.72 35.36 -4.51
C LEU D 102 -12.39 34.03 -3.81
N ASP D 103 -12.11 33.00 -4.63
CA ASP D 103 -11.96 31.62 -4.18
C ASP D 103 -10.55 31.34 -3.64
N ASN D 104 -9.54 31.94 -4.27
CA ASN D 104 -8.15 31.68 -3.94
C ASN D 104 -7.47 32.76 -3.09
N GLY D 105 -7.81 34.02 -3.32
CA GLY D 105 -7.31 35.12 -2.49
C GLY D 105 -6.22 35.99 -3.10
N LYS D 106 -5.73 35.65 -4.27
CA LYS D 106 -4.70 36.50 -4.87
C LYS D 106 -5.29 37.84 -5.34
N PRO D 107 -4.43 38.89 -5.41
CA PRO D 107 -4.89 40.21 -5.83
C PRO D 107 -5.50 40.19 -7.23
N TYR D 108 -6.72 40.70 -7.34
CA TYR D 108 -7.44 40.84 -8.61
C TYR D 108 -6.59 41.30 -9.77
N VAL D 109 -5.68 42.21 -9.51
CA VAL D 109 -4.83 42.82 -10.53
C VAL D 109 -3.83 41.82 -11.08
N ILE D 110 -3.24 41.03 -10.19
CA ILE D 110 -2.35 39.94 -10.58
C ILE D 110 -3.15 38.88 -11.33
N SER D 111 -4.35 38.55 -10.82
CA SER D 111 -5.21 37.56 -11.45
C SER D 111 -5.56 37.92 -12.88
N TYR D 112 -5.81 39.22 -13.10
CA TYR D 112 -6.21 39.69 -14.40
C TYR D 112 -5.07 39.66 -15.42
N LEU D 113 -3.90 40.15 -15.01
CA LEU D 113 -2.82 40.50 -15.94
C LEU D 113 -1.73 39.45 -16.00
N VAL D 114 -1.45 38.80 -14.87
CA VAL D 114 -0.49 37.71 -14.87
C VAL D 114 -1.20 36.38 -15.18
N ASP D 115 -1.99 35.87 -14.24
CA ASP D 115 -2.62 34.54 -14.37
C ASP D 115 -3.49 34.34 -15.59
N LEU D 116 -4.45 35.24 -15.81
CA LEU D 116 -5.34 35.12 -16.97
C LEU D 116 -4.63 35.26 -18.31
N ASP D 117 -3.61 36.12 -18.38
CA ASP D 117 -2.77 36.25 -19.58
C ASP D 117 -1.95 34.97 -19.90
N MET D 118 -1.34 34.36 -18.90
CA MET D 118 -0.60 33.11 -19.08
C MET D 118 -1.50 31.94 -19.52
N VAL D 119 -2.76 31.93 -19.05
CA VAL D 119 -3.73 30.91 -19.43
C VAL D 119 -4.01 31.00 -20.94
N LEU D 120 -4.30 32.22 -21.40
CA LEU D 120 -4.54 32.48 -22.82
C LEU D 120 -3.33 32.15 -23.67
N LYS D 121 -2.15 32.56 -23.23
CA LYS D 121 -0.92 32.29 -23.99
C LYS D 121 -0.58 30.80 -24.06
N CYS D 122 -0.71 30.11 -22.94
CA CYS D 122 -0.49 28.67 -22.90
C CYS D 122 -1.46 27.93 -23.83
N LEU D 123 -2.75 28.25 -23.73
CA LEU D 123 -3.75 27.62 -24.59
C LEU D 123 -3.59 27.95 -26.07
N ARG D 124 -3.12 29.16 -26.36
CA ARG D 124 -2.84 29.55 -27.74
C ARG D 124 -1.59 28.87 -28.26
N TYR D 125 -0.61 28.67 -27.40
CA TYR D 125 0.65 28.08 -27.81
C TYR D 125 0.37 26.63 -28.22
N TYR D 126 -0.35 25.91 -27.37
CA TYR D 126 -0.69 24.51 -27.66
C TYR D 126 -1.68 24.32 -28.80
N ALA D 127 -2.56 25.30 -29.05
CA ALA D 127 -3.42 25.21 -30.23
C ALA D 127 -2.55 24.99 -31.48
N GLY D 128 -1.41 25.68 -31.55
CA GLY D 128 -0.51 25.59 -32.69
C GLY D 128 0.21 24.25 -32.87
N TRP D 129 0.52 23.55 -31.76
CA TRP D 129 1.22 22.24 -31.74
C TRP D 129 0.38 21.10 -32.25
N ALA D 130 -0.93 21.26 -32.21
CA ALA D 130 -1.83 20.14 -32.37
C ALA D 130 -1.59 19.34 -33.65
N ASP D 131 -1.13 20.02 -34.69
CA ASP D 131 -0.91 19.39 -36.01
C ASP D 131 0.54 19.47 -36.40
N LYS D 132 1.38 19.63 -35.40
CA LYS D 132 2.77 19.81 -35.62
C LYS D 132 3.66 18.79 -34.93
N TYR D 133 3.10 17.85 -34.18
CA TYR D 133 3.91 16.82 -33.49
C TYR D 133 4.22 15.59 -34.35
N HIS D 134 5.21 15.72 -35.23
CA HIS D 134 5.55 14.67 -36.18
C HIS D 134 6.10 13.39 -35.53
N GLY D 135 5.76 12.25 -36.14
CA GLY D 135 6.55 11.04 -35.95
C GLY D 135 7.74 11.05 -36.88
N LYS D 136 8.40 9.90 -36.98
CA LYS D 136 9.63 9.80 -37.75
C LYS D 136 9.51 8.67 -38.75
N THR D 137 10.13 8.85 -39.92
CA THR D 137 10.46 7.75 -40.81
C THR D 137 11.92 7.41 -40.58
N ILE D 138 12.17 6.12 -40.36
CA ILE D 138 13.42 5.66 -39.86
C ILE D 138 14.17 4.77 -40.87
N PRO D 139 15.47 5.05 -41.11
CA PRO D 139 16.30 4.31 -42.05
C PRO D 139 16.85 3.03 -41.43
N ILE D 140 16.05 1.99 -41.46
CA ILE D 140 16.33 0.73 -40.78
C ILE D 140 17.08 -0.25 -41.71
N ASP D 141 17.92 -1.11 -41.15
CA ASP D 141 18.63 -2.15 -41.96
C ASP D 141 17.65 -3.09 -42.70
N GLY D 142 18.12 -3.70 -43.79
CA GLY D 142 17.32 -4.64 -44.55
C GLY D 142 16.27 -3.99 -45.42
N ASP D 143 15.53 -4.83 -46.16
CA ASP D 143 14.49 -4.37 -47.10
C ASP D 143 13.16 -4.12 -46.40
N PHE D 144 13.14 -3.06 -45.59
CA PHE D 144 11.97 -2.66 -44.82
C PHE D 144 11.81 -1.15 -44.89
N PHE D 145 10.58 -0.72 -44.69
CA PHE D 145 10.22 0.66 -44.50
C PHE D 145 9.66 0.72 -43.07
N SER D 146 10.18 1.65 -42.28
CA SER D 146 9.85 1.75 -40.86
C SER D 146 9.51 3.19 -40.45
N TYR D 147 8.46 3.34 -39.65
CA TYR D 147 8.06 4.67 -39.21
C TYR D 147 7.32 4.65 -37.88
N THR D 148 7.32 5.80 -37.20
CA THR D 148 6.62 5.95 -35.93
C THR D 148 5.39 6.79 -36.08
N ARG D 149 4.40 6.47 -35.25
CA ARG D 149 3.18 7.23 -35.08
C ARG D 149 3.11 7.69 -33.64
N HIS D 150 2.83 8.97 -33.45
CA HIS D 150 2.66 9.53 -32.14
C HIS D 150 1.16 9.51 -31.93
N GLU D 151 0.70 8.52 -31.18
CA GLU D 151 -0.70 8.32 -30.86
C GLU D 151 -0.92 8.84 -29.45
N PRO D 152 -2.16 9.25 -29.14
CA PRO D 152 -2.40 9.71 -27.79
C PRO D 152 -2.32 8.60 -26.75
N VAL D 153 -1.98 8.94 -25.51
CA VAL D 153 -1.95 7.93 -24.45
C VAL D 153 -3.35 7.46 -24.03
N GLY D 154 -4.38 8.30 -24.19
CA GLY D 154 -5.76 7.91 -23.81
C GLY D 154 -6.37 8.68 -22.65
N VAL D 155 -6.98 7.96 -21.71
CA VAL D 155 -7.69 8.57 -20.58
C VAL D 155 -6.66 9.10 -19.57
N CYS D 156 -6.66 10.42 -19.40
CA CYS D 156 -5.65 11.08 -18.60
C CYS D 156 -6.28 11.65 -17.36
N GLY D 157 -5.85 11.15 -16.22
CA GLY D 157 -6.30 11.65 -14.93
C GLY D 157 -5.37 12.79 -14.58
N GLN D 158 -5.94 13.93 -14.24
CA GLN D 158 -5.15 15.11 -13.90
C GLN D 158 -5.65 15.68 -12.59
N ILE D 159 -4.72 15.97 -11.68
CA ILE D 159 -5.11 16.48 -10.36
C ILE D 159 -4.44 17.83 -10.18
N ILE D 160 -5.21 18.88 -9.97
CA ILE D 160 -4.56 20.19 -9.92
C ILE D 160 -4.62 20.89 -8.56
N PRO D 161 -3.56 21.61 -8.20
CA PRO D 161 -3.48 22.21 -6.89
C PRO D 161 -4.17 23.57 -6.89
N TRP D 162 -4.05 24.28 -5.78
CA TRP D 162 -4.90 25.42 -5.48
C TRP D 162 -4.22 26.77 -5.64
N ASN D 163 -2.91 26.78 -5.71
CA ASN D 163 -2.19 28.04 -5.71
C ASN D 163 -2.40 28.84 -6.98
N PHE D 164 -2.47 28.14 -8.13
CA PHE D 164 -2.76 28.73 -9.45
C PHE D 164 -3.84 27.91 -10.17
N PRO D 165 -5.10 28.05 -9.77
CA PRO D 165 -6.11 27.10 -10.29
C PRO D 165 -6.33 27.13 -11.79
N LEU D 166 -6.56 28.31 -12.38
CA LEU D 166 -6.81 28.40 -13.82
C LEU D 166 -5.58 28.05 -14.65
N LEU D 167 -4.44 28.61 -14.31
CA LEU D 167 -3.21 28.34 -15.04
C LEU D 167 -2.84 26.85 -15.06
N MET D 168 -2.99 26.18 -13.93
CA MET D 168 -2.65 24.76 -13.81
C MET D 168 -3.60 23.91 -14.65
N GLN D 169 -4.86 24.35 -14.74
CA GLN D 169 -5.84 23.72 -15.60
C GLN D 169 -5.43 23.84 -17.07
N ALA D 170 -4.96 25.02 -17.49
CA ALA D 170 -4.45 25.21 -18.86
C ALA D 170 -3.15 24.47 -19.17
N TRP D 171 -2.25 24.37 -18.20
CA TRP D 171 -0.98 23.61 -18.38
C TRP D 171 -1.19 22.11 -18.51
N LYS D 172 -2.31 21.59 -18.02
CA LYS D 172 -2.65 20.19 -18.19
C LYS D 172 -3.59 19.92 -19.38
N LEU D 173 -4.59 20.77 -19.60
CA LEU D 173 -5.47 20.59 -20.77
C LEU D 173 -4.78 20.91 -22.09
N GLY D 174 -4.02 22.01 -22.09
CA GLY D 174 -3.30 22.47 -23.26
C GLY D 174 -2.61 21.36 -24.04
N PRO D 175 -1.64 20.69 -23.40
CA PRO D 175 -0.88 19.58 -24.03
C PRO D 175 -1.62 18.23 -24.15
N ALA D 176 -2.50 17.93 -23.21
CA ALA D 176 -3.31 16.71 -23.32
C ALA D 176 -4.27 16.73 -24.54
N LEU D 177 -4.99 17.82 -24.71
CA LEU D 177 -5.98 17.94 -25.76
C LEU D 177 -5.41 18.16 -27.15
N ALA D 178 -4.30 18.88 -27.23
CA ALA D 178 -3.61 19.10 -28.48
C ALA D 178 -3.07 17.80 -29.11
N THR D 179 -2.81 16.78 -28.27
CA THR D 179 -2.32 15.46 -28.72
C THR D 179 -3.45 14.45 -28.90
N GLY D 180 -4.67 14.84 -28.54
CA GLY D 180 -5.83 14.01 -28.77
C GLY D 180 -6.26 13.11 -27.65
N ASN D 181 -5.79 13.39 -26.44
CA ASN D 181 -6.19 12.62 -25.29
C ASN D 181 -7.56 13.05 -24.81
N VAL D 182 -8.08 12.35 -23.81
CA VAL D 182 -9.30 12.72 -23.09
C VAL D 182 -8.96 12.78 -21.60
N VAL D 183 -9.62 13.66 -20.87
CA VAL D 183 -9.20 13.97 -19.54
C VAL D 183 -10.30 13.79 -18.51
N VAL D 184 -9.90 13.39 -17.31
CA VAL D 184 -10.71 13.39 -16.11
C VAL D 184 -9.94 14.20 -15.08
N MET D 185 -10.46 15.35 -14.70
CA MET D 185 -9.73 16.30 -13.87
C MET D 185 -10.29 16.35 -12.44
N LYS D 186 -9.40 16.33 -11.45
CA LYS D 186 -9.76 16.55 -10.05
C LYS D 186 -9.23 17.94 -9.73
N VAL D 187 -10.10 18.88 -9.40
CA VAL D 187 -9.65 20.21 -8.97
C VAL D 187 -9.65 20.24 -7.45
N ALA D 188 -8.90 21.17 -6.89
CA ALA D 188 -8.73 21.26 -5.44
C ALA D 188 -9.98 21.84 -4.75
N GLU D 189 -10.28 21.34 -3.56
CA GLU D 189 -11.48 21.74 -2.84
C GLU D 189 -11.44 23.16 -2.29
N GLN D 190 -10.26 23.77 -2.29
CA GLN D 190 -10.11 25.16 -1.86
C GLN D 190 -10.51 26.16 -2.96
N THR D 191 -10.51 25.70 -4.21
CA THR D 191 -10.68 26.57 -5.36
C THR D 191 -11.20 25.76 -6.55
N PRO D 192 -12.41 25.22 -6.43
CA PRO D 192 -12.90 24.46 -7.55
C PRO D 192 -13.58 25.33 -8.59
N LEU D 193 -13.98 26.55 -8.19
CA LEU D 193 -14.98 27.32 -8.94
C LEU D 193 -14.54 27.75 -10.35
N THR D 194 -13.34 28.30 -10.48
CA THR D 194 -12.95 28.82 -11.79
C THR D 194 -12.89 27.71 -12.83
N ALA D 195 -12.54 26.52 -12.37
CA ALA D 195 -12.32 25.40 -13.26
C ALA D 195 -13.62 24.85 -13.78
N LEU D 196 -14.66 24.95 -12.97
CA LEU D 196 -15.99 24.50 -13.37
C LEU D 196 -16.63 25.51 -14.32
N TYR D 197 -16.37 26.79 -14.13
CA TYR D 197 -16.88 27.77 -15.08
C TYR D 197 -16.16 27.62 -16.44
N VAL D 198 -14.88 27.27 -16.43
CA VAL D 198 -14.13 27.04 -17.69
C VAL D 198 -14.68 25.80 -18.40
N ALA D 199 -15.07 24.78 -17.65
CA ALA D 199 -15.74 23.61 -18.23
C ALA D 199 -16.96 24.04 -19.00
N ASN D 200 -17.65 25.02 -18.46
CA ASN D 200 -18.80 25.60 -19.16
C ASN D 200 -18.38 26.19 -20.51
N LEU D 201 -17.25 26.85 -20.53
CA LEU D 201 -16.67 27.38 -21.76
C LEU D 201 -16.18 26.29 -22.70
N ILE D 202 -15.65 25.21 -22.13
CA ILE D 202 -15.22 24.04 -22.91
C ILE D 202 -16.37 23.52 -23.77
N LYS D 203 -17.56 23.40 -23.18
CA LYS D 203 -18.74 23.01 -23.92
C LYS D 203 -19.11 24.00 -25.05
N GLU D 204 -19.12 25.30 -24.74
CA GLU D 204 -19.41 26.35 -25.75
C GLU D 204 -18.44 26.31 -26.93
N ALA D 205 -17.18 26.04 -26.65
CA ALA D 205 -16.14 26.01 -27.68
C ALA D 205 -16.32 24.85 -28.68
N GLY D 206 -17.06 23.80 -28.30
CA GLY D 206 -17.43 22.74 -29.23
C GLY D 206 -16.77 21.38 -29.03
N PHE D 207 -16.08 21.20 -27.90
CA PHE D 207 -15.40 19.96 -27.57
C PHE D 207 -16.40 18.82 -27.41
N PRO D 208 -16.24 17.75 -28.20
CA PRO D 208 -17.14 16.60 -28.12
C PRO D 208 -17.38 16.15 -26.67
N PRO D 209 -18.59 15.70 -26.37
CA PRO D 209 -18.83 15.25 -24.98
C PRO D 209 -17.88 14.15 -24.50
N GLY D 210 -17.43 14.28 -23.25
CA GLY D 210 -16.61 13.25 -22.61
C GLY D 210 -15.12 13.43 -22.79
N VAL D 211 -14.75 14.48 -23.53
CA VAL D 211 -13.35 14.78 -23.84
C VAL D 211 -12.72 15.42 -22.62
N VAL D 212 -13.49 16.29 -21.97
CA VAL D 212 -13.10 16.82 -20.68
C VAL D 212 -14.23 16.64 -19.68
N ASN D 213 -13.88 15.99 -18.57
CA ASN D 213 -14.80 15.80 -17.46
C ASN D 213 -14.09 16.31 -16.21
N ILE D 214 -14.81 16.99 -15.35
CA ILE D 214 -14.23 17.60 -14.16
C ILE D 214 -15.00 17.19 -12.92
N VAL D 215 -14.27 16.73 -11.91
CA VAL D 215 -14.86 16.22 -10.70
C VAL D 215 -14.29 17.02 -9.55
N PRO D 216 -15.10 17.91 -8.96
CA PRO D 216 -14.68 18.54 -7.72
C PRO D 216 -14.86 17.53 -6.57
N GLY D 217 -14.11 17.70 -5.51
CA GLY D 217 -14.18 16.81 -4.38
C GLY D 217 -12.88 16.79 -3.60
N PHE D 218 -12.75 15.79 -2.74
CA PHE D 218 -11.60 15.66 -1.84
C PHE D 218 -10.61 14.63 -2.39
N GLY D 219 -9.34 14.77 -1.99
CA GLY D 219 -8.23 13.99 -2.55
C GLY D 219 -8.16 12.53 -2.11
N PRO D 220 -8.13 12.29 -0.79
CA PRO D 220 -8.17 10.93 -0.25
C PRO D 220 -9.39 10.13 -0.69
N THR D 221 -10.23 10.72 -1.54
CA THR D 221 -11.39 10.05 -2.09
C THR D 221 -11.38 10.18 -3.63
N ALA D 222 -11.81 11.33 -4.15
CA ALA D 222 -11.89 11.52 -5.63
C ALA D 222 -10.52 11.42 -6.29
N GLY D 223 -9.52 12.01 -5.63
CA GLY D 223 -8.16 12.06 -6.14
C GLY D 223 -7.48 10.71 -6.19
N ALA D 224 -7.71 9.90 -5.16
CA ALA D 224 -7.17 8.54 -5.13
C ALA D 224 -7.96 7.62 -6.07
N ALA D 225 -9.25 7.87 -6.21
CA ALA D 225 -10.05 7.05 -7.13
C ALA D 225 -9.49 7.14 -8.55
N ILE D 226 -9.06 8.33 -8.96
CA ILE D 226 -8.44 8.53 -10.28
C ILE D 226 -7.11 7.79 -10.41
N ALA D 227 -6.24 7.94 -9.41
CA ALA D 227 -4.93 7.30 -9.43
C ALA D 227 -4.98 5.76 -9.41
N SER D 228 -6.03 5.20 -8.83
CA SER D 228 -6.18 3.75 -8.74
C SER D 228 -7.07 3.13 -9.82
N HIS D 229 -7.64 3.96 -10.70
CA HIS D 229 -8.59 3.45 -11.68
C HIS D 229 -7.92 2.58 -12.73
N GLU D 230 -8.55 1.44 -12.99
CA GLU D 230 -8.00 0.40 -13.88
C GLU D 230 -8.04 0.79 -15.36
N ASP D 231 -8.90 1.75 -15.72
CA ASP D 231 -9.07 2.20 -17.11
C ASP D 231 -8.49 3.58 -17.38
N VAL D 232 -7.74 4.11 -16.42
CA VAL D 232 -7.00 5.34 -16.63
C VAL D 232 -5.59 5.00 -17.07
N ASP D 233 -5.20 5.49 -18.24
CA ASP D 233 -3.91 5.17 -18.83
C ASP D 233 -2.76 6.02 -18.26
N LYS D 234 -3.08 7.16 -17.65
CA LYS D 234 -2.09 8.14 -17.21
C LYS D 234 -2.61 9.07 -16.12
N VAL D 235 -1.72 9.45 -15.19
CA VAL D 235 -2.02 10.38 -14.10
C VAL D 235 -0.96 11.48 -14.04
N ALA D 236 -1.41 12.73 -14.08
CA ALA D 236 -0.54 13.87 -13.85
C ALA D 236 -0.97 14.58 -12.57
N PHE D 237 -0.10 14.56 -11.58
CA PHE D 237 -0.37 15.21 -10.30
C PHE D 237 0.60 16.37 -10.11
N THR D 238 0.07 17.48 -9.61
CA THR D 238 0.88 18.59 -9.12
C THR D 238 0.37 18.89 -7.73
N GLY D 239 1.27 18.90 -6.76
CA GLY D 239 0.91 19.12 -5.36
C GLY D 239 2.09 18.86 -4.44
N SER D 240 1.79 18.58 -3.17
CA SER D 240 2.83 18.31 -2.17
C SER D 240 3.70 17.11 -2.55
N THR D 241 4.99 17.20 -2.24
CA THR D 241 5.92 16.07 -2.39
C THR D 241 5.41 14.82 -1.71
N GLU D 242 4.68 14.99 -0.61
CA GLU D 242 4.20 13.87 0.20
C GLU D 242 3.07 13.09 -0.46
N ILE D 243 2.13 13.80 -1.08
CA ILE D 243 0.99 13.15 -1.73
C ILE D 243 1.41 12.52 -3.07
N GLY D 244 2.34 13.16 -3.77
CA GLY D 244 2.93 12.62 -5.00
C GLY D 244 3.43 11.17 -4.88
N ARG D 245 4.01 10.85 -3.72
CA ARG D 245 4.44 9.48 -3.39
C ARG D 245 3.25 8.52 -3.44
N VAL D 246 2.15 8.92 -2.80
CA VAL D 246 0.88 8.17 -2.83
C VAL D 246 0.39 7.94 -4.27
N ILE D 247 0.49 8.98 -5.10
CA ILE D 247 0.09 8.92 -6.52
C ILE D 247 0.90 7.91 -7.35
N GLN D 248 2.18 7.75 -7.03
CA GLN D 248 3.05 6.82 -7.77
C GLN D 248 2.91 5.37 -7.29
N VAL D 249 2.50 5.20 -6.03
CA VAL D 249 2.24 3.87 -5.46
C VAL D 249 0.95 3.30 -6.04
N ALA D 250 -0.19 3.97 -5.82
CA ALA D 250 -1.48 3.53 -6.38
C ALA D 250 -1.37 3.12 -7.85
N ALA D 251 -0.58 3.88 -8.61
CA ALA D 251 -0.35 3.63 -10.04
C ALA D 251 0.47 2.37 -10.31
N GLY D 252 1.38 2.05 -9.39
CA GLY D 252 2.10 0.78 -9.42
C GLY D 252 1.18 -0.37 -9.02
N SER D 253 0.36 -0.12 -8.00
CA SER D 253 -0.60 -1.12 -7.49
C SER D 253 -1.71 -1.47 -8.48
N SER D 254 -2.13 -0.50 -9.29
CA SER D 254 -3.25 -0.69 -10.21
C SER D 254 -2.83 -1.28 -11.58
N ASN D 255 -2.71 -0.44 -12.60
CA ASN D 255 -2.53 -0.92 -13.98
C ASN D 255 -1.29 -0.37 -14.69
N LEU D 256 -0.24 -0.10 -13.91
CA LEU D 256 1.02 0.43 -14.44
C LEU D 256 0.79 1.62 -15.36
N LYS D 257 -0.12 2.50 -14.94
CA LYS D 257 -0.42 3.74 -15.67
C LYS D 257 0.77 4.66 -15.66
N ARG D 258 0.79 5.58 -16.63
CA ARG D 258 1.91 6.50 -16.76
C ARG D 258 1.74 7.63 -15.72
N VAL D 259 2.86 8.27 -15.40
CA VAL D 259 2.89 9.28 -14.33
C VAL D 259 3.86 10.43 -14.67
N THR D 260 3.41 11.68 -14.47
CA THR D 260 4.31 12.83 -14.36
C THR D 260 3.91 13.69 -13.16
N LEU D 261 4.91 14.13 -12.42
CA LEU D 261 4.70 14.86 -11.19
C LEU D 261 5.41 16.21 -11.23
N GLU D 262 4.72 17.22 -10.73
CA GLU D 262 5.33 18.47 -10.37
C GLU D 262 5.10 18.58 -8.86
N LEU D 263 6.18 18.67 -8.09
CA LEU D 263 6.12 18.74 -6.63
C LEU D 263 6.76 20.04 -6.13
N GLY D 264 6.74 20.23 -4.81
CA GLY D 264 7.30 21.44 -4.19
C GLY D 264 8.80 21.60 -4.40
N GLY D 265 9.33 22.67 -3.84
CA GLY D 265 10.76 22.93 -3.87
C GLY D 265 11.23 23.84 -2.75
N LYS D 266 12.55 23.94 -2.62
CA LYS D 266 13.19 24.94 -1.77
C LYS D 266 14.28 25.62 -2.60
N SER D 267 13.83 26.38 -3.60
CA SER D 267 14.66 26.91 -4.66
C SER D 267 15.68 27.97 -4.19
N PRO D 268 16.95 27.81 -4.56
CA PRO D 268 17.97 28.82 -4.24
C PRO D 268 18.03 30.03 -5.20
N ASN D 269 18.03 31.23 -4.63
CA ASN D 269 18.20 32.48 -5.37
C ASN D 269 19.54 33.06 -4.94
N ILE D 270 20.48 33.09 -5.87
CA ILE D 270 21.86 33.39 -5.57
C ILE D 270 22.25 34.78 -6.11
N ILE D 271 22.88 35.59 -5.28
CA ILE D 271 23.18 37.00 -5.60
C ILE D 271 24.66 37.26 -5.35
N MET D 272 25.43 37.45 -6.44
CA MET D 272 26.86 37.76 -6.34
C MET D 272 27.05 39.22 -6.00
N SER D 273 28.27 39.59 -5.63
CA SER D 273 28.56 40.97 -5.22
C SER D 273 28.41 41.98 -6.36
N ASP D 274 28.68 41.55 -7.59
CA ASP D 274 28.63 42.44 -8.76
C ASP D 274 27.27 42.46 -9.44
N ALA D 275 26.24 41.96 -8.77
CA ALA D 275 24.88 42.09 -9.25
C ALA D 275 24.37 43.52 -9.03
N ASP D 276 23.53 43.98 -9.96
CA ASP D 276 22.85 45.29 -9.88
C ASP D 276 21.94 45.34 -8.64
N MET D 277 22.43 45.97 -7.57
CA MET D 277 21.77 45.90 -6.26
C MET D 277 20.26 46.14 -6.26
N ASP D 278 19.79 47.20 -6.91
CA ASP D 278 18.36 47.54 -6.81
C ASP D 278 17.43 46.58 -7.59
N TRP D 279 17.97 45.93 -8.61
CA TRP D 279 17.22 45.00 -9.45
C TRP D 279 17.08 43.68 -8.70
N ALA D 280 18.17 43.28 -8.06
CA ALA D 280 18.26 42.04 -7.31
C ALA D 280 17.29 42.02 -6.13
N VAL D 281 17.24 43.16 -5.43
CA VAL D 281 16.37 43.32 -4.28
C VAL D 281 14.91 43.24 -4.71
N GLU D 282 14.55 43.95 -5.77
CA GLU D 282 13.16 43.98 -6.21
C GLU D 282 12.73 42.59 -6.73
N GLN D 283 13.66 41.87 -7.34
CA GLN D 283 13.36 40.54 -7.88
C GLN D 283 13.33 39.46 -6.80
N ALA D 284 14.33 39.47 -5.91
CA ALA D 284 14.38 38.50 -4.81
C ALA D 284 13.10 38.56 -3.98
N HIS D 285 12.66 39.79 -3.70
CA HIS D 285 11.43 40.03 -2.97
C HIS D 285 10.22 39.46 -3.71
N PHE D 286 10.16 39.70 -5.00
CA PHE D 286 9.10 39.14 -5.83
C PHE D 286 9.24 37.61 -5.89
N ALA D 287 10.47 37.12 -6.00
CA ALA D 287 10.69 35.69 -6.10
C ALA D 287 10.10 34.94 -4.90
N LEU D 288 10.18 35.53 -3.71
CA LEU D 288 9.65 34.87 -2.52
C LEU D 288 8.21 35.25 -2.22
N PHE D 289 7.88 36.54 -2.25
CA PHE D 289 6.53 36.96 -1.82
C PHE D 289 5.43 36.81 -2.87
N PHE D 290 5.78 36.46 -4.11
CA PHE D 290 4.75 36.35 -5.18
C PHE D 290 3.71 35.34 -4.77
N ASN D 291 2.46 35.63 -5.15
CA ASN D 291 1.31 34.81 -4.80
C ASN D 291 1.18 34.43 -3.33
N GLN D 292 1.62 35.32 -2.43
CA GLN D 292 1.62 35.05 -0.99
C GLN D 292 2.55 33.90 -0.61
N GLY D 293 3.69 33.80 -1.29
CA GLY D 293 4.66 32.75 -1.03
C GLY D 293 4.24 31.36 -1.51
N GLN D 294 3.09 31.25 -2.17
CA GLN D 294 2.47 29.93 -2.46
C GLN D 294 2.83 29.48 -3.87
N CYS D 295 4.12 29.26 -4.07
CA CYS D 295 4.67 28.97 -5.37
C CYS D 295 5.60 27.81 -5.17
N CYS D 296 5.39 26.72 -5.92
CA CYS D 296 6.33 25.60 -5.96
C CYS D 296 7.75 26.08 -6.23
N CYS D 297 7.91 27.05 -7.12
CA CYS D 297 9.26 27.53 -7.46
C CYS D 297 9.73 28.78 -6.63
N ALA D 298 8.98 29.15 -5.60
CA ALA D 298 9.38 30.23 -4.68
C ALA D 298 10.88 30.30 -4.34
N GLY D 299 11.49 31.48 -4.50
CA GLY D 299 12.88 31.70 -4.15
C GLY D 299 13.03 31.82 -2.65
N SER D 300 12.89 30.66 -1.99
CA SER D 300 12.77 30.56 -0.55
C SER D 300 14.11 30.43 0.16
N ARG D 301 15.19 30.40 -0.62
CA ARG D 301 16.53 30.39 -0.09
C ARG D 301 17.37 31.41 -0.83
N THR D 302 17.52 32.60 -0.23
CA THR D 302 18.20 33.71 -0.90
C THR D 302 19.60 33.79 -0.35
N PHE D 303 20.56 33.18 -1.07
CA PHE D 303 21.95 33.26 -0.70
C PHE D 303 22.46 34.63 -1.13
N VAL D 304 23.27 35.28 -0.30
CA VAL D 304 23.83 36.59 -0.67
C VAL D 304 25.29 36.63 -0.27
N GLN D 305 26.14 37.14 -1.15
CA GLN D 305 27.57 37.12 -0.89
C GLN D 305 27.91 38.12 0.21
N GLU D 306 28.95 37.83 1.00
CA GLU D 306 29.23 38.60 2.22
C GLU D 306 29.47 40.11 2.02
N ASP D 307 30.09 40.51 0.92
CA ASP D 307 30.37 41.94 0.72
C ASP D 307 29.11 42.79 0.60
N ILE D 308 27.99 42.21 0.16
CA ILE D 308 26.72 42.95 -0.02
C ILE D 308 25.57 42.54 0.93
N TYR D 309 25.82 41.57 1.80
CA TYR D 309 24.79 41.05 2.73
C TYR D 309 24.04 42.10 3.55
N ASP D 310 24.77 43.07 4.13
CA ASP D 310 24.16 43.99 5.10
C ASP D 310 23.21 44.94 4.43
N GLU D 311 23.68 45.58 3.38
CA GLU D 311 22.86 46.48 2.59
C GLU D 311 21.66 45.74 1.99
N PHE D 312 21.88 44.52 1.50
CA PHE D 312 20.81 43.71 0.90
C PHE D 312 19.69 43.39 1.90
N VAL D 313 20.10 43.01 3.10
CA VAL D 313 19.14 42.70 4.16
C VAL D 313 18.29 43.92 4.50
N GLU D 314 18.95 45.06 4.64
CA GLU D 314 18.32 46.32 5.05
C GLU D 314 17.32 46.78 3.99
N ARG D 315 17.69 46.63 2.72
CA ARG D 315 16.77 46.96 1.63
C ARG D 315 15.62 45.96 1.59
N SER D 316 15.93 44.68 1.75
CA SER D 316 14.92 43.61 1.67
C SER D 316 13.86 43.77 2.76
N VAL D 317 14.31 43.98 4.01
CA VAL D 317 13.42 44.28 5.13
C VAL D 317 12.52 45.47 4.80
N ALA D 318 13.10 46.57 4.37
CA ALA D 318 12.32 47.77 4.04
C ALA D 318 11.16 47.47 3.11
N ARG D 319 11.44 46.78 2.01
CA ARG D 319 10.39 46.42 1.00
C ARG D 319 9.38 45.44 1.58
N ALA D 320 9.83 44.59 2.50
CA ALA D 320 8.92 43.68 3.23
C ALA D 320 7.94 44.47 4.09
N LYS D 321 8.42 45.51 4.77
CA LYS D 321 7.57 46.31 5.65
C LYS D 321 6.58 47.22 4.90
N SER D 322 6.90 47.60 3.66
CA SER D 322 5.98 48.42 2.86
C SER D 322 5.10 47.60 1.90
N ARG D 323 5.26 46.29 1.90
CA ARG D 323 4.35 45.43 1.14
C ARG D 323 2.94 45.55 1.76
N VAL D 324 1.94 45.83 0.92
CA VAL D 324 0.60 46.14 1.39
C VAL D 324 -0.30 44.90 1.44
N VAL D 325 -0.82 44.60 2.62
CA VAL D 325 -1.67 43.44 2.85
C VAL D 325 -3.09 43.93 3.07
N GLY D 326 -4.06 43.30 2.40
CA GLY D 326 -5.47 43.60 2.60
C GLY D 326 -6.39 42.94 1.58
N ASN D 327 -7.60 43.48 1.46
CA ASN D 327 -8.56 43.04 0.48
C ASN D 327 -7.85 42.98 -0.87
N PRO D 328 -7.94 41.82 -1.55
CA PRO D 328 -7.33 41.68 -2.87
C PRO D 328 -8.12 42.30 -4.05
N PHE D 329 -9.34 42.76 -3.80
CA PHE D 329 -10.06 43.53 -4.84
C PHE D 329 -9.65 45.01 -4.88
N ASP D 330 -8.85 45.46 -3.91
CA ASP D 330 -8.31 46.82 -3.86
C ASP D 330 -6.99 46.88 -4.61
N SER D 331 -6.77 47.93 -5.41
CA SER D 331 -5.54 48.05 -6.24
C SER D 331 -4.27 48.37 -5.47
N LYS D 332 -4.42 48.83 -4.23
CA LYS D 332 -3.24 49.10 -3.38
C LYS D 332 -2.62 47.81 -2.85
N THR D 333 -3.43 46.76 -2.68
CA THR D 333 -2.96 45.51 -2.11
C THR D 333 -1.96 44.80 -3.01
N GLU D 334 -0.87 44.32 -2.41
CA GLU D 334 0.10 43.47 -3.11
C GLU D 334 0.07 42.04 -2.59
N GLN D 335 -0.61 41.83 -1.46
CA GLN D 335 -0.65 40.53 -0.80
C GLN D 335 -2.01 40.29 -0.18
N GLY D 336 -2.77 39.35 -0.74
CA GLY D 336 -4.00 38.88 -0.12
C GLY D 336 -3.73 37.84 0.96
N PRO D 337 -4.74 37.03 1.29
CA PRO D 337 -4.59 36.03 2.31
C PRO D 337 -4.05 34.71 1.75
N GLN D 338 -3.54 33.86 2.64
CA GLN D 338 -3.20 32.49 2.32
C GLN D 338 -4.49 31.80 2.07
N VAL D 339 -4.42 30.64 1.44
CA VAL D 339 -5.59 30.02 0.83
C VAL D 339 -6.61 29.47 1.82
N ASP D 340 -6.17 28.98 2.99
CA ASP D 340 -7.07 28.40 4.02
C ASP D 340 -6.43 28.32 5.42
N GLU D 341 -7.20 27.81 6.38
CA GLU D 341 -6.74 27.72 7.78
C GLU D 341 -5.57 26.77 7.96
N THR D 342 -5.59 25.65 7.25
CA THR D 342 -4.49 24.68 7.35
C THR D 342 -3.14 25.28 6.98
N GLN D 343 -3.06 25.90 5.80
CA GLN D 343 -1.80 26.55 5.38
C GLN D 343 -1.45 27.72 6.31
N PHE D 344 -2.48 28.39 6.81
CA PHE D 344 -2.32 29.48 7.76
C PHE D 344 -1.59 28.99 9.02
N LYS D 345 -2.15 27.97 9.66
CA LYS D 345 -1.53 27.36 10.84
C LYS D 345 -0.14 26.81 10.54
N LYS D 346 -0.01 26.18 9.37
CA LYS D 346 1.26 25.60 8.96
C LYS D 346 2.37 26.66 8.93
N ILE D 347 2.05 27.81 8.35
CA ILE D 347 2.99 28.94 8.25
C ILE D 347 3.25 29.52 9.64
N LEU D 348 2.20 29.73 10.42
CA LEU D 348 2.38 30.19 11.81
C LEU D 348 3.31 29.28 12.59
N GLY D 349 3.14 27.97 12.44
CA GLY D 349 4.08 26.99 13.03
C GLY D 349 5.51 27.09 12.54
N TYR D 350 5.67 27.29 11.23
CA TYR D 350 6.99 27.34 10.63
C TYR D 350 7.80 28.59 11.05
N ILE D 351 7.11 29.69 11.33
CA ILE D 351 7.74 30.92 11.84
C ILE D 351 8.17 30.74 13.30
N ASN D 352 7.31 30.14 14.12
CA ASN D 352 7.72 29.76 15.46
C ASN D 352 8.93 28.82 15.45
N THR D 353 8.91 27.82 14.57
CA THR D 353 10.07 26.95 14.39
C THR D 353 11.30 27.76 14.02
N GLY D 354 11.14 28.72 13.11
CA GLY D 354 12.21 29.67 12.82
C GLY D 354 12.82 30.24 14.10
N LYS D 355 12.01 30.92 14.89
CA LYS D 355 12.48 31.54 16.14
C LYS D 355 13.15 30.55 17.08
N GLN D 356 12.62 29.34 17.16
CA GLN D 356 13.16 28.29 18.05
C GLN D 356 14.57 27.90 17.69
N GLU D 357 14.84 27.76 16.40
CA GLU D 357 16.13 27.26 15.96
C GLU D 357 17.21 28.34 15.83
N GLY D 358 16.87 29.60 16.15
CA GLY D 358 17.86 30.69 16.22
C GLY D 358 18.02 31.56 14.97
N ALA D 359 16.98 31.62 14.15
CA ALA D 359 16.96 32.53 13.02
C ALA D 359 16.51 33.89 13.54
N LYS D 360 17.03 34.96 12.95
CA LYS D 360 16.72 36.29 13.42
C LYS D 360 15.49 36.84 12.72
N LEU D 361 14.44 37.09 13.51
CA LEU D 361 13.23 37.70 12.99
C LEU D 361 13.51 39.19 12.79
N LEU D 362 13.36 39.68 11.57
CA LEU D 362 13.69 41.06 11.23
C LEU D 362 12.45 41.88 10.87
N CYS D 363 11.39 41.22 10.43
CA CYS D 363 10.08 41.85 10.42
C CYS D 363 8.96 40.83 10.40
N GLY D 364 7.78 41.30 10.81
CA GLY D 364 6.55 40.51 10.74
C GLY D 364 6.58 39.28 11.63
N GLY D 365 6.06 38.18 11.12
CA GLY D 365 6.08 36.89 11.81
C GLY D 365 4.87 36.70 12.69
N GLY D 366 3.78 37.32 12.32
CA GLY D 366 2.52 37.21 13.03
C GLY D 366 1.39 37.44 12.06
N ILE D 367 0.23 37.79 12.61
CA ILE D 367 -1.02 37.84 11.87
C ILE D 367 -1.37 39.28 11.52
N ALA D 368 -2.01 39.46 10.37
CA ALA D 368 -2.19 40.76 9.75
C ALA D 368 -3.61 41.31 9.81
N ALA D 369 -4.58 40.45 10.04
CA ALA D 369 -5.98 40.88 10.09
C ALA D 369 -6.76 40.03 11.09
N ASP D 370 -7.88 40.56 11.56
CA ASP D 370 -8.70 39.85 12.54
C ASP D 370 -9.64 38.84 11.87
N ARG D 371 -9.88 39.00 10.56
CA ARG D 371 -10.65 38.02 9.78
C ARG D 371 -9.81 37.54 8.60
N GLY D 372 -10.20 36.39 8.04
CA GLY D 372 -9.48 35.80 6.91
C GLY D 372 -8.16 35.20 7.35
N TYR D 373 -7.25 34.96 6.41
CA TYR D 373 -6.02 34.23 6.71
C TYR D 373 -4.77 35.02 6.27
N PHE D 374 -4.61 36.21 6.86
CA PHE D 374 -3.55 37.11 6.48
C PHE D 374 -2.39 37.01 7.44
N ILE D 375 -1.20 36.85 6.87
CA ILE D 375 0.05 36.78 7.62
C ILE D 375 0.95 37.92 7.15
N GLN D 376 1.72 38.50 8.08
CA GLN D 376 2.63 39.59 7.77
C GLN D 376 3.84 39.08 7.00
N PRO D 377 4.30 39.85 5.99
CA PRO D 377 5.55 39.49 5.31
C PRO D 377 6.66 39.33 6.33
N THR D 378 7.33 38.18 6.31
CA THR D 378 8.32 37.85 7.32
C THR D 378 9.68 37.71 6.67
N VAL D 379 10.71 38.25 7.29
CA VAL D 379 12.08 38.03 6.85
C VAL D 379 12.92 37.48 8.01
N PHE D 380 13.69 36.44 7.71
CA PHE D 380 14.60 35.81 8.65
C PHE D 380 16.02 35.95 8.13
N GLY D 381 16.92 36.46 8.96
CA GLY D 381 18.31 36.67 8.56
C GLY D 381 19.25 35.74 9.29
N ASP D 382 20.46 35.61 8.77
CA ASP D 382 21.48 34.70 9.31
C ASP D 382 20.97 33.27 9.36
N VAL D 383 20.29 32.85 8.30
CA VAL D 383 19.75 31.50 8.23
C VAL D 383 20.90 30.58 7.86
N GLN D 384 20.89 29.39 8.46
CA GLN D 384 21.96 28.40 8.25
C GLN D 384 21.41 27.17 7.57
N ASP D 385 22.25 26.41 6.89
CA ASP D 385 21.79 25.28 6.07
C ASP D 385 21.02 24.25 6.91
N GLY D 386 21.48 24.02 8.13
CA GLY D 386 20.91 22.99 9.00
C GLY D 386 19.54 23.32 9.57
N MET D 387 19.12 24.58 9.46
CA MET D 387 17.82 24.97 10.00
C MET D 387 16.66 24.40 9.20
N THR D 388 15.60 24.03 9.91
CA THR D 388 14.43 23.40 9.31
C THR D 388 13.82 24.28 8.21
N ILE D 389 13.74 25.58 8.48
CA ILE D 389 13.27 26.58 7.49
C ILE D 389 14.14 26.73 6.24
N ALA D 390 15.41 26.36 6.34
CA ALA D 390 16.28 26.31 5.16
C ALA D 390 16.04 25.02 4.39
N LYS D 391 15.37 24.05 5.00
CA LYS D 391 15.28 22.72 4.42
C LYS D 391 13.90 22.34 3.93
N GLU D 392 12.85 22.92 4.49
CA GLU D 392 11.48 22.56 4.10
C GLU D 392 10.65 23.74 3.60
N GLU D 393 9.75 23.46 2.66
CA GLU D 393 9.00 24.47 1.96
C GLU D 393 7.81 24.96 2.79
N ILE D 394 7.87 26.22 3.18
CA ILE D 394 6.82 26.84 4.00
C ILE D 394 5.61 27.11 3.12
N PHE D 395 5.87 27.61 1.92
CA PHE D 395 4.81 27.92 0.98
C PHE D 395 4.06 29.15 1.51
N GLY D 396 4.82 30.12 2.01
CA GLY D 396 4.24 31.31 2.63
C GLY D 396 5.16 32.51 2.57
N PRO D 397 4.67 33.67 3.04
CA PRO D 397 5.45 34.88 2.92
C PRO D 397 6.53 34.96 3.97
N VAL D 398 7.52 34.10 3.82
CA VAL D 398 8.58 33.97 4.78
C VAL D 398 9.89 33.79 4.02
N MET D 399 10.74 34.81 4.09
CA MET D 399 12.02 34.85 3.38
C MET D 399 13.17 34.36 4.28
N GLN D 400 14.06 33.55 3.70
CA GLN D 400 15.27 33.11 4.35
C GLN D 400 16.46 33.71 3.60
N ILE D 401 17.33 34.42 4.30
CA ILE D 401 18.50 35.02 3.70
C ILE D 401 19.71 34.37 4.34
N LEU D 402 20.55 33.76 3.52
CA LEU D 402 21.76 33.10 3.96
C LEU D 402 22.98 33.83 3.40
N LYS D 403 24.16 33.54 3.93
CA LYS D 403 25.37 34.28 3.60
C LYS D 403 26.43 33.32 3.11
N PHE D 404 27.13 33.68 2.03
CA PHE D 404 28.23 32.84 1.51
C PHE D 404 29.45 33.67 1.06
N LYS D 405 30.61 33.04 0.97
CA LYS D 405 31.85 33.75 0.63
C LYS D 405 32.22 33.55 -0.85
N THR D 406 32.47 32.29 -1.23
CA THR D 406 32.90 31.95 -2.58
C THR D 406 31.78 31.34 -3.44
N ILE D 407 31.93 31.48 -4.75
CA ILE D 407 30.99 30.92 -5.72
C ILE D 407 30.92 29.39 -5.67
N GLU D 408 32.05 28.75 -5.35
CA GLU D 408 32.14 27.29 -5.33
C GLU D 408 31.43 26.72 -4.11
N GLU D 409 31.60 27.41 -2.99
CA GLU D 409 30.92 27.05 -1.73
C GLU D 409 29.41 26.95 -1.98
N VAL D 410 28.84 27.99 -2.57
CA VAL D 410 27.39 28.11 -2.68
C VAL D 410 26.76 27.10 -3.68
N VAL D 411 27.57 26.55 -4.57
CA VAL D 411 27.12 25.51 -5.50
C VAL D 411 26.71 24.25 -4.75
N GLY D 412 27.57 23.79 -3.84
CA GLY D 412 27.26 22.64 -2.97
C GLY D 412 26.15 22.91 -1.98
N ARG D 413 26.13 24.12 -1.45
CA ARG D 413 25.08 24.52 -0.50
C ARG D 413 23.72 24.58 -1.19
N ALA D 414 23.66 25.19 -2.38
CA ALA D 414 22.41 25.29 -3.13
C ALA D 414 21.89 23.93 -3.55
N ASN D 415 22.80 23.08 -4.05
CA ASN D 415 22.45 21.73 -4.52
C ASN D 415 22.11 20.71 -3.46
N ASN D 416 22.76 20.76 -2.29
CA ASN D 416 22.48 19.79 -1.22
C ASN D 416 21.06 19.93 -0.72
N SER D 417 20.15 19.27 -1.42
CA SER D 417 18.75 19.35 -1.11
C SER D 417 18.07 18.29 -1.93
N THR D 418 17.03 17.70 -1.36
CA THR D 418 16.23 16.70 -2.07
C THR D 418 15.28 17.33 -3.10
N TYR D 419 15.17 18.66 -3.11
CA TYR D 419 14.37 19.38 -4.14
C TYR D 419 15.27 20.08 -5.14
N GLY D 420 14.74 20.30 -6.35
CA GLY D 420 15.51 20.83 -7.47
C GLY D 420 14.63 21.29 -8.62
N LEU D 421 13.59 22.03 -8.29
CA LEU D 421 12.70 22.56 -9.30
C LEU D 421 13.39 23.72 -10.06
N ALA D 422 13.83 24.74 -9.34
CA ALA D 422 14.22 25.98 -9.97
C ALA D 422 15.33 26.66 -9.19
N ALA D 423 16.00 27.58 -9.87
CA ALA D 423 17.08 28.35 -9.27
C ALA D 423 17.27 29.64 -10.04
N ALA D 424 18.00 30.55 -9.41
CA ALA D 424 18.27 31.85 -9.98
C ALA D 424 19.67 32.30 -9.60
N VAL D 425 20.25 33.09 -10.49
CA VAL D 425 21.57 33.65 -10.30
C VAL D 425 21.49 35.10 -10.71
N PHE D 426 22.04 35.98 -9.88
CA PHE D 426 22.12 37.40 -10.22
C PHE D 426 23.56 37.80 -10.19
N THR D 427 24.06 38.24 -11.35
CA THR D 427 25.44 38.65 -11.55
C THR D 427 25.55 39.47 -12.85
N LYS D 428 26.70 40.07 -13.10
CA LYS D 428 26.98 40.75 -14.38
C LYS D 428 28.04 40.02 -15.20
N ASP D 429 28.77 39.12 -14.54
CA ASP D 429 29.92 38.45 -15.16
C ASP D 429 29.46 37.25 -16.02
N LEU D 430 29.87 37.23 -17.27
CA LEU D 430 29.57 36.11 -18.17
C LEU D 430 29.96 34.76 -17.59
N ASP D 431 31.23 34.63 -17.20
CA ASP D 431 31.78 33.36 -16.70
C ASP D 431 31.04 32.78 -15.47
N LYS D 432 30.66 33.64 -14.53
CA LYS D 432 30.01 33.18 -13.31
C LYS D 432 28.60 32.71 -13.57
N ALA D 433 27.88 33.43 -14.42
CA ALA D 433 26.53 33.04 -14.82
C ALA D 433 26.50 31.69 -15.54
N ASN D 434 27.53 31.41 -16.33
CA ASN D 434 27.68 30.11 -17.00
C ASN D 434 28.11 29.02 -16.05
N TYR D 435 29.11 29.31 -15.22
CA TYR D 435 29.55 28.32 -14.24
C TYR D 435 28.38 27.81 -13.40
N LEU D 436 27.66 28.75 -12.78
CA LEU D 436 26.49 28.43 -11.95
C LEU D 436 25.26 27.87 -12.68
N SER D 437 24.98 28.35 -13.89
CA SER D 437 23.85 27.82 -14.63
C SER D 437 24.14 26.38 -15.06
N GLN D 438 25.42 26.06 -15.23
CA GLN D 438 25.83 24.69 -15.48
C GLN D 438 25.76 23.83 -14.21
N ALA D 439 26.20 24.35 -13.07
CA ALA D 439 26.37 23.51 -11.86
C ALA D 439 25.11 23.27 -11.03
N LEU D 440 24.17 24.21 -11.02
CA LEU D 440 22.95 24.03 -10.24
C LEU D 440 22.09 22.89 -10.77
N GLN D 441 21.72 21.97 -9.87
CA GLN D 441 20.84 20.86 -10.18
C GLN D 441 19.40 21.29 -10.06
N ALA D 442 18.93 21.98 -11.10
CA ALA D 442 17.61 22.56 -11.12
C ALA D 442 17.05 22.51 -12.53
N GLY D 443 15.79 22.14 -12.67
CA GLY D 443 15.12 22.12 -13.97
C GLY D 443 14.98 23.48 -14.63
N THR D 444 15.00 24.56 -13.84
CA THR D 444 15.04 25.91 -14.42
C THR D 444 16.07 26.79 -13.72
N VAL D 445 16.94 27.42 -14.50
CA VAL D 445 17.95 28.34 -14.00
C VAL D 445 17.66 29.72 -14.60
N TRP D 446 17.22 30.65 -13.77
CA TRP D 446 16.96 32.00 -14.21
C TRP D 446 18.22 32.87 -13.98
N VAL D 447 18.65 33.58 -15.02
CA VAL D 447 19.79 34.49 -14.89
C VAL D 447 19.31 35.95 -14.91
N ASN D 448 19.64 36.68 -13.86
CA ASN D 448 19.16 38.05 -13.64
C ASN D 448 17.66 38.27 -13.79
N CYS D 449 16.87 37.24 -13.48
CA CYS D 449 15.43 37.37 -13.45
C CYS D 449 14.84 36.26 -12.58
N TYR D 450 13.53 36.26 -12.42
CA TYR D 450 12.87 35.17 -11.71
C TYR D 450 11.44 35.04 -12.16
N ASP D 451 10.88 33.83 -12.01
CA ASP D 451 9.48 33.54 -12.33
C ASP D 451 9.13 33.85 -13.78
N VAL D 452 10.11 33.80 -14.66
CA VAL D 452 9.85 34.06 -16.05
C VAL D 452 9.59 32.70 -16.67
N PHE D 453 8.31 32.43 -16.93
CA PHE D 453 7.89 31.25 -17.67
C PHE D 453 7.44 31.70 -19.03
N GLY D 454 7.68 30.86 -20.02
CA GLY D 454 7.07 31.04 -21.33
C GLY D 454 6.18 29.84 -21.54
N ALA D 455 5.08 30.02 -22.26
CA ALA D 455 4.32 28.88 -22.75
C ALA D 455 5.23 27.98 -23.60
N GLN D 456 6.35 28.56 -24.05
CA GLN D 456 7.25 27.98 -25.04
C GLN D 456 8.37 27.15 -24.41
N SER D 457 8.69 27.44 -23.14
CA SER D 457 9.91 26.92 -22.48
C SER D 457 9.61 25.93 -21.37
N PRO D 458 10.23 24.73 -21.41
CA PRO D 458 9.85 23.66 -20.47
C PRO D 458 10.08 24.01 -19.00
N PHE D 459 9.31 23.35 -18.13
CA PHE D 459 9.39 23.57 -16.70
C PHE D 459 9.12 22.28 -15.95
N GLY D 460 9.94 21.99 -14.95
CA GLY D 460 9.80 20.78 -14.14
C GLY D 460 10.93 20.55 -13.14
N GLY D 461 10.85 19.43 -12.42
CA GLY D 461 11.74 19.18 -11.30
C GLY D 461 12.94 18.29 -11.58
N TYR D 462 14.01 18.57 -10.85
CA TYR D 462 15.05 17.58 -10.59
C TYR D 462 14.65 16.87 -9.29
N LYS D 463 15.35 15.77 -8.99
CA LYS D 463 15.22 15.02 -7.72
C LYS D 463 13.78 14.79 -7.24
N MET D 464 13.47 15.20 -6.00
CA MET D 464 12.11 15.04 -5.45
C MET D 464 11.19 16.25 -5.72
N SER D 465 11.63 17.20 -6.54
CA SER D 465 10.73 18.25 -7.05
C SER D 465 9.82 17.71 -8.16
N GLY D 466 10.18 16.56 -8.73
CA GLY D 466 9.28 15.81 -9.60
C GLY D 466 10.01 15.09 -10.71
N SER D 467 9.25 14.75 -11.75
CA SER D 467 9.79 14.15 -12.97
C SER D 467 8.82 14.40 -14.10
N GLY D 468 9.32 14.46 -15.33
CA GLY D 468 8.53 14.91 -16.47
C GLY D 468 8.63 16.42 -16.57
N ARG D 469 8.19 16.97 -17.71
CA ARG D 469 8.35 18.41 -17.99
C ARG D 469 7.06 19.03 -18.54
N GLU D 470 6.85 20.31 -18.21
CA GLU D 470 5.61 21.02 -18.57
C GLU D 470 5.85 22.32 -19.37
N LEU D 471 5.05 22.52 -20.42
CA LEU D 471 5.22 23.61 -21.43
C LEU D 471 6.32 23.31 -22.45
N GLY D 472 6.29 24.04 -23.56
CA GLY D 472 7.13 23.71 -24.72
C GLY D 472 6.74 22.38 -25.38
N GLU D 473 7.55 21.97 -26.37
CA GLU D 473 7.45 20.69 -27.08
C GLU D 473 7.54 19.50 -26.12
N TYR D 474 8.37 19.67 -25.10
CA TYR D 474 8.58 18.67 -24.07
C TYR D 474 7.30 18.26 -23.34
N GLY D 475 6.38 19.22 -23.17
CA GLY D 475 5.09 18.95 -22.51
C GLY D 475 4.21 17.96 -23.26
N LEU D 476 4.51 17.75 -24.55
CA LEU D 476 3.74 16.83 -25.36
C LEU D 476 4.21 15.39 -25.23
N GLN D 477 5.46 15.17 -24.83
CA GLN D 477 6.06 13.83 -24.77
C GLN D 477 5.31 12.88 -23.84
N ALA D 478 5.00 13.35 -22.63
CA ALA D 478 4.32 12.52 -21.64
C ALA D 478 2.87 12.22 -21.99
N TYR D 479 2.31 12.88 -23.00
CA TYR D 479 0.92 12.62 -23.45
C TYR D 479 0.80 11.85 -24.76
N THR D 480 1.94 11.40 -25.26
CA THR D 480 2.08 10.69 -26.52
C THR D 480 2.47 9.23 -26.24
N GLU D 481 1.93 8.31 -27.02
CA GLU D 481 2.39 6.91 -27.05
C GLU D 481 2.97 6.58 -28.46
N VAL D 482 4.21 6.12 -28.50
CA VAL D 482 4.90 5.81 -29.77
C VAL D 482 4.52 4.41 -30.34
N LYS D 483 4.08 4.40 -31.60
CA LYS D 483 3.84 3.15 -32.32
C LYS D 483 4.84 3.06 -33.49
N THR D 484 5.57 1.96 -33.58
CA THR D 484 6.46 1.67 -34.71
C THR D 484 5.73 0.73 -35.69
N VAL D 485 5.63 1.14 -36.95
CA VAL D 485 5.18 0.26 -38.02
C VAL D 485 6.37 -0.13 -38.90
N THR D 486 6.57 -1.43 -39.09
CA THR D 486 7.70 -1.92 -39.87
C THR D 486 7.18 -2.88 -40.97
N VAL D 487 7.20 -2.39 -42.20
CA VAL D 487 6.62 -3.09 -43.35
C VAL D 487 7.73 -3.74 -44.17
N LYS D 488 7.51 -4.97 -44.62
CA LYS D 488 8.43 -5.60 -45.58
C LYS D 488 8.16 -4.94 -46.92
N VAL D 489 9.22 -4.53 -47.61
CA VAL D 489 9.12 -3.98 -48.97
C VAL D 489 9.97 -4.83 -49.93
N PRO D 490 9.69 -4.76 -51.25
CA PRO D 490 10.40 -5.58 -52.24
C PRO D 490 11.93 -5.36 -52.24
N GLN D 491 12.37 -4.11 -52.43
CA GLN D 491 13.79 -3.77 -52.48
C GLN D 491 14.05 -2.35 -51.98
N LYS D 492 14.82 -2.22 -50.90
CA LYS D 492 15.07 -0.90 -50.32
C LYS D 492 16.15 -0.17 -51.10
N ASN D 493 15.82 1.03 -51.58
CA ASN D 493 16.79 1.97 -52.10
C ASN D 493 16.80 3.24 -51.27
N SER D 494 17.93 3.93 -51.29
CA SER D 494 18.11 5.14 -50.49
C SER D 494 17.25 6.29 -51.00
N ALA E 1 -45.11 -38.78 19.92
CA ALA E 1 -43.69 -39.12 19.61
C ALA E 1 -43.06 -39.94 20.75
N VAL E 2 -43.87 -40.82 21.35
CA VAL E 2 -43.46 -41.65 22.47
C VAL E 2 -43.78 -43.11 22.22
N PRO E 3 -42.75 -43.99 22.21
CA PRO E 3 -43.00 -45.41 21.94
C PRO E 3 -43.81 -46.04 23.06
N ALA E 4 -44.68 -46.99 22.69
CA ALA E 4 -45.60 -47.62 23.63
C ALA E 4 -44.85 -48.35 24.74
N PRO E 5 -45.36 -48.28 25.98
CA PRO E 5 -44.68 -48.84 27.13
C PRO E 5 -44.78 -50.35 27.24
N ASN E 6 -44.02 -50.92 28.17
CA ASN E 6 -44.34 -52.22 28.73
C ASN E 6 -44.85 -51.98 30.14
N GLN E 7 -46.08 -52.44 30.41
CA GLN E 7 -46.76 -52.05 31.63
C GLN E 7 -46.39 -52.86 32.86
N GLN E 8 -45.60 -53.93 32.66
CA GLN E 8 -45.08 -54.75 33.77
C GLN E 8 -43.71 -55.34 33.43
N PRO E 9 -42.67 -54.48 33.34
CA PRO E 9 -41.32 -54.94 32.99
C PRO E 9 -40.63 -55.67 34.12
N GLU E 10 -39.73 -56.60 33.78
CA GLU E 10 -39.05 -57.43 34.77
C GLU E 10 -37.93 -56.63 35.43
N VAL E 11 -37.64 -56.98 36.68
CA VAL E 11 -36.66 -56.29 37.52
C VAL E 11 -35.36 -57.09 37.57
N PHE E 12 -34.32 -56.58 36.90
CA PHE E 12 -33.08 -57.34 36.76
C PHE E 12 -32.05 -57.13 37.86
N CYS E 13 -32.26 -56.12 38.73
CA CYS E 13 -31.28 -55.80 39.77
C CYS E 13 -31.96 -55.43 41.07
N ASN E 14 -31.54 -56.06 42.18
CA ASN E 14 -32.14 -55.78 43.49
C ASN E 14 -31.21 -55.91 44.70
N GLN E 15 -29.93 -55.59 44.53
CA GLN E 15 -28.95 -55.78 45.62
C GLN E 15 -28.10 -54.55 45.94
N ILE E 16 -27.13 -54.73 46.84
CA ILE E 16 -26.15 -53.70 47.15
C ILE E 16 -24.98 -53.82 46.18
N PHE E 17 -24.55 -52.67 45.68
CA PHE E 17 -23.59 -52.55 44.59
C PHE E 17 -22.30 -52.04 45.20
N ILE E 18 -21.43 -52.96 45.60
CA ILE E 18 -20.14 -52.62 46.17
C ILE E 18 -19.07 -53.22 45.25
N ASN E 19 -18.08 -52.41 44.89
CA ASN E 19 -16.97 -52.81 44.01
C ASN E 19 -17.37 -53.38 42.65
N ASN E 20 -18.44 -52.85 42.07
CA ASN E 20 -19.01 -53.39 40.81
C ASN E 20 -19.61 -54.81 40.94
N GLU E 21 -19.84 -55.25 42.18
CA GLU E 21 -20.47 -56.56 42.44
C GLU E 21 -21.79 -56.38 43.17
N TRP E 22 -22.60 -57.44 43.10
CA TRP E 22 -23.93 -57.47 43.71
C TRP E 22 -23.86 -58.26 45.02
N HIS E 23 -24.40 -57.69 46.09
CA HIS E 23 -24.22 -58.26 47.43
C HIS E 23 -25.46 -58.09 48.31
N ASP E 24 -25.73 -59.10 49.13
CA ASP E 24 -26.76 -59.01 50.17
C ASP E 24 -26.23 -58.15 51.31
N ALA E 25 -27.12 -57.71 52.19
CA ALA E 25 -26.70 -57.09 53.45
C ALA E 25 -25.96 -58.10 54.35
N VAL E 26 -24.98 -57.62 55.09
CA VAL E 26 -24.25 -58.47 56.05
C VAL E 26 -25.24 -59.16 56.98
N SER E 27 -26.29 -58.43 57.37
CA SER E 27 -27.38 -58.97 58.19
C SER E 27 -28.34 -59.87 57.41
N ARG E 28 -28.38 -59.70 56.08
CA ARG E 28 -29.25 -60.47 55.18
C ARG E 28 -30.73 -60.06 55.18
N LYS E 29 -31.08 -58.99 55.92
CA LYS E 29 -32.45 -58.45 55.87
C LYS E 29 -32.74 -57.86 54.50
N THR E 30 -34.03 -57.72 54.19
CA THR E 30 -34.50 -57.10 52.96
C THR E 30 -35.71 -56.25 53.29
N PHE E 31 -36.22 -55.54 52.28
CA PHE E 31 -37.42 -54.73 52.46
C PHE E 31 -38.20 -54.69 51.15
N PRO E 32 -39.54 -54.52 51.24
CA PRO E 32 -40.39 -54.44 50.05
C PRO E 32 -40.36 -53.07 49.36
N THR E 33 -40.66 -53.05 48.06
CA THR E 33 -40.90 -51.82 47.33
C THR E 33 -42.22 -51.95 46.58
N VAL E 34 -43.00 -50.89 46.59
CA VAL E 34 -44.39 -50.96 46.17
C VAL E 34 -44.61 -50.29 44.81
N ASN E 35 -45.55 -50.86 44.05
CA ASN E 35 -46.14 -50.16 42.93
C ASN E 35 -47.26 -49.25 43.46
N PRO E 36 -47.08 -47.91 43.38
CA PRO E 36 -48.10 -47.04 43.97
C PRO E 36 -49.41 -46.98 43.16
N SER E 37 -49.42 -47.54 41.95
CA SER E 37 -50.65 -47.66 41.16
C SER E 37 -51.55 -48.80 41.65
N THR E 38 -50.96 -49.79 42.31
CA THR E 38 -51.69 -50.95 42.80
C THR E 38 -51.55 -51.15 44.31
N GLY E 39 -50.59 -50.46 44.94
CA GLY E 39 -50.27 -50.72 46.34
C GLY E 39 -49.66 -52.09 46.60
N GLU E 40 -49.44 -52.89 45.55
CA GLU E 40 -48.93 -54.26 45.69
C GLU E 40 -47.39 -54.29 45.59
N VAL E 41 -46.77 -55.29 46.21
CA VAL E 41 -45.30 -55.43 46.23
C VAL E 41 -44.74 -55.78 44.84
N ILE E 42 -43.66 -55.09 44.43
CA ILE E 42 -43.00 -55.34 43.14
C ILE E 42 -41.89 -56.36 43.30
N CYS E 43 -41.16 -56.24 44.41
CA CYS E 43 -40.10 -57.18 44.76
C CYS E 43 -39.49 -56.82 46.11
N GLN E 44 -38.53 -57.64 46.54
CA GLN E 44 -37.73 -57.38 47.73
C GLN E 44 -36.37 -56.77 47.36
N VAL E 45 -35.86 -55.91 48.23
CA VAL E 45 -34.57 -55.24 48.03
C VAL E 45 -33.63 -55.54 49.19
N ALA E 46 -32.33 -55.65 48.90
CA ALA E 46 -31.32 -55.91 49.94
C ALA E 46 -31.24 -54.74 50.93
N GLU E 47 -31.30 -55.04 52.23
CA GLU E 47 -31.42 -53.96 53.23
C GLU E 47 -30.10 -53.54 53.87
N GLY E 48 -29.41 -52.59 53.23
CA GLY E 48 -28.12 -52.10 53.71
C GLY E 48 -28.16 -51.29 55.01
N ASP E 49 -27.20 -51.58 55.89
CA ASP E 49 -27.05 -50.90 57.18
C ASP E 49 -25.57 -50.51 57.38
N LYS E 50 -25.20 -50.10 58.59
CA LYS E 50 -23.86 -49.55 58.88
C LYS E 50 -22.67 -50.38 58.36
N GLU E 51 -22.73 -51.69 58.51
CA GLU E 51 -21.64 -52.55 58.05
C GLU E 51 -21.63 -52.70 56.52
N ASP E 52 -22.76 -52.42 55.89
CA ASP E 52 -22.90 -52.48 54.44
C ASP E 52 -22.33 -51.23 53.78
N VAL E 53 -22.49 -50.10 54.49
CA VAL E 53 -21.88 -48.84 54.12
C VAL E 53 -20.36 -49.00 54.18
N ASP E 54 -19.88 -49.44 55.35
CA ASP E 54 -18.45 -49.66 55.61
C ASP E 54 -17.77 -50.40 54.46
N LYS E 55 -18.47 -51.39 53.91
CA LYS E 55 -17.96 -52.13 52.77
C LYS E 55 -17.81 -51.25 51.53
N ALA E 56 -18.86 -50.50 51.17
CA ALA E 56 -18.79 -49.57 50.04
C ALA E 56 -17.80 -48.44 50.28
N VAL E 57 -17.80 -47.90 51.49
CA VAL E 57 -16.93 -46.78 51.82
C VAL E 57 -15.45 -47.16 51.81
N LYS E 58 -15.12 -48.39 52.19
CA LYS E 58 -13.74 -48.88 52.04
C LYS E 58 -13.41 -49.11 50.57
N ALA E 59 -14.35 -49.64 49.80
CA ALA E 59 -14.10 -49.89 48.38
C ALA E 59 -13.88 -48.56 47.65
N ALA E 60 -14.62 -47.53 48.05
CA ALA E 60 -14.45 -46.20 47.47
C ALA E 60 -13.09 -45.61 47.79
N ARG E 61 -12.61 -45.85 49.01
CA ARG E 61 -11.30 -45.38 49.44
C ARG E 61 -10.18 -46.03 48.62
N ALA E 62 -10.36 -47.30 48.25
CA ALA E 62 -9.35 -48.02 47.47
C ALA E 62 -9.38 -47.55 46.02
N ALA E 63 -10.56 -47.34 45.46
CA ALA E 63 -10.63 -46.80 44.09
C ALA E 63 -10.01 -45.39 43.98
N PHE E 64 -9.93 -44.64 45.09
CA PHE E 64 -9.47 -43.25 45.04
C PHE E 64 -7.98 -43.08 45.35
N GLN E 65 -7.31 -44.17 45.75
CA GLN E 65 -5.88 -44.12 46.07
C GLN E 65 -5.01 -43.61 44.93
N LEU E 66 -3.97 -42.88 45.32
CA LEU E 66 -2.98 -42.34 44.40
C LEU E 66 -2.42 -43.47 43.53
N GLY E 67 -2.62 -43.38 42.22
CA GLY E 67 -2.08 -44.36 41.28
C GLY E 67 -3.08 -45.36 40.75
N SER E 68 -4.32 -45.32 41.26
CA SER E 68 -5.34 -46.26 40.78
C SER E 68 -5.71 -45.96 39.33
N PRO E 69 -6.46 -46.86 38.68
CA PRO E 69 -7.01 -46.56 37.32
C PRO E 69 -8.01 -45.39 37.20
N TRP E 70 -8.81 -45.12 38.25
CA TRP E 70 -9.75 -44.01 38.18
C TRP E 70 -8.97 -42.72 38.32
N ARG E 71 -8.00 -42.71 39.24
CA ARG E 71 -7.14 -41.54 39.46
C ARG E 71 -6.21 -41.23 38.30
N ARG E 72 -5.66 -42.28 37.67
CA ARG E 72 -4.66 -42.13 36.59
C ARG E 72 -5.34 -41.78 35.29
N MET E 73 -6.65 -41.92 35.21
CA MET E 73 -7.34 -41.61 33.98
C MET E 73 -7.22 -40.13 33.62
N ASP E 74 -7.16 -39.89 32.32
CA ASP E 74 -7.29 -38.58 31.78
C ASP E 74 -8.70 -38.07 32.01
N ALA E 75 -8.82 -36.79 32.31
CA ALA E 75 -10.13 -36.14 32.47
C ALA E 75 -11.07 -36.41 31.29
N SER E 76 -10.53 -36.36 30.08
CA SER E 76 -11.32 -36.48 28.85
C SER E 76 -11.86 -37.88 28.63
N HIS E 77 -11.25 -38.87 29.29
CA HIS E 77 -11.73 -40.23 29.22
C HIS E 77 -12.84 -40.39 30.24
N ARG E 78 -12.69 -39.78 31.41
CA ARG E 78 -13.78 -39.75 32.37
C ARG E 78 -15.03 -39.27 31.64
N GLY E 79 -14.84 -38.28 30.75
CA GLY E 79 -15.91 -37.75 29.91
C GLY E 79 -16.44 -38.73 28.88
N ARG E 80 -15.55 -39.46 28.21
CA ARG E 80 -15.95 -40.45 27.21
C ARG E 80 -16.87 -41.50 27.83
N LEU E 81 -16.55 -41.91 29.06
CA LEU E 81 -17.33 -42.91 29.76
C LEU E 81 -18.72 -42.39 30.11
N LEU E 82 -18.77 -41.25 30.82
CA LEU E 82 -20.02 -40.54 31.07
C LEU E 82 -20.90 -40.50 29.82
N ASN E 83 -20.29 -40.19 28.67
CA ASN E 83 -21.02 -40.12 27.40
C ASN E 83 -21.58 -41.49 26.99
N ARG E 84 -20.76 -42.52 27.23
CA ARG E 84 -21.13 -43.91 26.98
C ARG E 84 -22.26 -44.35 27.93
N LEU E 85 -22.15 -44.00 29.21
CA LEU E 85 -23.23 -44.27 30.16
C LEU E 85 -24.53 -43.66 29.67
N ALA E 86 -24.44 -42.47 29.08
CA ALA E 86 -25.59 -41.85 28.47
C ALA E 86 -26.09 -42.73 27.33
N ASP E 87 -25.14 -43.23 26.52
CA ASP E 87 -25.45 -44.08 25.37
C ASP E 87 -26.22 -45.33 25.77
N LEU E 88 -25.87 -45.91 26.92
CA LEU E 88 -26.55 -47.09 27.45
C LEU E 88 -27.92 -46.78 28.09
N ILE E 89 -28.16 -45.50 28.41
CA ILE E 89 -29.46 -45.04 28.92
C ILE E 89 -30.42 -44.71 27.79
N GLU E 90 -29.91 -44.12 26.70
CA GLU E 90 -30.74 -43.78 25.57
C GLU E 90 -31.24 -45.03 24.86
N ARG E 91 -30.39 -46.05 24.86
CA ARG E 91 -30.76 -47.36 24.34
C ARG E 91 -31.93 -47.91 25.15
N ASP E 92 -31.76 -47.96 26.47
CA ASP E 92 -32.79 -48.47 27.38
C ASP E 92 -33.77 -47.38 27.84
N ARG E 93 -34.15 -46.47 26.94
CA ARG E 93 -35.01 -45.33 27.30
C ARG E 93 -36.42 -45.83 27.67
N THR E 94 -37.02 -46.60 26.78
CA THR E 94 -38.33 -47.19 27.03
C THR E 94 -38.39 -48.02 28.34
N TYR E 95 -37.45 -48.94 28.53
CA TYR E 95 -37.45 -49.83 29.72
C TYR E 95 -37.35 -49.07 31.06
N LEU E 96 -36.51 -48.05 31.08
CA LEU E 96 -36.24 -47.28 32.30
C LEU E 96 -37.38 -46.36 32.68
N ALA E 97 -38.02 -45.78 31.66
CA ALA E 97 -39.12 -44.86 31.83
C ALA E 97 -40.37 -45.56 32.38
N ALA E 98 -40.46 -46.85 32.13
CA ALA E 98 -41.58 -47.65 32.62
C ALA E 98 -41.27 -48.13 34.03
N LEU E 99 -39.99 -48.36 34.30
CA LEU E 99 -39.60 -48.83 35.62
C LEU E 99 -39.87 -47.73 36.66
N GLU E 100 -39.51 -46.50 36.32
CA GLU E 100 -39.76 -45.34 37.18
C GLU E 100 -41.27 -45.10 37.30
N THR E 101 -42.00 -45.19 36.20
CA THR E 101 -43.47 -45.13 36.28
C THR E 101 -44.00 -46.10 37.35
N LEU E 102 -43.57 -47.36 37.28
CA LEU E 102 -44.07 -48.40 38.18
C LEU E 102 -43.62 -48.24 39.62
N ASP E 103 -42.41 -47.74 39.82
CA ASP E 103 -41.85 -47.72 41.15
C ASP E 103 -42.16 -46.40 41.87
N ASN E 104 -42.29 -45.33 41.09
CA ASN E 104 -42.52 -43.97 41.60
C ASN E 104 -43.94 -43.48 41.38
N GLY E 105 -44.54 -43.89 40.25
CA GLY E 105 -45.96 -43.66 40.00
C GLY E 105 -46.26 -42.61 38.95
N LYS E 106 -45.23 -42.01 38.36
CA LYS E 106 -45.48 -40.87 37.49
C LYS E 106 -45.89 -41.35 36.10
N PRO E 107 -46.58 -40.49 35.34
CA PRO E 107 -47.06 -40.86 34.02
C PRO E 107 -45.93 -41.21 33.06
N TYR E 108 -46.04 -42.40 32.48
CA TYR E 108 -45.03 -42.91 31.57
C TYR E 108 -44.55 -41.87 30.56
N VAL E 109 -45.50 -41.11 30.00
CA VAL E 109 -45.19 -40.05 29.05
C VAL E 109 -44.28 -38.97 29.66
N ILE E 110 -44.49 -38.63 30.92
CA ILE E 110 -43.60 -37.72 31.62
C ILE E 110 -42.24 -38.40 31.79
N SER E 111 -42.25 -39.64 32.27
CA SER E 111 -41.02 -40.41 32.46
C SER E 111 -40.15 -40.36 31.22
N TYR E 112 -40.74 -40.69 30.08
CA TYR E 112 -40.00 -40.85 28.85
C TYR E 112 -39.54 -39.49 28.32
N LEU E 113 -40.51 -38.64 27.97
CA LEU E 113 -40.24 -37.37 27.30
C LEU E 113 -39.59 -36.30 28.17
N VAL E 114 -39.66 -36.46 29.48
CA VAL E 114 -39.14 -35.45 30.39
C VAL E 114 -38.03 -36.01 31.28
N ASP E 115 -38.37 -36.86 32.23
CA ASP E 115 -37.37 -37.34 33.21
C ASP E 115 -36.14 -37.97 32.54
N LEU E 116 -36.37 -38.85 31.57
CA LEU E 116 -35.25 -39.49 30.88
C LEU E 116 -34.51 -38.54 29.96
N ASP E 117 -35.24 -37.59 29.36
CA ASP E 117 -34.65 -36.57 28.49
C ASP E 117 -33.65 -35.67 29.25
N MET E 118 -33.97 -35.35 30.50
CA MET E 118 -33.08 -34.56 31.33
C MET E 118 -31.95 -35.39 31.94
N VAL E 119 -32.12 -36.70 32.08
CA VAL E 119 -30.99 -37.54 32.51
C VAL E 119 -29.92 -37.54 31.40
N LEU E 120 -30.34 -37.85 30.17
CA LEU E 120 -29.45 -37.83 29.02
C LEU E 120 -28.67 -36.51 28.88
N LYS E 121 -29.36 -35.39 29.08
CA LYS E 121 -28.75 -34.08 28.81
C LYS E 121 -27.77 -33.66 29.92
N CYS E 122 -28.08 -34.07 31.14
CA CYS E 122 -27.27 -33.77 32.30
C CYS E 122 -25.93 -34.54 32.31
N LEU E 123 -25.98 -35.82 31.96
CA LEU E 123 -24.75 -36.61 31.85
C LEU E 123 -23.88 -36.14 30.69
N ARG E 124 -24.50 -35.92 29.54
CA ARG E 124 -23.80 -35.37 28.38
C ARG E 124 -23.29 -33.95 28.64
N TYR E 125 -24.05 -33.18 29.42
CA TYR E 125 -23.60 -31.86 29.80
C TYR E 125 -22.33 -32.06 30.64
N TYR E 126 -22.39 -32.86 31.69
CA TYR E 126 -21.21 -33.07 32.54
C TYR E 126 -20.06 -33.82 31.88
N ALA E 127 -20.36 -34.68 30.90
CA ALA E 127 -19.31 -35.31 30.12
C ALA E 127 -18.41 -34.19 29.63
N GLY E 128 -19.02 -33.09 29.23
CA GLY E 128 -18.29 -31.95 28.66
C GLY E 128 -17.48 -31.08 29.59
N TRP E 129 -17.73 -31.14 30.91
CA TRP E 129 -16.97 -30.35 31.89
C TRP E 129 -15.71 -31.06 32.33
N ALA E 130 -15.74 -32.40 32.24
CA ALA E 130 -14.68 -33.26 32.80
C ALA E 130 -13.29 -32.71 32.60
N ASP E 131 -12.99 -32.27 31.37
CA ASP E 131 -11.65 -31.77 31.01
C ASP E 131 -11.57 -30.27 30.75
N LYS E 132 -12.53 -29.49 31.26
CA LYS E 132 -12.52 -28.02 31.07
C LYS E 132 -12.64 -27.22 32.36
N TYR E 133 -12.53 -27.87 33.50
CA TYR E 133 -12.69 -27.20 34.79
C TYR E 133 -11.31 -26.77 35.33
N HIS E 134 -10.78 -25.71 34.74
CA HIS E 134 -9.41 -25.27 34.95
C HIS E 134 -9.10 -24.80 36.37
N GLY E 135 -7.81 -24.71 36.68
CA GLY E 135 -7.33 -23.98 37.85
C GLY E 135 -6.66 -22.69 37.37
N LYS E 136 -6.06 -21.95 38.29
CA LYS E 136 -5.55 -20.62 37.95
C LYS E 136 -4.08 -20.50 38.21
N THR E 137 -3.35 -19.89 37.29
CA THR E 137 -2.03 -19.38 37.63
C THR E 137 -2.25 -17.97 38.13
N ILE E 138 -1.59 -17.65 39.24
CA ILE E 138 -1.87 -16.43 39.96
C ILE E 138 -0.61 -15.57 40.02
N PRO E 139 -0.72 -14.29 39.60
CA PRO E 139 0.47 -13.42 39.61
C PRO E 139 0.73 -12.83 41.02
N ILE E 140 1.07 -13.72 41.94
CA ILE E 140 1.43 -13.37 43.32
C ILE E 140 2.68 -12.46 43.43
N ASP E 141 2.82 -11.71 44.52
CA ASP E 141 3.99 -10.87 44.79
C ASP E 141 5.27 -11.67 45.01
N GLY E 142 6.41 -11.05 44.70
CA GLY E 142 7.72 -11.63 44.95
C GLY E 142 8.09 -12.66 43.90
N ASP E 143 9.29 -13.23 44.02
CA ASP E 143 9.80 -14.16 43.00
C ASP E 143 9.24 -15.59 43.17
N PHE E 144 7.95 -15.71 42.89
CA PHE E 144 7.23 -16.96 43.03
C PHE E 144 6.36 -17.21 41.80
N PHE E 145 6.04 -18.47 41.59
CA PHE E 145 5.12 -18.89 40.59
C PHE E 145 4.09 -19.68 41.35
N SER E 146 2.84 -19.24 41.29
CA SER E 146 1.82 -19.78 42.13
C SER E 146 0.61 -20.10 41.29
N TYR E 147 0.12 -21.33 41.43
CA TYR E 147 -1.01 -21.81 40.66
C TYR E 147 -1.90 -22.66 41.56
N THR E 148 -3.02 -23.11 40.99
CA THR E 148 -3.94 -23.99 41.67
C THR E 148 -4.33 -25.18 40.79
N ARG E 149 -4.51 -26.32 41.43
CA ARG E 149 -5.10 -27.50 40.84
C ARG E 149 -6.44 -27.73 41.55
N HIS E 150 -7.43 -28.06 40.75
CA HIS E 150 -8.71 -28.47 41.29
C HIS E 150 -8.66 -29.98 41.34
N GLU E 151 -8.53 -30.53 42.55
CA GLU E 151 -8.50 -31.99 42.75
C GLU E 151 -9.82 -32.49 43.34
N PRO E 152 -10.16 -33.78 43.11
CA PRO E 152 -11.41 -34.34 43.64
C PRO E 152 -11.46 -34.28 45.16
N VAL E 153 -12.62 -34.04 45.72
CA VAL E 153 -12.74 -33.92 47.17
C VAL E 153 -12.55 -35.29 47.85
N GLY E 154 -12.92 -36.37 47.16
CA GLY E 154 -12.61 -37.73 47.61
C GLY E 154 -13.83 -38.64 47.64
N VAL E 155 -14.01 -39.33 48.76
CA VAL E 155 -15.18 -40.18 48.95
C VAL E 155 -16.41 -39.29 49.16
N CYS E 156 -17.43 -39.45 48.31
CA CYS E 156 -18.62 -38.61 48.30
C CYS E 156 -19.91 -39.36 48.71
N GLY E 157 -20.53 -38.91 49.78
CA GLY E 157 -21.80 -39.47 50.25
C GLY E 157 -22.95 -38.74 49.60
N GLN E 158 -23.73 -39.46 48.80
CA GLN E 158 -24.85 -38.87 48.07
C GLN E 158 -26.16 -39.57 48.41
N ILE E 159 -27.04 -38.89 49.14
CA ILE E 159 -28.35 -39.44 49.51
C ILE E 159 -29.48 -38.78 48.72
N ILE E 160 -30.12 -39.55 47.85
CA ILE E 160 -31.17 -39.02 46.98
C ILE E 160 -32.59 -39.41 47.45
N PRO E 161 -33.58 -38.56 47.14
CA PRO E 161 -34.97 -38.77 47.49
C PRO E 161 -35.70 -39.47 46.37
N TRP E 162 -37.01 -39.64 46.53
CA TRP E 162 -37.83 -40.52 45.70
C TRP E 162 -38.62 -39.77 44.61
N ASN E 163 -38.67 -38.44 44.69
CA ASN E 163 -39.53 -37.65 43.80
C ASN E 163 -39.05 -37.59 42.36
N PHE E 164 -37.75 -37.73 42.14
CA PHE E 164 -37.18 -37.79 40.78
C PHE E 164 -36.00 -38.75 40.77
N PRO E 165 -36.27 -40.06 40.87
CA PRO E 165 -35.16 -40.94 41.22
C PRO E 165 -34.01 -40.90 40.22
N LEU E 166 -34.29 -41.22 38.97
CA LEU E 166 -33.29 -41.21 37.91
C LEU E 166 -32.59 -39.88 37.73
N LEU E 167 -33.35 -38.79 37.75
CA LEU E 167 -32.78 -37.46 37.50
C LEU E 167 -31.91 -37.02 38.68
N MET E 168 -32.40 -37.23 39.89
CA MET E 168 -31.61 -36.98 41.09
C MET E 168 -30.32 -37.77 41.03
N GLN E 169 -30.40 -38.99 40.56
CA GLN E 169 -29.21 -39.79 40.43
C GLN E 169 -28.24 -39.10 39.48
N ALA E 170 -28.74 -38.68 38.33
CA ALA E 170 -27.95 -38.01 37.32
C ALA E 170 -27.30 -36.71 37.83
N TRP E 171 -28.12 -35.84 38.40
CA TRP E 171 -27.65 -34.58 39.00
C TRP E 171 -26.51 -34.79 40.01
N LYS E 172 -26.42 -35.98 40.57
CA LYS E 172 -25.36 -36.27 41.54
C LYS E 172 -24.14 -36.84 40.85
N LEU E 173 -24.32 -37.89 40.05
CA LEU E 173 -23.18 -38.59 39.49
C LEU E 173 -22.38 -37.73 38.50
N GLY E 174 -23.09 -37.09 37.58
CA GLY E 174 -22.51 -36.21 36.59
C GLY E 174 -21.41 -35.33 37.14
N PRO E 175 -21.75 -34.48 38.13
CA PRO E 175 -20.67 -33.59 38.59
C PRO E 175 -19.59 -34.33 39.38
N ALA E 176 -19.97 -35.32 40.19
CA ALA E 176 -18.98 -36.02 40.99
C ALA E 176 -17.95 -36.78 40.14
N LEU E 177 -18.40 -37.37 39.05
CA LEU E 177 -17.54 -38.20 38.22
C LEU E 177 -16.81 -37.39 37.13
N ALA E 178 -17.36 -36.24 36.74
CA ALA E 178 -16.66 -35.37 35.78
C ALA E 178 -15.43 -34.80 36.46
N THR E 179 -15.51 -34.61 37.77
CA THR E 179 -14.39 -34.13 38.57
C THR E 179 -13.58 -35.24 39.23
N GLY E 180 -13.91 -36.50 38.97
CA GLY E 180 -13.07 -37.63 39.41
C GLY E 180 -13.14 -37.99 40.88
N ASN E 181 -14.29 -37.75 41.49
CA ASN E 181 -14.55 -38.25 42.84
C ASN E 181 -15.07 -39.68 42.74
N VAL E 182 -15.15 -40.33 43.90
CA VAL E 182 -15.79 -41.64 44.04
C VAL E 182 -17.03 -41.48 44.91
N VAL E 183 -18.07 -42.27 44.63
CA VAL E 183 -19.34 -42.13 45.36
C VAL E 183 -19.82 -43.42 46.06
N VAL E 184 -20.42 -43.23 47.23
CA VAL E 184 -21.26 -44.23 47.90
C VAL E 184 -22.64 -43.59 48.01
N MET E 185 -23.57 -44.04 47.17
CA MET E 185 -24.86 -43.39 47.01
C MET E 185 -26.00 -44.17 47.66
N LYS E 186 -26.72 -43.50 48.57
CA LYS E 186 -27.89 -44.07 49.23
C LYS E 186 -29.15 -43.56 48.54
N VAL E 187 -29.95 -44.48 48.02
CA VAL E 187 -31.18 -44.17 47.29
C VAL E 187 -32.41 -44.40 48.18
N ALA E 188 -33.57 -43.97 47.72
CA ALA E 188 -34.78 -44.00 48.56
C ALA E 188 -35.41 -45.39 48.59
N GLU E 189 -35.96 -45.75 49.75
CA GLU E 189 -36.64 -47.05 49.93
C GLU E 189 -37.84 -47.20 49.00
N GLN E 190 -38.44 -46.06 48.62
CA GLN E 190 -39.62 -46.02 47.74
C GLN E 190 -39.31 -46.33 46.27
N THR E 191 -38.13 -45.96 45.81
CA THR E 191 -37.78 -46.00 44.39
C THR E 191 -36.36 -46.50 44.08
N PRO E 192 -35.97 -47.63 44.67
CA PRO E 192 -34.58 -48.02 44.49
C PRO E 192 -34.29 -48.69 43.14
N LEU E 193 -35.31 -49.14 42.41
CA LEU E 193 -35.12 -50.02 41.25
C LEU E 193 -34.23 -49.38 40.20
N THR E 194 -34.75 -48.34 39.56
CA THR E 194 -34.07 -47.59 38.51
C THR E 194 -32.59 -47.28 38.75
N ALA E 195 -32.27 -46.83 39.96
CA ALA E 195 -30.89 -46.52 40.32
C ALA E 195 -30.01 -47.76 40.44
N LEU E 196 -30.63 -48.92 40.63
CA LEU E 196 -29.89 -50.19 40.65
C LEU E 196 -29.60 -50.68 39.24
N TYR E 197 -30.56 -50.54 38.34
CA TYR E 197 -30.30 -50.85 36.92
C TYR E 197 -29.28 -49.89 36.30
N VAL E 198 -29.32 -48.64 36.74
CA VAL E 198 -28.31 -47.68 36.31
C VAL E 198 -26.91 -48.22 36.65
N ALA E 199 -26.78 -48.89 37.79
CA ALA E 199 -25.49 -49.44 38.20
C ALA E 199 -25.00 -50.56 37.28
N ASN E 200 -25.90 -51.30 36.65
CA ASN E 200 -25.50 -52.26 35.62
C ASN E 200 -24.89 -51.57 34.40
N LEU E 201 -25.46 -50.43 34.02
CA LEU E 201 -25.04 -49.72 32.81
C LEU E 201 -23.69 -49.03 32.97
N ILE E 202 -23.47 -48.49 34.15
CA ILE E 202 -22.19 -47.89 34.52
C ILE E 202 -21.11 -48.95 34.34
N LYS E 203 -21.28 -50.07 35.02
CA LYS E 203 -20.38 -51.21 34.91
C LYS E 203 -20.17 -51.62 33.45
N GLU E 204 -21.27 -51.65 32.68
CA GLU E 204 -21.20 -51.89 31.24
C GLU E 204 -20.51 -50.74 30.49
N ALA E 205 -20.63 -49.51 30.99
CA ALA E 205 -20.03 -48.37 30.30
C ALA E 205 -18.50 -48.46 30.34
N GLY E 206 -17.97 -48.94 31.47
CA GLY E 206 -16.54 -49.20 31.64
C GLY E 206 -15.90 -48.51 32.84
N PHE E 207 -16.71 -47.99 33.75
CA PHE E 207 -16.16 -47.33 34.93
C PHE E 207 -15.49 -48.42 35.76
N PRO E 208 -14.24 -48.20 36.19
CA PRO E 208 -13.60 -49.14 37.12
C PRO E 208 -14.51 -49.49 38.29
N PRO E 209 -14.08 -50.43 39.15
CA PRO E 209 -14.90 -50.86 40.26
C PRO E 209 -14.69 -50.02 41.50
N GLY E 210 -15.78 -49.72 42.20
CA GLY E 210 -15.70 -48.92 43.42
C GLY E 210 -15.73 -47.42 43.18
N VAL E 211 -15.84 -47.01 41.92
CA VAL E 211 -15.94 -45.59 41.60
C VAL E 211 -17.35 -45.19 41.99
N VAL E 212 -18.32 -46.01 41.53
CA VAL E 212 -19.72 -45.87 41.85
C VAL E 212 -20.28 -47.05 42.66
N ASN E 213 -20.60 -46.82 43.93
CA ASN E 213 -21.21 -47.83 44.79
C ASN E 213 -22.60 -47.44 45.26
N ILE E 214 -23.51 -48.41 45.33
CA ILE E 214 -24.92 -48.16 45.71
C ILE E 214 -25.46 -49.08 46.82
N VAL E 215 -25.93 -48.45 47.90
CA VAL E 215 -26.50 -49.14 49.06
C VAL E 215 -27.95 -48.71 49.30
N PRO E 216 -28.93 -49.52 48.82
CA PRO E 216 -30.35 -49.28 49.18
C PRO E 216 -30.65 -49.61 50.66
N GLY E 217 -31.54 -48.83 51.27
CA GLY E 217 -31.80 -48.92 52.72
C GLY E 217 -32.48 -47.69 53.29
N PHE E 218 -32.85 -47.76 54.56
CA PHE E 218 -33.67 -46.72 55.21
C PHE E 218 -32.83 -45.51 55.61
N GLY E 219 -33.50 -44.38 55.81
CA GLY E 219 -32.84 -43.13 56.18
C GLY E 219 -32.11 -43.24 57.51
N PRO E 220 -32.84 -43.63 58.57
CA PRO E 220 -32.24 -43.78 59.89
C PRO E 220 -31.03 -44.72 60.00
N THR E 221 -30.90 -45.68 59.08
CA THR E 221 -29.85 -46.72 59.18
C THR E 221 -28.66 -46.44 58.27
N ALA E 222 -28.80 -46.81 56.99
CA ALA E 222 -27.77 -46.55 55.98
C ALA E 222 -27.43 -45.07 55.93
N GLY E 223 -28.48 -44.24 55.91
CA GLY E 223 -28.30 -42.81 55.78
C GLY E 223 -27.45 -42.21 56.87
N ALA E 224 -27.70 -42.63 58.11
CA ALA E 224 -26.97 -42.09 59.25
C ALA E 224 -25.52 -42.55 59.22
N ALA E 225 -25.31 -43.73 58.64
CA ALA E 225 -23.97 -44.34 58.59
C ALA E 225 -23.05 -43.56 57.67
N ILE E 226 -23.50 -43.35 56.44
CA ILE E 226 -22.74 -42.58 55.45
C ILE E 226 -22.45 -41.18 55.98
N ALA E 227 -23.45 -40.59 56.61
CA ALA E 227 -23.33 -39.23 57.14
C ALA E 227 -22.33 -39.17 58.27
N SER E 228 -22.33 -40.20 59.12
CA SER E 228 -21.48 -40.23 60.31
C SER E 228 -20.34 -41.23 60.18
N HIS E 229 -19.67 -41.21 59.02
CA HIS E 229 -18.48 -42.05 58.80
C HIS E 229 -17.20 -41.22 58.68
N GLU E 230 -16.13 -41.71 59.28
CA GLU E 230 -14.87 -40.95 59.44
C GLU E 230 -14.01 -40.91 58.18
N ASP E 231 -14.22 -41.87 57.28
CA ASP E 231 -13.51 -41.91 56.01
C ASP E 231 -14.34 -41.32 54.83
N VAL E 232 -15.41 -40.60 55.14
CA VAL E 232 -16.21 -39.91 54.12
C VAL E 232 -15.87 -38.43 54.20
N ASP E 233 -15.54 -37.84 53.05
CA ASP E 233 -15.07 -36.45 52.98
C ASP E 233 -16.21 -35.46 52.70
N LYS E 234 -17.26 -35.95 52.04
CA LYS E 234 -18.33 -35.09 51.55
C LYS E 234 -19.68 -35.83 51.48
N VAL E 235 -20.68 -35.31 52.19
CA VAL E 235 -22.04 -35.86 52.13
C VAL E 235 -23.00 -34.84 51.49
N ALA E 236 -23.82 -35.34 50.57
CA ALA E 236 -24.72 -34.53 49.76
C ALA E 236 -26.14 -35.07 49.92
N PHE E 237 -27.00 -34.27 50.55
CA PHE E 237 -28.35 -34.71 50.89
C PHE E 237 -29.44 -33.88 50.21
N THR E 238 -30.31 -34.57 49.48
CA THR E 238 -31.50 -33.97 48.89
C THR E 238 -32.71 -34.64 49.55
N GLY E 239 -33.39 -33.93 50.45
CA GLY E 239 -34.55 -34.48 51.13
C GLY E 239 -35.35 -33.41 51.84
N SER E 240 -35.94 -33.78 52.98
CA SER E 240 -36.76 -32.84 53.76
C SER E 240 -35.88 -32.03 54.69
N THR E 241 -36.35 -30.85 55.07
CA THR E 241 -35.60 -29.95 55.96
C THR E 241 -35.43 -30.51 57.37
N GLU E 242 -36.32 -31.43 57.78
CA GLU E 242 -36.21 -32.11 59.08
C GLU E 242 -34.95 -32.98 59.18
N ILE E 243 -34.74 -33.83 58.18
CA ILE E 243 -33.64 -34.79 58.19
C ILE E 243 -32.29 -34.09 58.12
N GLY E 244 -32.19 -33.10 57.24
CA GLY E 244 -30.95 -32.35 57.02
C GLY E 244 -30.44 -31.58 58.23
N ARG E 245 -31.35 -31.21 59.14
CA ARG E 245 -30.97 -30.59 60.41
C ARG E 245 -30.32 -31.61 61.35
N VAL E 246 -30.86 -32.83 61.39
CA VAL E 246 -30.27 -33.93 62.15
C VAL E 246 -28.96 -34.41 61.53
N ILE E 247 -28.92 -34.42 60.19
CA ILE E 247 -27.73 -34.83 59.43
C ILE E 247 -26.59 -33.81 59.58
N GLN E 248 -26.91 -32.52 59.60
CA GLN E 248 -25.87 -31.48 59.76
C GLN E 248 -25.18 -31.57 61.13
N VAL E 249 -25.88 -32.11 62.12
CA VAL E 249 -25.30 -32.41 63.42
C VAL E 249 -24.57 -33.76 63.39
N ALA E 250 -25.21 -34.77 62.78
CA ALA E 250 -24.64 -36.14 62.72
C ALA E 250 -23.33 -36.22 61.90
N ALA E 251 -23.13 -35.26 60.98
CA ALA E 251 -21.85 -35.10 60.30
C ALA E 251 -20.93 -34.14 61.07
N GLY E 252 -21.54 -33.24 61.84
CA GLY E 252 -20.79 -32.34 62.73
C GLY E 252 -20.16 -33.03 63.93
N SER E 253 -20.82 -34.09 64.42
CA SER E 253 -20.30 -34.90 65.53
C SER E 253 -19.39 -36.02 65.02
N SER E 254 -18.51 -35.70 64.06
CA SER E 254 -17.64 -36.69 63.42
C SER E 254 -16.39 -36.03 62.79
N ASN E 255 -16.17 -36.22 61.48
CA ASN E 255 -14.88 -35.88 60.85
C ASN E 255 -14.84 -34.57 60.05
N LEU E 256 -15.85 -33.70 60.26
CA LEU E 256 -16.01 -32.45 59.49
C LEU E 256 -15.99 -32.67 57.99
N LYS E 257 -16.87 -33.55 57.52
CA LYS E 257 -17.07 -33.73 56.08
C LYS E 257 -17.84 -32.52 55.55
N ARG E 258 -17.48 -32.06 54.35
CA ARG E 258 -18.26 -31.02 53.66
C ARG E 258 -19.70 -31.50 53.55
N VAL E 259 -20.62 -30.55 53.45
CA VAL E 259 -22.05 -30.87 53.33
C VAL E 259 -22.73 -30.01 52.27
N THR E 260 -23.68 -30.61 51.56
CA THR E 260 -24.61 -29.85 50.70
C THR E 260 -26.04 -30.36 50.91
N LEU E 261 -26.98 -29.42 50.92
CA LEU E 261 -28.37 -29.71 51.28
C LEU E 261 -29.32 -29.14 50.24
N GLU E 262 -30.20 -29.99 49.74
CA GLU E 262 -31.20 -29.61 48.76
C GLU E 262 -32.56 -29.95 49.39
N LEU E 263 -33.11 -29.00 50.13
CA LEU E 263 -34.21 -29.27 51.05
C LEU E 263 -35.58 -28.84 50.50
N GLY E 264 -36.49 -28.40 51.38
CA GLY E 264 -37.88 -28.12 51.02
C GLY E 264 -38.08 -26.86 50.20
N GLY E 265 -39.33 -26.38 50.20
CA GLY E 265 -39.70 -25.15 49.50
C GLY E 265 -41.20 -24.90 49.56
N LYS E 266 -41.60 -23.66 49.75
CA LYS E 266 -43.01 -23.26 49.68
C LYS E 266 -43.15 -22.15 48.62
N SER E 267 -42.62 -22.43 47.42
CA SER E 267 -42.31 -21.44 46.37
C SER E 267 -43.44 -20.51 45.86
N PRO E 268 -43.20 -19.19 45.85
CA PRO E 268 -44.20 -18.25 45.39
C PRO E 268 -44.23 -18.04 43.87
N ASN E 269 -45.40 -18.26 43.28
CA ASN E 269 -45.69 -17.91 41.91
C ASN E 269 -46.55 -16.65 41.93
N ILE E 270 -46.03 -15.56 41.37
CA ILE E 270 -46.67 -14.24 41.49
C ILE E 270 -47.24 -13.76 40.16
N ILE E 271 -48.56 -13.74 40.06
CA ILE E 271 -49.23 -13.39 38.83
C ILE E 271 -49.69 -11.93 38.96
N MET E 272 -49.06 -11.05 38.20
CA MET E 272 -49.39 -9.63 38.19
C MET E 272 -50.63 -9.32 37.35
N SER E 273 -51.25 -8.17 37.59
CA SER E 273 -52.51 -7.82 36.92
C SER E 273 -52.40 -7.64 35.40
N ASP E 274 -51.20 -7.30 34.92
CA ASP E 274 -50.97 -7.11 33.47
C ASP E 274 -50.44 -8.35 32.73
N ALA E 275 -50.63 -9.54 33.30
CA ALA E 275 -50.06 -10.77 32.72
C ALA E 275 -51.00 -11.37 31.73
N ASP E 276 -50.45 -12.17 30.83
CA ASP E 276 -51.26 -12.96 29.92
C ASP E 276 -52.01 -14.00 30.75
N MET E 277 -53.34 -13.95 30.68
CA MET E 277 -54.22 -14.74 31.53
C MET E 277 -54.27 -16.22 31.14
N ASP E 278 -54.34 -16.53 29.85
CA ASP E 278 -54.30 -17.94 29.42
C ASP E 278 -52.98 -18.61 29.86
N TRP E 279 -51.87 -17.99 29.47
CA TRP E 279 -50.55 -18.52 29.75
C TRP E 279 -50.28 -18.66 31.25
N ALA E 280 -50.55 -17.60 32.01
CA ALA E 280 -50.34 -17.64 33.46
C ALA E 280 -51.12 -18.80 34.07
N VAL E 281 -52.40 -18.92 33.73
CA VAL E 281 -53.25 -19.96 34.32
C VAL E 281 -52.70 -21.37 34.07
N GLU E 282 -52.29 -21.66 32.83
CA GLU E 282 -51.73 -22.99 32.52
C GLU E 282 -50.40 -23.26 33.25
N GLN E 283 -49.57 -22.23 33.40
CA GLN E 283 -48.27 -22.40 34.03
C GLN E 283 -48.44 -22.66 35.53
N ALA E 284 -49.18 -21.77 36.20
CA ALA E 284 -49.50 -21.93 37.62
C ALA E 284 -49.98 -23.34 37.91
N HIS E 285 -50.84 -23.86 37.04
CA HIS E 285 -51.34 -25.22 37.16
C HIS E 285 -50.18 -26.22 37.03
N PHE E 286 -49.39 -26.08 35.95
CA PHE E 286 -48.16 -26.86 35.78
C PHE E 286 -47.23 -26.69 36.99
N ALA E 287 -47.11 -25.46 37.48
CA ALA E 287 -46.20 -25.14 38.56
C ALA E 287 -46.46 -25.91 39.84
N LEU E 288 -47.69 -26.36 40.03
CA LEU E 288 -48.06 -27.07 41.24
C LEU E 288 -48.28 -28.56 41.02
N PHE E 289 -49.04 -28.88 39.99
CA PHE E 289 -49.51 -30.24 39.79
C PHE E 289 -48.52 -31.16 39.11
N PHE E 290 -47.41 -30.60 38.62
CA PHE E 290 -46.39 -31.41 37.97
C PHE E 290 -45.81 -32.41 38.96
N ASN E 291 -45.74 -33.67 38.51
CA ASN E 291 -45.18 -34.77 39.28
C ASN E 291 -45.96 -35.09 40.57
N GLN E 292 -47.29 -34.98 40.46
CA GLN E 292 -48.22 -35.15 41.58
C GLN E 292 -47.97 -34.19 42.75
N GLY E 293 -47.39 -33.03 42.44
CA GLY E 293 -47.01 -32.07 43.47
C GLY E 293 -45.73 -32.41 44.20
N GLN E 294 -44.98 -33.38 43.66
CA GLN E 294 -43.75 -33.86 44.30
C GLN E 294 -42.55 -33.29 43.58
N CYS E 295 -42.46 -31.96 43.71
CA CYS E 295 -41.31 -31.20 43.31
C CYS E 295 -40.97 -30.34 44.51
N CYS E 296 -39.68 -30.27 44.83
CA CYS E 296 -39.17 -29.41 45.87
C CYS E 296 -39.50 -27.93 45.61
N CYS E 297 -39.46 -27.50 44.36
CA CYS E 297 -39.78 -26.13 44.00
C CYS E 297 -41.21 -25.98 43.43
N ALA E 298 -42.16 -26.78 43.89
CA ALA E 298 -43.55 -26.64 43.45
C ALA E 298 -44.15 -25.29 43.88
N GLY E 299 -44.97 -24.71 43.01
CA GLY E 299 -45.56 -23.37 43.23
C GLY E 299 -46.83 -23.45 44.05
N SER E 300 -46.67 -23.72 45.34
CA SER E 300 -47.78 -23.97 46.24
C SER E 300 -48.21 -22.70 47.02
N ARG E 301 -47.74 -21.53 46.56
CA ARG E 301 -48.28 -20.23 47.01
C ARG E 301 -48.47 -19.33 45.79
N THR E 302 -49.56 -19.54 45.06
CA THR E 302 -49.93 -18.73 43.91
C THR E 302 -50.56 -17.41 44.36
N PHE E 303 -49.77 -16.34 44.40
CA PHE E 303 -50.27 -15.01 44.70
C PHE E 303 -50.82 -14.36 43.42
N VAL E 304 -52.08 -13.91 43.46
CA VAL E 304 -52.72 -13.26 42.29
C VAL E 304 -53.18 -11.85 42.65
N GLN E 305 -52.90 -10.88 41.79
CA GLN E 305 -53.29 -9.47 42.02
C GLN E 305 -54.83 -9.36 42.06
N GLU E 306 -55.35 -8.44 42.88
CA GLU E 306 -56.79 -8.37 43.18
C GLU E 306 -57.70 -8.06 41.97
N ASP E 307 -57.21 -7.27 41.03
CA ASP E 307 -57.97 -6.95 39.81
C ASP E 307 -58.26 -8.15 38.88
N ILE E 308 -57.49 -9.23 39.01
CA ILE E 308 -57.74 -10.43 38.17
C ILE E 308 -58.01 -11.72 38.95
N TYR E 309 -58.10 -11.60 40.28
CA TYR E 309 -58.16 -12.78 41.16
C TYR E 309 -59.36 -13.71 40.89
N ASP E 310 -60.56 -13.15 40.86
CA ASP E 310 -61.76 -13.94 40.56
C ASP E 310 -61.64 -14.70 39.25
N GLU E 311 -61.16 -14.01 38.22
CA GLU E 311 -61.10 -14.62 36.90
C GLU E 311 -60.06 -15.75 36.89
N PHE E 312 -58.90 -15.45 37.47
CA PHE E 312 -57.84 -16.44 37.62
C PHE E 312 -58.31 -17.67 38.41
N VAL E 313 -58.96 -17.42 39.53
CA VAL E 313 -59.43 -18.49 40.42
C VAL E 313 -60.42 -19.38 39.71
N GLU E 314 -61.32 -18.77 38.94
CA GLU E 314 -62.35 -19.50 38.19
C GLU E 314 -61.74 -20.35 37.07
N ARG E 315 -60.71 -19.84 36.40
CA ARG E 315 -60.01 -20.63 35.38
C ARG E 315 -59.14 -21.71 36.01
N SER E 316 -58.51 -21.39 37.12
CA SER E 316 -57.72 -22.38 37.87
C SER E 316 -58.58 -23.60 38.25
N VAL E 317 -59.72 -23.35 38.89
CA VAL E 317 -60.63 -24.45 39.28
C VAL E 317 -61.06 -25.33 38.11
N ALA E 318 -61.31 -24.72 36.96
CA ALA E 318 -61.83 -25.45 35.81
C ALA E 318 -60.79 -26.42 35.23
N ARG E 319 -59.56 -25.92 35.02
CA ARG E 319 -58.46 -26.77 34.56
C ARG E 319 -58.13 -27.86 35.60
N ALA E 320 -58.21 -27.53 36.88
CA ALA E 320 -57.99 -28.51 37.94
C ALA E 320 -59.02 -29.64 37.90
N LYS E 321 -60.27 -29.30 37.57
CA LYS E 321 -61.34 -30.30 37.44
C LYS E 321 -61.14 -31.21 36.23
N SER E 322 -60.51 -30.70 35.18
CA SER E 322 -60.38 -31.48 33.95
C SER E 322 -59.11 -32.34 33.93
N ARG E 323 -58.27 -32.19 34.95
CA ARG E 323 -57.02 -32.95 35.03
C ARG E 323 -57.33 -34.42 35.24
N VAL E 324 -56.81 -35.27 34.35
CA VAL E 324 -57.18 -36.68 34.35
C VAL E 324 -56.29 -37.46 35.30
N VAL E 325 -56.91 -38.10 36.27
CA VAL E 325 -56.21 -38.90 37.26
C VAL E 325 -56.45 -40.36 36.91
N GLY E 326 -55.42 -41.18 37.06
CA GLY E 326 -55.54 -42.60 36.75
C GLY E 326 -54.23 -43.31 36.50
N ASN E 327 -54.32 -44.42 35.77
CA ASN E 327 -53.20 -45.30 35.50
C ASN E 327 -52.09 -44.58 34.73
N PRO E 328 -50.86 -44.57 35.29
CA PRO E 328 -49.79 -43.80 34.67
C PRO E 328 -49.24 -44.39 33.38
N PHE E 329 -49.55 -45.65 33.10
CA PHE E 329 -49.21 -46.26 31.80
C PHE E 329 -50.20 -45.92 30.69
N ASP E 330 -51.27 -45.18 31.01
CA ASP E 330 -52.26 -44.77 30.00
C ASP E 330 -51.91 -43.43 29.41
N SER E 331 -52.17 -43.25 28.11
CA SER E 331 -51.69 -42.06 27.39
C SER E 331 -52.52 -40.78 27.59
N LYS E 332 -53.59 -40.85 28.36
CA LYS E 332 -54.40 -39.67 28.69
C LYS E 332 -54.20 -39.23 30.14
N THR E 333 -53.41 -39.98 30.91
CA THR E 333 -53.21 -39.64 32.31
C THR E 333 -52.23 -38.49 32.49
N GLU E 334 -52.69 -37.42 33.16
CA GLU E 334 -51.86 -36.27 33.50
C GLU E 334 -51.34 -36.40 34.94
N GLN E 335 -52.12 -37.07 35.80
CA GLN E 335 -51.76 -37.26 37.20
C GLN E 335 -51.93 -38.70 37.68
N GLY E 336 -50.85 -39.25 38.23
CA GLY E 336 -50.83 -40.61 38.71
C GLY E 336 -50.90 -40.61 40.22
N PRO E 337 -50.52 -41.74 40.84
CA PRO E 337 -50.58 -41.83 42.28
C PRO E 337 -49.48 -41.04 42.95
N GLN E 338 -49.66 -40.78 44.24
CA GLN E 338 -48.58 -40.32 45.10
C GLN E 338 -47.64 -41.52 45.35
N VAL E 339 -46.45 -41.27 45.88
CA VAL E 339 -45.38 -42.28 45.94
C VAL E 339 -45.55 -43.41 46.97
N ASP E 340 -46.07 -43.09 48.16
CA ASP E 340 -46.19 -44.07 49.24
C ASP E 340 -47.31 -43.73 50.24
N GLU E 341 -47.54 -44.63 51.19
CA GLU E 341 -48.69 -44.53 52.10
C GLU E 341 -48.53 -43.38 53.08
N THR E 342 -47.31 -43.11 53.51
CA THR E 342 -47.05 -42.02 54.44
C THR E 342 -47.42 -40.71 53.77
N GLN E 343 -46.92 -40.55 52.55
CA GLN E 343 -47.25 -39.41 51.71
C GLN E 343 -48.75 -39.26 51.49
N PHE E 344 -49.36 -40.30 50.95
CA PHE E 344 -50.82 -40.38 50.77
C PHE E 344 -51.59 -39.86 52.01
N LYS E 345 -51.21 -40.34 53.19
CA LYS E 345 -51.87 -39.98 54.45
C LYS E 345 -51.55 -38.55 54.86
N LYS E 346 -50.27 -38.21 54.80
CA LYS E 346 -49.81 -36.87 55.17
C LYS E 346 -50.57 -35.81 54.37
N ILE E 347 -50.76 -36.08 53.07
CA ILE E 347 -51.42 -35.12 52.21
C ILE E 347 -52.89 -34.91 52.63
N LEU E 348 -53.61 -36.02 52.85
CA LEU E 348 -55.00 -35.96 53.29
C LEU E 348 -55.10 -35.31 54.67
N GLY E 349 -54.06 -35.50 55.48
CA GLY E 349 -53.92 -34.77 56.74
C GLY E 349 -53.85 -33.26 56.58
N TYR E 350 -53.13 -32.79 55.56
CA TYR E 350 -53.02 -31.36 55.30
C TYR E 350 -54.31 -30.77 54.72
N ILE E 351 -54.90 -31.48 53.78
CA ILE E 351 -56.16 -31.05 53.19
C ILE E 351 -57.20 -30.85 54.29
N ASN E 352 -57.26 -31.80 55.22
CA ASN E 352 -58.16 -31.71 56.36
C ASN E 352 -57.87 -30.45 57.19
N THR E 353 -56.59 -30.12 57.34
CA THR E 353 -56.19 -28.91 58.03
C THR E 353 -56.59 -27.65 57.23
N GLY E 354 -56.45 -27.71 55.91
CA GLY E 354 -56.90 -26.64 55.02
C GLY E 354 -58.38 -26.33 55.23
N LYS E 355 -59.20 -27.37 55.20
CA LYS E 355 -60.63 -27.25 55.51
C LYS E 355 -60.86 -26.60 56.88
N GLN E 356 -60.22 -27.15 57.92
CA GLN E 356 -60.37 -26.73 59.32
C GLN E 356 -60.07 -25.27 59.57
N GLU E 357 -59.02 -24.75 58.93
CA GLU E 357 -58.56 -23.40 59.22
C GLU E 357 -59.23 -22.33 58.35
N GLY E 358 -60.24 -22.72 57.59
CA GLY E 358 -61.07 -21.77 56.85
C GLY E 358 -60.62 -21.44 55.42
N ALA E 359 -59.82 -22.32 54.81
CA ALA E 359 -59.47 -22.15 53.42
C ALA E 359 -60.61 -22.65 52.57
N LYS E 360 -60.94 -21.92 51.51
CA LYS E 360 -62.10 -22.21 50.70
C LYS E 360 -61.82 -23.35 49.69
N LEU E 361 -62.33 -24.54 49.98
CA LEU E 361 -62.16 -25.68 49.10
C LEU E 361 -63.00 -25.49 47.85
N LEU E 362 -62.35 -25.34 46.69
CA LEU E 362 -63.05 -25.02 45.44
C LEU E 362 -63.18 -26.20 44.49
N CYS E 363 -62.43 -27.28 44.73
CA CYS E 363 -62.65 -28.56 44.01
C CYS E 363 -61.80 -29.66 44.62
N GLY E 364 -62.11 -30.91 44.26
CA GLY E 364 -61.47 -32.09 44.84
C GLY E 364 -61.54 -32.15 46.36
N GLY E 365 -60.48 -32.69 46.97
CA GLY E 365 -60.31 -32.60 48.44
C GLY E 365 -60.39 -33.92 49.16
N GLY E 366 -60.32 -35.00 48.40
CA GLY E 366 -60.39 -36.34 48.95
C GLY E 366 -59.66 -37.29 48.04
N ILE E 367 -59.91 -38.57 48.24
CA ILE E 367 -59.23 -39.63 47.53
C ILE E 367 -59.82 -39.70 46.14
N ALA E 368 -59.04 -40.20 45.18
CA ALA E 368 -59.47 -40.21 43.76
C ALA E 368 -59.87 -41.58 43.24
N ALA E 369 -59.42 -42.65 43.90
CA ALA E 369 -59.78 -43.99 43.48
C ALA E 369 -59.81 -44.94 44.67
N ASP E 370 -60.49 -46.08 44.50
CA ASP E 370 -60.60 -47.10 45.54
C ASP E 370 -59.30 -47.87 45.68
N ARG E 371 -58.52 -47.89 44.60
CA ARG E 371 -57.30 -48.67 44.51
C ARG E 371 -56.10 -47.78 44.21
N GLY E 372 -55.11 -47.78 45.10
CA GLY E 372 -53.88 -47.00 44.93
C GLY E 372 -53.85 -45.75 45.80
N TYR E 373 -52.86 -44.88 45.58
CA TYR E 373 -52.67 -43.68 46.41
C TYR E 373 -53.00 -42.40 45.65
N PHE E 374 -54.07 -42.44 44.86
CA PHE E 374 -54.47 -41.32 44.01
C PHE E 374 -55.28 -40.30 44.81
N ILE E 375 -55.17 -39.04 44.43
CA ILE E 375 -55.81 -37.95 45.16
C ILE E 375 -56.39 -36.92 44.19
N GLN E 376 -57.65 -36.56 44.37
CA GLN E 376 -58.27 -35.53 43.55
C GLN E 376 -57.41 -34.28 43.55
N PRO E 377 -57.21 -33.67 42.38
CA PRO E 377 -56.60 -32.35 42.26
C PRO E 377 -57.42 -31.33 43.03
N THR E 378 -56.77 -30.69 43.99
CA THR E 378 -57.47 -29.91 45.01
C THR E 378 -57.03 -28.44 44.95
N VAL E 379 -58.01 -27.53 44.99
CA VAL E 379 -57.70 -26.09 45.01
C VAL E 379 -58.32 -25.40 46.24
N PHE E 380 -57.49 -24.65 46.96
CA PHE E 380 -57.98 -23.83 48.07
C PHE E 380 -57.87 -22.36 47.65
N GLY E 381 -58.97 -21.63 47.71
CA GLY E 381 -58.98 -20.19 47.48
C GLY E 381 -58.93 -19.40 48.78
N ASP E 382 -58.73 -18.09 48.68
CA ASP E 382 -58.77 -17.19 49.84
C ASP E 382 -57.89 -17.68 51.00
N VAL E 383 -56.61 -17.86 50.73
CA VAL E 383 -55.67 -18.33 51.74
C VAL E 383 -54.97 -17.14 52.39
N GLN E 384 -54.78 -17.20 53.70
CA GLN E 384 -54.04 -16.14 54.40
C GLN E 384 -52.68 -16.70 54.86
N ASP E 385 -51.75 -15.77 55.13
CA ASP E 385 -50.36 -16.12 55.46
C ASP E 385 -50.22 -16.83 56.82
N GLY E 386 -51.20 -16.67 57.70
CA GLY E 386 -51.25 -17.40 58.96
C GLY E 386 -51.65 -18.87 58.84
N MET E 387 -52.24 -19.26 57.72
CA MET E 387 -52.72 -20.63 57.57
C MET E 387 -51.59 -21.67 57.47
N THR E 388 -51.79 -22.80 58.13
CA THR E 388 -50.82 -23.87 58.13
C THR E 388 -50.51 -24.34 56.72
N ILE E 389 -51.53 -24.42 55.87
CA ILE E 389 -51.33 -24.88 54.50
C ILE E 389 -50.63 -23.84 53.62
N ALA E 390 -50.61 -22.59 54.09
CA ALA E 390 -49.80 -21.54 53.49
C ALA E 390 -48.33 -21.66 53.89
N LYS E 391 -48.07 -22.20 55.08
CA LYS E 391 -46.72 -22.15 55.64
C LYS E 391 -45.93 -23.46 55.51
N GLU E 392 -46.61 -24.59 55.49
CA GLU E 392 -45.91 -25.88 55.50
C GLU E 392 -45.94 -26.59 54.15
N GLU E 393 -44.80 -27.15 53.75
CA GLU E 393 -44.69 -27.88 52.49
C GLU E 393 -45.48 -29.17 52.58
N ILE E 394 -46.38 -29.36 51.62
CA ILE E 394 -47.33 -30.47 51.60
C ILE E 394 -46.85 -31.58 50.64
N PHE E 395 -46.24 -31.20 49.52
CA PHE E 395 -45.79 -32.15 48.50
C PHE E 395 -46.97 -32.89 47.83
N GLY E 396 -48.13 -32.26 47.79
CA GLY E 396 -49.32 -32.85 47.20
C GLY E 396 -49.99 -32.00 46.13
N PRO E 397 -50.97 -32.58 45.42
CA PRO E 397 -51.75 -31.86 44.41
C PRO E 397 -52.73 -30.91 45.08
N VAL E 398 -52.21 -29.87 45.73
CA VAL E 398 -53.01 -29.01 46.57
C VAL E 398 -52.58 -27.56 46.37
N MET E 399 -53.43 -26.80 45.69
CA MET E 399 -53.12 -25.44 45.28
C MET E 399 -53.62 -24.43 46.31
N GLN E 400 -52.74 -23.50 46.69
CA GLN E 400 -53.07 -22.37 47.54
C GLN E 400 -53.06 -21.08 46.72
N ILE E 401 -54.23 -20.51 46.49
CA ILE E 401 -54.34 -19.25 45.79
C ILE E 401 -54.56 -18.09 46.79
N LEU E 402 -53.77 -17.04 46.63
CA LEU E 402 -53.80 -15.90 47.53
C LEU E 402 -54.13 -14.60 46.76
N LYS E 403 -54.47 -13.57 47.51
CA LYS E 403 -54.86 -12.28 46.94
C LYS E 403 -53.86 -11.24 47.42
N PHE E 404 -53.38 -10.39 46.51
CA PHE E 404 -52.54 -9.26 46.91
C PHE E 404 -52.91 -8.02 46.10
N LYS E 405 -52.46 -6.87 46.57
CA LYS E 405 -52.71 -5.59 45.91
C LYS E 405 -51.42 -4.98 45.36
N THR E 406 -50.52 -4.53 46.23
CA THR E 406 -49.32 -3.81 45.77
C THR E 406 -48.10 -4.70 45.61
N ILE E 407 -47.19 -4.27 44.75
CA ILE E 407 -45.98 -5.01 44.46
C ILE E 407 -45.04 -5.08 45.68
N GLU E 408 -45.10 -4.04 46.52
CA GLU E 408 -44.32 -4.00 47.76
C GLU E 408 -44.94 -4.95 48.78
N GLU E 409 -46.26 -5.11 48.71
CA GLU E 409 -46.94 -6.06 49.56
C GLU E 409 -46.42 -7.45 49.28
N VAL E 410 -46.56 -7.87 48.04
CA VAL E 410 -46.31 -9.26 47.70
C VAL E 410 -44.86 -9.66 48.00
N VAL E 411 -43.91 -8.75 47.80
CA VAL E 411 -42.52 -9.01 48.12
C VAL E 411 -42.39 -9.44 49.58
N GLY E 412 -42.90 -8.61 50.48
CA GLY E 412 -42.92 -8.93 51.91
C GLY E 412 -43.48 -10.32 52.20
N ARG E 413 -44.56 -10.70 51.53
CA ARG E 413 -45.23 -11.98 51.81
C ARG E 413 -44.54 -13.17 51.12
N ALA E 414 -44.08 -12.98 49.90
CA ALA E 414 -43.31 -14.00 49.19
C ALA E 414 -42.07 -14.39 49.97
N ASN E 415 -41.33 -13.38 50.41
CA ASN E 415 -40.09 -13.59 51.15
C ASN E 415 -40.33 -13.98 52.59
N ASN E 416 -41.59 -14.05 53.01
CA ASN E 416 -41.92 -14.32 54.41
C ASN E 416 -42.11 -15.82 54.60
N SER E 417 -41.00 -16.53 54.63
CA SER E 417 -41.00 -17.98 54.76
C SER E 417 -39.58 -18.43 55.12
N THR E 418 -39.48 -19.53 55.86
CA THR E 418 -38.17 -20.13 56.17
C THR E 418 -37.47 -20.63 54.88
N TYR E 419 -38.26 -20.80 53.81
CA TYR E 419 -37.75 -21.34 52.55
C TYR E 419 -37.39 -20.26 51.52
N GLY E 420 -36.71 -20.70 50.46
CA GLY E 420 -36.24 -19.81 49.39
C GLY E 420 -35.50 -20.57 48.29
N LEU E 421 -36.14 -21.63 47.79
CA LEU E 421 -35.59 -22.43 46.72
C LEU E 421 -35.88 -21.79 45.38
N ALA E 422 -37.15 -21.46 45.15
CA ALA E 422 -37.63 -21.02 43.86
C ALA E 422 -38.72 -19.95 43.95
N ALA E 423 -39.08 -19.36 42.81
CA ALA E 423 -40.10 -18.32 42.72
C ALA E 423 -40.35 -17.97 41.25
N ALA E 424 -41.51 -17.37 40.96
CA ALA E 424 -41.83 -16.96 39.61
C ALA E 424 -42.71 -15.72 39.55
N VAL E 425 -42.48 -14.93 38.51
CA VAL E 425 -43.22 -13.71 38.27
C VAL E 425 -43.85 -13.77 36.88
N PHE E 426 -45.17 -13.58 36.83
CA PHE E 426 -45.87 -13.41 35.55
C PHE E 426 -46.30 -11.97 35.35
N THR E 427 -45.81 -11.38 34.25
CA THR E 427 -46.03 -9.98 33.94
C THR E 427 -45.46 -9.68 32.57
N LYS E 428 -46.10 -8.75 31.85
CA LYS E 428 -45.64 -8.30 30.51
C LYS E 428 -44.74 -7.08 30.61
N ASP E 429 -44.74 -6.47 31.79
CA ASP E 429 -44.00 -5.26 32.05
C ASP E 429 -42.52 -5.56 32.34
N LEU E 430 -41.63 -4.74 31.79
CA LEU E 430 -40.19 -4.88 31.98
C LEU E 430 -39.70 -4.48 33.38
N ASP E 431 -40.16 -3.34 33.87
CA ASP E 431 -39.68 -2.82 35.15
C ASP E 431 -40.23 -3.53 36.38
N LYS E 432 -41.40 -4.15 36.22
CA LYS E 432 -41.95 -4.99 37.28
C LYS E 432 -41.17 -6.30 37.37
N ALA E 433 -40.83 -6.88 36.20
CA ALA E 433 -40.14 -8.17 36.15
C ALA E 433 -38.76 -8.10 36.78
N ASN E 434 -38.07 -6.98 36.57
CA ASN E 434 -36.73 -6.79 37.10
C ASN E 434 -36.72 -6.41 38.59
N TYR E 435 -37.66 -5.56 38.99
CA TYR E 435 -37.88 -5.26 40.38
C TYR E 435 -38.12 -6.54 41.18
N LEU E 436 -39.04 -7.36 40.69
CA LEU E 436 -39.37 -8.57 41.39
C LEU E 436 -38.26 -9.61 41.38
N SER E 437 -37.62 -9.83 40.24
CA SER E 437 -36.48 -10.74 40.18
C SER E 437 -35.38 -10.34 41.16
N GLN E 438 -35.21 -9.04 41.39
CA GLN E 438 -34.20 -8.59 42.33
C GLN E 438 -34.61 -8.78 43.80
N ALA E 439 -35.86 -8.49 44.13
CA ALA E 439 -36.30 -8.47 45.54
C ALA E 439 -36.60 -9.85 46.11
N LEU E 440 -36.96 -10.82 45.26
CA LEU E 440 -37.37 -12.15 45.73
C LEU E 440 -36.18 -13.00 46.18
N GLN E 441 -36.24 -13.47 47.42
CA GLN E 441 -35.18 -14.25 48.01
C GLN E 441 -35.44 -15.69 47.69
N ALA E 442 -35.00 -16.08 46.50
CA ALA E 442 -35.11 -17.45 46.04
C ALA E 442 -33.92 -17.73 45.16
N GLY E 443 -33.51 -19.00 45.14
CA GLY E 443 -32.33 -19.42 44.38
C GLY E 443 -32.59 -19.41 42.88
N THR E 444 -33.83 -19.64 42.48
CA THR E 444 -34.22 -19.53 41.08
C THR E 444 -35.47 -18.71 40.88
N VAL E 445 -35.43 -17.78 39.93
CA VAL E 445 -36.58 -16.93 39.60
C VAL E 445 -36.94 -17.06 38.13
N TRP E 446 -38.11 -17.62 37.88
CA TRP E 446 -38.58 -17.76 36.54
C TRP E 446 -39.48 -16.59 36.21
N VAL E 447 -39.32 -16.00 35.02
CA VAL E 447 -40.22 -14.91 34.60
C VAL E 447 -41.03 -15.38 33.42
N ASN E 448 -42.35 -15.42 33.59
CA ASN E 448 -43.31 -15.84 32.54
C ASN E 448 -43.15 -17.30 32.11
N CYS E 449 -42.57 -18.10 33.01
CA CYS E 449 -42.44 -19.53 32.82
C CYS E 449 -42.29 -20.15 34.18
N TYR E 450 -42.11 -21.48 34.21
CA TYR E 450 -41.92 -22.22 35.45
C TYR E 450 -41.27 -23.58 35.18
N ASP E 451 -40.48 -24.07 36.15
CA ASP E 451 -39.83 -25.38 36.06
C ASP E 451 -39.03 -25.59 34.77
N VAL E 452 -38.27 -24.57 34.39
CA VAL E 452 -37.37 -24.65 33.24
C VAL E 452 -35.95 -24.79 33.79
N PHE E 453 -35.40 -25.98 33.67
CA PHE E 453 -34.06 -26.27 34.12
C PHE E 453 -33.25 -26.72 32.92
N GLY E 454 -32.11 -26.10 32.74
CA GLY E 454 -31.09 -26.65 31.88
C GLY E 454 -30.09 -27.29 32.82
N ALA E 455 -29.40 -28.31 32.35
CA ALA E 455 -28.27 -28.86 33.10
C ALA E 455 -27.17 -27.82 33.22
N GLN E 456 -27.31 -26.73 32.45
CA GLN E 456 -26.39 -25.59 32.43
C GLN E 456 -26.73 -24.60 33.54
N SER E 457 -28.02 -24.38 33.78
CA SER E 457 -28.43 -23.36 34.76
C SER E 457 -28.44 -23.88 36.19
N PRO E 458 -27.77 -23.16 37.11
CA PRO E 458 -27.63 -23.66 38.47
C PRO E 458 -28.96 -23.70 39.23
N PHE E 459 -28.96 -24.43 40.34
CA PHE E 459 -30.13 -24.58 41.18
C PHE E 459 -29.78 -25.01 42.61
N GLY E 460 -30.31 -24.26 43.57
CA GLY E 460 -30.18 -24.56 44.99
C GLY E 460 -30.98 -23.55 45.80
N GLY E 461 -30.83 -23.57 47.12
CA GLY E 461 -31.70 -22.82 48.01
C GLY E 461 -31.08 -21.66 48.77
N TYR E 462 -31.95 -20.72 49.14
CA TYR E 462 -31.65 -19.66 50.10
C TYR E 462 -32.10 -20.17 51.47
N LYS E 463 -31.65 -19.48 52.52
CA LYS E 463 -32.20 -19.70 53.88
C LYS E 463 -32.10 -21.19 54.30
N MET E 464 -33.24 -21.78 54.68
CA MET E 464 -33.29 -23.21 55.07
C MET E 464 -33.70 -24.13 53.90
N SER E 465 -33.77 -23.57 52.69
CA SER E 465 -34.02 -24.38 51.48
C SER E 465 -32.74 -25.06 50.99
N GLY E 466 -31.61 -24.73 51.61
CA GLY E 466 -30.37 -25.46 51.38
C GLY E 466 -29.16 -24.57 51.19
N SER E 467 -28.00 -25.20 51.03
CA SER E 467 -26.76 -24.52 50.71
C SER E 467 -26.07 -25.24 49.56
N GLY E 468 -25.25 -24.52 48.81
CA GLY E 468 -24.61 -25.07 47.60
C GLY E 468 -25.60 -25.17 46.46
N ARG E 469 -25.08 -25.13 45.23
CA ARG E 469 -25.91 -25.11 44.03
C ARG E 469 -25.67 -26.34 43.15
N GLU E 470 -26.75 -26.82 42.52
CA GLU E 470 -26.71 -27.96 41.60
C GLU E 470 -26.96 -27.58 40.14
N LEU E 471 -26.44 -28.42 39.25
CA LEU E 471 -26.40 -28.14 37.81
C LEU E 471 -25.49 -26.97 37.44
N GLY E 472 -25.06 -26.96 36.18
CA GLY E 472 -24.13 -25.95 35.69
C GLY E 472 -22.69 -26.12 36.16
N GLU E 473 -21.87 -25.14 35.80
CA GLU E 473 -20.47 -25.10 36.25
C GLU E 473 -20.36 -25.04 37.77
N TYR E 474 -21.35 -24.39 38.39
CA TYR E 474 -21.40 -24.23 39.84
C TYR E 474 -21.54 -25.57 40.56
N GLY E 475 -22.03 -26.59 39.84
CA GLY E 475 -22.16 -27.94 40.37
C GLY E 475 -20.85 -28.63 40.65
N LEU E 476 -19.79 -28.19 39.96
CA LEU E 476 -18.47 -28.77 40.10
C LEU E 476 -17.68 -28.23 41.30
N GLN E 477 -18.02 -27.03 41.76
CA GLN E 477 -17.29 -26.38 42.84
C GLN E 477 -17.29 -27.17 44.14
N ALA E 478 -18.47 -27.65 44.56
CA ALA E 478 -18.61 -28.42 45.80
C ALA E 478 -17.93 -29.79 45.72
N TYR E 479 -17.78 -30.30 44.49
CA TYR E 479 -17.12 -31.56 44.25
C TYR E 479 -15.63 -31.39 43.98
N THR E 480 -15.14 -30.20 44.28
CA THR E 480 -13.76 -29.88 44.05
C THR E 480 -13.12 -29.34 45.30
N GLU E 481 -11.83 -29.56 45.40
CA GLU E 481 -11.01 -29.15 46.52
C GLU E 481 -9.77 -28.49 45.93
N VAL E 482 -9.50 -27.24 46.33
CA VAL E 482 -8.48 -26.41 45.73
C VAL E 482 -7.12 -26.56 46.43
N LYS E 483 -6.10 -26.86 45.63
CA LYS E 483 -4.73 -26.97 46.10
C LYS E 483 -3.87 -25.86 45.49
N THR E 484 -3.28 -25.03 46.36
CA THR E 484 -2.37 -24.00 45.87
C THR E 484 -0.95 -24.57 45.89
N VAL E 485 -0.27 -24.49 44.74
CA VAL E 485 1.14 -24.82 44.67
C VAL E 485 1.89 -23.53 44.42
N THR E 486 2.97 -23.31 45.16
CA THR E 486 3.72 -22.03 45.10
C THR E 486 5.23 -22.26 45.10
N VAL E 487 5.86 -22.02 43.93
CA VAL E 487 7.25 -22.41 43.67
C VAL E 487 8.16 -21.19 43.60
N LYS E 488 9.24 -21.16 44.38
CA LYS E 488 10.23 -20.08 44.28
C LYS E 488 10.89 -20.10 42.92
N VAL E 489 11.04 -18.95 42.27
CA VAL E 489 11.77 -18.93 40.99
C VAL E 489 12.95 -17.99 41.04
N PRO E 490 13.88 -18.12 40.07
CA PRO E 490 15.06 -17.27 40.08
C PRO E 490 14.74 -15.78 40.04
N GLN E 491 13.90 -15.35 39.10
CA GLN E 491 13.53 -13.92 38.98
C GLN E 491 12.19 -13.76 38.26
N LYS E 492 11.17 -13.35 39.01
CA LYS E 492 9.83 -13.16 38.43
C LYS E 492 9.80 -11.91 37.54
N ASN E 493 9.30 -12.09 36.32
CA ASN E 493 8.94 -11.00 35.42
C ASN E 493 7.52 -11.24 34.90
N SER E 494 6.81 -10.17 34.57
CA SER E 494 5.52 -10.28 33.89
C SER E 494 5.68 -11.04 32.55
N ALA F 1 14.32 -0.67 56.84
CA ALA F 1 14.27 0.62 57.60
C ALA F 1 12.89 0.82 58.25
N VAL F 2 12.83 0.69 59.58
CA VAL F 2 11.57 0.70 60.33
C VAL F 2 11.50 1.86 61.34
N PRO F 3 10.38 2.61 61.37
CA PRO F 3 10.23 3.67 62.38
C PRO F 3 10.45 3.16 63.81
N ALA F 4 10.95 4.05 64.67
CA ALA F 4 11.25 3.69 66.05
C ALA F 4 9.97 3.41 66.84
N PRO F 5 9.89 2.23 67.45
CA PRO F 5 8.67 1.90 68.18
C PRO F 5 8.44 2.80 69.38
N ASN F 6 7.19 3.17 69.60
CA ASN F 6 6.75 3.64 70.91
C ASN F 6 6.29 2.42 71.69
N GLN F 7 6.75 2.31 72.94
CA GLN F 7 6.42 1.16 73.78
C GLN F 7 5.25 1.42 74.72
N GLN F 8 4.81 2.67 74.81
CA GLN F 8 3.64 3.04 75.61
C GLN F 8 2.60 3.79 74.77
N PRO F 9 1.69 3.04 74.11
CA PRO F 9 0.57 3.64 73.39
C PRO F 9 -0.68 3.72 74.24
N GLU F 10 -1.47 4.77 74.06
CA GLU F 10 -2.75 4.91 74.79
C GLU F 10 -3.69 3.74 74.43
N VAL F 11 -4.87 3.70 75.04
CA VAL F 11 -5.85 2.65 74.74
C VAL F 11 -7.20 3.31 74.46
N PHE F 12 -7.50 3.48 73.19
CA PHE F 12 -8.70 4.19 72.79
C PHE F 12 -9.95 3.34 72.91
N CYS F 13 -9.87 2.07 72.53
CA CYS F 13 -11.07 1.21 72.45
C CYS F 13 -11.00 -0.04 73.34
N ASN F 14 -12.02 -0.19 74.17
CA ASN F 14 -12.15 -1.32 75.09
C ASN F 14 -13.62 -1.73 75.33
N GLN F 15 -14.52 -1.22 74.49
CA GLN F 15 -15.97 -1.37 74.67
C GLN F 15 -16.53 -2.34 73.61
N ILE F 16 -17.76 -2.08 73.14
CA ILE F 16 -18.39 -2.87 72.07
C ILE F 16 -18.82 -1.93 70.94
N PHE F 17 -18.82 -2.42 69.70
CA PHE F 17 -19.09 -1.61 68.51
C PHE F 17 -20.38 -2.01 67.78
N ILE F 18 -21.36 -1.12 67.80
CA ILE F 18 -22.62 -1.32 67.09
C ILE F 18 -23.09 0.00 66.49
N ASN F 19 -23.70 -0.06 65.30
CA ASN F 19 -24.12 1.14 64.57
C ASN F 19 -23.07 2.27 64.63
N ASN F 20 -21.80 1.90 64.48
CA ASN F 20 -20.66 2.81 64.65
C ASN F 20 -20.42 3.31 66.09
N GLU F 21 -21.49 3.50 66.86
CA GLU F 21 -21.38 4.01 68.24
C GLU F 21 -20.84 2.98 69.24
N TRP F 22 -20.23 3.48 70.32
CA TRP F 22 -19.67 2.62 71.38
C TRP F 22 -20.70 2.35 72.49
N HIS F 23 -20.58 1.17 73.11
CA HIS F 23 -21.58 0.68 74.05
C HIS F 23 -20.95 -0.17 75.16
N ASP F 24 -21.49 -0.08 76.38
CA ASP F 24 -21.13 -1.01 77.45
C ASP F 24 -21.97 -2.27 77.31
N ALA F 25 -21.40 -3.41 77.70
CA ALA F 25 -22.09 -4.70 77.62
C ALA F 25 -23.43 -4.70 78.35
N VAL F 26 -24.27 -5.68 78.03
CA VAL F 26 -25.60 -5.79 78.67
C VAL F 26 -25.49 -6.55 79.98
N SER F 27 -24.55 -7.49 80.04
CA SER F 27 -24.16 -8.10 81.31
C SER F 27 -23.51 -7.06 82.27
N ARG F 28 -23.14 -5.90 81.73
CA ARG F 28 -22.67 -4.74 82.50
C ARG F 28 -21.40 -5.01 83.30
N LYS F 29 -20.58 -5.92 82.79
CA LYS F 29 -19.32 -6.30 83.43
C LYS F 29 -18.16 -5.99 82.48
N THR F 30 -16.98 -6.51 82.80
CA THR F 30 -15.76 -6.26 82.03
C THR F 30 -14.83 -7.47 82.16
N PHE F 31 -13.64 -7.41 81.55
CA PHE F 31 -12.61 -8.44 81.72
C PHE F 31 -11.21 -7.93 81.32
N PRO F 32 -10.15 -8.50 81.91
CA PRO F 32 -8.79 -8.04 81.59
C PRO F 32 -8.21 -8.61 80.30
N THR F 33 -7.33 -7.84 79.67
CA THR F 33 -6.50 -8.32 78.55
C THR F 33 -5.03 -8.27 78.97
N VAL F 34 -4.41 -9.45 79.04
CA VAL F 34 -3.09 -9.60 79.62
C VAL F 34 -1.99 -9.21 78.61
N ASN F 35 -1.20 -8.19 78.97
CA ASN F 35 0.11 -7.97 78.36
C ASN F 35 0.90 -9.26 78.54
N PRO F 36 1.36 -9.89 77.44
CA PRO F 36 1.97 -11.22 77.54
C PRO F 36 3.47 -11.27 77.86
N SER F 37 4.11 -10.11 78.00
CA SER F 37 5.54 -10.05 78.32
C SER F 37 5.78 -9.62 79.77
N THR F 38 5.06 -8.60 80.25
CA THR F 38 5.07 -8.24 81.67
C THR F 38 4.08 -9.07 82.48
N GLY F 39 3.06 -9.63 81.82
CA GLY F 39 2.06 -10.45 82.49
C GLY F 39 1.03 -9.65 83.27
N GLU F 40 0.94 -8.35 83.01
CA GLU F 40 -0.01 -7.47 83.71
C GLU F 40 -1.27 -7.23 82.88
N VAL F 41 -2.23 -6.52 83.46
CA VAL F 41 -3.45 -6.12 82.75
C VAL F 41 -3.20 -4.79 82.05
N ILE F 42 -3.62 -4.70 80.79
CA ILE F 42 -3.48 -3.49 79.99
C ILE F 42 -4.69 -2.58 80.23
N CYS F 43 -5.88 -3.16 80.23
CA CYS F 43 -7.10 -2.46 80.66
C CYS F 43 -8.27 -3.43 80.66
N GLN F 44 -9.39 -3.02 81.23
CA GLN F 44 -10.57 -3.88 81.32
C GLN F 44 -11.47 -3.73 80.09
N VAL F 45 -11.46 -4.73 79.22
CA VAL F 45 -12.29 -4.77 78.02
C VAL F 45 -13.68 -5.27 78.41
N ALA F 46 -14.71 -4.82 77.70
CA ALA F 46 -16.08 -5.23 77.98
C ALA F 46 -16.37 -6.71 77.68
N GLU F 47 -17.50 -7.20 78.20
CA GLU F 47 -17.85 -8.63 78.21
C GLU F 47 -18.92 -8.94 77.16
N GLY F 48 -18.93 -10.19 76.67
CA GLY F 48 -19.83 -10.59 75.59
C GLY F 48 -20.91 -11.57 76.02
N ASP F 49 -22.18 -11.22 75.76
CA ASP F 49 -23.33 -12.03 76.20
C ASP F 49 -24.31 -12.33 75.05
N LYS F 50 -25.19 -13.29 75.30
CA LYS F 50 -26.34 -13.60 74.46
C LYS F 50 -27.18 -12.36 74.15
N GLU F 51 -27.23 -11.41 75.10
CA GLU F 51 -27.93 -10.15 74.87
C GLU F 51 -27.16 -9.23 73.92
N ASP F 52 -25.83 -9.32 73.93
CA ASP F 52 -24.98 -8.40 73.16
C ASP F 52 -24.95 -8.76 71.67
N VAL F 53 -24.82 -10.05 71.37
CA VAL F 53 -24.83 -10.53 69.99
C VAL F 53 -26.16 -10.17 69.30
N ASP F 54 -27.27 -10.38 70.01
CA ASP F 54 -28.60 -10.11 69.45
C ASP F 54 -28.74 -8.67 68.94
N LYS F 55 -28.22 -7.72 69.71
CA LYS F 55 -28.38 -6.30 69.37
C LYS F 55 -27.52 -5.90 68.17
N ALA F 56 -26.37 -6.55 68.03
CA ALA F 56 -25.49 -6.32 66.90
C ALA F 56 -26.16 -6.84 65.63
N VAL F 57 -26.58 -8.11 65.72
CA VAL F 57 -27.25 -8.81 64.63
C VAL F 57 -28.48 -8.03 64.15
N LYS F 58 -29.21 -7.45 65.09
CA LYS F 58 -30.37 -6.63 64.75
C LYS F 58 -29.97 -5.38 63.98
N ALA F 59 -28.94 -4.69 64.46
CA ALA F 59 -28.41 -3.51 63.75
C ALA F 59 -27.83 -3.86 62.36
N ALA F 60 -27.15 -5.01 62.26
CA ALA F 60 -26.68 -5.56 60.98
C ALA F 60 -27.85 -5.75 60.03
N ARG F 61 -28.82 -6.57 60.44
CA ARG F 61 -29.97 -6.90 59.59
C ARG F 61 -30.58 -5.65 59.00
N ALA F 62 -30.78 -4.64 59.85
CA ALA F 62 -31.38 -3.39 59.41
C ALA F 62 -30.54 -2.69 58.35
N ALA F 63 -29.21 -2.81 58.46
CA ALA F 63 -28.31 -2.27 57.45
C ALA F 63 -28.29 -3.12 56.16
N PHE F 64 -28.73 -4.38 56.24
CA PHE F 64 -28.81 -5.26 55.06
C PHE F 64 -30.17 -5.24 54.37
N GLN F 65 -31.15 -4.53 54.93
CA GLN F 65 -32.47 -4.47 54.34
C GLN F 65 -32.41 -3.85 52.95
N LEU F 66 -33.22 -4.39 52.05
CA LEU F 66 -33.37 -3.86 50.71
C LEU F 66 -33.67 -2.37 50.84
N GLY F 67 -32.89 -1.54 50.15
CA GLY F 67 -33.04 -0.10 50.22
C GLY F 67 -32.12 0.59 51.22
N SER F 68 -31.37 -0.17 52.00
CA SER F 68 -30.37 0.43 52.88
C SER F 68 -29.27 1.09 52.07
N PRO F 69 -28.57 2.08 52.66
CA PRO F 69 -27.50 2.71 51.91
C PRO F 69 -26.43 1.70 51.53
N TRP F 70 -26.17 0.75 52.42
CA TRP F 70 -25.17 -0.28 52.16
C TRP F 70 -25.56 -1.15 50.97
N ARG F 71 -26.83 -1.52 50.89
CA ARG F 71 -27.32 -2.39 49.84
C ARG F 71 -27.43 -1.64 48.53
N ARG F 72 -27.76 -0.35 48.61
CA ARG F 72 -27.95 0.50 47.43
C ARG F 72 -26.64 0.99 46.82
N MET F 73 -25.59 1.00 47.62
CA MET F 73 -24.30 1.52 47.22
C MET F 73 -23.71 0.81 46.01
N ASP F 74 -23.05 1.56 45.15
CA ASP F 74 -22.37 0.99 43.98
C ASP F 74 -21.29 0.04 44.41
N ALA F 75 -21.18 -1.07 43.71
CA ALA F 75 -20.08 -2.00 43.91
C ALA F 75 -18.74 -1.29 43.94
N SER F 76 -18.51 -0.41 42.96
CA SER F 76 -17.23 0.28 42.87
C SER F 76 -16.88 1.11 44.12
N HIS F 77 -17.91 1.55 44.85
CA HIS F 77 -17.70 2.42 46.03
C HIS F 77 -17.44 1.67 47.33
N ARG F 78 -17.93 0.43 47.44
CA ARG F 78 -17.46 -0.44 48.51
C ARG F 78 -15.98 -0.64 48.31
N GLY F 79 -15.58 -0.79 47.05
CA GLY F 79 -14.18 -0.74 46.67
C GLY F 79 -13.46 0.42 47.34
N ARG F 80 -13.94 1.63 47.08
CA ARG F 80 -13.27 2.86 47.59
C ARG F 80 -13.23 2.86 49.12
N LEU F 81 -14.34 2.49 49.76
CA LEU F 81 -14.41 2.42 51.22
C LEU F 81 -13.30 1.51 51.81
N LEU F 82 -13.10 0.34 51.20
CA LEU F 82 -11.97 -0.52 51.58
C LEU F 82 -10.59 0.12 51.28
N ASN F 83 -10.47 0.92 50.22
CA ASN F 83 -9.21 1.62 49.97
C ASN F 83 -8.91 2.68 51.02
N ARG F 84 -9.96 3.39 51.48
CA ARG F 84 -9.82 4.37 52.54
C ARG F 84 -9.37 3.71 53.84
N LEU F 85 -10.04 2.62 54.24
CA LEU F 85 -9.70 1.93 55.46
C LEU F 85 -8.25 1.50 55.50
N ALA F 86 -7.74 1.02 54.36
CA ALA F 86 -6.34 0.67 54.23
C ALA F 86 -5.47 1.90 54.46
N ASP F 87 -5.86 3.02 53.85
CA ASP F 87 -5.09 4.25 53.98
C ASP F 87 -5.07 4.74 55.43
N LEU F 88 -6.22 4.69 56.10
CA LEU F 88 -6.30 5.03 57.51
C LEU F 88 -5.43 4.10 58.34
N ILE F 89 -5.49 2.81 58.03
CA ILE F 89 -4.61 1.85 58.65
C ILE F 89 -3.16 2.26 58.46
N GLU F 90 -2.77 2.59 57.23
CA GLU F 90 -1.39 2.96 56.95
C GLU F 90 -0.97 4.19 57.74
N ARG F 91 -1.84 5.20 57.79
CA ARG F 91 -1.67 6.34 58.71
C ARG F 91 -1.16 5.86 60.08
N ASP F 92 -1.87 4.91 60.67
CA ASP F 92 -1.58 4.42 62.03
C ASP F 92 -0.69 3.16 62.06
N ARG F 93 0.06 2.91 61.01
CA ARG F 93 0.90 1.70 60.95
C ARG F 93 1.80 1.53 62.18
N THR F 94 2.66 2.51 62.44
CA THR F 94 3.52 2.51 63.63
C THR F 94 2.68 2.41 64.92
N TYR F 95 1.68 3.29 65.06
CA TYR F 95 0.73 3.24 66.18
C TYR F 95 0.13 1.84 66.39
N LEU F 96 -0.40 1.25 65.33
CA LEU F 96 -1.09 -0.04 65.40
C LEU F 96 -0.12 -1.21 65.53
N ALA F 97 1.12 -1.01 65.10
CA ALA F 97 2.13 -2.09 65.13
C ALA F 97 2.60 -2.42 66.55
N ALA F 98 2.45 -1.47 67.47
CA ALA F 98 2.86 -1.68 68.85
C ALA F 98 1.72 -2.33 69.63
N LEU F 99 0.51 -1.84 69.41
CA LEU F 99 -0.69 -2.42 70.00
C LEU F 99 -0.81 -3.93 69.70
N GLU F 100 -0.31 -4.36 68.53
CA GLU F 100 -0.26 -5.76 68.18
C GLU F 100 0.72 -6.49 69.09
N THR F 101 1.94 -5.95 69.22
CA THR F 101 2.98 -6.54 70.06
C THR F 101 2.66 -6.43 71.55
N LEU F 102 2.18 -5.26 71.97
CA LEU F 102 1.74 -5.00 73.34
C LEU F 102 0.74 -6.06 73.86
N ASP F 103 -0.11 -6.58 72.98
CA ASP F 103 -1.14 -7.56 73.36
C ASP F 103 -0.89 -9.00 72.87
N ASN F 104 -0.10 -9.16 71.80
CA ASN F 104 0.14 -10.49 71.20
C ASN F 104 1.51 -11.05 71.54
N GLY F 105 2.52 -10.19 71.55
CA GLY F 105 3.85 -10.56 72.01
C GLY F 105 4.92 -10.73 70.95
N LYS F 106 4.53 -10.96 69.69
CA LYS F 106 5.50 -11.21 68.63
C LYS F 106 6.42 -10.01 68.37
N PRO F 107 7.59 -10.24 67.76
CA PRO F 107 8.48 -9.11 67.56
C PRO F 107 7.82 -7.99 66.78
N TYR F 108 7.96 -6.76 67.27
CA TYR F 108 7.44 -5.55 66.61
C TYR F 108 8.08 -5.32 65.24
N VAL F 109 9.37 -5.65 65.15
CA VAL F 109 10.06 -5.81 63.86
C VAL F 109 9.12 -6.54 62.89
N ILE F 110 8.72 -7.75 63.28
CA ILE F 110 7.94 -8.62 62.41
C ILE F 110 6.50 -8.14 62.26
N SER F 111 5.94 -7.53 63.31
CA SER F 111 4.56 -7.00 63.23
C SER F 111 4.43 -5.84 62.26
N TYR F 112 5.46 -4.99 62.16
CA TYR F 112 5.38 -3.79 61.32
C TYR F 112 5.51 -4.18 59.85
N LEU F 113 6.48 -5.05 59.55
CA LEU F 113 6.83 -5.41 58.17
C LEU F 113 6.05 -6.60 57.62
N VAL F 114 5.47 -7.43 58.46
CA VAL F 114 4.70 -8.58 57.97
C VAL F 114 3.21 -8.33 58.11
N ASP F 115 2.72 -8.25 59.35
CA ASP F 115 1.28 -8.20 59.58
C ASP F 115 0.62 -7.05 58.83
N LEU F 116 0.96 -5.81 59.19
CA LEU F 116 0.31 -4.66 58.57
C LEU F 116 0.59 -4.56 57.07
N ASP F 117 1.79 -4.95 56.63
CA ASP F 117 2.03 -5.02 55.19
C ASP F 117 0.95 -5.93 54.56
N MET F 118 0.88 -7.17 55.03
CA MET F 118 -0.03 -8.18 54.50
C MET F 118 -1.52 -7.85 54.71
N VAL F 119 -1.84 -7.06 55.74
CA VAL F 119 -3.18 -6.51 55.93
C VAL F 119 -3.51 -5.48 54.84
N LEU F 120 -2.60 -4.55 54.64
CA LEU F 120 -2.76 -3.47 53.68
C LEU F 120 -2.92 -3.98 52.23
N LYS F 121 -2.21 -5.04 51.91
CA LYS F 121 -2.28 -5.64 50.58
C LYS F 121 -3.58 -6.41 50.47
N CYS F 122 -3.85 -7.25 51.46
CA CYS F 122 -5.13 -7.97 51.57
C CYS F 122 -6.33 -7.06 51.39
N LEU F 123 -6.33 -5.92 52.08
CA LEU F 123 -7.46 -4.99 51.97
C LEU F 123 -7.47 -4.28 50.62
N ARG F 124 -6.30 -3.97 50.09
CA ARG F 124 -6.20 -3.36 48.76
C ARG F 124 -6.52 -4.36 47.66
N TYR F 125 -6.17 -5.62 47.89
CA TYR F 125 -6.56 -6.67 47.01
C TYR F 125 -8.09 -6.67 46.91
N TYR F 126 -8.79 -6.71 48.05
CA TYR F 126 -10.24 -6.91 48.03
C TYR F 126 -11.05 -5.67 47.63
N ALA F 127 -10.46 -4.50 47.72
CA ALA F 127 -11.11 -3.30 47.21
C ALA F 127 -11.24 -3.42 45.69
N GLY F 128 -10.21 -3.96 45.05
CA GLY F 128 -10.22 -4.22 43.61
C GLY F 128 -11.26 -5.22 43.14
N TRP F 129 -11.70 -6.14 44.01
CA TRP F 129 -12.64 -7.20 43.62
C TRP F 129 -14.11 -6.80 43.62
N ALA F 130 -14.41 -5.69 44.29
CA ALA F 130 -15.80 -5.30 44.57
C ALA F 130 -16.66 -5.21 43.33
N ASP F 131 -16.11 -4.66 42.25
CA ASP F 131 -16.88 -4.48 41.00
C ASP F 131 -16.52 -5.48 39.90
N LYS F 132 -16.00 -6.65 40.32
CA LYS F 132 -15.41 -7.58 39.39
C LYS F 132 -15.83 -9.03 39.50
N TYR F 133 -16.71 -9.35 40.45
CA TYR F 133 -17.06 -10.73 40.68
C TYR F 133 -18.33 -11.08 39.90
N HIS F 134 -18.16 -11.54 38.67
CA HIS F 134 -19.26 -11.59 37.72
C HIS F 134 -20.18 -12.81 37.86
N GLY F 135 -21.47 -12.58 37.67
CA GLY F 135 -22.39 -13.65 37.35
C GLY F 135 -22.24 -14.09 35.90
N LYS F 136 -23.13 -14.96 35.43
CA LYS F 136 -23.01 -15.56 34.11
C LYS F 136 -24.28 -15.42 33.32
N THR F 137 -24.17 -15.34 31.99
CA THR F 137 -25.30 -15.59 31.09
C THR F 137 -25.14 -16.96 30.37
N ILE F 138 -26.17 -17.76 30.45
CA ILE F 138 -26.08 -19.19 30.23
C ILE F 138 -26.95 -19.60 29.05
N PRO F 139 -26.35 -20.25 28.04
CA PRO F 139 -27.08 -20.64 26.81
C PRO F 139 -27.93 -21.90 27.00
N ILE F 140 -29.02 -21.75 27.73
CA ILE F 140 -29.97 -22.84 28.01
C ILE F 140 -30.76 -23.28 26.77
N ASP F 141 -31.28 -24.50 26.80
CA ASP F 141 -32.19 -25.04 25.76
C ASP F 141 -33.51 -24.27 25.69
N GLY F 142 -34.04 -24.09 24.48
CA GLY F 142 -35.36 -23.48 24.28
C GLY F 142 -35.36 -21.97 24.34
N ASP F 143 -36.54 -21.39 24.20
CA ASP F 143 -36.71 -19.96 24.10
C ASP F 143 -36.73 -19.30 25.47
N PHE F 144 -35.54 -19.27 26.07
CA PHE F 144 -35.29 -18.73 27.40
C PHE F 144 -33.99 -17.94 27.44
N PHE F 145 -33.94 -16.92 28.28
CA PHE F 145 -32.69 -16.24 28.56
C PHE F 145 -32.42 -16.46 30.05
N SER F 146 -31.25 -17.02 30.37
CA SER F 146 -30.91 -17.33 31.75
C SER F 146 -29.61 -16.67 32.18
N TYR F 147 -29.63 -16.02 33.34
CA TYR F 147 -28.42 -15.47 33.95
C TYR F 147 -28.35 -15.78 35.41
N THR F 148 -27.22 -15.46 36.01
CA THR F 148 -27.07 -15.59 37.45
C THR F 148 -26.61 -14.27 38.03
N ARG F 149 -27.05 -13.97 39.25
CA ARG F 149 -26.56 -12.83 40.03
C ARG F 149 -25.84 -13.35 41.27
N HIS F 150 -24.74 -12.69 41.65
CA HIS F 150 -23.98 -13.05 42.86
C HIS F 150 -24.33 -12.06 43.95
N GLU F 151 -25.32 -12.42 44.77
CA GLU F 151 -25.80 -11.55 45.85
C GLU F 151 -25.02 -11.84 47.14
N PRO F 152 -24.96 -10.87 48.06
CA PRO F 152 -24.29 -11.19 49.33
C PRO F 152 -25.11 -12.21 50.10
N VAL F 153 -24.42 -13.04 50.88
CA VAL F 153 -25.06 -14.16 51.58
C VAL F 153 -25.92 -13.64 52.73
N GLY F 154 -25.57 -12.47 53.25
CA GLY F 154 -26.38 -11.73 54.19
C GLY F 154 -25.59 -11.35 55.43
N VAL F 155 -26.05 -11.82 56.58
CA VAL F 155 -25.41 -11.53 57.85
C VAL F 155 -24.42 -12.62 58.17
N CYS F 156 -23.16 -12.25 58.38
CA CYS F 156 -22.08 -13.21 58.55
C CYS F 156 -21.43 -13.07 59.91
N GLY F 157 -21.25 -14.21 60.58
CA GLY F 157 -20.66 -14.25 61.91
C GLY F 157 -19.22 -14.65 61.83
N GLN F 158 -18.34 -13.83 62.41
CA GLN F 158 -16.91 -14.06 62.26
C GLN F 158 -16.20 -14.16 63.60
N ILE F 159 -15.62 -15.32 63.84
CA ILE F 159 -14.89 -15.62 65.05
C ILE F 159 -13.43 -15.77 64.66
N ILE F 160 -12.58 -14.86 65.11
CA ILE F 160 -11.17 -14.87 64.72
C ILE F 160 -10.26 -15.33 65.86
N PRO F 161 -9.20 -16.08 65.51
CA PRO F 161 -8.28 -16.53 66.52
C PRO F 161 -7.31 -15.41 66.93
N TRP F 162 -6.38 -15.74 67.81
CA TRP F 162 -5.54 -14.76 68.51
C TRP F 162 -4.14 -14.58 67.94
N ASN F 163 -3.69 -15.52 67.12
CA ASN F 163 -2.31 -15.52 66.66
C ASN F 163 -1.96 -14.45 65.62
N PHE F 164 -2.95 -13.96 64.87
CA PHE F 164 -2.72 -12.87 63.91
C PHE F 164 -3.92 -11.92 63.92
N PRO F 165 -4.29 -11.40 65.11
CA PRO F 165 -5.59 -10.76 65.28
C PRO F 165 -5.96 -9.76 64.18
N LEU F 166 -4.97 -9.00 63.71
CA LEU F 166 -5.20 -7.98 62.66
C LEU F 166 -5.33 -8.63 61.31
N LEU F 167 -4.43 -9.55 61.01
CA LEU F 167 -4.42 -10.22 59.72
C LEU F 167 -5.68 -11.07 59.53
N MET F 168 -6.15 -11.70 60.60
CA MET F 168 -7.39 -12.47 60.56
C MET F 168 -8.62 -11.57 60.44
N GLN F 169 -8.54 -10.34 60.94
CA GLN F 169 -9.61 -9.37 60.75
C GLN F 169 -9.73 -8.92 59.30
N ALA F 170 -8.59 -8.77 58.63
CA ALA F 170 -8.54 -8.36 57.23
C ALA F 170 -8.98 -9.53 56.34
N TRP F 171 -8.38 -10.70 56.52
CA TRP F 171 -8.75 -11.90 55.75
C TRP F 171 -10.25 -12.15 55.80
N LYS F 172 -10.86 -11.86 56.96
CA LYS F 172 -12.29 -12.05 57.12
C LYS F 172 -13.06 -10.92 56.45
N LEU F 173 -12.77 -9.68 56.87
CA LEU F 173 -13.54 -8.51 56.45
C LEU F 173 -13.44 -8.20 54.95
N GLY F 174 -12.25 -8.35 54.41
CA GLY F 174 -11.99 -8.00 53.01
C GLY F 174 -13.03 -8.64 52.12
N PRO F 175 -13.07 -9.98 52.09
CA PRO F 175 -14.01 -10.68 51.21
C PRO F 175 -15.48 -10.50 51.56
N ALA F 176 -15.76 -10.20 52.82
CA ALA F 176 -17.15 -10.04 53.28
C ALA F 176 -17.72 -8.72 52.80
N LEU F 177 -16.95 -7.65 52.99
CA LEU F 177 -17.43 -6.31 52.67
C LEU F 177 -17.40 -6.07 51.17
N ALA F 178 -16.33 -6.52 50.53
CA ALA F 178 -16.20 -6.44 49.06
C ALA F 178 -17.42 -6.99 48.33
N THR F 179 -18.13 -7.93 48.94
CA THR F 179 -19.27 -8.58 48.31
C THR F 179 -20.60 -8.16 48.93
N GLY F 180 -20.58 -7.06 49.67
CA GLY F 180 -21.81 -6.46 50.17
C GLY F 180 -22.47 -7.16 51.35
N ASN F 181 -21.76 -8.06 52.02
CA ASN F 181 -22.30 -8.71 53.21
C ASN F 181 -22.10 -7.79 54.42
N VAL F 182 -22.76 -8.13 55.52
CA VAL F 182 -22.61 -7.39 56.78
C VAL F 182 -22.08 -8.34 57.85
N VAL F 183 -21.38 -7.80 58.83
CA VAL F 183 -20.57 -8.62 59.73
C VAL F 183 -20.88 -8.44 61.21
N VAL F 184 -20.96 -9.56 61.92
CA VAL F 184 -20.85 -9.56 63.37
C VAL F 184 -19.65 -10.40 63.73
N MET F 185 -18.67 -9.72 64.30
CA MET F 185 -17.33 -10.24 64.46
C MET F 185 -16.98 -10.42 65.94
N LYS F 186 -16.54 -11.62 66.30
CA LYS F 186 -16.16 -11.93 67.67
C LYS F 186 -14.66 -12.19 67.72
N VAL F 187 -13.97 -11.35 68.48
CA VAL F 187 -12.50 -11.34 68.53
C VAL F 187 -11.94 -12.01 69.78
N ALA F 188 -11.14 -13.06 69.58
CA ALA F 188 -10.55 -13.88 70.65
C ALA F 188 -9.91 -13.04 71.78
N GLU F 189 -10.10 -13.51 73.01
CA GLU F 189 -9.89 -12.71 74.23
C GLU F 189 -8.46 -12.22 74.50
N GLN F 190 -7.45 -13.01 74.10
CA GLN F 190 -6.06 -12.71 74.41
C GLN F 190 -5.47 -11.54 73.58
N THR F 191 -6.04 -11.28 72.40
CA THR F 191 -5.63 -10.18 71.53
C THR F 191 -6.85 -9.47 70.97
N PRO F 192 -7.61 -8.76 71.82
CA PRO F 192 -8.81 -8.12 71.33
C PRO F 192 -8.63 -6.64 71.03
N LEU F 193 -7.46 -6.09 71.34
CA LEU F 193 -7.31 -4.62 71.38
C LEU F 193 -7.15 -3.99 70.00
N THR F 194 -6.32 -4.59 69.15
CA THR F 194 -6.08 -4.08 67.80
C THR F 194 -7.36 -4.08 66.97
N ALA F 195 -8.08 -5.20 67.01
CA ALA F 195 -9.35 -5.33 66.29
C ALA F 195 -10.35 -4.23 66.66
N LEU F 196 -10.25 -3.73 67.89
CA LEU F 196 -11.16 -2.72 68.38
C LEU F 196 -10.92 -1.36 67.75
N TYR F 197 -9.67 -0.91 67.70
CA TYR F 197 -9.36 0.41 67.11
C TYR F 197 -9.55 0.43 65.57
N VAL F 198 -9.45 -0.73 64.92
CA VAL F 198 -9.75 -0.84 63.49
C VAL F 198 -11.20 -0.47 63.27
N ALA F 199 -12.08 -0.99 64.14
CA ALA F 199 -13.48 -0.60 64.16
C ALA F 199 -13.64 0.91 64.14
N ASN F 200 -12.75 1.59 64.85
CA ASN F 200 -12.75 3.04 64.91
C ASN F 200 -12.46 3.63 63.55
N LEU F 201 -11.46 3.07 62.86
CA LEU F 201 -11.12 3.53 61.52
C LEU F 201 -12.27 3.21 60.55
N ILE F 202 -12.96 2.10 60.77
CA ILE F 202 -14.10 1.73 59.96
C ILE F 202 -15.16 2.84 59.95
N LYS F 203 -15.44 3.44 61.11
CA LYS F 203 -16.42 4.53 61.13
C LYS F 203 -15.88 5.72 60.36
N GLU F 204 -14.65 6.12 60.68
CA GLU F 204 -14.00 7.24 60.00
C GLU F 204 -13.79 6.96 58.50
N ALA F 205 -13.57 5.68 58.16
CA ALA F 205 -13.48 5.28 56.76
C ALA F 205 -14.74 5.66 55.98
N GLY F 206 -15.90 5.51 56.61
CA GLY F 206 -17.18 5.96 56.06
C GLY F 206 -18.19 4.86 55.77
N PHE F 207 -18.05 3.72 56.44
CA PHE F 207 -18.99 2.61 56.24
C PHE F 207 -20.27 2.89 57.01
N PRO F 208 -21.44 2.66 56.38
CA PRO F 208 -22.70 2.85 57.09
C PRO F 208 -22.80 2.13 58.44
N PRO F 209 -23.60 2.70 59.36
CA PRO F 209 -23.79 2.11 60.68
C PRO F 209 -24.44 0.74 60.60
N GLY F 210 -23.82 -0.24 61.24
CA GLY F 210 -24.35 -1.61 61.26
C GLY F 210 -23.61 -2.62 60.38
N VAL F 211 -22.86 -2.14 59.39
CA VAL F 211 -22.16 -3.01 58.45
C VAL F 211 -21.11 -3.85 59.14
N VAL F 212 -20.32 -3.21 60.01
CA VAL F 212 -19.36 -3.94 60.86
C VAL F 212 -19.77 -3.80 62.32
N ASN F 213 -19.90 -4.93 63.00
CA ASN F 213 -20.27 -4.98 64.41
C ASN F 213 -19.38 -5.94 65.18
N ILE F 214 -18.53 -5.41 66.07
CA ILE F 214 -17.58 -6.25 66.80
C ILE F 214 -18.04 -6.48 68.25
N VAL F 215 -17.88 -7.73 68.70
CA VAL F 215 -18.26 -8.11 70.06
C VAL F 215 -17.11 -8.86 70.73
N PRO F 216 -16.38 -8.17 71.63
CA PRO F 216 -15.34 -8.84 72.41
C PRO F 216 -15.96 -9.68 73.54
N GLY F 217 -15.38 -10.85 73.80
CA GLY F 217 -15.85 -11.72 74.88
C GLY F 217 -15.24 -13.12 74.83
N PHE F 218 -15.63 -13.95 75.81
CA PHE F 218 -15.20 -15.35 75.87
C PHE F 218 -15.94 -16.19 74.83
N GLY F 219 -15.40 -17.38 74.54
CA GLY F 219 -16.04 -18.31 73.62
C GLY F 219 -17.43 -18.77 74.03
N PRO F 220 -17.52 -19.53 75.14
CA PRO F 220 -18.75 -20.19 75.62
C PRO F 220 -20.04 -19.35 75.57
N THR F 221 -19.92 -18.02 75.53
CA THR F 221 -21.07 -17.12 75.52
C THR F 221 -21.19 -16.39 74.18
N ALA F 222 -20.41 -15.33 74.01
CA ALA F 222 -20.51 -14.47 72.83
C ALA F 222 -20.14 -15.19 71.53
N GLY F 223 -19.26 -16.19 71.64
CA GLY F 223 -18.90 -17.02 70.49
C GLY F 223 -19.99 -18.00 70.14
N ALA F 224 -20.37 -18.81 71.13
CA ALA F 224 -21.44 -19.80 70.98
C ALA F 224 -22.74 -19.19 70.48
N ALA F 225 -23.09 -18.03 71.04
CA ALA F 225 -24.34 -17.35 70.69
C ALA F 225 -24.43 -17.02 69.21
N ILE F 226 -23.31 -16.60 68.62
CA ILE F 226 -23.28 -16.20 67.21
C ILE F 226 -23.56 -17.39 66.30
N ALA F 227 -23.01 -18.56 66.64
CA ALA F 227 -23.21 -19.76 65.83
C ALA F 227 -24.54 -20.41 66.12
N SER F 228 -25.32 -19.81 67.01
CA SER F 228 -26.59 -20.35 67.46
C SER F 228 -27.71 -19.33 67.25
N HIS F 229 -27.44 -18.32 66.43
CA HIS F 229 -28.43 -17.28 66.20
C HIS F 229 -29.27 -17.66 64.99
N GLU F 230 -30.57 -17.42 65.09
CA GLU F 230 -31.54 -17.91 64.12
C GLU F 230 -31.58 -17.05 62.86
N ASP F 231 -31.01 -15.85 62.92
CA ASP F 231 -31.07 -14.89 61.84
C ASP F 231 -29.72 -14.67 61.16
N VAL F 232 -28.65 -15.18 61.76
CA VAL F 232 -27.32 -15.11 61.16
C VAL F 232 -27.20 -16.11 59.98
N ASP F 233 -26.85 -15.61 58.81
CA ASP F 233 -26.95 -16.40 57.58
C ASP F 233 -25.70 -17.26 57.36
N LYS F 234 -24.56 -16.80 57.87
CA LYS F 234 -23.27 -17.48 57.65
C LYS F 234 -22.35 -17.36 58.87
N VAL F 235 -21.54 -18.40 59.10
CA VAL F 235 -20.53 -18.40 60.16
C VAL F 235 -19.19 -18.91 59.64
N ALA F 236 -18.15 -18.13 59.90
CA ALA F 236 -16.78 -18.49 59.58
C ALA F 236 -15.99 -18.60 60.87
N PHE F 237 -15.39 -19.77 61.12
CA PHE F 237 -14.59 -20.00 62.32
C PHE F 237 -13.15 -20.36 62.00
N THR F 238 -12.22 -19.66 62.66
CA THR F 238 -10.80 -20.01 62.63
C THR F 238 -10.28 -20.07 64.08
N GLY F 239 -9.65 -21.19 64.43
CA GLY F 239 -9.18 -21.43 65.79
C GLY F 239 -8.54 -22.80 65.96
N SER F 240 -9.28 -23.74 66.56
CA SER F 240 -8.81 -25.12 66.75
C SER F 240 -9.90 -26.13 66.35
N THR F 241 -9.49 -27.36 66.05
CA THR F 241 -10.39 -28.39 65.50
C THR F 241 -11.49 -28.84 66.48
N GLU F 242 -11.12 -29.05 67.74
CA GLU F 242 -12.08 -29.50 68.74
C GLU F 242 -13.15 -28.43 69.06
N ILE F 243 -12.75 -27.16 69.01
CA ILE F 243 -13.71 -26.06 69.18
C ILE F 243 -14.66 -25.98 67.98
N GLY F 244 -14.13 -26.31 66.80
CA GLY F 244 -14.90 -26.29 65.56
C GLY F 244 -15.86 -27.45 65.34
N ARG F 245 -15.82 -28.45 66.23
CA ARG F 245 -16.83 -29.53 66.24
C ARG F 245 -18.17 -29.00 66.76
N VAL F 246 -18.11 -28.17 67.80
CA VAL F 246 -19.30 -27.53 68.41
C VAL F 246 -20.03 -26.60 67.41
N ILE F 247 -19.28 -26.02 66.47
CA ILE F 247 -19.80 -25.00 65.54
C ILE F 247 -20.64 -25.58 64.41
N GLN F 248 -20.17 -26.66 63.77
CA GLN F 248 -20.90 -27.26 62.64
C GLN F 248 -22.21 -27.93 63.10
N VAL F 249 -22.25 -28.29 64.39
CA VAL F 249 -23.47 -28.80 65.03
C VAL F 249 -24.41 -27.66 65.42
N ALA F 250 -23.89 -26.64 66.11
CA ALA F 250 -24.70 -25.50 66.61
C ALA F 250 -25.35 -24.69 65.49
N ALA F 251 -24.67 -24.60 64.34
CA ALA F 251 -25.18 -23.89 63.16
C ALA F 251 -26.33 -24.64 62.51
N GLY F 252 -26.13 -25.94 62.25
CA GLY F 252 -27.19 -26.81 61.74
C GLY F 252 -28.32 -27.02 62.72
N SER F 253 -27.98 -27.04 64.01
CA SER F 253 -28.96 -27.18 65.10
C SER F 253 -29.99 -26.06 65.09
N SER F 254 -29.58 -24.87 64.66
CA SER F 254 -30.46 -23.71 64.63
C SER F 254 -31.15 -23.57 63.26
N ASN F 255 -30.52 -22.86 62.33
CA ASN F 255 -31.17 -22.47 61.06
C ASN F 255 -30.41 -22.88 59.80
N LEU F 256 -29.59 -23.91 59.91
CA LEU F 256 -28.84 -24.45 58.77
C LEU F 256 -27.97 -23.40 58.05
N LYS F 257 -27.38 -22.51 58.84
CA LYS F 257 -26.51 -21.46 58.29
C LYS F 257 -25.25 -22.09 57.71
N ARG F 258 -24.75 -21.52 56.61
CA ARG F 258 -23.59 -22.05 55.90
C ARG F 258 -22.35 -21.94 56.79
N VAL F 259 -21.48 -22.95 56.72
CA VAL F 259 -20.33 -23.04 57.62
C VAL F 259 -19.00 -23.28 56.90
N THR F 260 -18.05 -22.37 57.11
CA THR F 260 -16.65 -22.56 56.70
C THR F 260 -15.74 -22.57 57.95
N LEU F 261 -14.78 -23.50 57.97
CA LEU F 261 -13.88 -23.71 59.12
C LEU F 261 -12.42 -23.78 58.67
N GLU F 262 -11.57 -22.95 59.29
CA GLU F 262 -10.12 -22.94 59.02
C GLU F 262 -9.35 -23.31 60.29
N LEU F 263 -9.10 -24.61 60.49
CA LEU F 263 -8.68 -25.17 61.78
C LEU F 263 -7.15 -25.28 61.99
N GLY F 264 -6.66 -26.45 62.42
CA GLY F 264 -5.24 -26.63 62.77
C GLY F 264 -4.50 -27.55 61.80
N GLY F 265 -3.25 -27.86 62.14
CA GLY F 265 -2.40 -28.74 61.33
C GLY F 265 -1.12 -29.20 62.02
N LYS F 266 -0.50 -30.24 61.46
CA LYS F 266 0.83 -30.69 61.88
C LYS F 266 1.72 -30.77 60.63
N SER F 267 1.90 -29.62 59.97
CA SER F 267 2.34 -29.58 58.58
C SER F 267 3.76 -30.07 58.29
N PRO F 268 3.87 -31.02 57.35
CA PRO F 268 5.18 -31.55 56.98
C PRO F 268 6.07 -30.57 56.21
N ASN F 269 7.38 -30.85 56.23
CA ASN F 269 8.38 -29.96 55.67
C ASN F 269 9.52 -30.84 55.14
N ILE F 270 9.29 -31.49 54.00
CA ILE F 270 10.17 -32.52 53.46
C ILE F 270 11.44 -31.94 52.82
N ILE F 271 12.59 -32.21 53.45
CA ILE F 271 13.87 -31.85 52.89
C ILE F 271 14.49 -33.05 52.19
N MET F 272 14.40 -33.08 50.87
CA MET F 272 15.09 -34.09 50.07
C MET F 272 16.59 -33.83 50.15
N SER F 273 17.38 -34.79 49.68
CA SER F 273 18.85 -34.76 49.87
C SER F 273 19.53 -33.63 49.10
N ASP F 274 18.90 -33.15 48.03
CA ASP F 274 19.50 -32.15 47.13
C ASP F 274 19.25 -30.70 47.53
N ALA F 275 18.47 -30.48 48.59
CA ALA F 275 18.16 -29.12 49.06
C ALA F 275 19.42 -28.28 49.15
N ASP F 276 19.35 -27.00 48.77
CA ASP F 276 20.46 -26.10 49.00
C ASP F 276 20.62 -25.95 50.50
N MET F 277 21.54 -26.74 51.04
CA MET F 277 21.64 -26.99 52.48
C MET F 277 21.46 -25.72 53.31
N ASP F 278 22.23 -24.67 53.01
CA ASP F 278 22.13 -23.40 53.76
C ASP F 278 20.68 -22.91 53.80
N TRP F 279 20.18 -22.49 52.63
CA TRP F 279 18.78 -22.04 52.45
C TRP F 279 17.76 -23.00 53.06
N ALA F 280 17.96 -24.30 52.80
CA ALA F 280 17.01 -25.34 53.22
C ALA F 280 16.86 -25.55 54.73
N VAL F 281 17.94 -25.45 55.49
CA VAL F 281 17.85 -25.59 56.95
C VAL F 281 17.34 -24.26 57.52
N GLU F 282 17.58 -23.18 56.80
CA GLU F 282 17.24 -21.85 57.26
C GLU F 282 15.74 -21.60 57.10
N GLN F 283 15.17 -22.02 55.97
CA GLN F 283 13.73 -21.90 55.79
C GLN F 283 13.01 -22.87 56.73
N ALA F 284 13.53 -24.10 56.81
CA ALA F 284 12.97 -25.13 57.71
C ALA F 284 12.93 -24.65 59.17
N HIS F 285 13.93 -23.85 59.56
CA HIS F 285 13.93 -23.15 60.83
C HIS F 285 12.73 -22.21 60.90
N PHE F 286 12.77 -21.13 60.11
CA PHE F 286 11.69 -20.10 60.09
C PHE F 286 10.28 -20.71 60.07
N ALA F 287 10.06 -21.69 59.21
CA ALA F 287 8.76 -22.36 59.12
C ALA F 287 8.21 -22.72 60.50
N LEU F 288 9.04 -23.42 61.28
CA LEU F 288 8.67 -23.82 62.63
C LEU F 288 8.58 -22.63 63.56
N PHE F 289 9.64 -21.83 63.66
CA PHE F 289 9.73 -20.83 64.73
C PHE F 289 9.00 -19.50 64.48
N PHE F 290 8.50 -19.26 63.27
CA PHE F 290 7.83 -17.99 62.96
C PHE F 290 6.61 -17.77 63.86
N ASN F 291 6.45 -16.54 64.34
CA ASN F 291 5.37 -16.18 65.25
C ASN F 291 5.33 -17.06 66.51
N GLN F 292 6.52 -17.36 67.04
CA GLN F 292 6.69 -18.26 68.20
C GLN F 292 6.11 -19.66 67.98
N GLY F 293 6.10 -20.11 66.73
CA GLY F 293 5.53 -21.41 66.36
C GLY F 293 4.03 -21.53 66.55
N GLN F 294 3.33 -20.38 66.59
CA GLN F 294 1.88 -20.35 66.76
C GLN F 294 1.20 -20.02 65.43
N CYS F 295 1.31 -20.95 64.50
CA CYS F 295 0.66 -20.87 63.20
C CYS F 295 0.01 -22.22 62.91
N CYS F 296 -1.23 -22.20 62.43
CA CYS F 296 -1.91 -23.42 61.98
C CYS F 296 -1.09 -24.15 60.92
N CYS F 297 -0.27 -23.40 60.19
CA CYS F 297 0.51 -23.88 59.05
C CYS F 297 1.97 -24.19 59.39
N ALA F 298 2.36 -24.04 60.66
CA ALA F 298 3.73 -24.28 61.10
C ALA F 298 4.33 -25.58 60.55
N GLY F 299 5.57 -25.50 60.08
CA GLY F 299 6.27 -26.68 59.56
C GLY F 299 6.78 -27.63 60.65
N SER F 300 5.89 -27.99 61.59
CA SER F 300 6.22 -28.87 62.71
C SER F 300 6.12 -30.31 62.25
N ARG F 301 7.19 -30.77 61.61
CA ARG F 301 7.43 -32.14 61.20
C ARG F 301 8.41 -32.02 60.03
N THR F 302 9.69 -32.03 60.35
CA THR F 302 10.73 -31.85 59.36
C THR F 302 11.27 -33.22 58.91
N PHE F 303 10.63 -33.77 57.88
CA PHE F 303 11.10 -35.04 57.31
C PHE F 303 12.38 -34.71 56.54
N VAL F 304 13.38 -35.59 56.65
CA VAL F 304 14.70 -35.33 56.06
C VAL F 304 15.38 -36.62 55.61
N GLN F 305 15.95 -36.58 54.41
CA GLN F 305 16.51 -37.75 53.73
C GLN F 305 17.68 -38.28 54.53
N GLU F 306 17.81 -39.61 54.60
CA GLU F 306 18.87 -40.24 55.40
C GLU F 306 20.29 -39.83 54.98
N ASP F 307 20.51 -39.67 53.67
CA ASP F 307 21.83 -39.27 53.14
C ASP F 307 22.29 -37.91 53.65
N ILE F 308 21.39 -37.10 54.20
CA ILE F 308 21.79 -35.82 54.80
C ILE F 308 21.19 -35.60 56.19
N TYR F 309 20.58 -36.65 56.74
CA TYR F 309 19.87 -36.53 58.02
C TYR F 309 20.70 -35.89 59.12
N ASP F 310 22.02 -36.09 59.07
CA ASP F 310 22.92 -35.60 60.12
C ASP F 310 23.32 -34.15 59.97
N GLU F 311 23.92 -33.78 58.84
CA GLU F 311 24.45 -32.40 58.70
C GLU F 311 23.35 -31.35 58.88
N PHE F 312 22.14 -31.71 58.47
CA PHE F 312 20.94 -30.88 58.68
C PHE F 312 20.68 -30.64 60.19
N VAL F 313 20.80 -31.70 60.97
CA VAL F 313 20.46 -31.66 62.40
C VAL F 313 21.20 -30.56 63.16
N GLU F 314 22.52 -30.57 63.08
CA GLU F 314 23.32 -29.70 63.93
C GLU F 314 23.13 -28.22 63.56
N ARG F 315 23.01 -27.94 62.27
CA ARG F 315 22.81 -26.57 61.79
C ARG F 315 21.50 -25.97 62.30
N SER F 316 20.43 -26.78 62.34
CA SER F 316 19.16 -26.34 62.94
C SER F 316 19.31 -26.18 64.45
N VAL F 317 19.98 -27.16 65.07
CA VAL F 317 20.28 -27.12 66.52
C VAL F 317 21.15 -25.91 66.82
N ALA F 318 22.12 -25.64 65.96
CA ALA F 318 22.89 -24.42 66.05
C ALA F 318 21.93 -23.23 65.95
N ARG F 319 21.22 -23.15 64.81
CA ARG F 319 20.34 -22.00 64.50
C ARG F 319 19.38 -21.67 65.63
N ALA F 320 18.88 -22.70 66.31
CA ALA F 320 18.08 -22.51 67.52
C ALA F 320 18.80 -21.61 68.53
N LYS F 321 19.98 -22.02 68.98
CA LYS F 321 20.77 -21.24 69.96
C LYS F 321 21.02 -19.81 69.48
N SER F 322 21.48 -19.70 68.23
CA SER F 322 21.72 -18.41 67.60
C SER F 322 20.50 -17.50 67.71
N ARG F 323 19.34 -18.05 67.33
CA ARG F 323 18.07 -17.34 67.40
C ARG F 323 17.88 -16.63 68.74
N VAL F 324 17.99 -15.29 68.71
CA VAL F 324 17.83 -14.46 69.90
C VAL F 324 16.43 -14.64 70.52
N VAL F 325 16.36 -14.52 71.84
CA VAL F 325 15.07 -14.51 72.56
C VAL F 325 15.14 -13.44 73.65
N GLY F 326 14.15 -12.56 73.69
CA GLY F 326 14.18 -11.41 74.58
C GLY F 326 12.98 -10.49 74.43
N ASN F 327 13.23 -9.18 74.54
CA ASN F 327 12.17 -8.17 74.45
C ASN F 327 11.74 -8.00 73.00
N PRO F 328 10.45 -8.24 72.69
CA PRO F 328 9.98 -8.08 71.30
C PRO F 328 10.11 -6.66 70.75
N PHE F 329 9.96 -5.65 71.60
CA PHE F 329 10.02 -4.25 71.15
C PHE F 329 11.43 -3.80 70.71
N ASP F 330 12.48 -4.39 71.30
CA ASP F 330 13.85 -4.07 70.90
C ASP F 330 14.22 -4.89 69.67
N SER F 331 14.62 -4.21 68.60
CA SER F 331 14.77 -4.82 67.28
C SER F 331 16.08 -5.60 67.18
N LYS F 332 15.97 -6.92 67.28
CA LYS F 332 17.10 -7.87 67.33
C LYS F 332 16.58 -9.22 67.81
N THR F 333 15.56 -9.17 68.66
CA THR F 333 14.81 -10.35 69.13
C THR F 333 14.09 -11.08 67.98
N GLU F 334 14.47 -12.34 67.76
CA GLU F 334 13.90 -13.14 66.68
C GLU F 334 12.68 -13.95 67.14
N GLN F 335 12.56 -14.16 68.45
CA GLN F 335 11.41 -14.88 69.02
C GLN F 335 10.91 -14.25 70.33
N GLY F 336 9.61 -13.96 70.37
CA GLY F 336 8.97 -13.41 71.55
C GLY F 336 8.47 -14.50 72.49
N PRO F 337 7.45 -14.18 73.30
CA PRO F 337 6.81 -15.15 74.18
C PRO F 337 5.47 -15.63 73.62
N GLN F 338 4.87 -16.60 74.32
CA GLN F 338 3.56 -17.13 73.95
C GLN F 338 2.46 -16.12 74.31
N VAL F 339 1.21 -16.48 74.04
CA VAL F 339 0.10 -15.51 74.02
C VAL F 339 -0.49 -15.22 75.41
N ASP F 340 -0.61 -16.25 76.26
CA ASP F 340 -1.08 -16.06 77.63
C ASP F 340 -0.58 -17.18 78.54
N GLU F 341 -0.83 -17.04 79.84
CA GLU F 341 -0.29 -17.97 80.83
C GLU F 341 -0.78 -19.42 80.59
N THR F 342 -1.98 -19.58 80.04
CA THR F 342 -2.53 -20.91 79.74
C THR F 342 -1.75 -21.65 78.64
N GLN F 343 -1.62 -21.02 77.48
CA GLN F 343 -0.89 -21.63 76.35
C GLN F 343 0.60 -21.81 76.69
N PHE F 344 1.18 -20.78 77.30
CA PHE F 344 2.56 -20.83 77.81
C PHE F 344 2.80 -22.10 78.63
N LYS F 345 1.92 -22.36 79.61
CA LYS F 345 1.99 -23.58 80.42
C LYS F 345 1.77 -24.83 79.58
N LYS F 346 0.63 -24.87 78.88
CA LYS F 346 0.21 -26.07 78.14
C LYS F 346 1.26 -26.53 77.14
N ILE F 347 2.00 -25.59 76.57
CA ILE F 347 3.17 -25.93 75.76
C ILE F 347 4.23 -26.55 76.65
N LEU F 348 4.63 -25.85 77.72
CA LEU F 348 5.61 -26.37 78.68
C LEU F 348 5.31 -27.81 79.09
N GLY F 349 4.02 -28.16 79.13
CA GLY F 349 3.58 -29.52 79.40
C GLY F 349 3.95 -30.52 78.32
N TYR F 350 3.75 -30.12 77.06
CA TYR F 350 4.07 -30.98 75.91
C TYR F 350 5.58 -31.17 75.73
N ILE F 351 6.37 -30.22 76.22
CA ILE F 351 7.82 -30.31 76.12
C ILE F 351 8.28 -31.35 77.15
N ASN F 352 7.67 -31.27 78.33
CA ASN F 352 7.86 -32.26 79.39
C ASN F 352 7.58 -33.65 78.80
N THR F 353 6.41 -33.78 78.20
CA THR F 353 5.98 -35.02 77.53
C THR F 353 7.01 -35.47 76.50
N GLY F 354 7.68 -34.50 75.88
CA GLY F 354 8.67 -34.77 74.84
C GLY F 354 9.64 -35.88 75.16
N LYS F 355 10.40 -35.70 76.24
CA LYS F 355 11.45 -36.65 76.64
C LYS F 355 10.89 -38.05 76.86
N GLN F 356 9.82 -38.10 77.66
CA GLN F 356 9.18 -39.34 78.09
C GLN F 356 8.87 -40.30 76.93
N GLU F 357 8.43 -39.73 75.81
CA GLU F 357 8.01 -40.53 74.64
C GLU F 357 9.15 -41.36 74.04
N GLY F 358 10.39 -40.87 74.17
CA GLY F 358 11.56 -41.59 73.67
C GLY F 358 12.53 -40.74 72.84
N ALA F 359 12.08 -39.57 72.40
CA ALA F 359 12.86 -38.75 71.46
C ALA F 359 14.10 -38.18 72.11
N LYS F 360 15.11 -37.94 71.28
CA LYS F 360 16.35 -37.31 71.74
C LYS F 360 16.25 -35.79 71.64
N LEU F 361 16.40 -35.11 72.78
CA LEU F 361 16.48 -33.66 72.83
C LEU F 361 17.79 -33.20 72.20
N LEU F 362 17.83 -31.95 71.75
CA LEU F 362 19.08 -31.34 71.28
C LEU F 362 19.31 -29.85 71.66
N CYS F 363 18.34 -29.20 72.30
CA CYS F 363 18.58 -27.87 72.93
C CYS F 363 17.42 -27.42 73.82
N GLY F 364 17.57 -26.23 74.41
CA GLY F 364 16.52 -25.61 75.22
C GLY F 364 15.89 -26.46 76.32
N GLY F 365 14.56 -26.48 76.36
CA GLY F 365 13.81 -27.28 77.32
C GLY F 365 13.19 -26.51 78.47
N GLY F 366 13.46 -25.21 78.57
CA GLY F 366 13.08 -24.46 79.77
C GLY F 366 12.70 -23.00 79.60
N ILE F 367 12.08 -22.47 80.66
CA ILE F 367 11.54 -21.11 80.68
C ILE F 367 12.69 -20.12 80.57
N ALA F 368 12.78 -19.45 79.41
CA ALA F 368 13.92 -18.59 79.12
C ALA F 368 13.97 -17.32 79.99
N ALA F 369 12.85 -16.97 80.63
CA ALA F 369 12.80 -15.79 81.52
C ALA F 369 11.91 -16.03 82.74
N ASP F 370 11.83 -15.04 83.62
CA ASP F 370 10.94 -15.08 84.79
C ASP F 370 9.76 -14.17 84.56
N ARG F 371 10.04 -12.89 84.32
CA ARG F 371 9.00 -11.92 83.99
C ARG F 371 8.61 -12.14 82.52
N GLY F 372 7.54 -12.89 82.31
CA GLY F 372 7.00 -13.14 80.97
C GLY F 372 6.85 -14.61 80.61
N TYR F 373 6.21 -14.86 79.46
CA TYR F 373 5.86 -16.21 79.04
C TYR F 373 6.79 -16.76 77.96
N PHE F 374 8.09 -16.51 78.12
CA PHE F 374 9.11 -16.86 77.11
C PHE F 374 9.56 -18.32 77.23
N ILE F 375 9.91 -18.92 76.09
CA ILE F 375 10.32 -20.33 76.05
C ILE F 375 11.55 -20.50 75.15
N GLN F 376 12.34 -21.54 75.42
CA GLN F 376 13.53 -21.82 74.62
C GLN F 376 13.21 -22.63 73.35
N PRO F 377 13.95 -22.36 72.27
CA PRO F 377 13.93 -23.23 71.08
C PRO F 377 14.29 -24.67 71.45
N THR F 378 13.71 -25.67 70.77
CA THR F 378 13.85 -27.06 71.24
C THR F 378 13.69 -28.13 70.16
N VAL F 379 14.82 -28.74 69.80
CA VAL F 379 14.86 -29.68 68.67
C VAL F 379 14.76 -31.12 69.18
N PHE F 380 13.99 -31.95 68.47
CA PHE F 380 13.77 -33.33 68.86
C PHE F 380 14.19 -34.31 67.77
N GLY F 381 15.21 -35.11 68.08
CA GLY F 381 15.75 -36.08 67.14
C GLY F 381 14.91 -37.33 67.03
N ASP F 382 15.24 -38.16 66.04
CA ASP F 382 14.60 -39.47 65.79
C ASP F 382 13.16 -39.59 66.28
N VAL F 383 12.32 -38.68 65.80
CA VAL F 383 10.90 -38.64 66.19
C VAL F 383 10.18 -39.70 65.35
N GLN F 384 9.01 -40.15 65.81
CA GLN F 384 8.25 -41.14 65.04
C GLN F 384 6.76 -40.89 64.95
N ASP F 385 6.13 -41.61 64.03
CA ASP F 385 4.73 -41.41 63.67
C ASP F 385 3.75 -41.90 64.74
N GLY F 386 4.28 -42.36 65.87
CA GLY F 386 3.46 -42.78 67.02
C GLY F 386 3.44 -41.76 68.15
N MET F 387 4.58 -41.11 68.41
CA MET F 387 4.73 -40.19 69.55
C MET F 387 3.70 -39.08 69.56
N THR F 388 3.49 -38.49 70.74
CA THR F 388 2.58 -37.36 70.92
C THR F 388 2.95 -36.19 70.02
N ILE F 389 4.20 -35.73 70.13
CA ILE F 389 4.68 -34.52 69.43
C ILE F 389 4.94 -34.69 67.93
N ALA F 390 4.47 -35.80 67.35
CA ALA F 390 4.44 -35.99 65.89
C ALA F 390 2.99 -36.28 65.42
N LYS F 391 2.03 -35.90 66.26
CA LYS F 391 0.62 -36.05 65.92
C LYS F 391 -0.20 -34.81 66.28
N GLU F 392 0.21 -34.08 67.31
CA GLU F 392 -0.62 -33.06 67.94
C GLU F 392 -0.04 -31.66 67.82
N GLU F 393 -0.92 -30.67 67.72
CA GLU F 393 -0.53 -29.29 67.49
C GLU F 393 -0.04 -28.64 68.79
N ILE F 394 1.29 -28.48 68.90
CA ILE F 394 1.89 -27.86 70.07
C ILE F 394 1.65 -26.36 70.05
N PHE F 395 1.83 -25.75 68.88
CA PHE F 395 1.65 -24.31 68.71
C PHE F 395 2.76 -23.56 69.45
N GLY F 396 3.99 -24.06 69.29
CA GLY F 396 5.14 -23.49 69.94
C GLY F 396 6.45 -24.01 69.37
N PRO F 397 7.59 -23.41 69.78
CA PRO F 397 8.92 -23.61 69.20
C PRO F 397 9.51 -25.02 69.35
N VAL F 398 8.81 -26.06 68.92
CA VAL F 398 9.29 -27.44 69.12
C VAL F 398 9.45 -28.20 67.81
N MET F 399 10.71 -28.45 67.44
CA MET F 399 11.07 -28.91 66.10
C MET F 399 11.32 -30.43 66.02
N GLN F 400 10.48 -31.17 65.28
CA GLN F 400 10.59 -32.64 65.17
C GLN F 400 11.19 -33.09 63.83
N ILE F 401 12.39 -33.67 63.87
CA ILE F 401 13.08 -34.11 62.67
C ILE F 401 12.96 -35.65 62.55
N LEU F 402 12.63 -36.14 61.34
CA LEU F 402 12.40 -37.57 61.09
C LEU F 402 13.25 -38.05 59.92
N LYS F 403 13.40 -39.38 59.81
CA LYS F 403 14.26 -39.98 58.78
C LYS F 403 13.42 -40.78 57.80
N PHE F 404 13.79 -40.69 56.53
CA PHE F 404 13.14 -41.51 55.50
C PHE F 404 14.08 -41.89 54.37
N LYS F 405 13.71 -42.93 53.62
CA LYS F 405 14.53 -43.42 52.52
C LYS F 405 13.91 -43.15 51.16
N THR F 406 12.66 -43.56 50.99
CA THR F 406 11.99 -43.42 49.70
C THR F 406 11.15 -42.14 49.64
N ILE F 407 10.91 -41.72 48.39
CA ILE F 407 10.00 -40.63 48.11
C ILE F 407 8.56 -41.15 48.21
N GLU F 408 8.39 -42.45 48.01
CA GLU F 408 7.10 -43.12 48.22
C GLU F 408 6.79 -43.21 49.71
N GLU F 409 7.84 -43.40 50.51
CA GLU F 409 7.72 -43.57 51.95
C GLU F 409 7.23 -42.31 52.64
N VAL F 410 7.87 -41.19 52.33
CA VAL F 410 7.55 -39.91 52.98
C VAL F 410 6.16 -39.38 52.59
N VAL F 411 5.57 -39.94 51.52
CA VAL F 411 4.27 -39.49 50.97
C VAL F 411 3.08 -40.32 51.50
N GLY F 412 3.36 -41.57 51.88
CA GLY F 412 2.43 -42.29 52.75
C GLY F 412 2.42 -41.65 54.14
N ARG F 413 3.59 -41.20 54.58
CA ARG F 413 3.81 -40.77 55.97
C ARG F 413 3.31 -39.37 56.28
N ALA F 414 3.81 -38.37 55.55
CA ALA F 414 3.32 -36.99 55.67
C ALA F 414 1.80 -36.92 55.60
N ASN F 415 1.23 -37.71 54.70
CA ASN F 415 -0.23 -37.73 54.52
C ASN F 415 -1.00 -38.54 55.57
N ASN F 416 -0.35 -39.53 56.18
CA ASN F 416 -1.02 -40.35 57.19
C ASN F 416 -1.27 -39.53 58.46
N SER F 417 -2.34 -38.75 58.41
CA SER F 417 -2.66 -37.77 59.45
C SER F 417 -4.10 -37.26 59.23
N THR F 418 -4.78 -36.90 60.32
CA THR F 418 -6.14 -36.35 60.23
C THR F 418 -6.13 -34.90 59.71
N TYR F 419 -4.96 -34.26 59.73
CA TYR F 419 -4.80 -32.88 59.27
C TYR F 419 -4.42 -32.82 57.77
N GLY F 420 -4.31 -31.60 57.24
CA GLY F 420 -3.91 -31.37 55.85
C GLY F 420 -4.07 -29.92 55.41
N LEU F 421 -3.32 -29.04 56.04
CA LEU F 421 -3.44 -27.62 55.76
C LEU F 421 -2.34 -27.14 54.81
N ALA F 422 -1.09 -27.42 55.17
CA ALA F 422 0.06 -26.98 54.38
C ALA F 422 1.12 -28.05 54.33
N ALA F 423 2.08 -27.86 53.45
CA ALA F 423 3.20 -28.76 53.35
C ALA F 423 4.36 -27.99 52.71
N ALA F 424 5.52 -28.63 52.68
CA ALA F 424 6.67 -28.04 52.03
C ALA F 424 7.59 -29.09 51.46
N VAL F 425 8.29 -28.71 50.38
CA VAL F 425 9.36 -29.52 49.83
C VAL F 425 10.60 -28.63 49.70
N PHE F 426 11.78 -29.25 49.78
CA PHE F 426 13.02 -28.59 49.47
C PHE F 426 13.89 -29.55 48.67
N THR F 427 14.09 -29.18 47.40
CA THR F 427 14.69 -30.03 46.41
C THR F 427 15.07 -29.18 45.21
N LYS F 428 15.98 -29.71 44.39
CA LYS F 428 16.38 -29.01 43.18
C LYS F 428 16.03 -29.79 41.93
N ASP F 429 15.34 -30.92 42.11
CA ASP F 429 14.89 -31.75 41.01
C ASP F 429 13.45 -31.41 40.63
N LEU F 430 13.22 -31.29 39.32
CA LEU F 430 11.92 -30.93 38.75
C LEU F 430 10.88 -32.02 39.02
N ASP F 431 11.25 -33.24 38.64
CA ASP F 431 10.35 -34.37 38.75
C ASP F 431 9.97 -34.69 40.18
N LYS F 432 10.95 -34.70 41.08
CA LYS F 432 10.62 -34.85 42.50
C LYS F 432 9.65 -33.76 42.95
N ALA F 433 9.99 -32.50 42.67
CA ALA F 433 9.19 -31.34 43.14
C ALA F 433 7.72 -31.43 42.73
N ASN F 434 7.48 -31.77 41.46
CA ASN F 434 6.14 -32.00 40.95
C ASN F 434 5.45 -33.20 41.61
N TYR F 435 6.17 -34.32 41.66
CA TYR F 435 5.67 -35.56 42.28
C TYR F 435 5.22 -35.30 43.71
N LEU F 436 6.06 -34.62 44.47
CA LEU F 436 5.68 -34.30 45.84
C LEU F 436 4.55 -33.29 45.91
N SER F 437 4.57 -32.27 45.05
CA SER F 437 3.52 -31.26 45.08
C SER F 437 2.15 -31.85 44.68
N GLN F 438 2.14 -32.78 43.75
CA GLN F 438 0.91 -33.51 43.41
C GLN F 438 0.42 -34.40 44.56
N ALA F 439 1.32 -35.17 45.17
CA ALA F 439 0.93 -36.24 46.11
C ALA F 439 0.46 -35.76 47.49
N LEU F 440 1.05 -34.70 48.01
CA LEU F 440 0.78 -34.29 49.39
C LEU F 440 -0.64 -33.76 49.56
N GLN F 441 -1.37 -34.33 50.52
CA GLN F 441 -2.75 -33.94 50.74
C GLN F 441 -2.81 -32.70 51.64
N ALA F 442 -2.49 -31.54 51.07
CA ALA F 442 -2.66 -30.26 51.77
C ALA F 442 -3.27 -29.19 50.86
N GLY F 443 -3.79 -28.13 51.47
CA GLY F 443 -4.35 -27.00 50.72
C GLY F 443 -3.26 -26.18 50.06
N THR F 444 -2.15 -26.01 50.77
CA THR F 444 -1.05 -25.23 50.26
C THR F 444 0.18 -26.12 50.21
N VAL F 445 1.03 -25.91 49.21
CA VAL F 445 2.24 -26.68 49.05
C VAL F 445 3.34 -25.81 48.48
N TRP F 446 4.35 -25.54 49.30
CA TRP F 446 5.40 -24.59 48.93
C TRP F 446 6.62 -25.34 48.45
N VAL F 447 7.18 -24.98 47.29
CA VAL F 447 8.38 -25.67 46.78
C VAL F 447 9.60 -24.76 46.85
N ASN F 448 10.58 -25.15 47.65
CA ASN F 448 11.74 -24.32 48.01
C ASN F 448 11.41 -23.00 48.73
N CYS F 449 10.33 -22.99 49.50
CA CYS F 449 10.02 -21.84 50.38
C CYS F 449 9.02 -22.29 51.43
N TYR F 450 8.63 -21.38 52.32
CA TYR F 450 7.60 -21.68 53.31
C TYR F 450 6.87 -20.41 53.69
N ASP F 451 5.63 -20.58 54.13
CA ASP F 451 4.77 -19.48 54.57
C ASP F 451 4.80 -18.31 53.59
N VAL F 452 4.69 -18.64 52.31
CA VAL F 452 4.52 -17.61 51.27
C VAL F 452 3.05 -17.56 50.89
N PHE F 453 2.39 -16.51 51.36
CA PHE F 453 1.01 -16.27 51.05
C PHE F 453 0.91 -15.15 50.04
N GLY F 454 -0.09 -15.25 49.18
CA GLY F 454 -0.47 -14.13 48.34
C GLY F 454 -1.85 -13.72 48.79
N ALA F 455 -2.06 -12.42 48.97
CA ALA F 455 -3.43 -11.92 49.09
C ALA F 455 -4.23 -12.46 47.91
N GLN F 456 -3.53 -12.65 46.78
CA GLN F 456 -4.04 -13.29 45.55
C GLN F 456 -4.27 -14.81 45.69
N SER F 457 -3.34 -15.50 46.36
CA SER F 457 -3.34 -16.98 46.42
C SER F 457 -4.21 -17.53 47.55
N PRO F 458 -5.20 -18.38 47.20
CA PRO F 458 -6.16 -18.89 48.18
C PRO F 458 -5.55 -19.81 49.25
N PHE F 459 -6.30 -20.03 50.33
CA PHE F 459 -5.79 -20.74 51.50
C PHE F 459 -6.90 -21.43 52.30
N GLY F 460 -6.70 -22.71 52.56
CA GLY F 460 -7.61 -23.49 53.40
C GLY F 460 -7.11 -24.92 53.55
N GLY F 461 -7.98 -25.81 54.00
CA GLY F 461 -7.57 -27.16 54.37
C GLY F 461 -8.18 -28.32 53.60
N TYR F 462 -7.48 -29.45 53.65
CA TYR F 462 -8.04 -30.76 53.33
C TYR F 462 -8.48 -31.37 54.66
N LYS F 463 -9.27 -32.44 54.60
CA LYS F 463 -9.60 -33.26 55.77
C LYS F 463 -10.07 -32.42 56.98
N MET F 464 -9.63 -32.77 58.19
CA MET F 464 -9.98 -32.03 59.39
C MET F 464 -9.02 -30.85 59.65
N SER F 465 -8.49 -30.27 58.57
CA SER F 465 -7.82 -28.97 58.63
C SER F 465 -8.79 -27.83 58.29
N GLY F 466 -9.84 -28.14 57.53
CA GLY F 466 -10.91 -27.18 57.32
C GLY F 466 -11.81 -27.45 56.14
N SER F 467 -12.40 -26.38 55.63
CA SER F 467 -13.22 -26.40 54.42
C SER F 467 -13.46 -24.94 54.00
N GLY F 468 -13.70 -24.72 52.71
CA GLY F 468 -13.81 -23.37 52.17
C GLY F 468 -12.45 -22.69 52.19
N ARG F 469 -12.31 -21.65 51.38
CA ARG F 469 -11.01 -20.98 51.20
C ARG F 469 -11.08 -19.49 51.52
N GLU F 470 -9.93 -18.92 51.89
CA GLU F 470 -9.75 -17.48 52.09
C GLU F 470 -8.67 -16.97 51.11
N LEU F 471 -8.60 -15.64 50.93
CA LEU F 471 -7.71 -15.01 49.94
C LEU F 471 -8.06 -15.35 48.48
N GLY F 472 -7.65 -14.47 47.57
CA GLY F 472 -7.92 -14.64 46.14
C GLY F 472 -9.39 -14.56 45.79
N GLU F 473 -9.71 -14.99 44.58
CA GLU F 473 -11.10 -15.07 44.10
C GLU F 473 -11.93 -16.12 44.84
N TYR F 474 -11.26 -17.15 45.38
CA TYR F 474 -11.93 -18.30 46.00
C TYR F 474 -12.59 -17.94 47.34
N GLY F 475 -12.10 -16.88 47.96
CA GLY F 475 -12.68 -16.37 49.19
C GLY F 475 -14.09 -15.93 48.94
N LEU F 476 -14.30 -15.30 47.79
CA LEU F 476 -15.55 -14.62 47.49
C LEU F 476 -16.72 -15.60 47.34
N GLN F 477 -16.44 -16.80 46.86
CA GLN F 477 -17.47 -17.83 46.68
C GLN F 477 -18.29 -18.03 47.95
N ALA F 478 -17.60 -18.13 49.09
CA ALA F 478 -18.26 -18.40 50.37
C ALA F 478 -19.14 -17.24 50.86
N TYR F 479 -18.88 -16.01 50.40
CA TYR F 479 -19.62 -14.84 50.87
C TYR F 479 -20.77 -14.41 49.94
N THR F 480 -21.19 -15.34 49.08
CA THR F 480 -22.16 -15.05 48.03
C THR F 480 -23.17 -16.19 47.87
N GLU F 481 -24.40 -15.82 47.52
CA GLU F 481 -25.51 -16.75 47.32
C GLU F 481 -26.04 -16.63 45.86
N VAL F 482 -25.89 -17.69 45.07
CA VAL F 482 -26.17 -17.64 43.64
C VAL F 482 -27.66 -17.70 43.39
N LYS F 483 -28.15 -16.74 42.62
CA LYS F 483 -29.54 -16.68 42.19
C LYS F 483 -29.58 -16.89 40.67
N THR F 484 -30.44 -17.78 40.22
CA THR F 484 -30.65 -18.01 38.80
C THR F 484 -31.96 -17.36 38.41
N VAL F 485 -31.93 -16.56 37.37
CA VAL F 485 -33.11 -15.92 36.83
C VAL F 485 -33.26 -16.40 35.37
N THR F 486 -34.42 -16.96 35.05
CA THR F 486 -34.64 -17.53 33.75
C THR F 486 -35.91 -16.96 33.15
N VAL F 487 -35.77 -16.35 31.97
CA VAL F 487 -36.83 -15.56 31.35
C VAL F 487 -37.32 -16.16 30.04
N LYS F 488 -38.63 -16.32 29.90
CA LYS F 488 -39.20 -16.68 28.60
C LYS F 488 -39.05 -15.49 27.66
N VAL F 489 -38.62 -15.78 26.44
CA VAL F 489 -38.39 -14.76 25.41
C VAL F 489 -39.02 -15.24 24.08
N PRO F 490 -39.29 -14.31 23.15
CA PRO F 490 -40.10 -14.69 21.99
C PRO F 490 -39.47 -15.76 21.10
N GLN F 491 -38.19 -15.57 20.74
CA GLN F 491 -37.47 -16.57 19.95
C GLN F 491 -35.95 -16.50 20.16
N LYS F 492 -35.36 -17.64 20.48
CA LYS F 492 -33.93 -17.74 20.81
C LYS F 492 -33.09 -17.83 19.54
N ASN F 493 -32.03 -17.02 19.52
CA ASN F 493 -31.01 -17.07 18.48
C ASN F 493 -29.62 -16.93 19.11
N SER F 494 -28.69 -17.72 18.63
CA SER F 494 -27.32 -17.73 19.11
C SER F 494 -26.78 -16.31 19.42
N ALA G 1 -4.96 -51.22 18.97
CA ALA G 1 -3.98 -51.73 17.96
C ALA G 1 -4.27 -51.16 16.57
N VAL G 2 -3.21 -50.98 15.78
CA VAL G 2 -3.33 -50.41 14.43
C VAL G 2 -3.92 -51.46 13.49
N PRO G 3 -5.16 -51.26 13.03
CA PRO G 3 -5.78 -52.26 12.14
C PRO G 3 -5.13 -52.24 10.76
N ALA G 4 -5.16 -53.40 10.12
CA ALA G 4 -4.54 -53.60 8.80
C ALA G 4 -4.84 -52.45 7.85
N PRO G 5 -3.78 -51.81 7.30
CA PRO G 5 -4.02 -50.78 6.31
C PRO G 5 -4.50 -51.36 4.98
N ASN G 6 -5.68 -50.96 4.52
CA ASN G 6 -6.03 -51.13 3.11
C ASN G 6 -5.13 -50.15 2.33
N GLN G 7 -4.21 -50.69 1.54
CA GLN G 7 -3.10 -49.90 0.97
C GLN G 7 -3.44 -49.17 -0.35
N GLN G 8 -4.73 -49.10 -0.68
CA GLN G 8 -5.23 -48.15 -1.67
C GLN G 8 -6.75 -48.01 -1.57
N PRO G 9 -7.23 -46.82 -1.18
CA PRO G 9 -8.65 -46.51 -1.17
C PRO G 9 -9.12 -45.66 -2.36
N GLU G 10 -10.39 -45.85 -2.72
CA GLU G 10 -11.00 -45.11 -3.82
C GLU G 10 -11.33 -43.69 -3.37
N VAL G 11 -11.48 -42.80 -4.35
CA VAL G 11 -11.88 -41.44 -4.09
C VAL G 11 -13.24 -41.17 -4.73
N PHE G 12 -14.23 -40.92 -3.89
CA PHE G 12 -15.58 -40.65 -4.37
C PHE G 12 -15.82 -39.15 -4.53
N CYS G 13 -15.33 -38.39 -3.56
CA CYS G 13 -15.62 -36.96 -3.45
C CYS G 13 -14.47 -36.12 -4.03
N ASN G 14 -14.82 -35.17 -4.90
CA ASN G 14 -13.83 -34.38 -5.62
C ASN G 14 -14.49 -33.15 -6.26
N GLN G 15 -15.24 -32.42 -5.44
CA GLN G 15 -16.07 -31.35 -5.96
C GLN G 15 -16.24 -30.21 -4.94
N ILE G 16 -16.85 -29.13 -5.39
CA ILE G 16 -17.11 -27.94 -4.56
C ILE G 16 -18.39 -28.10 -3.73
N PHE G 17 -18.22 -28.24 -2.42
CA PHE G 17 -19.31 -28.51 -1.49
C PHE G 17 -20.04 -27.21 -1.11
N ILE G 18 -21.31 -27.11 -1.49
CA ILE G 18 -22.16 -25.93 -1.18
C ILE G 18 -23.60 -26.36 -0.94
N ASN G 19 -24.22 -25.77 0.08
CA ASN G 19 -25.57 -26.11 0.52
C ASN G 19 -25.81 -27.62 0.56
N ASN G 20 -24.87 -28.31 1.21
CA ASN G 20 -24.89 -29.76 1.41
C ASN G 20 -24.84 -30.64 0.14
N GLU G 21 -24.85 -30.01 -1.04
CA GLU G 21 -24.83 -30.76 -2.30
C GLU G 21 -23.48 -30.56 -3.00
N TRP G 22 -23.07 -31.55 -3.78
CA TRP G 22 -21.85 -31.45 -4.57
C TRP G 22 -22.08 -30.62 -5.83
N HIS G 23 -21.09 -29.81 -6.19
CA HIS G 23 -21.18 -28.91 -7.34
C HIS G 23 -19.88 -28.97 -8.13
N ASP G 24 -19.92 -28.46 -9.36
CA ASP G 24 -18.72 -28.27 -10.17
C ASP G 24 -18.28 -26.82 -10.02
N ALA G 25 -17.22 -26.44 -10.74
CA ALA G 25 -16.88 -25.05 -10.90
C ALA G 25 -17.74 -24.46 -12.01
N VAL G 26 -17.92 -23.15 -11.98
CA VAL G 26 -18.69 -22.44 -13.02
C VAL G 26 -17.90 -22.42 -14.32
N SER G 27 -16.57 -22.52 -14.20
CA SER G 27 -15.69 -22.66 -15.35
C SER G 27 -15.52 -24.13 -15.75
N ARG G 28 -15.81 -25.04 -14.82
CA ARG G 28 -15.71 -26.50 -15.03
C ARG G 28 -14.27 -27.05 -14.93
N LYS G 29 -13.32 -26.21 -14.52
CA LYS G 29 -11.90 -26.59 -14.51
C LYS G 29 -11.55 -27.47 -13.32
N THR G 30 -10.44 -28.20 -13.43
CA THR G 30 -9.98 -29.09 -12.36
C THR G 30 -8.44 -29.05 -12.19
N PHE G 31 -7.92 -29.93 -11.34
CA PHE G 31 -6.47 -30.09 -11.17
C PHE G 31 -6.19 -31.43 -10.47
N PRO G 32 -5.04 -32.07 -10.76
CA PRO G 32 -4.72 -33.40 -10.22
C PRO G 32 -4.27 -33.36 -8.76
N THR G 33 -3.75 -34.48 -8.24
CA THR G 33 -3.11 -34.51 -6.94
C THR G 33 -2.37 -35.85 -6.72
N VAL G 34 -1.10 -35.75 -6.37
CA VAL G 34 -0.13 -36.85 -6.48
C VAL G 34 0.11 -37.65 -5.19
N ASN G 35 0.34 -38.96 -5.32
CA ASN G 35 0.93 -39.75 -4.24
C ASN G 35 2.41 -39.37 -4.13
N PRO G 36 2.81 -38.72 -3.01
CA PRO G 36 4.22 -38.36 -2.86
C PRO G 36 5.21 -39.52 -2.74
N SER G 37 4.72 -40.71 -2.40
CA SER G 37 5.57 -41.89 -2.25
C SER G 37 5.92 -42.53 -3.61
N THR G 38 5.23 -42.11 -4.67
CA THR G 38 5.43 -42.73 -6.00
C THR G 38 5.47 -41.74 -7.17
N GLY G 39 5.00 -40.51 -6.96
CA GLY G 39 5.04 -39.48 -8.00
C GLY G 39 4.00 -39.65 -9.08
N GLU G 40 3.01 -40.51 -8.83
CA GLU G 40 1.93 -40.72 -9.79
C GLU G 40 0.65 -40.06 -9.27
N VAL G 41 -0.11 -39.53 -10.21
CA VAL G 41 -1.39 -38.88 -9.93
C VAL G 41 -2.39 -39.87 -9.35
N ILE G 42 -3.19 -39.41 -8.38
CA ILE G 42 -4.18 -40.24 -7.71
C ILE G 42 -5.55 -40.05 -8.35
N CYS G 43 -5.88 -38.79 -8.67
CA CYS G 43 -7.12 -38.45 -9.35
C CYS G 43 -7.17 -36.93 -9.57
N GLN G 44 -8.33 -36.45 -10.05
CA GLN G 44 -8.56 -35.03 -10.31
C GLN G 44 -9.53 -34.43 -9.28
N VAL G 45 -9.48 -33.10 -9.15
CA VAL G 45 -10.33 -32.33 -8.24
C VAL G 45 -10.63 -30.95 -8.86
N ALA G 46 -11.86 -30.45 -8.65
CA ALA G 46 -12.30 -29.20 -9.28
C ALA G 46 -11.59 -27.93 -8.76
N GLU G 47 -11.25 -27.02 -9.69
CA GLU G 47 -10.49 -25.80 -9.34
C GLU G 47 -11.40 -24.62 -9.09
N GLY G 48 -11.47 -24.19 -7.82
CA GLY G 48 -12.34 -23.11 -7.41
C GLY G 48 -11.82 -21.76 -7.81
N ASP G 49 -12.73 -20.82 -8.05
CA ASP G 49 -12.36 -19.47 -8.44
C ASP G 49 -13.34 -18.43 -7.86
N LYS G 50 -12.92 -17.17 -7.88
CA LYS G 50 -13.74 -16.03 -7.45
C LYS G 50 -15.25 -16.29 -7.40
N GLU G 51 -15.81 -16.90 -8.44
CA GLU G 51 -17.25 -17.13 -8.53
C GLU G 51 -17.73 -18.31 -7.68
N ASP G 52 -16.88 -19.31 -7.51
CA ASP G 52 -17.17 -20.41 -6.58
C ASP G 52 -17.36 -19.93 -5.13
N VAL G 53 -16.63 -18.87 -4.78
CA VAL G 53 -16.61 -18.36 -3.41
C VAL G 53 -17.84 -17.49 -3.14
N ASP G 54 -18.18 -16.62 -4.09
CA ASP G 54 -19.36 -15.77 -3.96
C ASP G 54 -20.64 -16.57 -3.67
N LYS G 55 -20.72 -17.77 -4.23
CA LYS G 55 -21.89 -18.64 -4.04
C LYS G 55 -21.88 -19.29 -2.66
N ALA G 56 -20.72 -19.81 -2.28
CA ALA G 56 -20.54 -20.39 -0.96
C ALA G 56 -20.76 -19.34 0.11
N VAL G 57 -20.26 -18.12 -0.12
CA VAL G 57 -20.56 -17.05 0.83
C VAL G 57 -22.06 -16.79 0.90
N LYS G 58 -22.71 -16.66 -0.26
CA LYS G 58 -24.16 -16.54 -0.30
C LYS G 58 -24.82 -17.69 0.48
N ALA G 59 -24.38 -18.90 0.21
CA ALA G 59 -24.91 -20.08 0.88
C ALA G 59 -24.73 -20.02 2.43
N ALA G 60 -23.57 -19.56 2.87
CA ALA G 60 -23.27 -19.35 4.29
C ALA G 60 -24.11 -18.21 4.92
N ARG G 61 -24.21 -17.07 4.24
CA ARG G 61 -25.01 -15.94 4.72
C ARG G 61 -26.49 -16.26 4.92
N ALA G 62 -27.01 -17.23 4.17
CA ALA G 62 -28.42 -17.61 4.30
C ALA G 62 -28.62 -18.47 5.53
N ALA G 63 -27.71 -19.42 5.71
CA ALA G 63 -27.73 -20.34 6.86
C ALA G 63 -27.58 -19.60 8.20
N PHE G 64 -26.93 -18.43 8.17
CA PHE G 64 -26.68 -17.62 9.37
C PHE G 64 -27.70 -16.49 9.55
N GLN G 65 -28.76 -16.47 8.75
CA GLN G 65 -29.79 -15.45 8.94
C GLN G 65 -30.63 -15.81 10.16
N LEU G 66 -31.06 -14.78 10.89
CA LEU G 66 -31.89 -14.94 12.08
C LEU G 66 -33.13 -15.78 11.75
N GLY G 67 -33.50 -16.68 12.64
CA GLY G 67 -34.65 -17.57 12.41
C GLY G 67 -34.29 -18.89 11.74
N SER G 68 -33.11 -18.97 11.12
CA SER G 68 -32.71 -20.16 10.39
C SER G 68 -32.51 -21.36 11.33
N PRO G 69 -32.54 -22.60 10.80
CA PRO G 69 -32.32 -23.78 11.65
C PRO G 69 -31.02 -23.76 12.47
N TRP G 70 -29.94 -23.23 11.89
CA TRP G 70 -28.66 -23.16 12.58
C TRP G 70 -28.65 -22.10 13.70
N ARG G 71 -29.37 -21.01 13.50
CA ARG G 71 -29.40 -19.92 14.49
C ARG G 71 -30.35 -20.17 15.66
N ARG G 72 -31.43 -20.93 15.43
CA ARG G 72 -32.41 -21.26 16.46
C ARG G 72 -32.04 -22.49 17.26
N MET G 73 -31.25 -23.37 16.65
CA MET G 73 -30.83 -24.64 17.26
C MET G 73 -30.25 -24.42 18.65
N ASP G 74 -30.56 -25.33 19.58
CA ASP G 74 -30.02 -25.26 20.93
C ASP G 74 -28.49 -25.41 20.90
N ALA G 75 -27.80 -24.57 21.67
CA ALA G 75 -26.36 -24.63 21.73
C ALA G 75 -25.88 -26.07 21.98
N SER G 76 -26.55 -26.76 22.89
CA SER G 76 -26.25 -28.15 23.20
C SER G 76 -26.40 -29.11 22.00
N HIS G 77 -27.22 -28.73 21.02
CA HIS G 77 -27.42 -29.56 19.83
C HIS G 77 -26.28 -29.40 18.82
N ARG G 78 -25.77 -28.16 18.65
CA ARG G 78 -24.53 -27.95 17.91
C ARG G 78 -23.49 -28.95 18.40
N GLY G 79 -23.52 -29.19 19.72
CA GLY G 79 -22.67 -30.18 20.37
C GLY G 79 -22.93 -31.62 19.96
N ARG G 80 -24.17 -32.08 20.04
CA ARG G 80 -24.51 -33.45 19.63
C ARG G 80 -24.05 -33.70 18.18
N LEU G 81 -24.27 -32.69 17.33
CA LEU G 81 -23.84 -32.73 15.94
C LEU G 81 -22.31 -32.82 15.75
N LEU G 82 -21.54 -32.17 16.63
CA LEU G 82 -20.10 -32.36 16.61
C LEU G 82 -19.72 -33.78 17.07
N ASN G 83 -20.45 -34.31 18.05
CA ASN G 83 -20.14 -35.64 18.61
C ASN G 83 -20.45 -36.80 17.67
N ARG G 84 -21.36 -36.56 16.74
CA ARG G 84 -21.81 -37.52 15.73
C ARG G 84 -20.92 -37.44 14.48
N LEU G 85 -20.31 -36.27 14.27
CA LEU G 85 -19.31 -36.12 13.22
C LEU G 85 -18.08 -36.89 13.65
N ALA G 86 -17.77 -36.84 14.94
CA ALA G 86 -16.66 -37.60 15.49
C ALA G 86 -16.92 -39.12 15.39
N ASP G 87 -18.10 -39.55 15.81
CA ASP G 87 -18.47 -40.98 15.76
C ASP G 87 -18.35 -41.57 14.34
N LEU G 88 -18.81 -40.83 13.34
CA LEU G 88 -18.64 -41.22 11.94
C LEU G 88 -17.16 -41.28 11.52
N ILE G 89 -16.36 -40.34 12.05
CA ILE G 89 -14.91 -40.36 11.84
C ILE G 89 -14.25 -41.52 12.58
N GLU G 90 -14.72 -41.84 13.79
CA GLU G 90 -14.18 -43.00 14.51
C GLU G 90 -14.53 -44.29 13.76
N ARG G 91 -15.69 -44.31 13.13
CA ARG G 91 -16.10 -45.43 12.29
C ARG G 91 -15.07 -45.64 11.18
N ASP G 92 -14.70 -44.56 10.48
CA ASP G 92 -13.87 -44.67 9.26
C ASP G 92 -12.41 -44.37 9.50
N ARG G 93 -11.95 -44.62 10.72
CA ARG G 93 -10.59 -44.29 11.14
C ARG G 93 -9.56 -45.10 10.36
N THR G 94 -9.91 -46.35 10.03
CA THR G 94 -9.05 -47.18 9.20
C THR G 94 -9.03 -46.64 7.78
N TYR G 95 -10.20 -46.34 7.21
CA TYR G 95 -10.26 -45.77 5.86
C TYR G 95 -9.45 -44.49 5.76
N LEU G 96 -9.74 -43.55 6.66
CA LEU G 96 -9.25 -42.19 6.55
C LEU G 96 -7.73 -42.04 6.75
N ALA G 97 -7.20 -42.67 7.80
CA ALA G 97 -5.76 -42.64 8.08
C ALA G 97 -4.91 -43.08 6.87
N ALA G 98 -5.42 -44.05 6.10
CA ALA G 98 -4.75 -44.53 4.89
C ALA G 98 -5.00 -43.63 3.67
N LEU G 99 -6.09 -42.84 3.67
CA LEU G 99 -6.27 -41.80 2.62
C LEU G 99 -5.33 -40.60 2.86
N GLU G 100 -4.98 -40.37 4.12
CA GLU G 100 -4.02 -39.33 4.48
C GLU G 100 -2.62 -39.79 4.01
N THR G 101 -2.20 -40.98 4.45
CA THR G 101 -0.95 -41.57 3.98
C THR G 101 -0.87 -41.53 2.44
N LEU G 102 -1.99 -41.74 1.77
CA LEU G 102 -2.02 -41.68 0.30
C LEU G 102 -1.64 -40.33 -0.26
N ASP G 103 -2.38 -39.29 0.12
CA ASP G 103 -2.25 -37.97 -0.50
C ASP G 103 -1.10 -37.14 0.09
N ASN G 104 -0.64 -37.50 1.29
CA ASN G 104 0.24 -36.63 2.06
C ASN G 104 1.64 -37.17 2.29
N GLY G 105 1.75 -38.49 2.48
CA GLY G 105 3.05 -39.16 2.62
C GLY G 105 3.35 -39.72 4.00
N LYS G 106 2.72 -39.18 5.02
CA LYS G 106 2.98 -39.62 6.40
C LYS G 106 2.72 -41.13 6.59
N PRO G 107 3.42 -41.79 7.55
CA PRO G 107 3.22 -43.20 7.86
C PRO G 107 1.80 -43.56 8.32
N TYR G 108 1.33 -44.74 7.92
CA TYR G 108 0.00 -45.19 8.28
C TYR G 108 -0.08 -45.31 9.79
N VAL G 109 0.86 -46.03 10.40
CA VAL G 109 0.86 -46.23 11.84
C VAL G 109 0.64 -44.88 12.53
N ILE G 110 1.45 -43.90 12.17
CA ILE G 110 1.35 -42.55 12.72
C ILE G 110 0.02 -41.88 12.31
N SER G 111 -0.37 -41.96 11.04
CA SER G 111 -1.64 -41.35 10.60
C SER G 111 -2.89 -41.90 11.33
N TYR G 112 -2.81 -43.16 11.77
CA TYR G 112 -3.90 -43.79 12.50
C TYR G 112 -3.86 -43.40 13.97
N LEU G 113 -2.69 -43.57 14.59
CA LEU G 113 -2.56 -43.41 16.03
C LEU G 113 -2.40 -41.96 16.49
N VAL G 114 -2.09 -41.06 15.56
CA VAL G 114 -1.83 -39.67 15.90
C VAL G 114 -2.83 -38.76 15.20
N ASP G 115 -2.77 -38.63 13.88
CA ASP G 115 -3.70 -37.71 13.18
C ASP G 115 -5.14 -38.00 13.57
N LEU G 116 -5.67 -39.13 13.09
CA LEU G 116 -7.05 -39.55 13.33
C LEU G 116 -7.45 -39.41 14.80
N ASP G 117 -6.62 -39.93 15.68
CA ASP G 117 -6.85 -39.79 17.12
C ASP G 117 -7.04 -38.30 17.49
N MET G 118 -6.19 -37.43 16.96
CA MET G 118 -6.16 -36.03 17.33
C MET G 118 -7.39 -35.28 16.83
N VAL G 119 -7.81 -35.61 15.61
CA VAL G 119 -9.03 -35.05 15.04
C VAL G 119 -10.22 -35.42 15.89
N LEU G 120 -10.20 -36.66 16.37
CA LEU G 120 -11.27 -37.19 17.18
C LEU G 120 -11.32 -36.51 18.55
N LYS G 121 -10.16 -36.38 19.21
CA LYS G 121 -10.15 -35.73 20.52
C LYS G 121 -10.50 -34.23 20.50
N CYS G 122 -10.24 -33.55 19.38
CA CYS G 122 -10.50 -32.11 19.26
C CYS G 122 -11.99 -31.83 19.08
N LEU G 123 -12.64 -32.57 18.17
CA LEU G 123 -14.06 -32.42 17.95
C LEU G 123 -14.89 -32.75 19.18
N ARG G 124 -14.41 -33.70 19.97
CA ARG G 124 -15.10 -34.12 21.14
C ARG G 124 -14.85 -33.15 22.27
N TYR G 125 -13.67 -32.54 22.27
CA TYR G 125 -13.39 -31.43 23.16
C TYR G 125 -14.37 -30.33 22.82
N TYR G 126 -14.38 -29.91 21.55
CA TYR G 126 -15.14 -28.73 21.16
C TYR G 126 -16.64 -28.94 21.11
N ALA G 127 -17.07 -30.19 21.07
CA ALA G 127 -18.48 -30.53 21.18
C ALA G 127 -19.03 -30.19 22.57
N GLY G 128 -18.22 -30.41 23.60
CA GLY G 128 -18.61 -30.14 24.98
C GLY G 128 -18.47 -28.69 25.40
N TRP G 129 -17.92 -27.83 24.53
CA TRP G 129 -17.82 -26.38 24.81
C TRP G 129 -19.04 -25.61 24.32
N ALA G 130 -19.79 -26.23 23.42
CA ALA G 130 -20.89 -25.56 22.75
C ALA G 130 -21.87 -24.83 23.67
N ASP G 131 -22.20 -25.42 24.83
CA ASP G 131 -23.19 -24.84 25.77
C ASP G 131 -22.57 -24.38 27.11
N LYS G 132 -21.29 -24.01 27.05
CA LYS G 132 -20.51 -23.70 28.26
C LYS G 132 -19.67 -22.42 28.16
N TYR G 133 -19.84 -21.66 27.07
CA TYR G 133 -19.10 -20.42 26.88
C TYR G 133 -19.99 -19.26 27.36
N HIS G 134 -19.90 -18.94 28.63
CA HIS G 134 -20.85 -18.04 29.25
C HIS G 134 -20.53 -16.58 28.97
N GLY G 135 -21.58 -15.75 28.93
CA GLY G 135 -21.41 -14.31 29.03
C GLY G 135 -21.30 -13.93 30.50
N LYS G 136 -21.46 -12.66 30.80
CA LYS G 136 -21.31 -12.18 32.18
C LYS G 136 -22.47 -11.29 32.61
N THR G 137 -22.80 -11.28 33.90
CA THR G 137 -23.61 -10.18 34.48
C THR G 137 -22.65 -9.24 35.23
N ILE G 138 -22.80 -7.93 35.00
CA ILE G 138 -21.77 -6.95 35.34
C ILE G 138 -22.31 -5.87 36.28
N PRO G 139 -21.71 -5.73 37.48
CA PRO G 139 -22.21 -4.83 38.54
C PRO G 139 -21.88 -3.36 38.28
N ILE G 140 -22.47 -2.84 37.21
CA ILE G 140 -22.18 -1.54 36.70
C ILE G 140 -22.69 -0.45 37.66
N ASP G 141 -22.01 0.69 37.71
CA ASP G 141 -22.49 1.83 38.50
C ASP G 141 -23.91 2.24 38.08
N GLY G 142 -24.69 2.76 39.02
CA GLY G 142 -26.02 3.29 38.76
C GLY G 142 -27.18 2.30 38.78
N ASP G 143 -28.38 2.82 38.48
CA ASP G 143 -29.61 2.03 38.51
C ASP G 143 -29.76 1.26 37.19
N PHE G 144 -28.84 0.33 36.97
CA PHE G 144 -28.77 -0.47 35.74
C PHE G 144 -28.51 -1.95 36.02
N PHE G 145 -29.09 -2.78 35.16
CA PHE G 145 -28.71 -4.17 35.00
C PHE G 145 -27.90 -4.28 33.67
N SER G 146 -26.66 -4.74 33.74
CA SER G 146 -25.80 -4.88 32.53
C SER G 146 -25.25 -6.33 32.38
N TYR G 147 -25.41 -6.93 31.20
CA TYR G 147 -24.88 -8.26 30.89
C TYR G 147 -24.31 -8.35 29.48
N THR G 148 -23.57 -9.42 29.22
CA THR G 148 -23.06 -9.72 27.88
C THR G 148 -23.56 -11.05 27.31
N ARG G 149 -23.75 -11.03 25.99
CA ARG G 149 -24.01 -12.21 25.17
C ARG G 149 -22.78 -12.42 24.30
N HIS G 150 -22.36 -13.67 24.17
CA HIS G 150 -21.34 -14.06 23.21
C HIS G 150 -22.09 -14.64 22.01
N GLU G 151 -22.17 -13.85 20.94
CA GLU G 151 -22.86 -14.25 19.71
C GLU G 151 -21.81 -14.67 18.68
N PRO G 152 -22.23 -15.42 17.65
CA PRO G 152 -21.22 -15.84 16.68
C PRO G 152 -20.77 -14.67 15.81
N VAL G 153 -19.54 -14.73 15.31
CA VAL G 153 -19.02 -13.66 14.47
C VAL G 153 -19.69 -13.64 13.10
N GLY G 154 -20.20 -14.77 12.63
CA GLY G 154 -20.89 -14.86 11.36
C GLY G 154 -20.20 -15.78 10.35
N VAL G 155 -19.96 -15.25 9.15
CA VAL G 155 -19.32 -16.03 8.07
C VAL G 155 -17.80 -16.03 8.23
N CYS G 156 -17.20 -17.22 8.18
CA CYS G 156 -15.77 -17.40 8.45
C CYS G 156 -15.03 -18.08 7.30
N GLY G 157 -14.02 -17.39 6.79
CA GLY G 157 -13.15 -17.93 5.76
C GLY G 157 -12.03 -18.66 6.43
N GLN G 158 -11.82 -19.92 6.06
CA GLN G 158 -10.79 -20.71 6.71
C GLN G 158 -9.89 -21.38 5.68
N ILE G 159 -8.62 -21.03 5.73
CA ILE G 159 -7.64 -21.49 4.75
C ILE G 159 -6.67 -22.40 5.49
N ILE G 160 -6.78 -23.70 5.23
CA ILE G 160 -5.94 -24.70 5.91
C ILE G 160 -4.70 -25.01 5.07
N PRO G 161 -3.59 -25.40 5.72
CA PRO G 161 -2.36 -25.80 5.05
C PRO G 161 -2.36 -27.32 4.80
N TRP G 162 -1.24 -27.84 4.28
CA TRP G 162 -1.18 -29.23 3.82
C TRP G 162 -0.45 -30.19 4.75
N ASN G 163 0.34 -29.67 5.68
CA ASN G 163 1.15 -30.56 6.52
C ASN G 163 0.32 -31.52 7.36
N PHE G 164 -0.78 -31.02 7.94
CA PHE G 164 -1.67 -31.84 8.76
C PHE G 164 -3.10 -31.63 8.30
N PRO G 165 -3.47 -32.20 7.14
CA PRO G 165 -4.76 -31.90 6.48
C PRO G 165 -5.99 -32.05 7.38
N LEU G 166 -6.17 -33.26 7.93
CA LEU G 166 -7.37 -33.57 8.72
C LEU G 166 -7.40 -32.84 10.04
N LEU G 167 -6.24 -32.73 10.68
CA LEU G 167 -6.16 -32.17 12.02
C LEU G 167 -6.41 -30.66 12.02
N MET G 168 -5.98 -29.97 10.95
CA MET G 168 -6.21 -28.53 10.83
C MET G 168 -7.68 -28.19 10.63
N GLN G 169 -8.35 -29.00 9.82
CA GLN G 169 -9.77 -28.82 9.52
C GLN G 169 -10.59 -28.86 10.79
N ALA G 170 -10.22 -29.79 11.66
CA ALA G 170 -10.91 -30.03 12.91
C ALA G 170 -10.56 -28.96 13.95
N TRP G 171 -9.33 -28.44 13.88
CA TRP G 171 -8.89 -27.31 14.69
C TRP G 171 -9.61 -26.02 14.30
N LYS G 172 -10.12 -25.97 13.07
CA LYS G 172 -10.88 -24.84 12.59
C LYS G 172 -12.38 -25.11 12.61
N LEU G 173 -12.80 -26.35 12.31
CA LEU G 173 -14.23 -26.68 12.40
C LEU G 173 -14.66 -26.81 13.85
N GLY G 174 -13.77 -27.33 14.69
CA GLY G 174 -14.04 -27.50 16.10
C GLY G 174 -14.71 -26.29 16.71
N PRO G 175 -13.94 -25.20 16.90
CA PRO G 175 -14.38 -24.00 17.61
C PRO G 175 -15.46 -23.20 16.87
N ALA G 176 -15.26 -22.96 15.58
CA ALA G 176 -16.21 -22.16 14.82
C ALA G 176 -17.62 -22.71 14.92
N LEU G 177 -17.77 -24.02 14.77
CA LEU G 177 -19.10 -24.64 14.82
C LEU G 177 -19.70 -24.56 16.23
N ALA G 178 -18.86 -24.81 17.24
CA ALA G 178 -19.32 -24.87 18.62
C ALA G 178 -19.88 -23.51 19.05
N THR G 179 -19.34 -22.45 18.49
CA THR G 179 -19.82 -21.08 18.77
C THR G 179 -20.93 -20.62 17.81
N GLY G 180 -21.28 -21.47 16.87
CA GLY G 180 -22.44 -21.23 16.03
C GLY G 180 -22.19 -20.44 14.76
N ASN G 181 -20.94 -20.39 14.32
CA ASN G 181 -20.60 -19.75 13.06
C ASN G 181 -20.83 -20.69 11.87
N VAL G 182 -21.04 -20.10 10.69
CA VAL G 182 -20.99 -20.82 9.42
C VAL G 182 -19.62 -20.59 8.78
N VAL G 183 -19.18 -21.55 7.97
CA VAL G 183 -17.80 -21.64 7.51
C VAL G 183 -17.70 -21.83 5.99
N VAL G 184 -16.90 -21.00 5.33
CA VAL G 184 -16.37 -21.31 4.00
C VAL G 184 -14.90 -21.68 4.17
N MET G 185 -14.56 -22.91 3.79
CA MET G 185 -13.22 -23.44 3.95
C MET G 185 -12.55 -23.61 2.59
N LYS G 186 -11.26 -23.29 2.50
CA LYS G 186 -10.47 -23.52 1.30
C LYS G 186 -9.28 -24.40 1.62
N VAL G 187 -9.20 -25.54 0.93
CA VAL G 187 -8.17 -26.54 1.19
C VAL G 187 -7.02 -26.52 0.16
N ALA G 188 -5.89 -27.08 0.56
CA ALA G 188 -4.66 -26.99 -0.22
C ALA G 188 -4.62 -27.97 -1.40
N GLU G 189 -4.05 -27.52 -2.52
CA GLU G 189 -3.99 -28.29 -3.76
C GLU G 189 -3.25 -29.64 -3.61
N GLN G 190 -2.49 -29.81 -2.54
CA GLN G 190 -1.75 -31.02 -2.27
C GLN G 190 -2.57 -32.02 -1.44
N THR G 191 -3.56 -31.53 -0.71
CA THR G 191 -4.35 -32.40 0.14
C THR G 191 -5.83 -31.97 0.22
N PRO G 192 -6.52 -31.97 -0.93
CA PRO G 192 -7.91 -31.56 -0.94
C PRO G 192 -8.87 -32.73 -0.97
N LEU G 193 -8.53 -33.86 -0.32
CA LEU G 193 -9.33 -35.07 -0.43
C LEU G 193 -9.89 -35.50 0.90
N THR G 194 -9.01 -35.79 1.85
CA THR G 194 -9.42 -36.17 3.19
C THR G 194 -10.44 -35.20 3.77
N ALA G 195 -10.29 -33.91 3.46
CA ALA G 195 -11.28 -32.90 3.82
C ALA G 195 -12.63 -33.11 3.13
N LEU G 196 -12.62 -33.68 1.92
CA LEU G 196 -13.84 -33.79 1.13
C LEU G 196 -14.74 -34.95 1.56
N TYR G 197 -14.14 -36.06 1.95
CA TYR G 197 -14.92 -37.18 2.50
C TYR G 197 -15.51 -36.76 3.84
N VAL G 198 -14.82 -35.87 4.54
CA VAL G 198 -15.28 -35.34 5.83
C VAL G 198 -16.47 -34.40 5.63
N ALA G 199 -16.54 -33.78 4.45
CA ALA G 199 -17.70 -32.99 4.06
C ALA G 199 -18.95 -33.85 3.85
N ASN G 200 -18.74 -35.15 3.62
CA ASN G 200 -19.84 -36.08 3.41
C ASN G 200 -20.42 -36.49 4.76
N LEU G 201 -19.51 -36.72 5.69
CA LEU G 201 -19.85 -37.08 7.05
C LEU G 201 -20.60 -35.95 7.75
N ILE G 202 -20.29 -34.72 7.38
CA ILE G 202 -20.99 -33.54 7.87
C ILE G 202 -22.47 -33.57 7.48
N LYS G 203 -22.74 -33.87 6.21
CA LYS G 203 -24.12 -34.04 5.74
C LYS G 203 -24.80 -35.18 6.54
N GLU G 204 -24.12 -36.32 6.59
CA GLU G 204 -24.61 -37.50 7.33
C GLU G 204 -24.93 -37.18 8.80
N ALA G 205 -23.99 -36.54 9.48
CA ALA G 205 -24.17 -36.16 10.88
C ALA G 205 -25.45 -35.32 11.09
N GLY G 206 -25.82 -34.55 10.07
CA GLY G 206 -27.08 -33.80 10.06
C GLY G 206 -26.91 -32.31 10.31
N PHE G 207 -25.87 -31.72 9.74
CA PHE G 207 -25.73 -30.26 9.79
C PHE G 207 -26.57 -29.64 8.70
N PRO G 208 -27.38 -28.62 9.03
CA PRO G 208 -28.17 -27.94 7.99
C PRO G 208 -27.33 -27.51 6.80
N PRO G 209 -27.96 -27.26 5.65
CA PRO G 209 -27.19 -26.77 4.49
C PRO G 209 -26.54 -25.42 4.75
N GLY G 210 -25.41 -25.17 4.10
CA GLY G 210 -24.73 -23.87 4.15
C GLY G 210 -23.83 -23.61 5.37
N VAL G 211 -23.86 -24.50 6.35
CA VAL G 211 -23.14 -24.30 7.58
C VAL G 211 -21.66 -24.65 7.40
N VAL G 212 -21.38 -25.75 6.70
CA VAL G 212 -19.99 -26.09 6.35
C VAL G 212 -19.79 -26.22 4.84
N ASN G 213 -19.15 -25.21 4.25
CA ASN G 213 -18.83 -25.16 2.83
C ASN G 213 -17.34 -25.31 2.55
N ILE G 214 -17.00 -26.13 1.54
CA ILE G 214 -15.59 -26.45 1.22
C ILE G 214 -15.30 -26.21 -0.26
N VAL G 215 -14.45 -25.23 -0.54
CA VAL G 215 -14.09 -24.85 -1.89
C VAL G 215 -12.61 -25.12 -2.10
N PRO G 216 -12.27 -26.25 -2.76
CA PRO G 216 -10.87 -26.44 -3.12
C PRO G 216 -10.48 -25.54 -4.29
N GLY G 217 -9.23 -25.09 -4.32
CA GLY G 217 -8.77 -24.15 -5.33
C GLY G 217 -7.38 -23.66 -5.01
N PHE G 218 -6.84 -22.74 -5.82
CA PHE G 218 -5.47 -22.29 -5.66
C PHE G 218 -5.35 -21.12 -4.67
N GLY G 219 -4.12 -20.70 -4.39
CA GLY G 219 -3.86 -19.63 -3.43
C GLY G 219 -4.26 -18.26 -3.96
N PRO G 220 -3.58 -17.79 -5.02
CA PRO G 220 -3.77 -16.42 -5.55
C PRO G 220 -5.11 -16.11 -6.26
N THR G 221 -6.08 -17.01 -6.16
CA THR G 221 -7.39 -16.82 -6.81
C THR G 221 -8.55 -17.19 -5.87
N ALA G 222 -8.54 -18.42 -5.35
CA ALA G 222 -9.60 -18.89 -4.44
C ALA G 222 -9.36 -18.47 -2.98
N GLY G 223 -8.11 -18.54 -2.55
CA GLY G 223 -7.75 -18.08 -1.21
C GLY G 223 -7.92 -16.59 -1.03
N ALA G 224 -7.60 -15.83 -2.07
CA ALA G 224 -7.65 -14.37 -2.04
C ALA G 224 -9.07 -13.79 -2.08
N ALA G 225 -9.99 -14.46 -2.77
CA ALA G 225 -11.38 -13.98 -2.85
C ALA G 225 -12.09 -14.13 -1.51
N ILE G 226 -11.89 -15.28 -0.86
CA ILE G 226 -12.29 -15.46 0.53
C ILE G 226 -11.70 -14.35 1.40
N ALA G 227 -10.40 -14.11 1.25
CA ALA G 227 -9.71 -13.09 2.05
C ALA G 227 -10.20 -11.67 1.78
N SER G 228 -10.73 -11.41 0.59
CA SER G 228 -11.13 -10.07 0.19
C SER G 228 -12.63 -9.90 -0.13
N HIS G 229 -13.46 -10.88 0.24
CA HIS G 229 -14.90 -10.82 -0.02
C HIS G 229 -15.56 -9.86 0.98
N GLU G 230 -16.53 -9.09 0.50
CA GLU G 230 -17.15 -7.99 1.29
C GLU G 230 -18.13 -8.44 2.37
N ASP G 231 -18.37 -9.73 2.44
CA ASP G 231 -19.46 -10.29 3.22
C ASP G 231 -18.96 -11.28 4.27
N VAL G 232 -17.72 -11.76 4.11
CA VAL G 232 -17.08 -12.54 5.15
C VAL G 232 -16.78 -11.62 6.33
N ASP G 233 -17.00 -12.13 7.54
CA ASP G 233 -16.73 -11.38 8.77
C ASP G 233 -15.34 -11.62 9.33
N LYS G 234 -14.81 -12.82 9.13
CA LYS G 234 -13.54 -13.22 9.73
C LYS G 234 -12.80 -14.21 8.85
N VAL G 235 -11.50 -14.00 8.67
CA VAL G 235 -10.65 -14.96 7.98
C VAL G 235 -9.59 -15.53 8.91
N ALA G 236 -9.48 -16.86 8.92
CA ALA G 236 -8.48 -17.56 9.69
C ALA G 236 -7.55 -18.26 8.70
N PHE G 237 -6.27 -17.88 8.72
CA PHE G 237 -5.30 -18.42 7.79
C PHE G 237 -4.14 -19.11 8.50
N THR G 238 -3.71 -20.25 7.94
CA THR G 238 -2.49 -20.93 8.36
C THR G 238 -1.64 -21.20 7.11
N GLY G 239 -0.39 -20.75 7.13
CA GLY G 239 0.51 -20.92 5.99
C GLY G 239 1.84 -20.22 6.25
N SER G 240 2.50 -19.79 5.18
CA SER G 240 3.80 -19.14 5.31
C SER G 240 3.64 -17.63 5.53
N THR G 241 4.57 -17.04 6.28
CA THR G 241 4.58 -15.60 6.58
C THR G 241 4.21 -14.78 5.35
N GLU G 242 4.91 -15.02 4.24
CA GLU G 242 4.62 -14.41 2.95
C GLU G 242 3.12 -14.23 2.70
N ILE G 243 2.36 -15.31 2.88
CA ILE G 243 0.94 -15.29 2.53
C ILE G 243 0.12 -14.65 3.65
N GLY G 244 0.54 -14.83 4.89
CA GLY G 244 -0.13 -14.23 6.04
C GLY G 244 -0.31 -12.72 5.95
N ARG G 245 0.66 -12.05 5.31
CA ARG G 245 0.64 -10.59 5.11
C ARG G 245 -0.29 -10.16 3.97
N VAL G 246 -0.43 -11.01 2.95
CA VAL G 246 -1.44 -10.82 1.90
C VAL G 246 -2.86 -10.86 2.47
N ILE G 247 -3.07 -11.70 3.49
CA ILE G 247 -4.38 -11.88 4.11
C ILE G 247 -4.83 -10.64 4.88
N GLN G 248 -3.92 -10.03 5.62
CA GLN G 248 -4.25 -8.91 6.52
C GLN G 248 -4.44 -7.58 5.78
N VAL G 249 -3.74 -7.42 4.67
CA VAL G 249 -3.87 -6.24 3.81
C VAL G 249 -5.23 -6.27 3.12
N ALA G 250 -5.54 -7.41 2.46
CA ALA G 250 -6.83 -7.60 1.79
C ALA G 250 -8.00 -7.52 2.77
N ALA G 251 -7.78 -7.95 4.01
CA ALA G 251 -8.77 -7.75 5.07
C ALA G 251 -9.03 -6.27 5.29
N GLY G 252 -7.97 -5.47 5.28
CA GLY G 252 -8.07 -4.03 5.39
C GLY G 252 -8.56 -3.36 4.12
N SER G 253 -8.01 -3.78 2.98
CA SER G 253 -8.43 -3.26 1.67
C SER G 253 -9.93 -3.41 1.44
N SER G 254 -10.53 -4.47 1.99
CA SER G 254 -11.97 -4.69 1.92
C SER G 254 -12.68 -4.19 3.19
N ASN G 255 -13.32 -5.09 3.95
CA ASN G 255 -14.33 -4.69 4.94
C ASN G 255 -13.89 -4.73 6.41
N LEU G 256 -12.59 -4.67 6.68
CA LEU G 256 -12.09 -4.75 8.06
C LEU G 256 -12.63 -5.98 8.77
N LYS G 257 -12.39 -7.13 8.17
CA LYS G 257 -12.82 -8.39 8.76
C LYS G 257 -11.81 -8.80 9.83
N ARG G 258 -12.29 -9.51 10.84
CA ARG G 258 -11.42 -10.00 11.92
C ARG G 258 -10.49 -11.06 11.32
N VAL G 259 -9.32 -11.23 11.93
CA VAL G 259 -8.25 -12.02 11.33
C VAL G 259 -7.42 -12.76 12.39
N THR G 260 -7.43 -14.09 12.33
CA THR G 260 -6.44 -14.89 13.05
C THR G 260 -5.42 -15.45 12.07
N LEU G 261 -4.24 -15.77 12.59
CA LEU G 261 -3.13 -16.23 11.76
C LEU G 261 -2.28 -17.27 12.50
N GLU G 262 -1.70 -18.18 11.72
CA GLU G 262 -0.81 -19.21 12.24
C GLU G 262 0.26 -19.47 11.16
N LEU G 263 1.50 -19.08 11.44
CA LEU G 263 2.55 -19.07 10.43
C LEU G 263 3.79 -19.86 10.85
N GLY G 264 4.80 -19.88 9.99
CA GLY G 264 6.02 -20.66 10.22
C GLY G 264 6.77 -20.32 11.51
N GLY G 265 7.78 -21.13 11.79
CA GLY G 265 8.66 -20.94 12.95
C GLY G 265 10.06 -21.49 12.70
N LYS G 266 11.00 -21.11 13.54
CA LYS G 266 12.32 -21.74 13.56
C LYS G 266 12.63 -22.11 15.03
N SER G 267 11.79 -23.00 15.57
CA SER G 267 11.69 -23.20 17.02
C SER G 267 12.92 -23.85 17.64
N PRO G 268 13.43 -23.25 18.74
CA PRO G 268 14.64 -23.74 19.36
C PRO G 268 14.38 -24.91 20.29
N ASN G 269 15.20 -25.94 20.21
CA ASN G 269 15.13 -27.09 21.11
C ASN G 269 16.42 -27.17 21.92
N ILE G 270 16.31 -26.98 23.23
CA ILE G 270 17.45 -26.68 24.09
C ILE G 270 17.82 -27.84 25.02
N ILE G 271 18.98 -28.43 24.79
CA ILE G 271 19.45 -29.51 25.64
C ILE G 271 20.52 -29.01 26.62
N MET G 272 20.17 -28.95 27.89
CA MET G 272 21.12 -28.59 28.95
C MET G 272 21.97 -29.79 29.34
N SER G 273 23.06 -29.53 30.05
CA SER G 273 24.03 -30.57 30.39
C SER G 273 23.52 -31.61 31.39
N ASP G 274 22.55 -31.24 32.21
CA ASP G 274 22.00 -32.17 33.21
C ASP G 274 20.82 -32.95 32.67
N ALA G 275 20.54 -32.83 31.38
CA ALA G 275 19.41 -33.51 30.80
C ALA G 275 19.59 -35.02 30.79
N ASP G 276 18.47 -35.73 30.79
CA ASP G 276 18.47 -37.16 30.62
C ASP G 276 18.84 -37.44 29.17
N MET G 277 20.10 -37.85 28.95
CA MET G 277 20.68 -38.03 27.59
C MET G 277 19.81 -38.86 26.66
N ASP G 278 19.47 -40.08 27.06
CA ASP G 278 18.76 -41.02 26.16
C ASP G 278 17.42 -40.43 25.74
N TRP G 279 16.75 -39.80 26.70
CA TRP G 279 15.44 -39.16 26.50
C TRP G 279 15.55 -37.89 25.61
N ALA G 280 16.52 -37.02 25.91
CA ALA G 280 16.79 -35.83 25.08
C ALA G 280 17.07 -36.19 23.62
N VAL G 281 18.02 -37.11 23.41
CA VAL G 281 18.41 -37.55 22.06
C VAL G 281 17.21 -38.10 21.34
N GLU G 282 16.33 -38.75 22.11
CA GLU G 282 15.14 -39.38 21.56
C GLU G 282 14.10 -38.33 21.18
N GLN G 283 13.92 -37.35 22.06
CA GLN G 283 12.92 -36.30 21.84
C GLN G 283 13.29 -35.29 20.75
N ALA G 284 14.53 -34.82 20.76
CA ALA G 284 15.01 -33.85 19.76
C ALA G 284 14.96 -34.43 18.36
N HIS G 285 15.19 -35.74 18.27
CA HIS G 285 15.07 -36.46 17.02
C HIS G 285 13.63 -36.43 16.49
N PHE G 286 12.69 -36.77 17.36
CA PHE G 286 11.25 -36.67 17.08
C PHE G 286 10.91 -35.21 16.74
N ALA G 287 11.32 -34.29 17.62
CA ALA G 287 11.04 -32.87 17.46
C ALA G 287 11.27 -32.40 16.03
N LEU G 288 12.41 -32.82 15.48
CA LEU G 288 12.78 -32.43 14.13
C LEU G 288 12.10 -33.28 13.07
N PHE G 289 12.36 -34.58 13.09
CA PHE G 289 12.01 -35.45 11.96
C PHE G 289 10.52 -35.73 11.78
N PHE G 290 9.73 -35.65 12.85
CA PHE G 290 8.29 -35.94 12.79
C PHE G 290 7.54 -35.25 11.64
N ASN G 291 6.58 -35.97 11.07
CA ASN G 291 5.87 -35.57 9.85
C ASN G 291 6.80 -35.03 8.76
N GLN G 292 7.93 -35.71 8.59
CA GLN G 292 8.92 -35.38 7.55
C GLN G 292 9.48 -33.98 7.72
N GLY G 293 9.74 -33.60 8.98
CA GLY G 293 10.17 -32.24 9.31
C GLY G 293 9.21 -31.14 8.90
N GLN G 294 8.02 -31.52 8.41
CA GLN G 294 7.06 -30.56 7.84
C GLN G 294 6.08 -30.04 8.90
N CYS G 295 6.59 -29.65 10.07
CA CYS G 295 5.75 -29.02 11.10
C CYS G 295 6.21 -27.59 11.35
N CYS G 296 5.23 -26.69 11.44
CA CYS G 296 5.47 -25.28 11.79
C CYS G 296 6.26 -25.11 13.10
N CYS G 297 6.09 -26.06 14.01
CA CYS G 297 6.79 -26.04 15.31
C CYS G 297 7.98 -27.01 15.38
N ALA G 298 8.43 -27.49 14.22
CA ALA G 298 9.58 -28.38 14.14
C ALA G 298 10.74 -27.83 14.96
N GLY G 299 11.49 -28.72 15.61
CA GLY G 299 12.66 -28.34 16.39
C GLY G 299 13.86 -28.11 15.51
N SER G 300 13.78 -27.10 14.65
CA SER G 300 14.73 -26.87 13.56
C SER G 300 16.06 -26.27 13.99
N ARG G 301 16.25 -26.11 15.28
CA ARG G 301 17.49 -25.60 15.82
C ARG G 301 17.75 -26.28 17.16
N THR G 302 18.74 -27.16 17.22
CA THR G 302 19.02 -27.89 18.45
C THR G 302 20.23 -27.31 19.21
N PHE G 303 19.97 -26.52 20.24
CA PHE G 303 21.01 -26.01 21.11
C PHE G 303 21.44 -27.09 22.12
N VAL G 304 22.72 -27.40 22.16
CA VAL G 304 23.23 -28.51 22.99
C VAL G 304 24.41 -27.98 23.81
N GLN G 305 24.31 -28.02 25.15
CA GLN G 305 25.41 -27.51 26.01
C GLN G 305 26.75 -28.18 25.67
N GLU G 306 27.84 -27.42 25.75
CA GLU G 306 29.14 -27.84 25.20
C GLU G 306 29.69 -29.13 25.83
N ASP G 307 29.57 -29.27 27.15
CA ASP G 307 30.09 -30.47 27.82
C ASP G 307 29.47 -31.77 27.31
N ILE G 308 28.26 -31.71 26.75
CA ILE G 308 27.63 -32.93 26.21
C ILE G 308 27.41 -32.89 24.68
N TYR G 309 28.09 -31.99 23.99
CA TYR G 309 27.81 -31.76 22.57
C TYR G 309 28.14 -32.96 21.70
N ASP G 310 29.40 -33.39 21.73
CA ASP G 310 29.83 -34.48 20.86
C ASP G 310 29.08 -35.76 21.20
N GLU G 311 28.98 -36.08 22.49
CA GLU G 311 28.16 -37.24 22.92
C GLU G 311 26.77 -37.17 22.30
N PHE G 312 26.12 -36.01 22.41
CA PHE G 312 24.78 -35.83 21.85
C PHE G 312 24.77 -35.97 20.33
N VAL G 313 25.66 -35.22 19.69
CA VAL G 313 25.79 -35.24 18.25
C VAL G 313 25.98 -36.69 17.78
N GLU G 314 26.95 -37.36 18.40
CA GLU G 314 27.28 -38.75 18.08
C GLU G 314 26.05 -39.64 18.06
N ARG G 315 25.27 -39.61 19.16
CA ARG G 315 24.02 -40.37 19.25
C ARG G 315 22.99 -39.95 18.19
N SER G 316 22.79 -38.64 18.03
CA SER G 316 21.80 -38.11 17.08
C SER G 316 22.06 -38.59 15.66
N VAL G 317 23.33 -38.54 15.26
CA VAL G 317 23.78 -39.07 13.97
C VAL G 317 23.48 -40.57 13.91
N ALA G 318 23.82 -41.29 14.99
CA ALA G 318 23.48 -42.72 15.09
C ALA G 318 21.97 -42.95 15.00
N ARG G 319 21.19 -42.19 15.77
CA ARG G 319 19.73 -42.30 15.78
C ARG G 319 19.13 -41.93 14.42
N ALA G 320 19.75 -40.98 13.74
CA ALA G 320 19.20 -40.44 12.49
C ALA G 320 19.49 -41.32 11.28
N LYS G 321 20.67 -41.94 11.25
CA LYS G 321 20.99 -42.90 10.20
C LYS G 321 20.11 -44.14 10.35
N SER G 322 19.99 -44.63 11.58
CA SER G 322 19.17 -45.81 11.86
C SER G 322 17.66 -45.56 11.72
N ARG G 323 17.29 -44.41 11.14
CA ARG G 323 15.88 -44.11 10.85
C ARG G 323 15.56 -44.59 9.44
N VAL G 324 14.53 -45.42 9.33
CA VAL G 324 14.16 -46.06 8.08
C VAL G 324 13.23 -45.19 7.26
N VAL G 325 13.62 -44.89 6.03
CA VAL G 325 12.83 -44.09 5.10
C VAL G 325 12.16 -45.04 4.09
N GLY G 326 11.15 -44.54 3.40
CA GLY G 326 10.55 -45.25 2.26
C GLY G 326 9.03 -45.27 2.27
N ASN G 327 8.44 -46.24 1.58
CA ASN G 327 6.97 -46.31 1.48
C ASN G 327 6.32 -46.28 2.87
N PRO G 328 5.28 -45.42 3.04
CA PRO G 328 4.65 -45.22 4.35
C PRO G 328 3.75 -46.36 4.84
N PHE G 329 3.33 -47.26 3.95
CA PHE G 329 2.42 -48.35 4.30
C PHE G 329 3.06 -49.55 5.02
N ASP G 330 4.35 -49.45 5.36
CA ASP G 330 5.08 -50.51 6.04
C ASP G 330 5.40 -50.08 7.47
N SER G 331 5.09 -50.93 8.45
CA SER G 331 5.19 -50.55 9.87
C SER G 331 6.60 -50.11 10.29
N LYS G 332 7.64 -50.69 9.67
CA LYS G 332 9.03 -50.29 9.94
C LYS G 332 9.39 -48.88 9.47
N THR G 333 8.75 -48.42 8.39
CA THR G 333 9.01 -47.08 7.81
C THR G 333 8.75 -45.93 8.79
N GLU G 334 9.82 -45.31 9.27
CA GLU G 334 9.71 -44.23 10.25
C GLU G 334 9.41 -42.89 9.57
N GLN G 335 9.88 -42.72 8.34
CA GLN G 335 9.82 -41.44 7.64
C GLN G 335 9.32 -41.56 6.20
N GLY G 336 8.15 -41.01 5.92
CA GLY G 336 7.65 -40.94 4.55
C GLY G 336 8.39 -39.91 3.71
N PRO G 337 7.87 -39.63 2.50
CA PRO G 337 8.43 -38.64 1.61
C PRO G 337 7.93 -37.24 1.94
N GLN G 338 8.57 -36.23 1.36
CA GLN G 338 8.08 -34.86 1.44
C GLN G 338 6.80 -34.74 0.61
N VAL G 339 6.24 -33.53 0.51
CA VAL G 339 4.82 -33.35 0.19
C VAL G 339 4.54 -33.12 -1.31
N ASP G 340 5.47 -32.46 -2.00
CA ASP G 340 5.36 -32.22 -3.46
C ASP G 340 6.72 -31.81 -4.03
N GLU G 341 6.75 -31.46 -5.32
CA GLU G 341 8.01 -31.22 -6.03
C GLU G 341 8.66 -29.88 -5.65
N THR G 342 7.89 -28.80 -5.77
CA THR G 342 8.38 -27.45 -5.44
C THR G 342 9.08 -27.46 -4.07
N GLN G 343 8.46 -28.13 -3.11
CA GLN G 343 9.03 -28.29 -1.77
C GLN G 343 10.32 -29.11 -1.79
N PHE G 344 10.23 -30.31 -2.37
CA PHE G 344 11.35 -31.25 -2.44
C PHE G 344 12.66 -30.57 -2.90
N LYS G 345 12.59 -29.82 -3.99
CA LYS G 345 13.76 -29.08 -4.49
C LYS G 345 14.32 -28.16 -3.40
N LYS G 346 13.46 -27.27 -2.91
CA LYS G 346 13.84 -26.28 -1.90
C LYS G 346 14.60 -26.91 -0.74
N ILE G 347 14.14 -28.08 -0.29
CA ILE G 347 14.79 -28.78 0.78
C ILE G 347 16.18 -29.18 0.34
N LEU G 348 16.30 -29.72 -0.87
CA LEU G 348 17.60 -30.04 -1.42
C LEU G 348 18.41 -28.76 -1.65
N GLY G 349 17.75 -27.66 -2.00
CA GLY G 349 18.41 -26.37 -2.18
C GLY G 349 19.01 -25.75 -0.91
N TYR G 350 18.44 -26.08 0.25
CA TYR G 350 18.93 -25.60 1.55
C TYR G 350 20.08 -26.47 2.05
N ILE G 351 20.04 -27.76 1.75
CA ILE G 351 21.12 -28.67 2.12
C ILE G 351 22.40 -28.24 1.37
N ASN G 352 22.22 -27.83 0.11
CA ASN G 352 23.31 -27.31 -0.71
C ASN G 352 23.89 -26.02 -0.15
N THR G 353 23.01 -25.12 0.29
CA THR G 353 23.41 -23.88 0.95
C THR G 353 24.18 -24.15 2.25
N GLY G 354 23.73 -25.13 3.02
CA GLY G 354 24.35 -25.46 4.30
C GLY G 354 25.77 -25.97 4.15
N LYS G 355 25.99 -26.86 3.19
CA LYS G 355 27.32 -27.43 2.95
C LYS G 355 28.27 -26.33 2.48
N GLN G 356 27.86 -25.66 1.40
CA GLN G 356 28.61 -24.56 0.79
C GLN G 356 28.95 -23.45 1.81
N GLU G 357 28.07 -23.16 2.75
CA GLU G 357 28.28 -22.07 3.72
C GLU G 357 29.02 -22.47 5.02
N GLY G 358 29.56 -23.69 5.08
CA GLY G 358 30.45 -24.07 6.19
C GLY G 358 29.90 -24.91 7.36
N ALA G 359 28.65 -25.35 7.28
CA ALA G 359 28.15 -26.28 8.30
C ALA G 359 28.70 -27.66 8.02
N LYS G 360 28.96 -28.42 9.09
CA LYS G 360 29.59 -29.72 8.96
C LYS G 360 28.55 -30.83 8.76
N LEU G 361 28.38 -31.27 7.52
CA LEU G 361 27.45 -32.35 7.19
C LEU G 361 27.91 -33.67 7.84
N LEU G 362 27.07 -34.23 8.70
CA LEU G 362 27.46 -35.41 9.49
C LEU G 362 26.86 -36.71 8.95
N CYS G 363 25.62 -36.67 8.49
CA CYS G 363 25.00 -37.82 7.84
C CYS G 363 23.93 -37.42 6.82
N GLY G 364 23.46 -38.40 6.05
CA GLY G 364 22.49 -38.15 5.00
C GLY G 364 23.05 -37.21 3.96
N GLY G 365 22.19 -36.45 3.30
CA GLY G 365 22.66 -35.42 2.38
C GLY G 365 21.81 -35.22 1.15
N GLY G 366 21.37 -36.31 0.52
CA GLY G 366 20.63 -36.24 -0.73
C GLY G 366 19.43 -37.17 -0.83
N ILE G 367 19.12 -37.57 -2.07
CA ILE G 367 17.90 -38.35 -2.37
C ILE G 367 18.03 -39.79 -1.86
N ALA G 368 16.97 -40.29 -1.22
CA ALA G 368 16.96 -41.63 -0.58
C ALA G 368 16.22 -42.71 -1.41
N ALA G 369 15.59 -42.29 -2.51
CA ALA G 369 14.97 -43.23 -3.44
C ALA G 369 14.80 -42.56 -4.80
N ASP G 370 14.82 -43.37 -5.86
CA ASP G 370 14.84 -42.85 -7.23
C ASP G 370 13.49 -42.32 -7.72
N ARG G 371 12.43 -42.63 -6.97
CA ARG G 371 11.07 -42.31 -7.41
C ARG G 371 10.23 -41.80 -6.24
N GLY G 372 9.49 -40.72 -6.48
CA GLY G 372 8.67 -40.09 -5.44
C GLY G 372 9.24 -38.75 -5.04
N TYR G 373 9.46 -38.58 -3.72
CA TYR G 373 10.06 -37.36 -3.15
C TYR G 373 10.67 -37.66 -1.78
N PHE G 374 11.66 -38.54 -1.75
CA PHE G 374 12.31 -38.96 -0.51
C PHE G 374 13.66 -38.24 -0.28
N ILE G 375 13.99 -37.99 0.99
CA ILE G 375 15.23 -37.30 1.36
C ILE G 375 15.83 -37.93 2.62
N GLN G 376 17.14 -38.20 2.58
CA GLN G 376 17.82 -38.87 3.68
C GLN G 376 17.81 -38.01 4.95
N PRO G 377 17.45 -38.62 6.10
CA PRO G 377 17.67 -38.00 7.39
C PRO G 377 19.00 -37.23 7.46
N THR G 378 18.91 -35.94 7.26
CA THR G 378 20.09 -35.08 7.14
C THR G 378 20.42 -34.44 8.50
N VAL G 379 21.71 -34.30 8.79
CA VAL G 379 22.15 -33.75 10.07
C VAL G 379 23.35 -32.81 9.87
N PHE G 380 23.13 -31.54 10.18
CA PHE G 380 24.20 -30.53 10.14
C PHE G 380 24.76 -30.32 11.54
N GLY G 381 26.07 -30.50 11.67
CA GLY G 381 26.79 -30.17 12.91
C GLY G 381 27.45 -28.81 12.77
N ASP G 382 27.87 -28.24 13.90
CA ASP G 382 28.53 -26.93 13.96
C ASP G 382 27.86 -25.90 13.04
N VAL G 383 26.57 -25.68 13.29
CA VAL G 383 25.81 -24.65 12.62
C VAL G 383 25.97 -23.36 13.45
N GLN G 384 26.02 -22.20 12.78
CA GLN G 384 26.15 -20.90 13.45
C GLN G 384 24.91 -20.04 13.20
N ASP G 385 24.59 -19.19 14.17
CA ASP G 385 23.37 -18.36 14.13
C ASP G 385 23.19 -17.61 12.83
N GLY G 386 24.28 -17.10 12.28
CA GLY G 386 24.25 -16.34 11.03
C GLY G 386 24.00 -17.16 9.78
N MET G 387 24.13 -18.48 9.86
CA MET G 387 23.94 -19.35 8.67
C MET G 387 22.51 -19.36 8.20
N THR G 388 22.33 -19.39 6.89
CA THR G 388 20.98 -19.41 6.29
C THR G 388 20.11 -20.55 6.83
N ILE G 389 20.71 -21.71 7.12
CA ILE G 389 19.92 -22.85 7.60
C ILE G 389 19.63 -22.77 9.10
N ALA G 390 20.27 -21.82 9.79
CA ALA G 390 19.84 -21.49 11.14
C ALA G 390 18.77 -20.41 11.14
N LYS G 391 18.53 -19.74 10.01
CA LYS G 391 17.58 -18.61 10.00
C LYS G 391 16.25 -18.90 9.30
N GLU G 392 16.29 -19.73 8.25
CA GLU G 392 15.14 -19.90 7.36
C GLU G 392 14.43 -21.25 7.54
N GLU G 393 13.11 -21.25 7.44
CA GLU G 393 12.32 -22.44 7.73
C GLU G 393 12.44 -23.44 6.57
N ILE G 394 13.10 -24.56 6.86
CA ILE G 394 13.38 -25.60 5.87
C ILE G 394 12.12 -26.44 5.53
N PHE G 395 11.44 -26.91 6.57
CA PHE G 395 10.24 -27.74 6.40
C PHE G 395 10.66 -29.07 5.72
N GLY G 396 11.72 -29.66 6.24
CA GLY G 396 12.29 -30.90 5.72
C GLY G 396 13.03 -31.63 6.83
N PRO G 397 13.58 -32.82 6.54
CA PRO G 397 14.23 -33.63 7.57
C PRO G 397 15.69 -33.27 7.79
N VAL G 398 15.95 -31.96 7.94
CA VAL G 398 17.31 -31.42 8.08
C VAL G 398 17.50 -30.90 9.50
N MET G 399 18.26 -31.64 10.30
CA MET G 399 18.50 -31.29 11.69
C MET G 399 19.75 -30.41 11.88
N GLN G 400 19.56 -29.25 12.53
CA GLN G 400 20.65 -28.31 12.86
C GLN G 400 21.02 -28.47 14.34
N ILE G 401 22.30 -28.70 14.62
CA ILE G 401 22.75 -28.85 16.00
C ILE G 401 23.79 -27.78 16.27
N LEU G 402 23.48 -26.91 17.23
CA LEU G 402 24.30 -25.76 17.54
C LEU G 402 24.79 -25.92 18.95
N LYS G 403 26.04 -25.52 19.16
CA LYS G 403 26.70 -25.65 20.43
C LYS G 403 26.57 -24.32 21.15
N PHE G 404 26.42 -24.38 22.46
CA PHE G 404 26.43 -23.19 23.29
C PHE G 404 27.04 -23.56 24.63
N LYS G 405 27.26 -22.54 25.46
CA LYS G 405 28.02 -22.71 26.68
C LYS G 405 27.20 -22.40 27.92
N THR G 406 26.39 -21.34 27.89
CA THR G 406 25.66 -20.92 29.07
C THR G 406 24.16 -20.73 28.84
N ILE G 407 23.42 -20.67 29.94
CA ILE G 407 21.97 -20.58 29.90
C ILE G 407 21.51 -19.21 29.40
N GLU G 408 22.32 -18.18 29.66
CA GLU G 408 22.01 -16.84 29.17
C GLU G 408 22.22 -16.81 27.66
N GLU G 409 23.41 -17.21 27.22
CA GLU G 409 23.70 -17.34 25.79
C GLU G 409 22.54 -17.96 25.00
N VAL G 410 22.02 -19.06 25.49
CA VAL G 410 21.03 -19.84 24.75
C VAL G 410 19.65 -19.17 24.77
N VAL G 411 19.30 -18.50 25.87
CA VAL G 411 18.09 -17.68 25.90
C VAL G 411 18.17 -16.67 24.76
N GLY G 412 19.27 -15.92 24.76
CA GLY G 412 19.50 -14.86 23.80
C GLY G 412 19.45 -15.31 22.36
N ARG G 413 20.19 -16.36 22.03
CA ARG G 413 20.25 -16.83 20.64
C ARG G 413 18.94 -17.55 20.24
N ALA G 414 18.25 -18.16 21.19
CA ALA G 414 16.91 -18.69 20.92
C ALA G 414 15.93 -17.55 20.56
N ASN G 415 15.89 -16.53 21.42
CA ASN G 415 14.99 -15.38 21.22
C ASN G 415 15.34 -14.46 20.05
N ASN G 416 16.60 -14.48 19.63
CA ASN G 416 17.05 -13.68 18.47
C ASN G 416 16.56 -14.32 17.18
N SER G 417 15.28 -14.07 16.91
CA SER G 417 14.61 -14.62 15.74
C SER G 417 13.28 -13.85 15.63
N THR G 418 12.78 -13.69 14.40
CA THR G 418 11.48 -13.04 14.18
C THR G 418 10.29 -14.00 14.33
N TYR G 419 10.59 -15.30 14.48
CA TYR G 419 9.58 -16.30 14.83
C TYR G 419 9.49 -16.45 16.33
N GLY G 420 8.45 -17.13 16.79
CA GLY G 420 8.24 -17.45 18.20
C GLY G 420 7.06 -18.38 18.43
N LEU G 421 6.95 -19.43 17.63
CA LEU G 421 5.84 -20.36 17.76
C LEU G 421 6.01 -21.25 18.99
N ALA G 422 7.18 -21.91 19.08
CA ALA G 422 7.37 -22.90 20.14
C ALA G 422 8.80 -22.96 20.58
N ALA G 423 9.01 -23.72 21.66
CA ALA G 423 10.34 -23.93 22.21
C ALA G 423 10.27 -25.07 23.19
N ALA G 424 11.40 -25.71 23.41
CA ALA G 424 11.45 -26.88 24.27
C ALA G 424 12.78 -27.00 25.00
N VAL G 425 12.69 -27.45 26.25
CA VAL G 425 13.82 -27.44 27.18
C VAL G 425 14.00 -28.81 27.79
N PHE G 426 15.24 -29.29 27.83
CA PHE G 426 15.53 -30.58 28.44
C PHE G 426 16.55 -30.41 29.56
N THR G 427 16.06 -30.58 30.78
CA THR G 427 16.84 -30.41 32.00
C THR G 427 16.14 -31.10 33.17
N LYS G 428 16.90 -31.71 34.06
CA LYS G 428 16.33 -32.24 35.29
C LYS G 428 16.12 -31.16 36.36
N ASP G 429 16.72 -29.99 36.19
CA ASP G 429 16.73 -28.95 37.23
C ASP G 429 15.43 -28.10 37.26
N LEU G 430 14.95 -27.81 38.46
CA LEU G 430 13.75 -26.99 38.62
C LEU G 430 14.01 -25.56 38.15
N ASP G 431 15.02 -24.91 38.73
CA ASP G 431 15.31 -23.50 38.43
C ASP G 431 15.67 -23.21 36.97
N LYS G 432 16.42 -24.11 36.34
CA LYS G 432 16.76 -23.97 34.94
C LYS G 432 15.54 -24.06 34.06
N ALA G 433 14.58 -24.87 34.46
CA ALA G 433 13.32 -25.03 33.74
C ALA G 433 12.39 -23.80 33.82
N ASN G 434 12.32 -23.19 35.01
CA ASN G 434 11.47 -22.04 35.28
C ASN G 434 12.03 -20.70 34.77
N TYR G 435 13.35 -20.59 34.70
CA TYR G 435 14.01 -19.39 34.19
C TYR G 435 13.83 -19.38 32.69
N LEU G 436 14.04 -20.56 32.08
CA LEU G 436 13.93 -20.72 30.64
C LEU G 436 12.50 -20.66 30.16
N SER G 437 11.58 -21.32 30.87
CA SER G 437 10.18 -21.30 30.44
C SER G 437 9.64 -19.89 30.46
N GLN G 438 10.08 -19.10 31.43
CA GLN G 438 9.69 -17.71 31.47
C GLN G 438 10.31 -16.89 30.33
N ALA G 439 11.63 -16.90 30.23
CA ALA G 439 12.36 -15.97 29.35
C ALA G 439 12.30 -16.28 27.85
N LEU G 440 12.01 -17.53 27.49
CA LEU G 440 11.92 -17.87 26.08
C LEU G 440 10.67 -17.19 25.50
N GLN G 441 10.84 -16.51 24.37
CA GLN G 441 9.77 -15.81 23.69
C GLN G 441 9.15 -16.75 22.66
N ALA G 442 8.28 -17.64 23.15
CA ALA G 442 7.55 -18.56 22.28
C ALA G 442 6.12 -18.71 22.82
N GLY G 443 5.20 -19.14 21.97
CA GLY G 443 3.82 -19.40 22.39
C GLY G 443 3.67 -20.64 23.26
N THR G 444 4.48 -21.64 22.94
CA THR G 444 4.45 -22.92 23.66
C THR G 444 5.86 -23.26 24.08
N VAL G 445 6.05 -23.55 25.36
CA VAL G 445 7.35 -24.00 25.88
C VAL G 445 7.15 -25.42 26.41
N TRP G 446 7.69 -26.43 25.74
CA TRP G 446 7.65 -27.80 26.27
C TRP G 446 8.84 -28.03 27.19
N VAL G 447 8.61 -28.69 28.31
CA VAL G 447 9.70 -29.03 29.23
C VAL G 447 9.80 -30.54 29.32
N ASN G 448 10.97 -31.05 28.93
CA ASN G 448 11.25 -32.48 28.85
C ASN G 448 10.31 -33.26 27.95
N CYS G 449 9.75 -32.58 26.96
CA CYS G 449 8.86 -33.22 25.98
C CYS G 449 8.86 -32.37 24.72
N TYR G 450 8.02 -32.71 23.75
CA TYR G 450 7.96 -31.92 22.51
C TYR G 450 6.80 -32.37 21.66
N ASP G 451 6.09 -31.40 21.08
CA ASP G 451 4.88 -31.62 20.30
C ASP G 451 3.76 -32.28 21.08
N VAL G 452 3.70 -32.01 22.37
CA VAL G 452 2.56 -32.44 23.14
C VAL G 452 1.49 -31.36 22.99
N PHE G 453 0.48 -31.68 22.18
CA PHE G 453 -0.70 -30.87 22.04
C PHE G 453 -1.86 -31.63 22.64
N GLY G 454 -2.75 -30.88 23.29
CA GLY G 454 -4.02 -31.41 23.79
C GLY G 454 -5.10 -30.40 23.54
N ALA G 455 -6.23 -30.83 22.98
CA ALA G 455 -7.29 -29.92 22.53
C ALA G 455 -7.62 -28.84 23.58
N GLN G 456 -7.21 -29.11 24.83
CA GLN G 456 -7.34 -28.21 25.97
C GLN G 456 -6.29 -27.08 25.99
N SER G 457 -5.04 -27.41 25.65
CA SER G 457 -3.93 -26.44 25.73
C SER G 457 -3.96 -25.50 24.53
N PRO G 458 -3.96 -24.17 24.79
CA PRO G 458 -3.95 -23.23 23.67
C PRO G 458 -2.60 -23.23 22.97
N PHE G 459 -2.62 -22.92 21.67
CA PHE G 459 -1.44 -22.97 20.82
C PHE G 459 -1.53 -21.91 19.74
N GLY G 460 -0.44 -21.15 19.58
CA GLY G 460 -0.35 -20.10 18.56
C GLY G 460 0.86 -19.21 18.74
N GLY G 461 1.14 -18.40 17.73
CA GLY G 461 2.44 -17.71 17.62
C GLY G 461 2.69 -16.43 18.41
N TYR G 462 3.97 -16.21 18.71
CA TYR G 462 4.49 -14.89 19.09
C TYR G 462 5.11 -14.28 17.85
N LYS G 463 5.14 -12.94 17.79
CA LYS G 463 5.84 -12.22 16.73
C LYS G 463 5.22 -12.52 15.35
N MET G 464 6.06 -12.73 14.32
CA MET G 464 5.56 -13.07 12.97
C MET G 464 5.34 -14.58 12.78
N SER G 465 4.98 -15.28 13.86
CA SER G 465 4.59 -16.69 13.80
C SER G 465 3.06 -16.83 13.75
N GLY G 466 2.35 -15.72 13.96
CA GLY G 466 0.89 -15.73 14.02
C GLY G 466 0.34 -14.79 15.07
N SER G 467 -1.00 -14.70 15.11
CA SER G 467 -1.71 -13.90 16.11
C SER G 467 -2.95 -14.66 16.57
N GLY G 468 -3.26 -14.57 17.86
CA GLY G 468 -4.34 -15.36 18.44
C GLY G 468 -3.95 -16.81 18.63
N ARG G 469 -4.80 -17.56 19.33
CA ARG G 469 -4.49 -18.94 19.74
C ARG G 469 -5.62 -19.89 19.37
N GLU G 470 -5.25 -21.11 18.98
CA GLU G 470 -6.19 -22.16 18.67
C GLU G 470 -6.15 -23.22 19.76
N LEU G 471 -7.18 -24.07 19.83
CA LEU G 471 -7.42 -25.00 20.95
C LEU G 471 -7.81 -24.26 22.24
N GLY G 472 -8.20 -25.02 23.26
CA GLY G 472 -8.63 -24.47 24.56
C GLY G 472 -9.85 -23.58 24.48
N GLU G 473 -10.20 -22.97 25.62
CA GLU G 473 -11.24 -21.94 25.65
C GLU G 473 -10.87 -20.74 24.78
N TYR G 474 -9.58 -20.38 24.75
CA TYR G 474 -9.08 -19.24 24.00
C TYR G 474 -9.47 -19.31 22.51
N GLY G 475 -9.43 -20.52 21.96
CA GLY G 475 -9.86 -20.77 20.59
C GLY G 475 -11.31 -20.42 20.34
N LEU G 476 -12.11 -20.28 21.40
CA LEU G 476 -13.47 -19.79 21.24
C LEU G 476 -13.52 -18.26 21.00
N GLN G 477 -12.53 -17.53 21.52
CA GLN G 477 -12.55 -16.06 21.50
C GLN G 477 -12.65 -15.47 20.11
N ALA G 478 -11.84 -15.96 19.16
CA ALA G 478 -11.80 -15.37 17.81
C ALA G 478 -13.01 -15.78 16.98
N TYR G 479 -13.86 -16.63 17.53
CA TYR G 479 -15.07 -17.04 16.83
C TYR G 479 -16.29 -16.48 17.55
N THR G 480 -16.10 -15.38 18.27
CA THR G 480 -17.14 -14.86 19.16
C THR G 480 -17.23 -13.29 19.13
N GLU G 481 -18.44 -12.78 18.98
CA GLU G 481 -18.69 -11.35 19.08
C GLU G 481 -19.37 -11.04 20.43
N VAL G 482 -18.76 -10.16 21.21
CA VAL G 482 -19.33 -9.75 22.48
C VAL G 482 -20.31 -8.61 22.29
N LYS G 483 -21.56 -8.84 22.66
CA LYS G 483 -22.58 -7.78 22.74
C LYS G 483 -22.90 -7.48 24.21
N THR G 484 -22.81 -6.22 24.59
CA THR G 484 -23.28 -5.77 25.90
C THR G 484 -24.73 -5.30 25.80
N VAL G 485 -25.55 -5.70 26.77
CA VAL G 485 -26.90 -5.14 26.89
C VAL G 485 -26.99 -4.46 28.25
N THR G 486 -27.39 -3.18 28.27
CA THR G 486 -27.46 -2.42 29.52
C THR G 486 -28.85 -1.82 29.68
N VAL G 487 -29.55 -2.26 30.74
CA VAL G 487 -30.98 -1.94 30.98
C VAL G 487 -31.22 -1.09 32.24
N LYS G 488 -32.00 -0.03 32.05
CA LYS G 488 -32.43 0.82 33.15
C LYS G 488 -33.38 0.04 34.07
N VAL G 489 -33.06 -0.03 35.36
CA VAL G 489 -33.92 -0.68 36.36
C VAL G 489 -34.38 0.35 37.40
N PRO G 490 -35.53 0.12 38.06
CA PRO G 490 -36.07 1.12 38.99
C PRO G 490 -35.17 1.39 40.19
N GLN G 491 -34.57 0.34 40.77
CA GLN G 491 -33.54 0.54 41.76
C GLN G 491 -32.60 -0.67 41.90
N LYS G 492 -31.32 -0.36 41.87
CA LYS G 492 -30.26 -1.33 41.98
C LYS G 492 -30.00 -1.63 43.45
N ASN G 493 -29.93 -2.92 43.77
CA ASN G 493 -29.50 -3.44 45.06
C ASN G 493 -28.49 -4.54 44.79
N SER G 494 -27.75 -4.94 45.80
CA SER G 494 -26.79 -6.04 45.67
C SER G 494 -27.46 -7.41 45.41
N ALA H 1 -21.67 20.06 42.92
CA ALA H 1 -21.15 21.44 43.18
C ALA H 1 -19.86 21.71 42.41
N VAL H 2 -19.99 22.33 41.23
CA VAL H 2 -18.85 22.52 40.34
C VAL H 2 -18.07 23.77 40.74
N PRO H 3 -16.74 23.63 40.93
CA PRO H 3 -15.92 24.80 41.26
C PRO H 3 -15.91 25.85 40.16
N ALA H 4 -15.36 27.04 40.44
CA ALA H 4 -15.26 28.11 39.45
C ALA H 4 -13.97 27.92 38.66
N PRO H 5 -14.07 27.79 37.35
CA PRO H 5 -12.89 27.45 36.54
C PRO H 5 -11.99 28.65 36.26
N ASN H 6 -10.67 28.41 36.22
CA ASN H 6 -9.75 29.35 35.62
C ASN H 6 -10.06 29.45 34.13
N GLN H 7 -10.73 30.54 33.74
CA GLN H 7 -11.13 30.78 32.35
C GLN H 7 -9.97 30.82 31.34
N GLN H 8 -8.77 31.15 31.80
CA GLN H 8 -7.58 31.08 30.94
C GLN H 8 -6.48 30.32 31.66
N PRO H 9 -6.59 28.99 31.72
CA PRO H 9 -5.60 28.22 32.45
C PRO H 9 -4.25 28.32 31.75
N GLU H 10 -3.19 28.33 32.55
CA GLU H 10 -1.83 28.38 32.05
C GLU H 10 -1.45 27.04 31.45
N VAL H 11 -0.76 27.05 30.32
CA VAL H 11 -0.33 25.82 29.65
C VAL H 11 1.08 25.53 30.12
N PHE H 12 1.24 24.39 30.80
CA PHE H 12 2.49 23.97 31.46
C PHE H 12 3.30 22.92 30.71
N CYS H 13 2.65 22.14 29.85
CA CYS H 13 3.35 21.10 29.07
C CYS H 13 2.95 21.15 27.62
N ASN H 14 3.94 21.24 26.75
CA ASN H 14 3.69 21.44 25.31
C ASN H 14 4.76 20.82 24.40
N GLN H 15 5.44 19.80 24.92
CA GLN H 15 6.50 19.15 24.21
C GLN H 15 6.22 17.67 24.08
N ILE H 16 7.21 16.94 23.60
CA ILE H 16 7.19 15.50 23.50
C ILE H 16 7.66 14.86 24.82
N PHE H 17 6.96 13.82 25.24
CA PHE H 17 7.25 13.10 26.50
C PHE H 17 7.82 11.71 26.21
N ILE H 18 9.10 11.54 26.52
CA ILE H 18 9.80 10.26 26.36
C ILE H 18 10.68 10.04 27.57
N ASN H 19 10.69 8.83 28.12
CA ASN H 19 11.50 8.50 29.32
C ASN H 19 11.28 9.45 30.49
N ASN H 20 10.03 9.82 30.74
CA ASN H 20 9.68 10.78 31.80
C ASN H 20 10.37 12.16 31.70
N GLU H 21 10.91 12.51 30.53
CA GLU H 21 11.52 13.82 30.28
C GLU H 21 10.83 14.53 29.10
N TRP H 22 10.91 15.85 29.05
CA TRP H 22 10.33 16.65 27.95
C TRP H 22 11.36 17.02 26.89
N HIS H 23 10.98 16.88 25.62
CA HIS H 23 11.86 17.11 24.47
C HIS H 23 11.17 17.93 23.38
N ASP H 24 11.93 18.80 22.73
CA ASP H 24 11.51 19.42 21.49
C ASP H 24 11.63 18.33 20.43
N ALA H 25 10.91 18.47 19.32
CA ALA H 25 11.05 17.52 18.21
C ALA H 25 12.47 17.64 17.67
N VAL H 26 13.01 16.55 17.13
CA VAL H 26 14.35 16.60 16.50
C VAL H 26 14.47 17.82 15.57
N SER H 27 13.39 18.09 14.82
CA SER H 27 13.30 19.23 13.90
C SER H 27 12.99 20.63 14.51
N ARG H 28 12.61 20.67 15.79
CA ARG H 28 12.18 21.91 16.45
C ARG H 28 10.86 22.43 15.91
N LYS H 29 10.19 21.66 15.07
CA LYS H 29 8.94 22.13 14.49
C LYS H 29 7.88 22.26 15.58
N THR H 30 6.94 23.15 15.35
CA THR H 30 5.85 23.34 16.28
C THR H 30 4.60 23.56 15.47
N PHE H 31 3.47 23.16 16.02
CA PHE H 31 2.21 23.46 15.39
C PHE H 31 1.35 24.17 16.41
N PRO H 32 0.41 25.00 15.96
CA PRO H 32 -0.43 25.72 16.90
C PRO H 32 -1.72 24.96 17.16
N THR H 33 -2.17 24.98 18.41
CA THR H 33 -3.47 24.43 18.76
C THR H 33 -4.40 25.58 19.09
N VAL H 34 -5.64 25.44 18.65
CA VAL H 34 -6.61 26.53 18.58
C VAL H 34 -7.77 26.31 19.56
N ASN H 35 -8.24 27.38 20.20
CA ASN H 35 -9.46 27.37 21.01
C ASN H 35 -10.64 27.47 20.08
N PRO H 36 -11.49 26.42 20.01
CA PRO H 36 -12.58 26.38 19.01
C PRO H 36 -13.77 27.29 19.31
N SER H 37 -13.88 27.74 20.56
CA SER H 37 -14.82 28.80 20.92
C SER H 37 -14.46 30.14 20.27
N THR H 38 -13.19 30.51 20.22
CA THR H 38 -12.79 31.84 19.75
C THR H 38 -12.05 31.86 18.40
N GLY H 39 -11.41 30.74 18.04
CA GLY H 39 -10.64 30.67 16.80
C GLY H 39 -9.23 31.16 16.96
N GLU H 40 -8.85 31.43 18.22
CA GLU H 40 -7.54 31.95 18.54
C GLU H 40 -6.56 30.83 18.90
N VAL H 41 -5.27 31.11 18.73
CA VAL H 41 -4.22 30.19 19.10
C VAL H 41 -4.00 30.21 20.62
N ILE H 42 -4.10 29.04 21.25
CA ILE H 42 -3.77 28.91 22.66
C ILE H 42 -2.25 28.98 22.78
N CYS H 43 -1.59 28.05 22.10
CA CYS H 43 -0.13 27.97 22.12
C CYS H 43 0.41 27.07 21.00
N GLN H 44 1.74 26.96 20.92
CA GLN H 44 2.41 26.09 19.97
C GLN H 44 2.80 24.78 20.65
N VAL H 45 2.74 23.67 19.91
CA VAL H 45 3.06 22.36 20.46
C VAL H 45 4.10 21.68 19.58
N ALA H 46 5.05 20.97 20.21
CA ALA H 46 6.09 20.26 19.45
C ALA H 46 5.47 19.30 18.44
N GLU H 47 5.85 19.43 17.17
CA GLU H 47 5.30 18.58 16.10
C GLU H 47 6.18 17.35 15.87
N GLY H 48 5.77 16.22 16.46
CA GLY H 48 6.51 14.97 16.35
C GLY H 48 6.40 14.34 14.97
N ASP H 49 7.38 13.49 14.65
CA ASP H 49 7.46 12.86 13.36
C ASP H 49 8.17 11.52 13.54
N LYS H 50 8.49 10.86 12.43
CA LYS H 50 9.08 9.52 12.45
C LYS H 50 10.26 9.40 13.41
N GLU H 51 11.19 10.33 13.34
CA GLU H 51 12.40 10.26 14.18
C GLU H 51 12.02 10.32 15.65
N ASP H 52 11.02 11.14 15.97
CA ASP H 52 10.55 11.27 17.34
C ASP H 52 9.84 10.02 17.79
N VAL H 53 9.08 9.42 16.88
CA VAL H 53 8.44 8.14 17.14
C VAL H 53 9.51 7.08 17.36
N ASP H 54 10.57 7.12 16.56
CA ASP H 54 11.64 6.14 16.67
C ASP H 54 12.32 6.22 18.03
N LYS H 55 12.52 7.43 18.56
CA LYS H 55 13.02 7.57 19.93
C LYS H 55 12.06 6.98 20.97
N ALA H 56 10.77 7.27 20.82
CA ALA H 56 9.75 6.79 21.77
C ALA H 56 9.69 5.27 21.82
N VAL H 57 9.86 4.65 20.65
CA VAL H 57 9.74 3.21 20.56
C VAL H 57 10.96 2.51 21.14
N LYS H 58 12.12 3.13 21.02
CA LYS H 58 13.35 2.60 21.62
C LYS H 58 13.35 2.73 23.14
N ALA H 59 12.78 3.82 23.65
CA ALA H 59 12.67 4.01 25.09
C ALA H 59 11.60 3.11 25.71
N ALA H 60 10.49 2.90 25.01
CA ALA H 60 9.48 1.87 25.34
C ALA H 60 10.09 0.46 25.40
N ARG H 61 10.77 0.07 24.34
CA ARG H 61 11.37 -1.25 24.24
C ARG H 61 12.40 -1.47 25.34
N ALA H 62 13.13 -0.41 25.70
CA ALA H 62 14.19 -0.49 26.70
C ALA H 62 13.60 -0.76 28.07
N ALA H 63 12.41 -0.24 28.33
CA ALA H 63 11.72 -0.48 29.60
C ALA H 63 10.96 -1.81 29.62
N PHE H 64 10.75 -2.44 28.47
CA PHE H 64 10.11 -3.74 28.43
C PHE H 64 11.10 -4.92 28.45
N GLN H 65 12.40 -4.61 28.53
CA GLN H 65 13.44 -5.64 28.59
C GLN H 65 13.30 -6.49 29.84
N LEU H 66 13.54 -7.79 29.69
CA LEU H 66 13.54 -8.68 30.85
C LEU H 66 14.56 -8.13 31.84
N GLY H 67 14.19 -8.12 33.12
CA GLY H 67 15.04 -7.59 34.16
C GLY H 67 14.75 -6.14 34.55
N SER H 68 14.04 -5.39 33.69
CA SER H 68 13.77 -3.96 33.95
C SER H 68 12.88 -3.77 35.16
N PRO H 69 12.87 -2.55 35.75
CA PRO H 69 12.00 -2.27 36.91
C PRO H 69 10.51 -2.46 36.63
N TRP H 70 10.04 -2.07 35.46
CA TRP H 70 8.62 -2.25 35.09
C TRP H 70 8.24 -3.73 34.95
N ARG H 71 9.13 -4.53 34.37
CA ARG H 71 8.87 -5.96 34.18
C ARG H 71 8.98 -6.76 35.49
N ARG H 72 9.86 -6.34 36.38
CA ARG H 72 10.05 -7.06 37.66
C ARG H 72 9.08 -6.64 38.73
N MET H 73 8.37 -5.55 38.50
CA MET H 73 7.50 -4.96 39.49
C MET H 73 6.33 -5.92 39.80
N ASP H 74 5.92 -5.99 41.06
CA ASP H 74 4.79 -6.80 41.44
C ASP H 74 3.53 -6.26 40.77
N ALA H 75 2.62 -7.17 40.40
CA ALA H 75 1.39 -6.79 39.74
C ALA H 75 0.54 -5.89 40.65
N SER H 76 0.63 -6.16 41.94
CA SER H 76 -0.16 -5.44 42.92
C SER H 76 0.25 -3.97 42.92
N HIS H 77 1.54 -3.74 42.67
CA HIS H 77 2.15 -2.41 42.68
C HIS H 77 1.88 -1.65 41.39
N ARG H 78 1.76 -2.35 40.26
CA ARG H 78 1.24 -1.71 39.07
C ARG H 78 -0.10 -1.07 39.43
N GLY H 79 -0.94 -1.83 40.13
CA GLY H 79 -2.21 -1.33 40.65
C GLY H 79 -2.03 -0.10 41.53
N ARG H 80 -1.22 -0.22 42.56
CA ARG H 80 -0.91 0.94 43.40
C ARG H 80 -0.60 2.14 42.51
N LEU H 81 0.26 1.97 41.50
CA LEU H 81 0.63 3.09 40.62
C LEU H 81 -0.55 3.73 39.86
N LEU H 82 -1.48 2.90 39.41
CA LEU H 82 -2.68 3.40 38.75
C LEU H 82 -3.61 4.14 39.70
N ASN H 83 -3.72 3.66 40.94
CA ASN H 83 -4.54 4.34 41.95
C ASN H 83 -3.90 5.67 42.30
N ARG H 84 -2.57 5.70 42.27
CA ARG H 84 -1.83 6.92 42.48
C ARG H 84 -2.05 7.88 41.30
N LEU H 85 -1.97 7.39 40.07
CA LEU H 85 -2.27 8.26 38.91
C LEU H 85 -3.65 8.91 39.01
N ALA H 86 -4.63 8.16 39.51
CA ALA H 86 -5.99 8.69 39.71
C ALA H 86 -6.10 9.80 40.76
N ASP H 87 -5.61 9.55 41.98
CA ASP H 87 -5.48 10.56 43.04
C ASP H 87 -5.00 11.90 42.49
N LEU H 88 -3.89 11.85 41.76
CA LEU H 88 -3.24 13.04 41.23
C LEU H 88 -4.07 13.76 40.19
N ILE H 89 -4.79 12.99 39.40
CA ILE H 89 -5.70 13.57 38.44
C ILE H 89 -6.87 14.22 39.15
N GLU H 90 -7.35 13.59 40.23
CA GLU H 90 -8.45 14.15 41.02
C GLU H 90 -7.97 15.34 41.84
N ARG H 91 -6.68 15.34 42.18
CA ARG H 91 -6.06 16.50 42.83
C ARG H 91 -6.00 17.72 41.88
N ASP H 92 -5.79 17.48 40.58
CA ASP H 92 -5.72 18.58 39.60
C ASP H 92 -6.90 18.58 38.66
N ARG H 93 -8.04 18.15 39.17
CA ARG H 93 -9.23 18.01 38.39
C ARG H 93 -9.80 19.32 37.83
N THR H 94 -9.77 20.36 38.65
CA THR H 94 -10.36 21.66 38.29
C THR H 94 -9.58 22.26 37.14
N TYR H 95 -8.26 22.26 37.27
CA TYR H 95 -7.39 22.66 36.17
C TYR H 95 -7.67 21.82 34.92
N LEU H 96 -7.52 20.48 35.05
CA LEU H 96 -7.63 19.55 33.91
C LEU H 96 -8.92 19.66 33.15
N ALA H 97 -10.01 19.96 33.84
CA ALA H 97 -11.31 20.11 33.20
C ALA H 97 -11.42 21.43 32.41
N ALA H 98 -10.75 22.47 32.91
CA ALA H 98 -10.76 23.77 32.26
C ALA H 98 -9.89 23.73 31.01
N LEU H 99 -8.76 23.06 31.12
CA LEU H 99 -7.90 22.85 29.97
C LEU H 99 -8.65 22.04 28.92
N GLU H 100 -9.37 21.01 29.35
CA GLU H 100 -10.18 20.21 28.42
C GLU H 100 -11.20 21.10 27.71
N THR H 101 -11.88 21.95 28.48
CA THR H 101 -12.81 22.95 27.93
C THR H 101 -12.11 23.90 26.95
N LEU H 102 -10.92 24.36 27.31
CA LEU H 102 -10.21 25.32 26.48
C LEU H 102 -9.83 24.80 25.10
N ASP H 103 -9.30 23.57 25.04
CA ASP H 103 -8.69 23.03 23.81
C ASP H 103 -9.70 22.28 22.94
N ASN H 104 -10.79 21.84 23.55
CA ASN H 104 -11.76 20.97 22.92
C ASN H 104 -13.11 21.64 22.71
N GLY H 105 -13.45 22.58 23.58
CA GLY H 105 -14.68 23.36 23.44
C GLY H 105 -15.87 22.82 24.19
N LYS H 106 -15.76 21.66 24.83
CA LYS H 106 -16.90 21.10 25.56
C LYS H 106 -17.17 21.91 26.85
N PRO H 107 -18.44 22.00 27.28
CA PRO H 107 -18.77 22.76 28.50
C PRO H 107 -18.00 22.31 29.76
N TYR H 108 -17.56 23.27 30.56
CA TYR H 108 -16.73 23.00 31.73
C TYR H 108 -17.41 22.10 32.75
N VAL H 109 -18.74 22.20 32.80
CA VAL H 109 -19.53 21.44 33.74
C VAL H 109 -19.50 19.96 33.35
N ILE H 110 -19.73 19.69 32.08
CA ILE H 110 -19.69 18.31 31.56
C ILE H 110 -18.26 17.75 31.69
N SER H 111 -17.25 18.56 31.41
CA SER H 111 -15.87 18.16 31.62
C SER H 111 -15.56 17.83 33.07
N TYR H 112 -16.15 18.59 34.00
CA TYR H 112 -15.80 18.46 35.41
C TYR H 112 -16.48 17.26 36.01
N LEU H 113 -17.77 17.14 35.73
CA LEU H 113 -18.61 16.16 36.40
C LEU H 113 -18.68 14.86 35.64
N VAL H 114 -18.49 14.90 34.32
CA VAL H 114 -18.60 13.68 33.53
C VAL H 114 -17.22 13.13 33.13
N ASP H 115 -16.49 13.88 32.30
CA ASP H 115 -15.17 13.45 31.83
C ASP H 115 -14.24 13.08 32.93
N LEU H 116 -13.87 14.05 33.75
CA LEU H 116 -12.91 13.78 34.80
C LEU H 116 -13.40 12.61 35.65
N ASP H 117 -14.67 12.67 36.06
CA ASP H 117 -15.29 11.61 36.83
C ASP H 117 -15.09 10.24 36.16
N MET H 118 -15.29 10.18 34.85
CA MET H 118 -15.19 8.91 34.13
C MET H 118 -13.75 8.45 33.98
N VAL H 119 -12.80 9.39 34.07
CA VAL H 119 -11.39 9.07 34.01
C VAL H 119 -11.00 8.40 35.31
N LEU H 120 -11.43 9.00 36.41
CA LEU H 120 -11.04 8.48 37.72
C LEU H 120 -11.55 7.06 37.89
N LYS H 121 -12.81 6.83 37.55
CA LYS H 121 -13.42 5.50 37.65
C LYS H 121 -12.75 4.47 36.74
N CYS H 122 -12.43 4.87 35.52
CA CYS H 122 -11.81 3.96 34.57
C CYS H 122 -10.45 3.49 35.06
N LEU H 123 -9.63 4.42 35.54
CA LEU H 123 -8.30 4.09 36.07
C LEU H 123 -8.33 3.25 37.35
N ARG H 124 -9.30 3.52 38.21
CA ARG H 124 -9.39 2.82 39.51
C ARG H 124 -9.86 1.38 39.33
N TYR H 125 -10.78 1.19 38.39
CA TYR H 125 -11.23 -0.12 37.99
C TYR H 125 -10.04 -0.95 37.52
N TYR H 126 -9.22 -0.38 36.64
CA TYR H 126 -8.13 -1.14 36.07
C TYR H 126 -7.02 -1.31 37.11
N ALA H 127 -6.88 -0.33 38.00
CA ALA H 127 -5.98 -0.55 39.13
C ALA H 127 -6.33 -1.89 39.79
N GLY H 128 -7.63 -2.15 39.98
CA GLY H 128 -8.07 -3.39 40.63
C GLY H 128 -7.78 -4.66 39.83
N TRP H 129 -7.78 -4.56 38.51
CA TRP H 129 -7.49 -5.72 37.65
C TRP H 129 -6.03 -6.15 37.63
N ALA H 130 -5.13 -5.26 38.05
CA ALA H 130 -3.71 -5.49 37.85
C ALA H 130 -3.26 -6.88 38.25
N ASP H 131 -3.64 -7.33 39.45
CA ASP H 131 -3.18 -8.60 40.00
C ASP H 131 -4.26 -9.68 40.06
N LYS H 132 -5.23 -9.62 39.15
CA LYS H 132 -6.37 -10.56 39.12
C LYS H 132 -6.70 -11.19 37.75
N TYR H 133 -5.91 -10.93 36.72
CA TYR H 133 -6.15 -11.52 35.39
C TYR H 133 -5.37 -12.84 35.28
N HIS H 134 -6.04 -13.91 35.67
CA HIS H 134 -5.43 -15.21 35.88
C HIS H 134 -5.26 -16.00 34.58
N GLY H 135 -4.12 -16.64 34.42
CA GLY H 135 -3.97 -17.73 33.45
C GLY H 135 -4.66 -19.00 33.91
N LYS H 136 -4.33 -20.13 33.31
CA LYS H 136 -5.03 -21.39 33.62
C LYS H 136 -4.07 -22.56 33.82
N THR H 137 -4.57 -23.59 34.50
CA THR H 137 -3.92 -24.91 34.58
C THR H 137 -4.90 -25.90 33.97
N ILE H 138 -4.41 -26.69 33.03
CA ILE H 138 -5.22 -27.40 32.08
C ILE H 138 -5.06 -28.94 32.23
N PRO H 139 -6.14 -29.66 32.60
CA PRO H 139 -6.08 -31.12 32.72
C PRO H 139 -5.90 -31.88 31.38
N ILE H 140 -4.71 -31.71 30.79
CA ILE H 140 -4.36 -32.27 29.49
C ILE H 140 -4.08 -33.79 29.58
N ASP H 141 -4.29 -34.51 28.48
CA ASP H 141 -4.02 -35.95 28.45
C ASP H 141 -2.55 -36.29 28.72
N GLY H 142 -2.33 -37.35 29.52
CA GLY H 142 -1.01 -37.95 29.68
C GLY H 142 -0.36 -37.59 30.99
N ASP H 143 0.91 -37.95 31.12
CA ASP H 143 1.67 -37.57 32.30
C ASP H 143 2.34 -36.21 32.10
N PHE H 144 1.49 -35.19 31.99
CA PHE H 144 1.92 -33.83 31.79
C PHE H 144 1.16 -32.86 32.70
N PHE H 145 1.89 -31.85 33.17
CA PHE H 145 1.33 -30.67 33.79
C PHE H 145 1.42 -29.51 32.80
N SER H 146 0.26 -29.01 32.38
CA SER H 146 0.20 -27.89 31.51
C SER H 146 -0.45 -26.64 32.14
N TYR H 147 0.05 -25.47 31.76
CA TYR H 147 -0.57 -24.23 32.21
C TYR H 147 -0.36 -23.07 31.25
N THR H 148 -1.12 -22.00 31.44
CA THR H 148 -0.92 -20.74 30.70
C THR H 148 -0.49 -19.60 31.62
N ARG H 149 0.48 -18.83 31.15
CA ARG H 149 0.77 -17.51 31.69
C ARG H 149 0.15 -16.47 30.76
N HIS H 150 -0.34 -15.38 31.34
CA HIS H 150 -0.78 -14.22 30.59
C HIS H 150 0.32 -13.19 30.70
N GLU H 151 1.00 -12.96 29.59
CA GLU H 151 2.13 -12.04 29.52
C GLU H 151 1.72 -10.82 28.69
N PRO H 152 2.38 -9.68 28.94
CA PRO H 152 2.04 -8.50 28.17
C PRO H 152 2.46 -8.66 26.71
N VAL H 153 1.65 -8.14 25.79
CA VAL H 153 2.00 -8.12 24.36
C VAL H 153 3.31 -7.38 24.12
N GLY H 154 3.56 -6.29 24.84
CA GLY H 154 4.81 -5.52 24.65
C GLY H 154 4.63 -4.05 24.33
N VAL H 155 5.26 -3.59 23.25
CA VAL H 155 5.17 -2.19 22.83
C VAL H 155 3.86 -1.89 22.12
N CYS H 156 3.01 -1.15 22.81
CA CYS H 156 1.68 -0.83 22.35
C CYS H 156 1.63 0.60 21.80
N GLY H 157 1.24 0.73 20.53
CA GLY H 157 1.07 2.02 19.90
C GLY H 157 -0.39 2.41 20.02
N GLN H 158 -0.66 3.63 20.47
CA GLN H 158 -2.02 4.03 20.84
C GLN H 158 -2.31 5.41 20.29
N ILE H 159 -3.27 5.46 19.37
CA ILE H 159 -3.58 6.67 18.64
C ILE H 159 -4.99 7.10 19.04
N ILE H 160 -5.10 8.21 19.76
CA ILE H 160 -6.41 8.62 20.22
C ILE H 160 -7.00 9.84 19.46
N PRO H 161 -8.33 9.85 19.31
CA PRO H 161 -9.05 10.91 18.61
C PRO H 161 -9.34 12.10 19.54
N TRP H 162 -10.14 13.04 19.06
CA TRP H 162 -10.32 14.35 19.70
C TRP H 162 -11.65 14.51 20.38
N ASN H 163 -12.60 13.63 20.10
CA ASN H 163 -13.94 13.79 20.69
C ASN H 163 -13.95 13.72 22.20
N PHE H 164 -13.11 12.85 22.77
CA PHE H 164 -13.00 12.66 24.22
C PHE H 164 -11.55 12.45 24.60
N PRO H 165 -10.74 13.52 24.64
CA PRO H 165 -9.29 13.33 24.78
C PRO H 165 -8.81 12.76 26.13
N LEU H 166 -9.45 13.10 27.23
CA LEU H 166 -8.99 12.61 28.53
C LEU H 166 -9.44 11.17 28.79
N LEU H 167 -10.63 10.88 28.33
CA LEU H 167 -11.28 9.64 28.63
C LEU H 167 -10.69 8.58 27.72
N MET H 168 -10.44 8.96 26.47
CA MET H 168 -9.82 8.06 25.49
C MET H 168 -8.43 7.63 25.94
N GLN H 169 -7.68 8.57 26.46
CA GLN H 169 -6.36 8.27 26.97
C GLN H 169 -6.50 7.21 28.05
N ALA H 170 -7.32 7.49 29.05
CA ALA H 170 -7.49 6.61 30.19
C ALA H 170 -8.02 5.23 29.76
N TRP H 171 -9.00 5.20 28.87
CA TRP H 171 -9.51 3.94 28.33
C TRP H 171 -8.44 3.06 27.70
N LYS H 172 -7.38 3.68 27.20
CA LYS H 172 -6.25 2.98 26.60
C LYS H 172 -5.19 2.65 27.63
N LEU H 173 -4.82 3.59 28.48
CA LEU H 173 -3.75 3.32 29.46
C LEU H 173 -4.12 2.29 30.51
N GLY H 174 -5.33 2.42 31.05
CA GLY H 174 -5.81 1.53 32.09
C GLY H 174 -5.50 0.06 31.81
N PRO H 175 -6.13 -0.50 30.76
CA PRO H 175 -5.90 -1.92 30.45
C PRO H 175 -4.45 -2.18 30.05
N ALA H 176 -3.84 -1.27 29.30
CA ALA H 176 -2.46 -1.45 28.84
C ALA H 176 -1.46 -1.64 29.96
N LEU H 177 -1.60 -0.83 31.01
CA LEU H 177 -0.62 -0.82 32.08
C LEU H 177 -0.97 -1.83 33.18
N ALA H 178 -2.24 -2.09 33.40
CA ALA H 178 -2.62 -3.09 34.39
C ALA H 178 -2.05 -4.46 34.00
N THR H 179 -2.02 -4.72 32.71
CA THR H 179 -1.48 -5.97 32.20
C THR H 179 0.00 -5.92 31.95
N GLY H 180 0.65 -4.80 32.28
CA GLY H 180 2.12 -4.67 32.19
C GLY H 180 2.77 -4.28 30.87
N ASN H 181 2.02 -3.73 29.93
CA ASN H 181 2.61 -3.29 28.68
C ASN H 181 3.34 -1.94 28.79
N VAL H 182 3.93 -1.50 27.68
CA VAL H 182 4.51 -0.17 27.55
C VAL H 182 3.87 0.55 26.34
N VAL H 183 3.82 1.87 26.38
CA VAL H 183 3.02 2.63 25.43
C VAL H 183 3.76 3.78 24.73
N VAL H 184 3.49 3.90 23.43
CA VAL H 184 3.74 5.12 22.70
C VAL H 184 2.41 5.64 22.20
N MET H 185 2.04 6.80 22.69
CA MET H 185 0.70 7.32 22.42
C MET H 185 0.83 8.53 21.54
N LYS H 186 0.07 8.54 20.44
CA LYS H 186 -0.08 9.70 19.60
C LYS H 186 -1.39 10.36 19.93
N VAL H 187 -1.36 11.67 20.21
CA VAL H 187 -2.57 12.42 20.45
C VAL H 187 -2.98 13.28 19.26
N ALA H 188 -4.23 13.69 19.28
CA ALA H 188 -4.81 14.49 18.23
C ALA H 188 -4.27 15.92 18.31
N GLU H 189 -4.06 16.55 17.14
CA GLU H 189 -3.54 17.90 17.03
C GLU H 189 -4.53 18.97 17.48
N GLN H 190 -5.80 18.62 17.39
CA GLN H 190 -6.87 19.46 17.86
C GLN H 190 -6.81 19.58 19.38
N THR H 191 -6.38 18.53 20.09
CA THR H 191 -6.53 18.46 21.55
C THR H 191 -5.38 17.77 22.28
N PRO H 192 -4.14 18.27 22.13
CA PRO H 192 -3.04 17.58 22.76
C PRO H 192 -2.77 17.95 24.23
N LEU H 193 -3.32 19.06 24.72
CA LEU H 193 -2.85 19.66 25.98
C LEU H 193 -3.21 18.88 27.25
N THR H 194 -4.36 18.24 27.28
CA THR H 194 -4.71 17.45 28.47
C THR H 194 -3.88 16.15 28.62
N ALA H 195 -3.77 15.38 27.53
CA ALA H 195 -2.96 14.15 27.52
C ALA H 195 -1.51 14.38 27.86
N LEU H 196 -1.00 15.58 27.57
CA LEU H 196 0.38 15.94 27.93
C LEU H 196 0.57 16.32 29.41
N TYR H 197 -0.42 16.98 30.02
CA TYR H 197 -0.31 17.32 31.44
C TYR H 197 -0.33 16.04 32.27
N VAL H 198 -1.14 15.08 31.87
CA VAL H 198 -1.20 13.80 32.54
C VAL H 198 0.13 13.02 32.45
N ALA H 199 0.94 13.29 31.42
CA ALA H 199 2.30 12.77 31.36
C ALA H 199 3.14 13.18 32.58
N ASN H 200 3.08 14.46 32.95
CA ASN H 200 3.73 14.93 34.19
C ASN H 200 3.22 14.18 35.41
N LEU H 201 1.91 13.92 35.45
CA LEU H 201 1.30 13.18 36.56
C LEU H 201 1.77 11.74 36.58
N ILE H 202 1.88 11.16 35.40
CA ILE H 202 2.37 9.80 35.25
C ILE H 202 3.78 9.67 35.82
N LYS H 203 4.65 10.62 35.50
CA LYS H 203 5.98 10.59 36.09
C LYS H 203 5.91 10.90 37.59
N GLU H 204 4.97 11.75 37.98
CA GLU H 204 4.74 12.03 39.40
C GLU H 204 4.29 10.79 40.17
N ALA H 205 3.40 9.99 39.59
CA ALA H 205 2.93 8.76 40.25
C ALA H 205 4.07 7.78 40.61
N GLY H 206 5.09 7.70 39.76
CA GLY H 206 6.23 6.81 39.99
C GLY H 206 6.51 5.81 38.88
N PHE H 207 5.72 5.87 37.80
CA PHE H 207 5.89 4.97 36.68
C PHE H 207 7.30 5.12 36.14
N PRO H 208 8.04 4.01 36.00
CA PRO H 208 9.39 4.11 35.46
C PRO H 208 9.45 4.82 34.09
N PRO H 209 10.54 5.48 33.79
CA PRO H 209 10.71 6.11 32.49
C PRO H 209 10.63 5.12 31.29
N GLY H 210 9.87 5.48 30.27
CA GLY H 210 9.66 4.61 29.10
C GLY H 210 8.33 3.88 29.06
N VAL H 211 7.70 3.68 30.21
CA VAL H 211 6.46 2.91 30.23
C VAL H 211 5.37 3.64 29.44
N VAL H 212 5.29 4.95 29.61
CA VAL H 212 4.39 5.77 28.79
C VAL H 212 5.21 6.85 28.08
N ASN H 213 5.06 6.92 26.76
CA ASN H 213 5.67 7.92 25.93
C ASN H 213 4.58 8.59 25.08
N ILE H 214 4.61 9.92 25.02
CA ILE H 214 3.58 10.65 24.26
C ILE H 214 4.19 11.54 23.19
N VAL H 215 3.65 11.44 21.99
CA VAL H 215 4.15 12.18 20.85
C VAL H 215 2.99 12.95 20.22
N PRO H 216 2.93 14.26 20.47
CA PRO H 216 1.96 15.04 19.70
C PRO H 216 2.48 15.31 18.28
N GLY H 217 1.57 15.45 17.34
CA GLY H 217 1.92 15.74 15.96
C GLY H 217 0.73 15.45 15.07
N PHE H 218 0.98 15.35 13.76
CA PHE H 218 -0.07 15.04 12.79
C PHE H 218 -0.07 13.54 12.44
N GLY H 219 -1.22 13.08 11.93
CA GLY H 219 -1.49 11.65 11.75
C GLY H 219 -0.81 10.99 10.55
N PRO H 220 -0.95 11.58 9.35
CA PRO H 220 -0.25 11.08 8.17
C PRO H 220 1.23 10.81 8.45
N THR H 221 1.80 11.50 9.43
CA THR H 221 3.19 11.36 9.84
C THR H 221 3.31 10.48 11.09
N ALA H 222 3.13 11.08 12.26
CA ALA H 222 3.42 10.41 13.54
C ALA H 222 2.63 9.12 13.71
N GLY H 223 1.37 9.13 13.32
CA GLY H 223 0.49 7.96 13.44
C GLY H 223 0.87 6.86 12.46
N ALA H 224 1.12 7.25 11.22
CA ALA H 224 1.62 6.34 10.21
C ALA H 224 2.92 5.70 10.67
N ALA H 225 3.80 6.48 11.29
CA ALA H 225 5.09 5.99 11.78
C ALA H 225 4.95 4.95 12.88
N ILE H 226 4.05 5.21 13.83
CA ILE H 226 3.76 4.27 14.89
C ILE H 226 3.16 2.99 14.30
N ALA H 227 2.24 3.15 13.36
CA ALA H 227 1.48 2.04 12.80
C ALA H 227 2.36 1.15 11.91
N SER H 228 3.41 1.74 11.34
CA SER H 228 4.31 1.03 10.43
C SER H 228 5.58 0.55 11.09
N HIS H 229 5.82 0.95 12.34
CA HIS H 229 7.11 0.69 12.97
C HIS H 229 7.30 -0.79 13.29
N GLU H 230 8.43 -1.33 12.86
CA GLU H 230 8.70 -2.77 12.90
C GLU H 230 8.96 -3.33 14.31
N ASP H 231 9.21 -2.44 15.27
CA ASP H 231 9.33 -2.84 16.67
C ASP H 231 8.08 -2.56 17.52
N VAL H 232 6.97 -2.26 16.87
CA VAL H 232 5.71 -2.11 17.58
C VAL H 232 4.90 -3.40 17.43
N ASP H 233 4.58 -4.02 18.56
CA ASP H 233 3.85 -5.29 18.61
C ASP H 233 2.34 -5.14 18.38
N LYS H 234 1.76 -4.07 18.92
CA LYS H 234 0.31 -3.85 18.90
C LYS H 234 -0.02 -2.37 18.62
N VAL H 235 -1.10 -2.15 17.88
CA VAL H 235 -1.63 -0.80 17.71
C VAL H 235 -3.14 -0.73 18.00
N ALA H 236 -3.50 0.22 18.85
CA ALA H 236 -4.90 0.54 19.06
C ALA H 236 -5.15 1.89 18.39
N PHE H 237 -6.15 1.92 17.52
CA PHE H 237 -6.57 3.13 16.85
C PHE H 237 -8.06 3.35 17.09
N THR H 238 -8.41 4.55 17.52
CA THR H 238 -9.80 4.97 17.53
C THR H 238 -9.87 6.21 16.67
N GLY H 239 -10.84 6.25 15.77
CA GLY H 239 -10.92 7.30 14.75
C GLY H 239 -11.97 6.97 13.72
N SER H 240 -11.84 7.54 12.52
CA SER H 240 -12.76 7.22 11.42
C SER H 240 -12.42 5.89 10.76
N THR H 241 -13.43 5.29 10.12
CA THR H 241 -13.28 4.05 9.35
C THR H 241 -12.17 4.18 8.29
N GLU H 242 -12.15 5.32 7.61
CA GLU H 242 -11.25 5.56 6.48
C GLU H 242 -9.78 5.38 6.86
N ILE H 243 -9.35 6.06 7.93
CA ILE H 243 -7.98 5.94 8.44
C ILE H 243 -7.76 4.54 9.03
N GLY H 244 -8.79 3.99 9.67
CA GLY H 244 -8.75 2.63 10.20
C GLY H 244 -8.32 1.57 9.19
N ARG H 245 -8.75 1.74 7.94
CA ARG H 245 -8.34 0.84 6.86
C ARG H 245 -6.85 0.94 6.55
N VAL H 246 -6.30 2.14 6.62
CA VAL H 246 -4.86 2.35 6.41
C VAL H 246 -4.07 1.63 7.51
N ILE H 247 -4.54 1.79 8.75
CA ILE H 247 -3.89 1.20 9.93
C ILE H 247 -3.75 -0.32 9.82
N GLN H 248 -4.85 -1.02 9.49
CA GLN H 248 -4.85 -2.50 9.44
C GLN H 248 -4.05 -2.99 8.23
N VAL H 249 -4.11 -2.24 7.14
CA VAL H 249 -3.25 -2.45 5.98
C VAL H 249 -1.79 -2.30 6.38
N ALA H 250 -1.48 -1.23 7.10
CA ALA H 250 -0.09 -0.89 7.43
C ALA H 250 0.55 -1.91 8.39
N ALA H 251 -0.27 -2.42 9.32
CA ALA H 251 0.13 -3.49 10.23
C ALA H 251 0.45 -4.80 9.49
N GLY H 252 -0.34 -5.12 8.47
CA GLY H 252 -0.06 -6.25 7.58
C GLY H 252 1.18 -6.01 6.75
N SER H 253 1.37 -4.78 6.28
CA SER H 253 2.57 -4.41 5.49
C SER H 253 3.85 -4.30 6.30
N SER H 254 3.75 -4.38 7.62
CA SER H 254 4.91 -4.18 8.50
C SER H 254 5.36 -5.48 9.15
N ASN H 255 4.84 -5.76 10.35
CA ASN H 255 5.33 -6.85 11.18
C ASN H 255 4.21 -7.69 11.82
N LEU H 256 3.10 -7.86 11.13
CA LEU H 256 2.00 -8.70 11.62
C LEU H 256 1.58 -8.31 13.04
N LYS H 257 1.68 -7.02 13.34
CA LYS H 257 1.36 -6.50 14.65
C LYS H 257 -0.14 -6.61 14.94
N ARG H 258 -0.49 -6.78 16.20
CA ARG H 258 -1.88 -6.93 16.60
C ARG H 258 -2.64 -5.62 16.39
N VAL H 259 -3.93 -5.72 16.15
CA VAL H 259 -4.77 -4.57 15.78
C VAL H 259 -6.13 -4.64 16.48
N THR H 260 -6.55 -3.49 17.01
CA THR H 260 -7.92 -3.27 17.50
C THR H 260 -8.35 -1.86 17.09
N LEU H 261 -9.56 -1.76 16.55
CA LEU H 261 -10.11 -0.49 16.07
C LEU H 261 -11.45 -0.20 16.73
N GLU H 262 -11.61 1.03 17.19
CA GLU H 262 -12.92 1.54 17.57
C GLU H 262 -13.22 2.65 16.56
N LEU H 263 -14.26 2.46 15.77
CA LEU H 263 -14.53 3.33 14.64
C LEU H 263 -15.88 4.05 14.77
N GLY H 264 -16.34 4.68 13.69
CA GLY H 264 -17.60 5.40 13.71
C GLY H 264 -18.82 4.51 13.80
N GLY H 265 -19.97 5.13 14.04
CA GLY H 265 -21.25 4.42 14.02
C GLY H 265 -22.34 5.29 13.40
N LYS H 266 -23.49 4.67 13.11
CA LYS H 266 -24.71 5.41 12.81
C LYS H 266 -25.81 4.81 13.67
N SER H 267 -25.62 4.93 14.98
CA SER H 267 -26.39 4.11 15.90
C SER H 267 -27.87 4.47 15.94
N PRO H 268 -28.74 3.45 15.85
CA PRO H 268 -30.17 3.63 15.89
C PRO H 268 -30.77 3.71 17.29
N ASN H 269 -31.55 4.77 17.52
CA ASN H 269 -32.31 4.94 18.74
C ASN H 269 -33.74 4.66 18.36
N ILE H 270 -34.33 3.62 18.95
CA ILE H 270 -35.68 3.18 18.60
C ILE H 270 -36.67 3.49 19.72
N ILE H 271 -37.76 4.18 19.39
CA ILE H 271 -38.82 4.47 20.34
C ILE H 271 -40.08 3.71 19.93
N MET H 272 -40.55 2.80 20.79
CA MET H 272 -41.79 2.07 20.54
C MET H 272 -42.97 2.89 21.06
N SER H 273 -44.17 2.65 20.54
CA SER H 273 -45.37 3.42 20.92
C SER H 273 -45.64 3.53 22.43
N ASP H 274 -45.24 2.49 23.20
CA ASP H 274 -45.56 2.36 24.64
C ASP H 274 -44.49 2.93 25.58
N ALA H 275 -43.61 3.76 25.04
CA ALA H 275 -42.51 4.33 25.79
C ALA H 275 -42.97 5.55 26.56
N ASP H 276 -42.30 5.85 27.67
CA ASP H 276 -42.60 7.09 28.39
C ASP H 276 -42.18 8.25 27.51
N MET H 277 -43.15 8.89 26.88
CA MET H 277 -42.91 10.02 25.97
C MET H 277 -41.83 10.95 26.52
N ASP H 278 -42.04 11.45 27.73
CA ASP H 278 -41.17 12.49 28.24
C ASP H 278 -39.76 11.99 28.54
N TRP H 279 -39.62 10.69 28.83
CA TRP H 279 -38.31 10.10 29.09
C TRP H 279 -37.59 9.83 27.76
N ALA H 280 -38.31 9.22 26.84
CA ALA H 280 -37.79 8.91 25.51
C ALA H 280 -37.36 10.15 24.73
N VAL H 281 -38.13 11.25 24.84
CA VAL H 281 -37.83 12.49 24.11
C VAL H 281 -36.57 13.12 24.62
N GLU H 282 -36.47 13.18 25.95
CA GLU H 282 -35.35 13.83 26.61
C GLU H 282 -34.05 13.01 26.45
N GLN H 283 -34.17 11.70 26.40
CA GLN H 283 -33.01 10.82 26.22
C GLN H 283 -32.57 10.76 24.74
N ALA H 284 -33.52 10.82 23.82
CA ALA H 284 -33.20 10.92 22.38
C ALA H 284 -32.42 12.18 22.09
N HIS H 285 -32.77 13.25 22.82
CA HIS H 285 -32.07 14.51 22.70
C HIS H 285 -30.66 14.41 23.26
N PHE H 286 -30.53 13.81 24.45
CA PHE H 286 -29.20 13.52 25.00
C PHE H 286 -28.41 12.65 24.01
N ALA H 287 -29.03 11.57 23.54
CA ALA H 287 -28.35 10.60 22.70
C ALA H 287 -27.59 11.23 21.51
N LEU H 288 -28.15 12.27 20.91
CA LEU H 288 -27.51 12.91 19.77
C LEU H 288 -26.72 14.19 20.07
N PHE H 289 -27.25 15.08 20.89
CA PHE H 289 -26.58 16.37 21.07
C PHE H 289 -25.46 16.34 22.08
N PHE H 290 -25.40 15.31 22.92
CA PHE H 290 -24.32 15.21 23.91
C PHE H 290 -22.97 15.32 23.24
N ASN H 291 -22.12 16.16 23.81
CA ASN H 291 -20.78 16.38 23.28
C ASN H 291 -20.79 17.01 21.86
N GLN H 292 -21.76 17.88 21.62
CA GLN H 292 -21.97 18.56 20.32
C GLN H 292 -22.05 17.57 19.17
N GLY H 293 -22.84 16.51 19.33
CA GLY H 293 -22.93 15.42 18.35
C GLY H 293 -21.67 14.63 18.07
N GLN H 294 -20.60 14.85 18.81
CA GLN H 294 -19.28 14.30 18.44
C GLN H 294 -19.02 13.05 19.25
N CYS H 295 -19.84 12.05 18.97
CA CYS H 295 -19.87 10.82 19.71
C CYS H 295 -19.91 9.68 18.72
N CYS H 296 -18.96 8.76 18.81
CA CYS H 296 -18.95 7.57 17.94
C CYS H 296 -20.28 6.80 18.00
N CYS H 297 -20.94 6.78 19.16
CA CYS H 297 -22.29 6.17 19.29
C CYS H 297 -23.49 7.14 19.42
N ALA H 298 -23.37 8.36 18.89
CA ALA H 298 -24.52 9.26 18.82
C ALA H 298 -25.76 8.53 18.29
N GLY H 299 -26.91 8.75 18.94
CA GLY H 299 -28.17 8.17 18.48
C GLY H 299 -28.66 8.95 17.28
N SER H 300 -28.00 8.74 16.15
CA SER H 300 -28.17 9.58 14.95
C SER H 300 -29.23 9.03 14.00
N ARG H 301 -29.87 7.94 14.39
CA ARG H 301 -31.10 7.51 13.74
C ARG H 301 -32.15 7.30 14.79
N THR H 302 -33.07 8.28 14.92
CA THR H 302 -34.11 8.20 15.91
C THR H 302 -35.35 7.66 15.22
N PHE H 303 -35.61 6.37 15.41
CA PHE H 303 -36.73 5.68 14.82
C PHE H 303 -37.94 5.84 15.74
N VAL H 304 -39.08 6.24 15.21
CA VAL H 304 -40.27 6.42 16.06
C VAL H 304 -41.48 5.73 15.49
N GLN H 305 -42.17 4.96 16.32
CA GLN H 305 -43.37 4.25 15.91
C GLN H 305 -44.42 5.27 15.46
N GLU H 306 -45.06 5.00 14.33
CA GLU H 306 -45.93 5.98 13.66
C GLU H 306 -47.07 6.55 14.53
N ASP H 307 -47.55 5.78 15.51
CA ASP H 307 -48.68 6.21 16.33
C ASP H 307 -48.33 7.40 17.23
N ILE H 308 -47.04 7.58 17.50
CA ILE H 308 -46.56 8.63 18.41
C ILE H 308 -45.62 9.60 17.69
N TYR H 309 -45.39 9.36 16.40
CA TYR H 309 -44.42 10.14 15.62
C TYR H 309 -44.61 11.66 15.65
N ASP H 310 -45.82 12.15 15.39
CA ASP H 310 -46.04 13.60 15.25
C ASP H 310 -45.72 14.28 16.57
N GLU H 311 -46.24 13.70 17.65
CA GLU H 311 -46.02 14.19 19.01
C GLU H 311 -44.53 14.20 19.37
N PHE H 312 -43.86 13.07 19.13
CA PHE H 312 -42.41 12.98 19.40
C PHE H 312 -41.65 14.09 18.69
N VAL H 313 -41.95 14.27 17.40
CA VAL H 313 -41.25 15.27 16.59
C VAL H 313 -41.40 16.65 17.21
N GLU H 314 -42.63 17.08 17.48
CA GLU H 314 -42.91 18.41 18.07
C GLU H 314 -42.15 18.66 19.39
N ARG H 315 -42.13 17.67 20.29
CA ARG H 315 -41.38 17.80 21.56
C ARG H 315 -39.87 17.87 21.35
N SER H 316 -39.36 17.13 20.37
CA SER H 316 -37.92 17.11 20.08
C SER H 316 -37.46 18.41 19.44
N VAL H 317 -38.21 18.89 18.44
CA VAL H 317 -37.99 20.21 17.83
C VAL H 317 -37.97 21.29 18.90
N ALA H 318 -38.94 21.25 19.82
CA ALA H 318 -39.02 22.25 20.88
C ALA H 318 -37.83 22.19 21.87
N ARG H 319 -37.38 20.98 22.20
CA ARG H 319 -36.23 20.79 23.09
C ARG H 319 -34.92 21.19 22.40
N ALA H 320 -34.85 20.97 21.09
CA ALA H 320 -33.73 21.46 20.29
C ALA H 320 -33.65 23.00 20.30
N LYS H 321 -34.78 23.68 20.13
CA LYS H 321 -34.83 25.17 20.18
C LYS H 321 -34.47 25.75 21.54
N SER H 322 -34.76 25.01 22.60
CA SER H 322 -34.40 25.44 23.95
C SER H 322 -32.90 25.37 24.20
N ARG H 323 -32.21 24.51 23.45
CA ARG H 323 -30.80 24.20 23.71
C ARG H 323 -29.91 25.45 23.60
N VAL H 324 -29.20 25.75 24.67
CA VAL H 324 -28.38 26.95 24.77
C VAL H 324 -27.00 26.73 24.18
N VAL H 325 -26.57 27.65 23.33
CA VAL H 325 -25.26 27.59 22.71
C VAL H 325 -24.46 28.82 23.13
N GLY H 326 -23.15 28.69 23.26
CA GLY H 326 -22.33 29.83 23.67
C GLY H 326 -21.10 29.43 24.47
N ASN H 327 -20.42 30.43 25.02
CA ASN H 327 -19.16 30.22 25.72
C ASN H 327 -19.25 29.01 26.62
N PRO H 328 -18.39 28.00 26.39
CA PRO H 328 -18.54 26.74 27.15
C PRO H 328 -18.21 26.87 28.66
N PHE H 329 -17.44 27.89 29.04
CA PHE H 329 -17.19 28.19 30.45
C PHE H 329 -18.39 28.77 31.19
N ASP H 330 -19.47 29.07 30.48
CA ASP H 330 -20.71 29.61 31.07
C ASP H 330 -21.67 28.49 31.48
N SER H 331 -22.01 28.47 32.78
CA SER H 331 -22.88 27.43 33.38
C SER H 331 -24.18 27.13 32.64
N LYS H 332 -24.71 28.14 31.95
CA LYS H 332 -25.97 28.02 31.23
C LYS H 332 -25.82 27.20 29.94
N THR H 333 -24.60 27.15 29.41
CA THR H 333 -24.37 26.54 28.09
C THR H 333 -24.61 25.02 28.05
N GLU H 334 -25.48 24.58 27.13
CA GLU H 334 -25.61 23.15 26.86
C GLU H 334 -24.62 22.69 25.77
N GLN H 335 -24.47 23.51 24.73
CA GLN H 335 -23.69 23.20 23.55
C GLN H 335 -22.61 24.27 23.26
N GLY H 336 -21.35 23.85 23.35
CA GLY H 336 -20.23 24.67 22.88
C GLY H 336 -19.97 24.41 21.40
N PRO H 337 -18.79 24.81 20.90
CA PRO H 337 -18.50 24.75 19.48
C PRO H 337 -18.13 23.35 19.03
N GLN H 338 -18.09 23.15 17.72
CA GLN H 338 -17.50 21.94 17.18
C GLN H 338 -16.02 22.10 17.38
N VAL H 339 -15.24 21.05 17.10
CA VAL H 339 -13.87 20.98 17.59
C VAL H 339 -12.92 21.83 16.78
N ASP H 340 -13.15 21.92 15.46
CA ASP H 340 -12.32 22.78 14.62
C ASP H 340 -13.01 23.10 13.29
N GLU H 341 -12.31 23.79 12.38
CA GLU H 341 -12.92 24.31 11.15
C GLU H 341 -13.28 23.22 10.15
N THR H 342 -12.47 22.18 10.05
CA THR H 342 -12.77 21.05 9.16
C THR H 342 -14.13 20.40 9.50
N GLN H 343 -14.39 20.15 10.78
CA GLN H 343 -15.69 19.58 11.16
C GLN H 343 -16.83 20.55 10.87
N PHE H 344 -16.64 21.80 11.30
CA PHE H 344 -17.58 22.87 11.01
C PHE H 344 -18.04 22.81 9.55
N LYS H 345 -17.07 22.80 8.63
CA LYS H 345 -17.36 22.79 7.19
C LYS H 345 -17.97 21.48 6.74
N LYS H 346 -17.59 20.38 7.40
CA LYS H 346 -18.21 19.09 7.11
C LYS H 346 -19.67 19.09 7.53
N ILE H 347 -19.97 19.72 8.66
CA ILE H 347 -21.33 19.65 9.19
C ILE H 347 -22.29 20.50 8.36
N LEU H 348 -21.81 21.63 7.84
CA LEU H 348 -22.62 22.45 6.92
C LEU H 348 -22.87 21.73 5.62
N GLY H 349 -21.83 21.07 5.13
CA GLY H 349 -21.96 20.19 3.96
C GLY H 349 -23.12 19.23 4.11
N TYR H 350 -23.16 18.50 5.24
CA TYR H 350 -24.24 17.56 5.56
C TYR H 350 -25.62 18.20 5.74
N ILE H 351 -25.68 19.35 6.40
CA ILE H 351 -26.95 20.05 6.52
C ILE H 351 -27.51 20.37 5.13
N ASN H 352 -26.66 20.92 4.26
CA ASN H 352 -27.06 21.20 2.88
C ASN H 352 -27.44 19.91 2.15
N THR H 353 -26.78 18.81 2.45
CA THR H 353 -27.11 17.53 1.84
C THR H 353 -28.53 17.07 2.21
N GLY H 354 -28.87 17.14 3.49
CA GLY H 354 -30.22 16.83 3.94
C GLY H 354 -31.30 17.63 3.20
N LYS H 355 -31.10 18.95 3.09
CA LYS H 355 -32.03 19.83 2.36
C LYS H 355 -32.22 19.40 0.90
N GLN H 356 -31.12 19.12 0.20
CA GLN H 356 -31.15 18.70 -1.22
C GLN H 356 -31.78 17.33 -1.49
N GLU H 357 -31.77 16.44 -0.49
CA GLU H 357 -32.32 15.08 -0.64
C GLU H 357 -33.82 14.98 -0.31
N GLY H 358 -34.39 16.06 0.21
CA GLY H 358 -35.83 16.11 0.50
C GLY H 358 -36.18 15.78 1.95
N ALA H 359 -35.20 15.85 2.83
CA ALA H 359 -35.47 15.72 4.24
C ALA H 359 -36.02 17.05 4.73
N LYS H 360 -36.96 17.00 5.66
CA LYS H 360 -37.62 18.17 6.15
C LYS H 360 -36.81 18.84 7.25
N LEU H 361 -36.34 20.04 6.99
CA LEU H 361 -35.69 20.85 8.01
C LEU H 361 -36.74 21.44 8.95
N LEU H 362 -36.63 21.11 10.23
CA LEU H 362 -37.62 21.50 11.22
C LEU H 362 -37.15 22.58 12.16
N CYS H 363 -35.84 22.71 12.36
CA CYS H 363 -35.30 23.85 13.13
C CYS H 363 -33.82 24.03 12.82
N GLY H 364 -33.25 25.12 13.33
CA GLY H 364 -31.82 25.43 13.17
C GLY H 364 -31.31 25.30 11.75
N GLY H 365 -30.09 24.78 11.61
CA GLY H 365 -29.55 24.43 10.30
C GLY H 365 -28.60 25.44 9.70
N GLY H 366 -27.99 26.25 10.56
CA GLY H 366 -27.03 27.26 10.15
C GLY H 366 -26.06 27.55 11.28
N ILE H 367 -25.22 28.55 11.06
CA ILE H 367 -24.17 28.94 11.98
C ILE H 367 -24.80 29.71 13.13
N ALA H 368 -24.21 29.58 14.33
CA ALA H 368 -24.82 30.06 15.58
C ALA H 368 -24.05 31.15 16.31
N ALA H 369 -22.92 31.60 15.77
CA ALA H 369 -22.21 32.76 16.31
C ALA H 369 -21.31 33.33 15.23
N ASP H 370 -20.54 34.34 15.57
CA ASP H 370 -19.59 34.90 14.63
C ASP H 370 -18.19 34.33 14.85
N ARG H 371 -17.75 34.29 16.11
CA ARG H 371 -16.45 33.69 16.46
C ARG H 371 -16.59 32.20 16.75
N GLY H 372 -15.57 31.43 16.40
CA GLY H 372 -15.53 30.00 16.64
C GLY H 372 -16.52 29.19 15.82
N TYR H 373 -16.57 27.89 16.11
CA TYR H 373 -17.29 26.93 15.26
C TYR H 373 -18.55 26.44 15.95
N PHE H 374 -19.54 27.33 16.03
CA PHE H 374 -20.83 27.03 16.61
C PHE H 374 -21.86 26.77 15.53
N ILE H 375 -22.62 25.71 15.71
CA ILE H 375 -23.65 25.32 14.77
C ILE H 375 -24.95 25.24 15.52
N GLN H 376 -26.04 25.64 14.89
CA GLN H 376 -27.34 25.58 15.51
C GLN H 376 -27.78 24.13 15.68
N PRO H 377 -28.46 23.81 16.80
CA PRO H 377 -29.01 22.47 16.86
C PRO H 377 -30.05 22.29 15.78
N THR H 378 -29.95 21.19 15.05
CA THR H 378 -30.70 21.03 13.81
C THR H 378 -31.45 19.74 13.86
N VAL H 379 -32.68 19.75 13.38
CA VAL H 379 -33.48 18.55 13.33
C VAL H 379 -34.07 18.37 11.94
N PHE H 380 -33.85 17.18 11.37
CA PHE H 380 -34.43 16.80 10.09
C PHE H 380 -35.54 15.83 10.39
N GLY H 381 -36.60 15.90 9.60
CA GLY H 381 -37.76 15.01 9.78
C GLY H 381 -38.02 14.16 8.55
N ASP H 382 -38.89 13.16 8.71
CA ASP H 382 -39.29 12.27 7.62
C ASP H 382 -38.14 11.67 6.81
N VAL H 383 -37.02 11.44 7.49
CA VAL H 383 -35.83 10.92 6.86
C VAL H 383 -36.12 9.52 6.32
N GLN H 384 -35.51 9.18 5.19
CA GLN H 384 -35.70 7.87 4.59
C GLN H 384 -34.37 7.16 4.59
N ASP H 385 -34.42 5.82 4.62
CA ASP H 385 -33.21 4.98 4.75
C ASP H 385 -32.22 5.16 3.60
N GLY H 386 -32.75 5.49 2.44
CA GLY H 386 -31.94 5.66 1.25
C GLY H 386 -31.14 6.95 1.24
N MET H 387 -31.50 7.91 2.07
CA MET H 387 -30.81 9.19 2.10
C MET H 387 -29.39 9.09 2.63
N THR H 388 -28.54 10.00 2.19
CA THR H 388 -27.15 10.06 2.61
C THR H 388 -26.97 10.44 4.08
N ILE H 389 -27.75 11.40 4.56
CA ILE H 389 -27.69 11.77 5.98
C ILE H 389 -28.26 10.67 6.87
N ALA H 390 -28.96 9.70 6.29
CA ALA H 390 -29.36 8.52 7.02
C ALA H 390 -28.26 7.45 7.08
N LYS H 391 -27.24 7.56 6.24
CA LYS H 391 -26.21 6.51 6.12
C LYS H 391 -24.85 6.91 6.69
N GLU H 392 -24.44 8.13 6.42
CA GLU H 392 -23.09 8.56 6.80
C GLU H 392 -23.05 9.19 8.18
N GLU H 393 -21.94 8.96 8.87
CA GLU H 393 -21.72 9.53 10.18
C GLU H 393 -21.43 11.02 10.01
N ILE H 394 -22.30 11.85 10.59
CA ILE H 394 -22.23 13.30 10.43
C ILE H 394 -21.33 13.92 11.49
N PHE H 395 -21.54 13.55 12.75
CA PHE H 395 -20.64 13.92 13.86
C PHE H 395 -20.86 15.37 14.33
N GLY H 396 -22.11 15.78 14.42
CA GLY H 396 -22.49 17.14 14.81
C GLY H 396 -23.94 17.24 15.28
N PRO H 397 -24.38 18.45 15.66
CA PRO H 397 -25.69 18.64 16.29
C PRO H 397 -26.82 18.52 15.28
N VAL H 398 -26.96 17.35 14.68
CA VAL H 398 -27.91 17.14 13.60
C VAL H 398 -28.69 15.83 13.80
N MET H 399 -29.93 15.96 14.24
CA MET H 399 -30.79 14.83 14.54
C MET H 399 -31.62 14.45 13.32
N GLN H 400 -31.75 13.14 13.10
CA GLN H 400 -32.63 12.58 12.09
C GLN H 400 -33.73 11.89 12.82
N ILE H 401 -34.94 11.96 12.26
CA ILE H 401 -36.07 11.24 12.81
C ILE H 401 -36.82 10.51 11.71
N LEU H 402 -36.93 9.19 11.82
CA LEU H 402 -37.59 8.36 10.83
C LEU H 402 -38.84 7.74 11.44
N LYS H 403 -39.70 7.20 10.60
CA LYS H 403 -40.98 6.66 11.01
C LYS H 403 -41.03 5.19 10.64
N PHE H 404 -41.43 4.33 11.57
CA PHE H 404 -41.63 2.92 11.25
C PHE H 404 -43.02 2.44 11.70
N LYS H 405 -43.42 1.27 11.20
CA LYS H 405 -44.72 0.68 11.58
C LYS H 405 -44.59 -0.49 12.58
N THR H 406 -43.86 -1.54 12.20
CA THR H 406 -43.76 -2.74 13.04
C THR H 406 -42.34 -3.01 13.54
N ILE H 407 -42.27 -3.82 14.60
CA ILE H 407 -41.00 -4.23 15.19
C ILE H 407 -40.16 -5.07 14.22
N GLU H 408 -40.79 -5.92 13.40
CA GLU H 408 -40.05 -6.73 12.40
C GLU H 408 -39.40 -5.84 11.33
N GLU H 409 -40.11 -4.80 10.91
CA GLU H 409 -39.63 -3.85 9.89
C GLU H 409 -38.41 -3.12 10.43
N VAL H 410 -38.58 -2.53 11.62
CA VAL H 410 -37.56 -1.66 12.19
C VAL H 410 -36.26 -2.38 12.51
N VAL H 411 -36.34 -3.69 12.75
CA VAL H 411 -35.14 -4.52 12.93
C VAL H 411 -34.29 -4.59 11.67
N GLY H 412 -34.92 -4.92 10.54
CA GLY H 412 -34.18 -4.95 9.28
C GLY H 412 -33.60 -3.59 8.90
N ARG H 413 -34.28 -2.51 9.28
CA ARG H 413 -33.85 -1.19 8.88
C ARG H 413 -32.73 -0.65 9.77
N ALA H 414 -32.84 -0.89 11.07
CA ALA H 414 -31.77 -0.58 12.03
C ALA H 414 -30.48 -1.34 11.71
N ASN H 415 -30.62 -2.63 11.40
CA ASN H 415 -29.48 -3.47 11.06
C ASN H 415 -28.87 -3.19 9.67
N ASN H 416 -29.65 -2.68 8.74
CA ASN H 416 -29.16 -2.42 7.38
C ASN H 416 -28.21 -1.23 7.34
N SER H 417 -26.99 -1.48 7.84
CA SER H 417 -25.94 -0.48 7.92
C SER H 417 -24.60 -1.20 7.92
N THR H 418 -23.55 -0.49 7.50
CA THR H 418 -22.18 -0.95 7.60
C THR H 418 -21.66 -0.75 9.03
N TYR H 419 -22.27 0.19 9.76
CA TYR H 419 -21.91 0.43 11.15
C TYR H 419 -22.71 -0.50 12.07
N GLY H 420 -22.19 -0.70 13.29
CA GLY H 420 -22.88 -1.47 14.33
C GLY H 420 -22.24 -1.27 15.69
N LEU H 421 -22.11 -0.02 16.12
CA LEU H 421 -21.46 0.27 17.37
C LEU H 421 -22.46 0.22 18.52
N ALA H 422 -23.66 0.74 18.29
CA ALA H 422 -24.60 0.92 19.37
C ALA H 422 -26.03 0.87 18.88
N ALA H 423 -26.95 0.92 19.82
CA ALA H 423 -28.37 0.92 19.52
C ALA H 423 -29.15 0.98 20.84
N ALA H 424 -30.32 1.57 20.82
CA ALA H 424 -31.10 1.72 22.03
C ALA H 424 -32.56 1.47 21.77
N VAL H 425 -33.27 1.04 22.81
CA VAL H 425 -34.70 0.76 22.71
C VAL H 425 -35.43 1.32 23.89
N PHE H 426 -36.54 1.96 23.61
CA PHE H 426 -37.40 2.49 24.65
C PHE H 426 -38.76 1.84 24.56
N THR H 427 -39.13 1.12 25.61
CA THR H 427 -40.35 0.31 25.60
C THR H 427 -40.65 -0.10 27.02
N LYS H 428 -41.90 -0.43 27.29
CA LYS H 428 -42.29 -0.94 28.62
C LYS H 428 -42.47 -2.45 28.57
N ASP H 429 -42.59 -3.00 27.37
CA ASP H 429 -42.86 -4.43 27.18
C ASP H 429 -41.56 -5.24 27.28
N LEU H 430 -41.63 -6.37 27.96
CA LEU H 430 -40.48 -7.18 28.29
C LEU H 430 -40.05 -7.91 27.04
N ASP H 431 -41.00 -8.58 26.42
CA ASP H 431 -40.76 -9.28 25.15
C ASP H 431 -40.28 -8.35 24.01
N LYS H 432 -40.70 -7.07 24.01
CA LYS H 432 -40.20 -6.11 23.02
C LYS H 432 -38.74 -5.79 23.25
N ALA H 433 -38.42 -5.45 24.50
CA ALA H 433 -37.02 -5.26 24.90
C ALA H 433 -36.14 -6.48 24.56
N ASN H 434 -36.64 -7.68 24.80
CA ASN H 434 -35.85 -8.89 24.61
C ASN H 434 -35.69 -9.28 23.14
N TYR H 435 -36.77 -9.19 22.37
CA TYR H 435 -36.74 -9.33 20.91
C TYR H 435 -35.68 -8.42 20.29
N LEU H 436 -35.73 -7.14 20.64
CA LEU H 436 -34.79 -6.14 20.09
C LEU H 436 -33.36 -6.27 20.59
N SER H 437 -33.17 -6.42 21.89
CA SER H 437 -31.84 -6.66 22.42
C SER H 437 -31.18 -7.84 21.73
N GLN H 438 -31.90 -8.93 21.50
CA GLN H 438 -31.29 -10.07 20.78
C GLN H 438 -30.99 -9.79 19.30
N ALA H 439 -31.98 -9.28 18.58
CA ALA H 439 -31.91 -9.16 17.10
C ALA H 439 -31.09 -8.00 16.55
N LEU H 440 -30.93 -6.92 17.31
CA LEU H 440 -30.10 -5.81 16.86
C LEU H 440 -28.62 -6.19 16.85
N GLN H 441 -27.94 -5.82 15.78
CA GLN H 441 -26.54 -6.17 15.60
C GLN H 441 -25.74 -4.94 15.94
N ALA H 442 -25.25 -4.92 17.18
CA ALA H 442 -24.51 -3.77 17.71
C ALA H 442 -23.83 -4.18 19.03
N GLY H 443 -22.66 -3.61 19.31
CA GLY H 443 -21.88 -4.06 20.47
C GLY H 443 -22.47 -3.67 21.82
N THR H 444 -23.34 -2.68 21.83
CA THR H 444 -24.09 -2.27 23.02
C THR H 444 -25.51 -1.89 22.66
N VAL H 445 -26.46 -2.57 23.29
CA VAL H 445 -27.87 -2.23 23.22
C VAL H 445 -28.29 -1.60 24.55
N TRP H 446 -28.75 -0.35 24.53
CA TRP H 446 -29.32 0.25 25.73
C TRP H 446 -30.83 0.06 25.71
N VAL H 447 -31.40 -0.22 26.88
CA VAL H 447 -32.84 -0.31 27.06
C VAL H 447 -33.32 0.75 28.05
N ASN H 448 -34.09 1.70 27.54
CA ASN H 448 -34.60 2.84 28.30
C ASN H 448 -33.55 3.71 28.91
N CYS H 449 -32.39 3.77 28.25
CA CYS H 449 -31.32 4.67 28.64
C CYS H 449 -30.46 4.86 27.40
N TYR H 450 -29.46 5.72 27.47
CA TYR H 450 -28.53 5.90 26.38
C TYR H 450 -27.22 6.37 26.94
N ASP H 451 -26.12 6.04 26.26
CA ASP H 451 -24.77 6.42 26.68
C ASP H 451 -24.42 5.98 28.11
N VAL H 452 -24.89 4.82 28.52
CA VAL H 452 -24.50 4.31 29.83
C VAL H 452 -23.29 3.40 29.67
N PHE H 453 -22.13 3.96 30.03
CA PHE H 453 -20.90 3.24 30.15
C PHE H 453 -20.59 3.11 31.63
N GLY H 454 -19.75 2.15 31.93
CA GLY H 454 -19.15 2.03 33.23
C GLY H 454 -17.86 1.30 32.98
N ALA H 455 -16.85 1.56 33.80
CA ALA H 455 -15.56 0.91 33.61
C ALA H 455 -15.72 -0.61 33.53
N GLN H 456 -16.77 -1.11 34.21
CA GLN H 456 -17.10 -2.54 34.29
C GLN H 456 -17.55 -3.21 32.98
N SER H 457 -18.26 -2.46 32.12
CA SER H 457 -18.96 -3.04 30.95
C SER H 457 -18.13 -2.90 29.68
N PRO H 458 -17.99 -3.99 28.90
CA PRO H 458 -17.20 -3.90 27.65
C PRO H 458 -17.86 -3.01 26.58
N PHE H 459 -17.06 -2.50 25.67
CA PHE H 459 -17.62 -1.74 24.57
C PHE H 459 -16.76 -1.74 23.32
N GLY H 460 -17.42 -2.04 22.20
CA GLY H 460 -16.87 -1.91 20.87
C GLY H 460 -17.97 -2.13 19.86
N GLY H 461 -17.57 -2.36 18.61
CA GLY H 461 -18.53 -2.40 17.49
C GLY H 461 -18.61 -3.70 16.72
N TYR H 462 -19.80 -3.94 16.16
CA TYR H 462 -20.01 -4.94 15.12
C TYR H 462 -19.56 -4.37 13.77
N LYS H 463 -19.41 -5.26 12.79
CA LYS H 463 -19.18 -4.86 11.40
C LYS H 463 -18.01 -3.87 11.27
N MET H 464 -18.19 -2.79 10.52
CA MET H 464 -17.14 -1.78 10.35
C MET H 464 -17.18 -0.67 11.43
N SER H 465 -17.84 -0.91 12.56
CA SER H 465 -17.78 0.05 13.68
C SER H 465 -16.54 -0.15 14.55
N GLY H 466 -15.83 -1.26 14.33
CA GLY H 466 -14.65 -1.56 15.08
C GLY H 466 -14.42 -3.05 15.21
N SER H 467 -13.37 -3.38 15.96
CA SER H 467 -12.96 -4.75 16.23
C SER H 467 -12.34 -4.83 17.61
N GLY H 468 -12.71 -5.86 18.37
CA GLY H 468 -12.25 -5.99 19.75
C GLY H 468 -13.04 -5.08 20.67
N ARG H 469 -12.91 -5.32 21.98
CA ARG H 469 -13.68 -4.61 23.00
C ARG H 469 -12.78 -3.90 24.02
N GLU H 470 -13.17 -2.68 24.41
CA GLU H 470 -12.50 -1.94 25.50
C GLU H 470 -13.42 -1.87 26.72
N LEU H 471 -12.86 -1.45 27.86
CA LEU H 471 -13.52 -1.51 29.18
C LEU H 471 -13.82 -2.94 29.66
N GLY H 472 -14.12 -3.07 30.94
CA GLY H 472 -14.38 -4.36 31.57
C GLY H 472 -13.22 -5.34 31.47
N GLU H 473 -13.49 -6.61 31.82
CA GLU H 473 -12.48 -7.66 31.75
C GLU H 473 -12.10 -8.01 30.30
N TYR H 474 -13.02 -7.74 29.40
CA TYR H 474 -12.81 -7.95 27.97
C TYR H 474 -11.68 -7.08 27.41
N GLY H 475 -11.52 -5.88 27.97
CA GLY H 475 -10.49 -4.95 27.56
C GLY H 475 -9.05 -5.30 27.94
N LEU H 476 -8.86 -6.42 28.63
CA LEU H 476 -7.51 -6.89 28.96
C LEU H 476 -6.98 -7.91 27.92
N GLN H 477 -7.87 -8.64 27.25
CA GLN H 477 -7.48 -9.71 26.29
C GLN H 477 -6.58 -9.20 25.16
N ALA H 478 -6.96 -8.05 24.59
CA ALA H 478 -6.22 -7.45 23.47
C ALA H 478 -4.79 -7.08 23.83
N TYR H 479 -4.53 -6.83 25.12
CA TYR H 479 -3.21 -6.42 25.57
C TYR H 479 -2.50 -7.58 26.24
N THR H 480 -2.89 -8.79 25.89
CA THR H 480 -2.35 -9.97 26.51
C THR H 480 -1.84 -10.95 25.44
N GLU H 481 -0.73 -11.60 25.75
CA GLU H 481 -0.17 -12.69 24.96
C GLU H 481 -0.18 -13.93 25.88
N VAL H 482 -0.80 -15.02 25.45
CA VAL H 482 -0.89 -16.22 26.27
C VAL H 482 0.23 -17.22 25.96
N LYS H 483 1.03 -17.58 26.97
CA LYS H 483 2.05 -18.58 26.78
C LYS H 483 1.58 -19.87 27.43
N THR H 484 1.65 -20.98 26.71
CA THR H 484 1.35 -22.31 27.25
C THR H 484 2.66 -22.97 27.63
N VAL H 485 2.81 -23.40 28.88
CA VAL H 485 3.99 -24.18 29.31
C VAL H 485 3.55 -25.60 29.65
N THR H 486 4.19 -26.61 29.09
CA THR H 486 3.72 -28.00 29.28
C THR H 486 4.85 -28.87 29.73
N VAL H 487 4.66 -29.53 30.87
CA VAL H 487 5.76 -30.12 31.62
C VAL H 487 5.57 -31.64 31.87
N LYS H 488 6.54 -32.44 31.45
CA LYS H 488 6.54 -33.87 31.74
C LYS H 488 6.61 -34.10 33.23
N VAL H 489 5.65 -34.87 33.74
CA VAL H 489 5.64 -35.26 35.15
C VAL H 489 5.70 -36.78 35.32
N PRO H 490 6.28 -37.26 36.45
CA PRO H 490 6.40 -38.70 36.70
C PRO H 490 5.07 -39.44 36.53
N GLN H 491 4.03 -39.02 37.25
CA GLN H 491 2.71 -39.66 37.12
C GLN H 491 1.59 -38.70 37.42
N LYS H 492 0.67 -38.55 36.47
CA LYS H 492 -0.44 -37.61 36.58
C LYS H 492 -1.65 -38.20 37.33
N ASN H 493 -1.93 -37.65 38.51
CA ASN H 493 -3.17 -37.89 39.27
C ASN H 493 -4.05 -36.62 39.34
N SER H 494 -5.35 -36.83 39.50
CA SER H 494 -6.33 -35.74 39.51
C SER H 494 -6.20 -34.75 40.70
#